data_8RPL
#
_entry.id   8RPL
#
_cell.length_a   161.909
_cell.length_b   161.909
_cell.length_c   817.234
_cell.angle_alpha   90.000
_cell.angle_beta   90.000
_cell.angle_gamma   120.000
#
_symmetry.space_group_name_H-M   'H 3 2'
#
loop_
_entity.id
_entity.type
_entity.pdbx_description
1 polymer 'Acetate--CoA ligase'
2 non-polymer '[[(2~{R},3~{S},4~{R},5~{R})-5-(6-aminopurin-9-yl)-3,4-bis(oxidanyl)oxolan-2-yl]methoxy-oxidanyl-phosphoryl] ethanoate'
3 non-polymer '4-(2-HYDROXYETHYL)-1-PIPERAZINE ETHANESULFONIC ACID'
4 non-polymer 'MAGNESIUM ION'
5 non-polymer 'SODIUM ION'
6 water water
#
_entity_poly.entity_id   1
_entity_poly.type   'polypeptide(L)'
_entity_poly.pdbx_seq_one_letter_code
;MAHHHHHHVGTSSNLSFEHTDNILIEERLFPPPEDIVKNANITAYMKSKGFDDYEAFYRWSLANRFEFWNDMAKELHWFE
PWKSTFEWTDKPFFKWFTDGKFNIAYNCLDRYMGTPIEDKVAFYWEGDDGSSRAYTYKEMYVLTNRVAKVLQNQGVKKGD
RVAIYMPMIPEMAASVLACARLGAPHMVVFGGFAASSLRDRMNDCDAKVLITADGGYRGGKVIELKKIADEAVAETPTIE
KVFVQRHTGFEVPMAEGRDVYLDVLLNDIPEDTVVPCEPVDSEDMLYILYTSGSTGKPKGVVHVHGGYAVGCYATTKFVF
DIKPSDVFWCTADIGWVTGHSYTIYGPMMNAASIVLFEGIPTYPAADRFWSIVEKYKVNIIYTAPTAIRSLMRFGEELPA
RHDLSSLRILGTVGEPINPEAWMWYRKNIGHNELPIMDTWWQTETGMILISPTPILPLKPGSASRPLPTIEADVVNKDGK
PVGPE(NEP)GGFLIIRHPWPAQMRTIFGDPDRYKTYWETIPDVYFAGDAATMDKMGYFRIQGRVDDVIKVSGHRLGSME
IESSLVSHPAVAEAAAIGKPDEVKGEHVKVFVILRNGVEPTESLAVELKRHVRTLVGPLATPDELEFVTSLPKTRSGKIM
RRVVRARELGEPVGDITTLDV
;
_entity_poly.pdbx_strand_id   A,B,C,D
#
loop_
_chem_comp.id
_chem_comp.type
_chem_comp.name
_chem_comp.formula
6R9 non-polymer '[[(2~{R},3~{S},4~{R},5~{R})-5-(6-aminopurin-9-yl)-3,4-bis(oxidanyl)oxolan-2-yl]methoxy-oxidanyl-phosphoryl] ethanoate' 'C12 H16 N5 O8 P'
EPE non-polymer '4-(2-HYDROXYETHYL)-1-PIPERAZINE ETHANESULFONIC ACID' 'C8 H18 N2 O4 S'
MG non-polymer 'MAGNESIUM ION' 'Mg 2'
NA non-polymer 'SODIUM ION' 'Na 1'
#
# COMPACT_ATOMS: atom_id res chain seq x y z
N LEU A 24 56.83 24.24 -7.22
CA LEU A 24 57.16 22.91 -6.62
C LEU A 24 56.43 21.83 -7.44
N ILE A 25 55.10 21.75 -7.25
CA ILE A 25 54.32 20.60 -7.70
C ILE A 25 54.41 20.38 -9.21
N GLU A 26 54.42 21.45 -10.03
CA GLU A 26 54.52 21.37 -11.48
C GLU A 26 55.83 20.77 -11.97
N GLU A 27 56.90 20.81 -11.16
CA GLU A 27 58.20 20.30 -11.57
C GLU A 27 58.39 18.84 -11.14
N ARG A 28 57.34 18.15 -10.70
CA ARG A 28 57.45 16.78 -10.26
C ARG A 28 57.10 15.87 -11.43
N LEU A 29 57.79 14.73 -11.49
CA LEU A 29 57.58 13.75 -12.53
C LEU A 29 56.87 12.53 -11.95
N PHE A 30 55.79 12.11 -12.60
CA PHE A 30 55.01 11.00 -12.09
C PHE A 30 55.14 9.83 -13.05
N PRO A 31 55.80 8.71 -12.70
CA PRO A 31 55.95 7.62 -13.64
C PRO A 31 54.66 6.85 -13.92
N PRO A 32 54.71 6.08 -15.03
N PRO A 32 54.47 6.28 -15.13
CA PRO A 32 53.63 5.17 -15.44
CA PRO A 32 53.21 5.60 -15.43
C PRO A 32 53.85 3.71 -15.09
C PRO A 32 52.91 4.43 -14.47
N PRO A 33 52.74 2.98 -14.83
N PRO A 33 51.64 4.01 -14.27
CA PRO A 33 52.78 1.52 -14.67
CA PRO A 33 51.32 2.87 -13.39
C PRO A 33 53.69 0.89 -15.72
C PRO A 33 51.88 1.49 -13.80
N GLU A 34 54.99 0.82 -15.42
N GLU A 34 51.41 0.43 -13.12
CA GLU A 34 55.93 0.22 -16.35
CA GLU A 34 51.74 -0.95 -13.47
C GLU A 34 55.37 -1.11 -16.89
C GLU A 34 51.05 -1.38 -14.76
N ASP A 35 54.03 -1.18 -16.99
N ASP A 35 51.80 -2.08 -15.63
CA ASP A 35 53.37 -2.39 -17.46
CA ASP A 35 51.25 -2.91 -16.71
C ASP A 35 52.17 -2.05 -18.33
C ASP A 35 50.85 -2.12 -17.97
N ILE A 36 51.44 -0.98 -17.99
N ILE A 36 50.88 -0.78 -17.96
CA ILE A 36 50.58 -0.34 -18.98
CA ILE A 36 50.41 -0.02 -19.10
C ILE A 36 51.48 0.06 -20.15
C ILE A 36 51.49 0.07 -20.19
N VAL A 37 52.74 0.33 -19.81
CA VAL A 37 53.82 0.49 -20.78
C VAL A 37 54.02 -0.77 -21.62
N LYS A 38 54.15 -1.94 -21.00
CA LYS A 38 54.39 -3.16 -21.77
C LYS A 38 53.20 -3.48 -22.68
N ASN A 39 51.96 -3.13 -22.29
CA ASN A 39 50.78 -3.50 -23.09
C ASN A 39 50.33 -2.42 -24.07
N ALA A 40 50.96 -1.23 -24.13
CA ALA A 40 50.37 -0.13 -24.86
C ALA A 40 50.45 -0.34 -26.37
N ASN A 41 49.52 0.29 -27.10
CA ASN A 41 49.56 0.26 -28.55
C ASN A 41 50.83 0.91 -29.09
N ILE A 42 51.21 2.07 -28.53
CA ILE A 42 52.41 2.77 -28.96
C ILE A 42 53.61 1.87 -28.76
N THR A 43 53.67 1.07 -27.68
CA THR A 43 54.84 0.25 -27.44
C THR A 43 54.97 -0.79 -28.55
N ALA A 44 53.85 -1.42 -28.90
CA ALA A 44 53.84 -2.43 -29.95
C ALA A 44 54.29 -1.85 -31.31
N TYR A 45 53.77 -0.68 -31.67
CA TYR A 45 54.17 -0.07 -32.93
C TYR A 45 55.66 0.27 -32.89
N MET A 46 56.14 0.81 -31.76
CA MET A 46 57.56 1.14 -31.60
C MET A 46 58.41 -0.09 -31.81
N LYS A 47 58.04 -1.20 -31.17
CA LYS A 47 58.84 -2.43 -31.22
C LYS A 47 58.98 -2.87 -32.67
N SER A 48 57.89 -2.79 -33.43
CA SER A 48 57.86 -3.30 -34.79
C SER A 48 58.81 -2.52 -35.71
N LYS A 49 59.27 -1.34 -35.27
CA LYS A 49 60.26 -0.57 -36.02
C LYS A 49 61.65 -0.60 -35.36
N GLY A 50 61.79 -1.29 -34.22
CA GLY A 50 63.09 -1.48 -33.58
C GLY A 50 63.37 -0.51 -32.43
N PHE A 51 62.34 0.06 -31.80
CA PHE A 51 62.57 1.02 -30.71
C PHE A 51 61.88 0.58 -29.42
N ASP A 52 62.50 1.01 -28.30
CA ASP A 52 62.01 0.88 -26.94
C ASP A 52 61.91 2.25 -26.23
N ASP A 53 62.60 3.28 -26.73
CA ASP A 53 62.61 4.59 -26.08
C ASP A 53 61.84 5.60 -26.96
N TYR A 54 60.90 6.33 -26.34
CA TYR A 54 60.07 7.30 -27.04
C TYR A 54 60.95 8.36 -27.71
N GLU A 55 61.97 8.87 -27.02
CA GLU A 55 62.76 9.97 -27.56
C GLU A 55 63.45 9.56 -28.87
N ALA A 56 64.03 8.36 -28.96
CA ALA A 56 64.71 7.95 -30.18
C ALA A 56 63.69 7.68 -31.29
N PHE A 57 62.55 7.10 -30.91
CA PHE A 57 61.50 6.78 -31.86
C PHE A 57 60.96 8.07 -32.46
N TYR A 58 60.77 9.05 -31.59
CA TYR A 58 60.27 10.34 -31.99
C TYR A 58 61.21 10.91 -33.05
N ARG A 59 62.53 10.83 -32.84
CA ARG A 59 63.48 11.41 -33.79
C ARG A 59 63.39 10.71 -35.16
N TRP A 60 63.30 9.37 -35.13
CA TRP A 60 63.00 8.59 -36.30
C TRP A 60 61.70 9.06 -36.97
N SER A 61 60.67 9.35 -36.17
CA SER A 61 59.39 9.71 -36.77
C SER A 61 59.51 11.02 -37.56
N LEU A 62 60.42 11.91 -37.19
CA LEU A 62 60.67 13.14 -37.92
C LEU A 62 61.37 12.87 -39.25
N ALA A 63 62.30 11.92 -39.28
CA ALA A 63 63.02 11.62 -40.50
C ALA A 63 62.22 10.69 -41.43
N ASN A 64 61.13 10.07 -40.94
CA ASN A 64 60.48 9.00 -41.67
C ASN A 64 58.97 9.16 -41.61
N ARG A 65 58.48 10.41 -41.73
CA ARG A 65 57.10 10.72 -41.42
C ARG A 65 56.14 10.04 -42.39
N PHE A 66 56.58 9.84 -43.65
CA PHE A 66 55.70 9.26 -44.67
C PHE A 66 55.50 7.77 -44.38
N GLU A 67 56.57 7.10 -43.94
CA GLU A 67 56.48 5.69 -43.57
C GLU A 67 55.49 5.52 -42.43
N PHE A 68 55.63 6.37 -41.40
CA PHE A 68 54.73 6.34 -40.26
C PHE A 68 53.29 6.48 -40.75
N TRP A 69 52.99 7.53 -41.53
CA TRP A 69 51.61 7.79 -41.91
C TRP A 69 51.08 6.78 -42.93
N ASN A 70 51.95 6.24 -43.79
CA ASN A 70 51.57 5.09 -44.60
C ASN A 70 51.18 3.88 -43.77
N ASP A 71 51.92 3.59 -42.69
CA ASP A 71 51.64 2.44 -41.84
C ASP A 71 50.26 2.60 -41.21
N MET A 72 49.95 3.82 -40.78
CA MET A 72 48.68 4.13 -40.14
C MET A 72 47.56 4.02 -41.15
N ALA A 73 47.78 4.56 -42.36
CA ALA A 73 46.74 4.57 -43.38
C ALA A 73 46.39 3.16 -43.83
N LYS A 74 47.38 2.27 -43.82
CA LYS A 74 47.17 0.88 -44.24
C LYS A 74 46.25 0.14 -43.26
N GLU A 75 46.01 0.67 -42.07
CA GLU A 75 45.16 -0.06 -41.14
C GLU A 75 43.69 0.23 -41.40
N LEU A 76 43.40 1.15 -42.31
CA LEU A 76 42.04 1.45 -42.70
C LEU A 76 41.79 0.84 -44.08
N HIS A 77 40.52 0.89 -44.49
CA HIS A 77 40.01 0.44 -45.76
C HIS A 77 40.02 1.59 -46.76
N TRP A 78 40.57 1.33 -47.93
CA TRP A 78 40.60 2.25 -49.04
C TRP A 78 39.87 1.61 -50.21
N PHE A 79 39.02 2.37 -50.90
CA PHE A 79 38.41 1.85 -52.11
C PHE A 79 39.47 1.73 -53.21
N GLU A 80 40.38 2.72 -53.28
CA GLU A 80 41.47 2.72 -54.25
C GLU A 80 42.70 3.26 -53.52
N PRO A 81 43.90 2.70 -53.73
CA PRO A 81 45.08 3.15 -52.99
C PRO A 81 45.58 4.52 -53.47
N TRP A 82 46.40 5.17 -52.65
CA TRP A 82 46.94 6.49 -52.95
C TRP A 82 48.25 6.34 -53.71
N LYS A 83 48.69 7.43 -54.38
CA LYS A 83 49.90 7.45 -55.20
C LYS A 83 51.07 8.03 -54.39
N SER A 84 50.78 9.07 -53.63
CA SER A 84 51.79 9.84 -52.90
C SER A 84 51.24 10.18 -51.50
N THR A 85 52.05 10.01 -50.47
CA THR A 85 51.61 10.26 -49.11
C THR A 85 51.24 11.73 -48.91
N PHE A 86 52.09 12.63 -49.41
CA PHE A 86 51.95 14.06 -49.18
C PHE A 86 52.46 14.84 -50.39
N GLU A 87 51.85 16.00 -50.65
CA GLU A 87 52.41 16.95 -51.60
C GLU A 87 51.78 18.32 -51.43
N TRP A 88 52.60 19.35 -51.67
CA TRP A 88 52.11 20.69 -51.88
C TRP A 88 51.41 20.77 -53.24
N THR A 89 50.30 21.52 -53.28
CA THR A 89 49.55 21.85 -54.49
C THR A 89 49.96 23.25 -54.94
N ASP A 90 49.52 24.26 -54.17
CA ASP A 90 50.02 25.62 -54.28
C ASP A 90 50.38 26.01 -52.84
N LYS A 91 51.65 25.77 -52.49
CA LYS A 91 52.14 26.08 -51.17
C LYS A 91 51.56 27.44 -50.76
N PRO A 92 50.96 27.61 -49.57
CA PRO A 92 50.84 26.55 -48.55
C PRO A 92 49.64 25.60 -48.46
N PHE A 93 48.88 25.48 -49.56
CA PHE A 93 47.91 24.39 -49.67
C PHE A 93 48.64 23.07 -49.97
N PHE A 94 48.10 21.94 -49.51
CA PHE A 94 48.73 20.64 -49.68
C PHE A 94 47.67 19.54 -49.64
N LYS A 95 48.11 18.28 -49.84
CA LYS A 95 47.24 17.12 -49.80
C LYS A 95 47.97 15.90 -49.23
N TRP A 96 47.20 14.95 -48.71
CA TRP A 96 47.68 13.67 -48.24
C TRP A 96 46.92 12.54 -48.95
N PHE A 97 47.60 11.40 -49.12
CA PHE A 97 47.10 10.23 -49.84
C PHE A 97 46.44 10.64 -51.15
N THR A 98 47.25 11.19 -52.07
CA THR A 98 46.73 11.75 -53.31
C THR A 98 46.09 10.65 -54.15
N ASP A 99 44.89 10.94 -54.67
CA ASP A 99 44.16 10.04 -55.58
C ASP A 99 43.62 8.81 -54.86
N GLY A 100 43.82 8.68 -53.56
CA GLY A 100 43.14 7.64 -52.81
C GLY A 100 41.63 7.89 -52.83
N LYS A 101 40.86 6.79 -52.96
CA LYS A 101 39.42 6.83 -52.85
C LYS A 101 39.02 6.19 -51.54
N PHE A 102 38.14 6.86 -50.78
CA PHE A 102 37.95 6.62 -49.36
C PHE A 102 36.59 7.08 -48.90
N ASN A 103 36.12 6.53 -47.78
CA ASN A 103 34.96 7.13 -47.11
C ASN A 103 35.11 6.88 -45.62
N ILE A 104 35.10 7.94 -44.84
CA ILE A 104 35.39 7.78 -43.44
C ILE A 104 34.29 6.92 -42.80
N ALA A 105 33.05 7.05 -43.30
CA ALA A 105 31.94 6.31 -42.75
C ALA A 105 32.11 4.81 -42.98
N TYR A 106 32.77 4.40 -44.05
CA TYR A 106 33.00 2.98 -44.24
C TYR A 106 33.91 2.44 -43.14
N ASN A 107 34.83 3.25 -42.62
CA ASN A 107 35.75 2.74 -41.60
C ASN A 107 35.15 2.80 -40.19
N CYS A 108 34.05 3.55 -40.03
CA CYS A 108 33.31 3.65 -38.79
C CYS A 108 32.19 2.62 -38.71
N LEU A 109 31.71 2.09 -39.86
CA LEU A 109 30.51 1.25 -39.85
C LEU A 109 30.66 0.01 -40.75
N ASP A 110 30.68 0.24 -42.08
CA ASP A 110 30.44 -0.82 -43.03
C ASP A 110 31.46 -1.94 -42.86
N ARG A 111 32.72 -1.59 -42.59
CA ARG A 111 33.77 -2.60 -42.65
C ARG A 111 33.69 -3.51 -41.43
N TYR A 112 32.83 -3.21 -40.46
CA TYR A 112 32.67 -4.09 -39.32
C TYR A 112 31.52 -5.07 -39.57
N MET A 113 30.76 -4.91 -40.65
CA MET A 113 29.63 -5.81 -40.89
C MET A 113 30.12 -7.18 -41.35
N GLY A 114 29.45 -8.25 -40.89
CA GLY A 114 29.93 -9.61 -41.12
C GLY A 114 31.11 -10.01 -40.22
N THR A 115 31.46 -9.18 -39.22
CA THR A 115 32.49 -9.56 -38.26
C THR A 115 31.85 -9.53 -36.86
N PRO A 116 32.50 -10.10 -35.83
CA PRO A 116 31.99 -9.99 -34.45
C PRO A 116 31.73 -8.56 -33.94
N ILE A 117 32.45 -7.57 -34.46
CA ILE A 117 32.26 -6.19 -34.05
C ILE A 117 30.85 -5.68 -34.34
N GLU A 118 30.16 -6.25 -35.34
CA GLU A 118 28.79 -5.85 -35.63
C GLU A 118 27.87 -5.93 -34.41
N ASP A 119 28.12 -6.87 -33.48
CA ASP A 119 27.26 -7.01 -32.30
C ASP A 119 27.88 -6.34 -31.07
N LYS A 120 29.03 -5.71 -31.22
CA LYS A 120 29.58 -4.94 -30.13
C LYS A 120 28.82 -3.61 -29.98
N VAL A 121 28.66 -3.12 -28.75
CA VAL A 121 28.05 -1.82 -28.57
C VAL A 121 28.94 -0.76 -29.18
N ALA A 122 28.32 0.13 -29.98
CA ALA A 122 28.97 1.31 -30.51
C ALA A 122 28.67 2.54 -29.64
N PHE A 123 27.39 2.80 -29.37
CA PHE A 123 27.03 3.94 -28.54
C PHE A 123 26.18 3.49 -27.36
N TYR A 124 26.65 3.88 -26.18
CA TYR A 124 25.87 3.80 -24.96
C TYR A 124 25.27 5.18 -24.72
N TRP A 125 24.01 5.33 -25.11
CA TRP A 125 23.35 6.62 -24.99
C TRP A 125 22.75 6.71 -23.60
N GLU A 126 22.95 7.90 -23.00
CA GLU A 126 22.48 8.19 -21.66
C GLU A 126 21.78 9.54 -21.68
N GLY A 127 20.49 9.54 -21.37
CA GLY A 127 19.71 10.76 -21.44
C GLY A 127 19.93 11.64 -20.22
N ASP A 128 19.57 12.91 -20.35
CA ASP A 128 19.56 13.86 -19.26
C ASP A 128 18.80 13.30 -18.05
N ASP A 129 17.65 12.64 -18.27
CA ASP A 129 16.80 12.13 -17.21
C ASP A 129 17.20 10.73 -16.70
N GLY A 130 18.29 10.15 -17.18
CA GLY A 130 18.65 8.80 -16.73
C GLY A 130 18.08 7.68 -17.60
N SER A 131 17.21 7.96 -18.58
CA SER A 131 16.87 6.95 -19.56
C SER A 131 18.13 6.64 -20.38
N SER A 132 18.11 5.51 -21.08
CA SER A 132 19.30 5.01 -21.70
C SER A 132 18.95 3.96 -22.76
N ARG A 133 19.89 3.79 -23.70
CA ARG A 133 19.77 2.82 -24.77
C ARG A 133 21.14 2.60 -25.40
N ALA A 134 21.40 1.34 -25.69
CA ALA A 134 22.63 0.89 -26.30
C ALA A 134 22.36 0.56 -27.77
N TYR A 135 23.28 0.99 -28.66
CA TYR A 135 23.21 0.76 -30.10
C TYR A 135 24.47 0.01 -30.51
N THR A 136 24.34 -1.19 -31.10
CA THR A 136 25.48 -1.92 -31.64
C THR A 136 25.97 -1.28 -32.93
N TYR A 137 27.14 -1.71 -33.42
CA TYR A 137 27.61 -1.27 -34.72
C TYR A 137 26.59 -1.59 -35.82
N LYS A 138 25.98 -2.78 -35.79
CA LYS A 138 24.95 -3.13 -36.78
C LYS A 138 23.77 -2.16 -36.71
N GLU A 139 23.25 -1.88 -35.51
CA GLU A 139 22.13 -0.96 -35.40
C GLU A 139 22.47 0.44 -35.90
N MET A 140 23.70 0.93 -35.68
CA MET A 140 24.09 2.25 -36.18
C MET A 140 24.22 2.19 -37.69
N TYR A 141 24.71 1.06 -38.19
CA TYR A 141 24.84 0.87 -39.63
C TYR A 141 23.47 1.00 -40.27
N VAL A 142 22.49 0.23 -39.79
CA VAL A 142 21.12 0.29 -40.29
C VAL A 142 20.54 1.71 -40.14
N LEU A 143 20.67 2.30 -38.97
CA LEU A 143 20.05 3.60 -38.76
C LEU A 143 20.68 4.64 -39.70
N THR A 144 22.01 4.63 -39.86
CA THR A 144 22.67 5.60 -40.73
C THR A 144 22.22 5.43 -42.19
N ASN A 145 22.18 4.17 -42.65
CA ASN A 145 21.71 3.88 -44.00
C ASN A 145 20.34 4.49 -44.26
N ARG A 146 19.43 4.40 -43.28
CA ARG A 146 18.05 4.81 -43.47
C ARG A 146 17.96 6.34 -43.45
N VAL A 147 18.73 6.99 -42.57
CA VAL A 147 18.76 8.44 -42.57
C VAL A 147 19.41 8.93 -43.87
N ALA A 148 20.42 8.21 -44.38
CA ALA A 148 21.05 8.58 -45.64
C ALA A 148 20.04 8.53 -46.78
N LYS A 149 19.19 7.51 -46.77
CA LYS A 149 18.13 7.41 -47.76
C LYS A 149 17.14 8.57 -47.70
N VAL A 150 16.74 8.98 -46.51
CA VAL A 150 15.84 10.14 -46.37
C VAL A 150 16.47 11.39 -46.99
N LEU A 151 17.76 11.65 -46.67
CA LEU A 151 18.51 12.80 -47.20
C LEU A 151 18.64 12.66 -48.71
N GLN A 152 18.92 11.44 -49.16
CA GLN A 152 19.05 11.20 -50.59
C GLN A 152 17.74 11.45 -51.35
N ASN A 153 16.59 11.03 -50.81
CA ASN A 153 15.31 11.23 -51.47
C ASN A 153 14.95 12.71 -51.53
N GLN A 154 15.51 13.54 -50.64
CA GLN A 154 15.18 14.95 -50.65
C GLN A 154 16.06 15.68 -51.66
N GLY A 155 17.12 15.04 -52.15
CA GLY A 155 17.98 15.64 -53.16
C GLY A 155 19.38 15.98 -52.66
N VAL A 156 19.75 15.50 -51.46
CA VAL A 156 21.11 15.69 -50.96
C VAL A 156 22.05 14.76 -51.72
N LYS A 157 23.22 15.29 -52.11
CA LYS A 157 24.23 14.57 -52.87
C LYS A 157 25.60 15.18 -52.59
N LYS A 158 26.63 14.58 -53.20
CA LYS A 158 27.99 14.92 -52.86
C LYS A 158 28.21 16.42 -53.04
N GLY A 159 28.82 17.06 -52.03
CA GLY A 159 29.21 18.47 -52.08
C GLY A 159 28.20 19.41 -51.42
N ASP A 160 26.93 19.01 -51.30
CA ASP A 160 25.88 19.78 -50.62
C ASP A 160 26.17 19.87 -49.12
N ARG A 161 25.92 21.05 -48.53
CA ARG A 161 26.17 21.26 -47.11
C ARG A 161 24.89 20.99 -46.32
N VAL A 162 25.03 20.19 -45.27
CA VAL A 162 23.90 19.79 -44.45
C VAL A 162 24.16 20.37 -43.06
N ALA A 163 23.27 21.26 -42.61
CA ALA A 163 23.39 21.84 -41.30
C ALA A 163 22.75 20.91 -40.28
N ILE A 164 23.32 20.88 -39.08
CA ILE A 164 22.85 20.00 -38.03
C ILE A 164 22.82 20.79 -36.73
N TYR A 165 21.65 20.92 -36.12
CA TYR A 165 21.50 21.62 -34.85
C TYR A 165 20.70 20.71 -33.92
N MET A 166 21.43 19.90 -33.16
CA MET A 166 20.80 18.81 -32.45
C MET A 166 21.34 18.73 -31.05
N PRO A 167 20.61 18.07 -30.13
CA PRO A 167 21.15 17.71 -28.83
C PRO A 167 21.92 16.39 -29.04
N MET A 168 22.64 15.97 -28.00
CA MET A 168 23.50 14.80 -28.05
C MET A 168 22.66 13.53 -27.90
N ILE A 169 22.16 13.01 -29.02
CA ILE A 169 21.30 11.83 -29.07
C ILE A 169 21.80 10.96 -30.20
N PRO A 170 21.38 9.69 -30.32
CA PRO A 170 21.96 8.79 -31.32
C PRO A 170 21.78 9.27 -32.76
N GLU A 171 20.65 9.94 -33.04
CA GLU A 171 20.34 10.44 -34.36
C GLU A 171 21.27 11.58 -34.74
N MET A 172 21.94 12.22 -33.77
CA MET A 172 22.97 13.18 -34.13
C MET A 172 24.14 12.43 -34.75
N ALA A 173 24.56 11.35 -34.10
CA ALA A 173 25.66 10.54 -34.59
C ALA A 173 25.33 9.95 -35.96
N ALA A 174 24.11 9.44 -36.08
CA ALA A 174 23.67 8.85 -37.33
C ALA A 174 23.57 9.91 -38.44
N SER A 175 23.16 11.14 -38.12
CA SER A 175 23.07 12.19 -39.13
C SER A 175 24.45 12.57 -39.67
N VAL A 176 25.43 12.65 -38.77
CA VAL A 176 26.77 12.98 -39.15
C VAL A 176 27.32 11.90 -40.09
N LEU A 177 27.16 10.63 -39.71
CA LEU A 177 27.73 9.55 -40.53
C LEU A 177 26.96 9.38 -41.83
N ALA A 178 25.70 9.82 -41.87
CA ALA A 178 24.89 9.68 -43.07
C ALA A 178 25.34 10.68 -44.13
N CYS A 179 25.58 11.92 -43.68
CA CYS A 179 26.24 12.93 -44.48
C CYS A 179 27.57 12.44 -45.06
N ALA A 180 28.41 11.85 -44.20
CA ALA A 180 29.71 11.31 -44.58
C ALA A 180 29.55 10.23 -45.64
N ARG A 181 28.60 9.32 -45.46
CA ARG A 181 28.49 8.27 -46.45
C ARG A 181 27.98 8.81 -47.79
N LEU A 182 27.21 9.92 -47.79
CA LEU A 182 26.75 10.52 -49.03
C LEU A 182 27.80 11.45 -49.68
N GLY A 183 28.87 11.78 -48.94
CA GLY A 183 29.84 12.74 -49.43
C GLY A 183 29.33 14.18 -49.37
N ALA A 184 28.32 14.44 -48.50
CA ALA A 184 27.73 15.75 -48.31
C ALA A 184 28.31 16.36 -47.04
N PRO A 185 29.16 17.39 -47.11
CA PRO A 185 29.81 17.91 -45.91
C PRO A 185 28.79 18.35 -44.88
N HIS A 186 29.00 17.96 -43.61
CA HIS A 186 28.14 18.38 -42.54
C HIS A 186 28.66 19.68 -41.92
N MET A 187 27.75 20.41 -41.29
CA MET A 187 28.04 21.68 -40.64
C MET A 187 27.24 21.68 -39.35
N VAL A 188 27.90 21.22 -38.28
CA VAL A 188 27.23 21.08 -37.01
C VAL A 188 27.30 22.39 -36.23
N VAL A 189 26.13 22.86 -35.75
CA VAL A 189 26.05 24.04 -34.90
C VAL A 189 25.67 23.61 -33.48
N PHE A 190 26.54 23.88 -32.52
CA PHE A 190 26.34 23.55 -31.12
C PHE A 190 24.99 24.07 -30.64
N GLY A 191 24.30 23.23 -29.87
CA GLY A 191 22.91 23.46 -29.50
C GLY A 191 22.75 24.61 -28.51
N GLY A 192 23.84 25.11 -27.93
CA GLY A 192 23.81 26.29 -27.07
C GLY A 192 23.79 27.64 -27.82
N PHE A 193 23.98 27.64 -29.15
CA PHE A 193 23.95 28.87 -29.91
C PHE A 193 22.49 29.26 -30.18
N ALA A 194 22.25 30.56 -30.31
CA ALA A 194 20.93 31.10 -30.59
C ALA A 194 20.82 31.44 -32.09
N ALA A 195 19.70 32.07 -32.51
CA ALA A 195 19.31 32.10 -33.91
C ALA A 195 20.30 32.82 -34.81
N SER A 196 20.84 33.98 -34.38
CA SER A 196 21.77 34.73 -35.21
C SER A 196 23.02 33.91 -35.51
N SER A 197 23.55 33.28 -34.46
CA SER A 197 24.70 32.42 -34.60
C SER A 197 24.40 31.27 -35.56
N LEU A 198 23.21 30.66 -35.45
CA LEU A 198 22.83 29.55 -36.30
C LEU A 198 22.62 30.02 -37.74
N ARG A 199 21.94 31.14 -37.92
CA ARG A 199 21.70 31.73 -39.24
C ARG A 199 23.01 32.09 -39.96
N ASP A 200 23.94 32.71 -39.23
CA ASP A 200 25.18 33.18 -39.83
C ASP A 200 25.99 31.99 -40.34
N ARG A 201 26.01 30.88 -39.59
CA ARG A 201 26.80 29.72 -39.99
C ARG A 201 26.17 29.07 -41.23
N MET A 202 24.83 29.00 -41.34
CA MET A 202 24.19 28.35 -42.47
C MET A 202 24.28 29.20 -43.74
N ASN A 203 24.23 30.53 -43.61
CA ASN A 203 24.34 31.42 -44.77
C ASN A 203 25.77 31.50 -45.29
N ASP A 204 26.79 31.43 -44.41
CA ASP A 204 28.17 31.47 -44.85
C ASP A 204 28.48 30.28 -45.75
N CYS A 205 27.93 29.10 -45.46
CA CYS A 205 28.28 27.91 -46.22
C CYS A 205 27.12 27.49 -47.14
N ASP A 206 26.03 28.25 -47.20
CA ASP A 206 24.91 27.98 -48.11
C ASP A 206 24.27 26.60 -47.89
N ALA A 207 23.97 26.26 -46.65
CA ALA A 207 23.38 24.97 -46.32
C ALA A 207 22.04 24.76 -47.04
N LYS A 208 21.79 23.53 -47.44
CA LYS A 208 20.63 23.22 -48.28
C LYS A 208 19.53 22.57 -47.44
N VAL A 209 19.90 21.78 -46.42
CA VAL A 209 18.92 21.25 -45.49
C VAL A 209 19.44 21.42 -44.07
N LEU A 210 18.51 21.32 -43.10
CA LEU A 210 18.84 21.44 -41.70
C LEU A 210 18.24 20.24 -40.99
N ILE A 211 19.01 19.61 -40.13
CA ILE A 211 18.52 18.51 -39.32
C ILE A 211 18.53 18.99 -37.89
N THR A 212 17.36 18.95 -37.24
CA THR A 212 17.21 19.48 -35.90
C THR A 212 16.28 18.58 -35.09
N ALA A 213 15.88 19.06 -33.91
CA ALA A 213 14.98 18.35 -33.03
C ALA A 213 13.92 19.32 -32.49
N ASP A 214 12.79 18.76 -32.07
CA ASP A 214 11.78 19.55 -31.37
C ASP A 214 12.41 20.30 -30.19
N GLY A 215 13.29 19.61 -29.47
CA GLY A 215 14.03 20.23 -28.39
C GLY A 215 15.03 19.26 -27.78
N GLY A 216 15.84 19.79 -26.86
CA GLY A 216 16.77 18.94 -26.11
C GLY A 216 16.54 19.14 -24.62
N TYR A 217 17.10 18.25 -23.81
CA TYR A 217 17.05 18.43 -22.36
C TYR A 217 18.46 18.73 -21.84
N ARG A 218 18.52 19.75 -20.97
CA ARG A 218 19.71 20.09 -20.18
CA ARG A 218 19.69 20.15 -20.19
C ARG A 218 19.24 20.43 -18.76
N GLY A 219 19.63 19.59 -17.80
CA GLY A 219 19.29 19.80 -16.40
C GLY A 219 17.78 19.76 -16.10
N GLY A 220 17.05 18.87 -16.79
CA GLY A 220 15.60 18.70 -16.57
C GLY A 220 14.72 19.75 -17.27
N LYS A 221 15.33 20.66 -18.04
CA LYS A 221 14.62 21.71 -18.75
C LYS A 221 14.69 21.48 -20.25
N VAL A 222 13.64 21.89 -20.96
CA VAL A 222 13.58 21.82 -22.41
C VAL A 222 14.33 23.00 -23.00
N ILE A 223 15.26 22.71 -23.92
CA ILE A 223 15.86 23.72 -24.80
C ILE A 223 15.09 23.71 -26.12
N GLU A 224 14.60 24.88 -26.54
CA GLU A 224 13.64 24.97 -27.63
C GLU A 224 14.34 25.07 -28.99
N LEU A 225 14.99 23.99 -29.42
CA LEU A 225 15.82 24.04 -30.62
C LEU A 225 14.98 24.41 -31.86
N LYS A 226 13.80 23.84 -32.01
CA LYS A 226 13.00 24.05 -33.20
C LYS A 226 12.55 25.50 -33.29
N LYS A 227 12.20 26.12 -32.15
CA LYS A 227 11.78 27.51 -32.17
C LYS A 227 12.93 28.42 -32.61
N ILE A 228 14.14 28.16 -32.08
CA ILE A 228 15.33 28.90 -32.46
C ILE A 228 15.63 28.63 -33.95
N ALA A 229 15.54 27.37 -34.38
CA ALA A 229 15.75 27.03 -35.78
C ALA A 229 14.80 27.81 -36.68
N ASP A 230 13.54 28.01 -36.27
CA ASP A 230 12.61 28.80 -37.09
C ASP A 230 13.08 30.24 -37.27
N GLU A 231 13.50 30.87 -36.16
CA GLU A 231 13.93 32.25 -36.18
C GLU A 231 15.10 32.36 -37.16
N ALA A 232 16.00 31.35 -37.20
CA ALA A 232 17.18 31.38 -38.06
C ALA A 232 16.84 31.08 -39.51
N VAL A 233 15.99 30.08 -39.75
CA VAL A 233 15.71 29.60 -41.10
C VAL A 233 14.91 30.63 -41.89
N ALA A 234 14.14 31.47 -41.22
CA ALA A 234 13.42 32.56 -41.87
C ALA A 234 14.37 33.53 -42.61
N GLU A 235 15.63 33.63 -42.16
CA GLU A 235 16.62 34.52 -42.75
C GLU A 235 17.77 33.74 -43.41
N THR A 236 17.56 32.44 -43.67
CA THR A 236 18.48 31.57 -44.40
C THR A 236 17.84 31.16 -45.72
N PRO A 237 17.96 31.94 -46.82
CA PRO A 237 17.24 31.61 -48.07
C PRO A 237 17.54 30.28 -48.76
N THR A 238 18.71 29.67 -48.55
CA THR A 238 19.06 28.42 -49.22
C THR A 238 18.41 27.16 -48.58
N ILE A 239 17.89 27.26 -47.34
CA ILE A 239 17.33 26.07 -46.69
C ILE A 239 16.04 25.64 -47.41
N GLU A 240 16.06 24.43 -47.99
CA GLU A 240 14.94 23.89 -48.73
C GLU A 240 14.11 22.93 -47.89
N LYS A 241 14.66 22.46 -46.78
CA LYS A 241 13.94 21.48 -45.99
C LYS A 241 14.50 21.43 -44.59
N VAL A 242 13.61 21.25 -43.61
CA VAL A 242 14.05 21.00 -42.24
C VAL A 242 13.49 19.68 -41.72
N PHE A 243 14.41 18.78 -41.34
CA PHE A 243 14.08 17.49 -40.77
C PHE A 243 14.14 17.59 -39.25
N VAL A 244 13.09 17.08 -38.57
CA VAL A 244 12.89 17.28 -37.14
C VAL A 244 12.80 15.93 -36.43
N GLN A 245 13.77 15.68 -35.59
CA GLN A 245 13.73 14.55 -34.67
C GLN A 245 12.74 14.83 -33.53
N ARG A 246 11.90 13.83 -33.24
CA ARG A 246 10.92 13.97 -32.19
C ARG A 246 11.55 13.44 -30.90
N HIS A 247 12.16 14.34 -30.12
CA HIS A 247 12.95 13.95 -28.96
C HIS A 247 12.18 14.28 -27.66
N THR A 248 11.67 15.52 -27.54
CA THR A 248 10.88 15.94 -26.40
C THR A 248 9.43 15.49 -26.56
N GLY A 249 8.95 15.50 -27.81
CA GLY A 249 7.56 15.21 -28.12
C GLY A 249 6.65 16.40 -27.87
N PHE A 250 7.18 17.59 -27.52
CA PHE A 250 6.31 18.73 -27.31
C PHE A 250 5.73 19.27 -28.63
N GLU A 251 4.57 19.91 -28.53
CA GLU A 251 3.96 20.52 -29.68
C GLU A 251 4.85 21.69 -30.08
N VAL A 252 5.38 21.64 -31.30
CA VAL A 252 6.20 22.72 -31.81
C VAL A 252 5.63 23.12 -33.15
N PRO A 253 5.78 24.39 -33.58
CA PRO A 253 5.35 24.80 -34.91
C PRO A 253 6.12 24.07 -36.03
N MET A 254 5.39 23.83 -37.13
CA MET A 254 5.83 23.04 -38.27
C MET A 254 5.20 23.67 -39.51
N ALA A 255 6.00 24.45 -40.25
CA ALA A 255 5.63 25.03 -41.53
C ALA A 255 5.35 23.92 -42.56
N GLU A 256 4.15 23.91 -43.15
CA GLU A 256 3.84 22.95 -44.22
C GLU A 256 4.80 23.17 -45.39
N GLY A 257 5.28 22.07 -45.97
CA GLY A 257 6.23 22.11 -47.08
C GLY A 257 7.68 22.05 -46.60
N ARG A 258 8.08 22.88 -45.65
CA ARG A 258 9.48 23.00 -45.29
C ARG A 258 9.86 21.99 -44.21
N ASP A 259 9.04 21.89 -43.16
CA ASP A 259 9.40 21.19 -41.93
C ASP A 259 8.72 19.83 -41.89
N VAL A 260 9.49 18.77 -41.62
CA VAL A 260 8.93 17.42 -41.61
C VAL A 260 9.60 16.58 -40.52
N TYR A 261 8.81 15.72 -39.86
CA TYR A 261 9.37 14.91 -38.79
C TYR A 261 10.11 13.72 -39.41
N LEU A 262 11.31 13.46 -38.87
CA LEU A 262 12.15 12.37 -39.33
C LEU A 262 11.45 11.01 -39.16
N ASP A 263 10.82 10.77 -38.01
CA ASP A 263 10.19 9.47 -37.72
C ASP A 263 9.08 9.16 -38.74
N VAL A 264 8.38 10.18 -39.27
CA VAL A 264 7.34 10.00 -40.27
C VAL A 264 7.92 9.55 -41.62
N LEU A 265 9.03 10.18 -42.04
CA LEU A 265 9.76 9.71 -43.21
C LEU A 265 10.38 8.32 -43.01
N LEU A 266 10.99 8.04 -41.84
CA LEU A 266 11.66 6.76 -41.64
C LEU A 266 10.67 5.59 -41.62
N ASN A 267 9.40 5.89 -41.38
CA ASN A 267 8.36 4.88 -41.37
C ASN A 267 8.22 4.20 -42.73
N ASP A 268 8.55 4.92 -43.82
CA ASP A 268 8.47 4.40 -45.19
C ASP A 268 9.83 3.96 -45.72
N ILE A 269 10.86 3.94 -44.88
CA ILE A 269 12.19 3.48 -45.26
C ILE A 269 12.44 2.13 -44.60
N PRO A 270 12.36 0.99 -45.33
CA PRO A 270 12.60 -0.32 -44.72
C PRO A 270 13.90 -0.49 -43.94
N GLU A 271 13.88 -1.51 -43.08
CA GLU A 271 14.95 -1.87 -42.16
C GLU A 271 16.18 -2.40 -42.90
N ASP A 272 16.00 -2.90 -44.14
CA ASP A 272 17.10 -3.50 -44.89
C ASP A 272 17.65 -2.54 -45.98
N THR A 273 17.21 -1.26 -45.96
CA THR A 273 17.66 -0.24 -46.89
C THR A 273 19.18 -0.05 -46.81
N VAL A 274 19.82 0.02 -47.99
CA VAL A 274 21.25 0.25 -48.10
C VAL A 274 21.51 1.38 -49.08
N VAL A 275 22.20 2.41 -48.58
CA VAL A 275 22.88 3.39 -49.40
C VAL A 275 24.38 3.13 -49.31
N PRO A 276 25.03 2.61 -50.37
CA PRO A 276 26.48 2.39 -50.36
C PRO A 276 27.24 3.68 -50.11
N CYS A 277 28.42 3.59 -49.49
CA CYS A 277 29.26 4.76 -49.30
C CYS A 277 29.67 5.31 -50.66
N GLU A 278 29.70 6.62 -50.78
CA GLU A 278 30.20 7.29 -51.96
C GLU A 278 31.72 7.20 -51.85
N PRO A 279 32.44 6.58 -52.80
CA PRO A 279 33.91 6.59 -52.75
C PRO A 279 34.39 7.97 -53.18
N VAL A 280 34.77 8.77 -52.20
CA VAL A 280 35.20 10.12 -52.48
C VAL A 280 36.72 10.14 -52.55
N ASP A 281 37.26 11.19 -53.18
CA ASP A 281 38.68 11.47 -53.14
C ASP A 281 39.08 11.70 -51.68
N SER A 282 40.32 11.34 -51.35
CA SER A 282 40.86 11.57 -50.01
C SER A 282 40.81 13.06 -49.66
N GLU A 283 40.71 13.97 -50.65
CA GLU A 283 40.71 15.38 -50.34
C GLU A 283 39.32 16.00 -50.45
N ASP A 284 38.25 15.18 -50.56
CA ASP A 284 36.90 15.74 -50.63
C ASP A 284 36.44 16.15 -49.23
N MET A 285 35.63 17.22 -49.15
CA MET A 285 35.22 17.84 -47.90
C MET A 285 34.44 16.82 -47.06
N LEU A 286 34.80 16.74 -45.78
CA LEU A 286 34.03 15.97 -44.82
C LEU A 286 33.12 16.88 -44.01
N TYR A 287 33.68 17.97 -43.48
CA TYR A 287 32.84 18.87 -42.72
C TYR A 287 33.44 20.25 -42.62
N ILE A 288 32.58 21.18 -42.21
CA ILE A 288 32.95 22.55 -41.96
C ILE A 288 32.60 22.78 -40.50
N LEU A 289 33.49 23.42 -39.75
CA LEU A 289 33.20 23.73 -38.37
C LEU A 289 33.62 25.16 -38.07
N TYR A 290 32.64 26.01 -37.76
CA TYR A 290 32.88 27.43 -37.56
C TYR A 290 33.54 27.61 -36.19
N THR A 291 34.63 28.37 -36.19
CA THR A 291 35.44 28.66 -35.04
C THR A 291 35.69 30.18 -35.02
N SER A 292 35.82 30.73 -33.82
CA SER A 292 35.95 32.17 -33.62
C SER A 292 37.43 32.56 -33.56
N GLY A 293 37.72 33.73 -34.10
CA GLY A 293 39.03 34.04 -34.65
C GLY A 293 39.32 35.49 -34.30
N SER A 294 39.82 36.25 -35.28
CA SER A 294 40.35 37.58 -35.04
C SER A 294 39.55 38.65 -35.79
N THR A 295 38.53 38.17 -36.53
CA THR A 295 37.58 39.00 -37.28
C THR A 295 36.19 38.87 -36.65
N GLY A 296 35.27 39.72 -37.13
CA GLY A 296 33.94 39.84 -36.57
C GLY A 296 33.07 38.66 -36.97
N LYS A 297 33.61 37.84 -37.88
CA LYS A 297 32.85 36.73 -38.42
C LYS A 297 33.61 35.46 -38.10
N PRO A 298 32.93 34.41 -37.63
CA PRO A 298 33.55 33.10 -37.52
C PRO A 298 33.95 32.55 -38.89
N LYS A 299 34.97 31.67 -38.82
CA LYS A 299 35.63 31.05 -39.95
C LYS A 299 35.29 29.58 -40.02
N GLY A 300 34.89 29.12 -41.20
CA GLY A 300 34.59 27.72 -41.41
C GLY A 300 35.85 26.90 -41.73
N VAL A 301 36.31 26.15 -40.73
CA VAL A 301 37.47 25.29 -40.90
C VAL A 301 37.02 24.07 -41.69
N VAL A 302 37.71 23.77 -42.79
CA VAL A 302 37.34 22.66 -43.67
C VAL A 302 38.26 21.47 -43.41
N HIS A 303 37.66 20.33 -43.07
CA HIS A 303 38.33 19.04 -42.93
C HIS A 303 37.88 18.09 -44.05
N VAL A 304 38.78 17.17 -44.44
CA VAL A 304 38.60 16.28 -45.57
C VAL A 304 38.68 14.83 -45.08
N HIS A 305 38.22 13.88 -45.90
CA HIS A 305 37.97 12.52 -45.41
C HIS A 305 39.27 11.80 -45.05
N GLY A 306 40.25 11.80 -45.94
CA GLY A 306 41.34 10.82 -45.87
C GLY A 306 42.37 11.09 -44.76
N GLY A 307 43.08 12.21 -44.83
CA GLY A 307 44.10 12.54 -43.86
C GLY A 307 43.49 12.73 -42.48
N TYR A 308 42.27 13.31 -42.43
CA TYR A 308 41.58 13.54 -41.17
C TYR A 308 41.28 12.20 -40.53
N ALA A 309 40.70 11.26 -41.28
CA ALA A 309 40.50 9.90 -40.79
C ALA A 309 41.79 9.29 -40.25
N VAL A 310 42.87 9.36 -41.04
CA VAL A 310 44.09 8.68 -40.65
C VAL A 310 44.63 9.29 -39.34
N GLY A 311 44.66 10.62 -39.22
CA GLY A 311 45.13 11.28 -38.03
C GLY A 311 44.30 11.01 -36.77
N CYS A 312 42.97 11.11 -36.87
CA CYS A 312 42.07 10.83 -35.76
C CYS A 312 42.18 9.37 -35.32
N TYR A 313 42.30 8.46 -36.30
CA TYR A 313 42.57 7.05 -36.06
C TYR A 313 43.82 6.87 -35.22
N ALA A 314 44.97 7.43 -35.66
CA ALA A 314 46.27 7.13 -35.03
C ALA A 314 46.38 7.76 -33.65
N THR A 315 45.98 9.03 -33.51
CA THR A 315 46.04 9.69 -32.22
C THR A 315 45.13 8.97 -31.22
N THR A 316 43.94 8.55 -31.65
CA THR A 316 43.05 7.86 -30.73
C THR A 316 43.71 6.57 -30.26
N LYS A 317 44.31 5.82 -31.19
CA LYS A 317 44.92 4.54 -30.87
C LYS A 317 46.08 4.65 -29.87
N PHE A 318 46.94 5.65 -30.02
CA PHE A 318 48.18 5.72 -29.27
C PHE A 318 47.99 6.52 -27.97
N VAL A 319 47.29 7.66 -28.02
CA VAL A 319 47.10 8.47 -26.83
C VAL A 319 46.16 7.76 -25.85
N PHE A 320 45.01 7.26 -26.32
CA PHE A 320 44.05 6.64 -25.42
C PHE A 320 44.16 5.12 -25.40
N ASP A 321 45.10 4.58 -26.18
CA ASP A 321 45.50 3.20 -26.00
C ASP A 321 44.31 2.25 -26.18
N ILE A 322 43.41 2.55 -27.11
CA ILE A 322 42.18 1.78 -27.22
C ILE A 322 42.48 0.31 -27.44
N LYS A 323 41.80 -0.55 -26.68
CA LYS A 323 41.83 -1.98 -26.84
C LYS A 323 40.41 -2.45 -27.07
N PRO A 324 40.23 -3.70 -27.59
CA PRO A 324 38.91 -4.29 -27.78
C PRO A 324 37.92 -4.27 -26.62
N SER A 325 38.39 -4.27 -25.37
CA SER A 325 37.46 -4.33 -24.24
C SER A 325 37.15 -2.95 -23.65
N ASP A 326 37.60 -1.86 -24.29
CA ASP A 326 37.50 -0.55 -23.68
C ASP A 326 36.13 0.07 -23.98
N VAL A 327 35.54 0.65 -22.92
CA VAL A 327 34.51 1.67 -23.00
C VAL A 327 35.14 3.05 -22.84
N PHE A 328 34.92 3.88 -23.86
CA PHE A 328 35.53 5.19 -24.00
C PHE A 328 34.47 6.25 -23.78
N TRP A 329 34.79 7.33 -23.05
CA TRP A 329 33.87 8.45 -22.91
C TRP A 329 34.63 9.78 -23.00
N CYS A 330 34.34 10.52 -24.06
CA CYS A 330 34.73 11.91 -24.16
C CYS A 330 33.50 12.75 -23.86
N THR A 331 33.59 13.67 -22.89
CA THR A 331 32.45 14.43 -22.38
C THR A 331 32.14 15.66 -23.26
N ALA A 332 32.96 15.95 -24.27
CA ALA A 332 32.73 17.15 -25.08
C ALA A 332 31.44 17.06 -25.89
N ASP A 333 30.85 18.19 -26.24
CA ASP A 333 29.68 18.17 -27.13
C ASP A 333 30.16 17.92 -28.55
N ILE A 334 29.35 17.22 -29.32
CA ILE A 334 29.66 17.01 -30.73
C ILE A 334 29.65 18.33 -31.48
N GLY A 335 29.00 19.36 -30.96
CA GLY A 335 29.05 20.66 -31.63
C GLY A 335 30.45 21.28 -31.67
N TRP A 336 31.46 20.67 -31.02
CA TRP A 336 32.81 21.18 -31.11
C TRP A 336 33.76 20.14 -31.67
N VAL A 337 35.00 20.59 -31.95
CA VAL A 337 35.91 19.74 -32.71
C VAL A 337 36.21 18.47 -31.90
N THR A 338 36.25 18.60 -30.57
CA THR A 338 36.66 17.49 -29.73
C THR A 338 35.65 16.35 -29.88
N GLY A 339 34.36 16.70 -30.01
CA GLY A 339 33.31 15.72 -30.23
C GLY A 339 33.35 15.12 -31.65
N HIS A 340 33.71 15.92 -32.65
CA HIS A 340 33.89 15.37 -33.99
C HIS A 340 35.00 14.31 -33.99
N SER A 341 36.21 14.70 -33.56
CA SER A 341 37.39 13.87 -33.69
C SER A 341 37.41 12.71 -32.68
N TYR A 342 36.99 12.99 -31.44
CA TYR A 342 37.20 12.05 -30.34
C TYR A 342 35.90 11.61 -29.66
N THR A 343 34.73 11.85 -30.24
CA THR A 343 33.57 11.07 -29.84
C THR A 343 33.12 10.21 -31.00
N ILE A 344 33.00 10.80 -32.19
CA ILE A 344 32.54 10.03 -33.32
C ILE A 344 33.69 9.33 -34.05
N TYR A 345 34.52 10.07 -34.78
CA TYR A 345 35.26 9.42 -35.85
C TYR A 345 36.43 8.56 -35.32
N GLY A 346 37.30 9.13 -34.50
CA GLY A 346 38.48 8.40 -34.04
C GLY A 346 38.11 7.13 -33.26
N PRO A 347 37.20 7.22 -32.26
CA PRO A 347 36.77 6.04 -31.51
C PRO A 347 36.10 4.95 -32.34
N MET A 348 35.19 5.34 -33.24
CA MET A 348 34.51 4.35 -34.10
C MET A 348 35.49 3.65 -35.03
N MET A 349 36.54 4.37 -35.44
CA MET A 349 37.53 3.76 -36.31
C MET A 349 38.43 2.81 -35.52
N ASN A 350 38.45 2.91 -34.18
CA ASN A 350 39.15 1.94 -33.36
C ASN A 350 38.17 0.89 -32.82
N ALA A 351 36.90 0.97 -33.23
CA ALA A 351 35.90 -0.01 -32.83
C ALA A 351 35.57 0.03 -31.33
N ALA A 352 35.76 1.17 -30.66
CA ALA A 352 35.43 1.32 -29.26
C ALA A 352 33.93 1.28 -29.00
N SER A 353 33.57 0.98 -27.75
CA SER A 353 32.23 1.22 -27.26
C SER A 353 32.26 2.62 -26.65
N ILE A 354 31.32 3.48 -27.04
CA ILE A 354 31.42 4.90 -26.78
C ILE A 354 30.22 5.38 -25.98
N VAL A 355 30.48 6.12 -24.90
CA VAL A 355 29.41 6.74 -24.14
C VAL A 355 28.98 8.03 -24.81
N LEU A 356 27.68 8.20 -25.02
CA LEU A 356 27.13 9.46 -25.51
C LEU A 356 26.10 10.01 -24.52
N PHE A 357 26.41 11.16 -23.89
CA PHE A 357 25.57 11.70 -22.84
C PHE A 357 24.91 13.01 -23.26
N GLU A 358 23.59 13.10 -23.04
CA GLU A 358 22.84 14.27 -23.44
C GLU A 358 23.04 15.42 -22.45
N GLY A 359 23.33 15.11 -21.16
CA GLY A 359 23.14 16.10 -20.11
C GLY A 359 24.41 16.83 -19.64
N ILE A 360 24.38 17.33 -18.40
CA ILE A 360 25.41 18.19 -17.83
C ILE A 360 25.93 17.54 -16.55
N PRO A 361 27.14 17.93 -16.06
CA PRO A 361 27.76 17.30 -14.89
C PRO A 361 27.01 17.38 -13.56
N THR A 362 26.09 18.33 -13.41
CA THR A 362 25.49 18.64 -12.12
C THR A 362 24.02 18.27 -12.02
N TYR A 363 23.44 17.55 -12.98
CA TYR A 363 22.03 17.19 -12.87
C TYR A 363 21.89 15.68 -13.06
N PRO A 364 21.08 14.97 -12.23
CA PRO A 364 20.35 15.56 -11.10
C PRO A 364 21.21 16.03 -9.93
N ALA A 365 22.45 15.52 -9.81
CA ALA A 365 23.36 15.94 -8.76
C ALA A 365 24.80 15.91 -9.28
N ALA A 366 25.74 16.44 -8.49
CA ALA A 366 27.08 16.74 -8.99
C ALA A 366 27.97 15.49 -8.99
N ASP A 367 27.39 14.31 -8.73
CA ASP A 367 28.07 13.04 -8.93
C ASP A 367 27.64 12.36 -10.23
N ARG A 368 26.98 13.08 -11.14
CA ARG A 368 26.44 12.45 -12.34
C ARG A 368 27.52 11.75 -13.19
N PHE A 369 28.67 12.41 -13.40
CA PHE A 369 29.73 11.83 -14.23
C PHE A 369 30.20 10.51 -13.64
N TRP A 370 30.22 10.42 -12.31
CA TRP A 370 30.78 9.24 -11.65
C TRP A 370 29.74 8.12 -11.64
N SER A 371 28.44 8.46 -11.62
CA SER A 371 27.37 7.48 -11.88
C SER A 371 27.54 6.86 -13.27
N ILE A 372 27.83 7.71 -14.27
CA ILE A 372 27.93 7.24 -15.64
C ILE A 372 29.13 6.30 -15.79
N VAL A 373 30.27 6.65 -15.20
CA VAL A 373 31.48 5.84 -15.28
C VAL A 373 31.20 4.45 -14.70
N GLU A 374 30.59 4.43 -13.50
CA GLU A 374 30.28 3.17 -12.80
C GLU A 374 29.24 2.36 -13.58
N LYS A 375 28.22 3.02 -14.13
CA LYS A 375 27.14 2.35 -14.81
C LYS A 375 27.66 1.66 -16.07
N TYR A 376 28.53 2.29 -16.86
CA TYR A 376 28.99 1.70 -18.11
C TYR A 376 30.39 1.09 -18.00
N LYS A 377 30.96 1.04 -16.78
CA LYS A 377 32.34 0.61 -16.55
C LYS A 377 33.27 1.29 -17.56
N VAL A 378 33.25 2.62 -17.57
CA VAL A 378 34.10 3.38 -18.47
C VAL A 378 35.57 3.11 -18.12
N ASN A 379 36.40 2.93 -19.17
CA ASN A 379 37.81 2.65 -19.04
C ASN A 379 38.70 3.86 -19.34
N ILE A 380 38.19 4.79 -20.16
CA ILE A 380 38.92 5.98 -20.57
C ILE A 380 38.00 7.18 -20.52
N ILE A 381 38.35 8.22 -19.78
CA ILE A 381 37.54 9.43 -19.73
C ILE A 381 38.39 10.61 -20.18
N TYR A 382 37.86 11.38 -21.13
CA TYR A 382 38.49 12.53 -21.73
C TYR A 382 37.56 13.71 -21.55
N THR A 383 37.93 14.61 -20.64
CA THR A 383 37.02 15.67 -20.22
C THR A 383 37.78 17.00 -20.24
N ALA A 384 37.16 18.03 -19.72
CA ALA A 384 37.67 19.37 -19.77
C ALA A 384 37.97 19.87 -18.35
N PRO A 385 39.00 20.71 -18.16
CA PRO A 385 39.23 21.33 -16.85
C PRO A 385 38.06 22.12 -16.27
N THR A 386 37.18 22.68 -17.13
CA THR A 386 36.00 23.42 -16.68
C THR A 386 35.08 22.50 -15.89
N ALA A 387 34.88 21.27 -16.39
CA ALA A 387 34.12 20.27 -15.65
C ALA A 387 34.81 19.93 -14.32
N ILE A 388 36.14 19.74 -14.33
CA ILE A 388 36.83 19.35 -13.11
C ILE A 388 36.78 20.47 -12.09
N ARG A 389 37.01 21.71 -12.51
CA ARG A 389 37.00 22.84 -11.57
C ARG A 389 35.59 22.98 -11.01
N SER A 390 34.56 22.70 -11.82
CA SER A 390 33.19 22.76 -11.35
C SER A 390 32.93 21.75 -10.23
N LEU A 391 33.37 20.51 -10.43
CA LEU A 391 33.07 19.43 -9.52
C LEU A 391 33.90 19.51 -8.25
N MET A 392 35.11 20.09 -8.32
CA MET A 392 35.97 20.30 -7.15
C MET A 392 35.23 21.09 -6.07
N ARG A 393 34.38 22.02 -6.49
CA ARG A 393 33.58 22.79 -5.55
C ARG A 393 32.70 21.90 -4.66
N PHE A 394 32.33 20.68 -5.09
CA PHE A 394 31.32 19.91 -4.36
C PHE A 394 31.96 18.88 -3.42
N GLY A 395 33.28 18.77 -3.37
CA GLY A 395 33.94 17.93 -2.37
C GLY A 395 34.33 16.55 -2.89
N GLU A 396 35.17 15.87 -2.11
CA GLU A 396 35.77 14.58 -2.45
C GLU A 396 34.82 13.43 -2.15
N GLU A 397 33.69 13.72 -1.48
CA GLU A 397 32.74 12.71 -1.06
C GLU A 397 31.97 12.18 -2.26
N LEU A 398 31.58 13.06 -3.19
CA LEU A 398 30.77 12.66 -4.32
C LEU A 398 31.41 11.53 -5.14
N PRO A 399 32.62 11.66 -5.73
CA PRO A 399 33.19 10.54 -6.50
C PRO A 399 33.48 9.32 -5.64
N ALA A 400 33.76 9.52 -4.35
CA ALA A 400 34.04 8.39 -3.47
C ALA A 400 32.80 7.50 -3.25
N ARG A 401 31.59 8.00 -3.53
CA ARG A 401 30.38 7.20 -3.42
C ARG A 401 30.20 6.24 -4.59
N HIS A 402 31.06 6.31 -5.63
CA HIS A 402 30.93 5.42 -6.77
C HIS A 402 32.19 4.59 -7.00
N ASP A 403 31.99 3.43 -7.60
CA ASP A 403 33.07 2.55 -8.02
C ASP A 403 33.62 3.04 -9.35
N LEU A 404 34.85 3.57 -9.30
CA LEU A 404 35.50 4.14 -10.46
C LEU A 404 36.68 3.28 -10.87
N SER A 405 36.82 2.10 -10.27
CA SER A 405 37.98 1.25 -10.52
C SER A 405 38.04 0.74 -11.97
N SER A 406 36.99 0.90 -12.80
CA SER A 406 37.08 0.52 -14.20
C SER A 406 38.05 1.43 -14.98
N LEU A 407 38.24 2.67 -14.53
CA LEU A 407 39.04 3.64 -15.27
C LEU A 407 40.49 3.17 -15.34
N ARG A 408 41.11 3.28 -16.53
CA ARG A 408 42.55 3.07 -16.64
C ARG A 408 43.31 4.26 -17.27
N ILE A 409 42.61 5.18 -17.95
CA ILE A 409 43.26 6.38 -18.47
C ILE A 409 42.34 7.57 -18.31
N LEU A 410 42.92 8.71 -17.90
CA LEU A 410 42.21 9.97 -17.78
C LEU A 410 42.80 10.92 -18.82
N GLY A 411 42.00 11.91 -19.23
CA GLY A 411 42.42 12.88 -20.22
C GLY A 411 41.73 14.22 -20.00
N THR A 412 42.43 15.28 -20.42
CA THR A 412 41.93 16.63 -20.32
C THR A 412 42.28 17.36 -21.60
N VAL A 413 41.42 18.30 -21.98
CA VAL A 413 41.58 19.07 -23.21
C VAL A 413 40.93 20.45 -23.10
N GLY A 414 41.48 21.40 -23.82
CA GLY A 414 40.76 22.60 -24.24
C GLY A 414 41.34 23.86 -23.60
N GLU A 415 42.12 23.70 -22.50
CA GLU A 415 42.57 24.83 -21.69
C GLU A 415 43.63 24.33 -20.72
N PRO A 416 44.48 25.20 -20.15
CA PRO A 416 45.40 24.81 -19.07
C PRO A 416 44.62 24.20 -17.92
N ILE A 417 45.16 23.11 -17.40
CA ILE A 417 44.68 22.55 -16.16
C ILE A 417 45.68 22.96 -15.08
N ASN A 418 45.22 23.70 -14.09
CA ASN A 418 46.13 24.22 -13.06
C ASN A 418 46.53 23.03 -12.19
N PRO A 419 47.70 23.07 -11.50
CA PRO A 419 48.19 21.91 -10.72
C PRO A 419 47.29 21.29 -9.64
N GLU A 420 46.55 22.13 -8.94
CA GLU A 420 45.62 21.69 -7.91
C GLU A 420 44.48 20.88 -8.55
N ALA A 421 43.99 21.30 -9.72
CA ALA A 421 42.95 20.51 -10.37
C ALA A 421 43.49 19.18 -10.90
N TRP A 422 44.73 19.19 -11.39
CA TRP A 422 45.38 17.99 -11.91
C TRP A 422 45.52 16.97 -10.79
N MET A 423 46.00 17.43 -9.63
CA MET A 423 46.12 16.59 -8.44
C MET A 423 44.77 16.04 -7.99
N TRP A 424 43.74 16.88 -7.98
CA TRP A 424 42.40 16.47 -7.60
C TRP A 424 41.88 15.37 -8.52
N TYR A 425 42.11 15.55 -9.83
CA TYR A 425 41.73 14.60 -10.85
C TYR A 425 42.42 13.27 -10.60
N ARG A 426 43.74 13.33 -10.44
CA ARG A 426 44.54 12.15 -10.33
C ARG A 426 44.22 11.43 -9.01
N LYS A 427 44.01 12.17 -7.93
CA LYS A 427 43.74 11.57 -6.64
C LYS A 427 42.35 10.91 -6.57
N ASN A 428 41.31 11.67 -6.90
CA ASN A 428 39.94 11.26 -6.60
C ASN A 428 39.34 10.41 -7.71
N ILE A 429 39.75 10.69 -8.95
CA ILE A 429 39.25 9.94 -10.09
C ILE A 429 40.24 8.88 -10.50
N GLY A 430 41.53 9.06 -10.17
CA GLY A 430 42.58 8.17 -10.66
C GLY A 430 43.29 7.36 -9.57
N HIS A 431 42.78 7.41 -8.33
CA HIS A 431 43.36 6.73 -7.16
C HIS A 431 44.89 6.92 -7.11
N ASN A 432 45.40 8.11 -7.42
CA ASN A 432 46.84 8.41 -7.36
C ASN A 432 47.68 7.47 -8.23
N GLU A 433 47.14 6.97 -9.34
CA GLU A 433 47.87 6.05 -10.19
C GLU A 433 47.72 6.38 -11.67
N LEU A 434 46.52 6.77 -12.08
CA LEU A 434 46.18 6.75 -13.49
C LEU A 434 46.89 7.89 -14.20
N PRO A 435 47.39 7.68 -15.42
CA PRO A 435 47.94 8.78 -16.22
C PRO A 435 46.86 9.75 -16.66
N ILE A 436 47.20 11.03 -16.73
CA ILE A 436 46.37 12.07 -17.32
C ILE A 436 46.97 12.51 -18.65
N MET A 437 46.26 12.25 -19.75
CA MET A 437 46.66 12.74 -21.06
C MET A 437 46.16 14.17 -21.24
N ASP A 438 47.04 15.15 -20.97
CA ASP A 438 46.78 16.55 -21.23
C ASP A 438 47.09 16.91 -22.70
N THR A 439 46.05 16.88 -23.56
CA THR A 439 46.21 17.00 -25.00
C THR A 439 46.08 18.45 -25.48
N TRP A 440 47.11 18.96 -26.16
CA TRP A 440 47.03 20.25 -26.84
C TRP A 440 46.73 20.04 -28.32
N TRP A 441 45.75 20.82 -28.82
CA TRP A 441 45.40 20.94 -30.24
C TRP A 441 44.32 22.00 -30.42
N GLN A 442 43.76 22.10 -31.62
CA GLN A 442 42.84 23.17 -31.98
C GLN A 442 41.91 22.67 -33.07
N THR A 443 40.81 23.38 -33.29
CA THR A 443 39.89 23.06 -34.38
C THR A 443 40.67 22.94 -35.69
N GLU A 444 41.57 23.88 -35.94
CA GLU A 444 42.31 23.94 -37.18
C GLU A 444 43.22 22.70 -37.37
N THR A 445 43.63 22.01 -36.29
CA THR A 445 44.62 20.96 -36.43
C THR A 445 43.96 19.61 -36.66
N GLY A 446 42.66 19.47 -36.36
CA GLY A 446 41.91 18.24 -36.63
C GLY A 446 42.16 17.12 -35.61
N MET A 447 43.39 16.99 -35.15
CA MET A 447 43.81 15.91 -34.26
C MET A 447 44.73 16.48 -33.18
N ILE A 448 44.92 15.70 -32.12
CA ILE A 448 45.86 15.98 -31.03
C ILE A 448 47.25 16.04 -31.63
N LEU A 449 48.06 17.04 -31.23
CA LEU A 449 49.41 17.20 -31.76
C LEU A 449 50.46 17.07 -30.64
N ILE A 450 50.16 17.64 -29.45
CA ILE A 450 51.12 17.60 -28.34
C ILE A 450 50.41 16.98 -27.14
N SER A 451 50.92 15.86 -26.66
CA SER A 451 50.20 15.12 -25.65
C SER A 451 51.08 14.03 -25.07
N PRO A 452 50.87 13.59 -23.82
CA PRO A 452 51.47 12.34 -23.36
C PRO A 452 50.88 11.18 -24.15
N THR A 453 51.59 10.05 -24.09
CA THR A 453 51.05 8.73 -24.35
C THR A 453 51.22 7.96 -23.04
N PRO A 454 50.61 6.77 -22.90
CA PRO A 454 50.81 5.95 -21.70
C PRO A 454 52.23 5.61 -21.26
N ILE A 455 53.23 5.77 -22.13
CA ILE A 455 54.61 5.44 -21.80
C ILE A 455 55.43 6.64 -21.28
N LEU A 456 54.86 7.85 -21.25
CA LEU A 456 55.64 9.01 -20.83
C LEU A 456 55.38 9.35 -19.36
N PRO A 457 56.44 9.58 -18.58
CA PRO A 457 56.28 10.19 -17.26
C PRO A 457 55.65 11.58 -17.41
N LEU A 458 54.80 11.94 -16.44
CA LEU A 458 53.93 13.10 -16.54
C LEU A 458 54.41 14.21 -15.62
N LYS A 459 54.21 15.45 -16.08
CA LYS A 459 54.34 16.66 -15.27
C LYS A 459 53.02 17.42 -15.20
N PRO A 460 52.51 17.75 -13.99
CA PRO A 460 51.23 18.45 -13.85
C PRO A 460 51.19 19.74 -14.66
N GLY A 461 50.20 19.87 -15.55
CA GLY A 461 50.00 21.12 -16.26
C GLY A 461 50.79 21.17 -17.56
N SER A 462 51.48 20.07 -17.90
CA SER A 462 52.28 20.02 -19.11
C SER A 462 51.61 19.13 -20.16
N ALA A 463 51.56 19.62 -21.40
CA ALA A 463 51.11 18.77 -22.49
C ALA A 463 52.19 17.78 -22.93
N SER A 464 53.42 17.85 -22.38
CA SER A 464 54.37 16.76 -22.55
C SER A 464 55.14 16.95 -23.86
N ARG A 465 55.38 15.85 -24.59
CA ARG A 465 56.13 15.87 -25.84
C ARG A 465 55.17 15.84 -27.03
N PRO A 466 55.63 16.27 -28.23
CA PRO A 466 54.85 16.13 -29.45
C PRO A 466 54.67 14.65 -29.79
N LEU A 467 53.55 14.35 -30.46
CA LEU A 467 53.26 13.03 -31.00
C LEU A 467 54.14 12.77 -32.22
N PRO A 468 54.23 11.51 -32.69
CA PRO A 468 55.11 11.18 -33.81
C PRO A 468 54.85 12.08 -35.02
N THR A 469 55.97 12.50 -35.65
CA THR A 469 56.01 13.26 -36.90
C THR A 469 55.71 14.74 -36.66
N ILE A 470 55.30 15.11 -35.45
CA ILE A 470 54.93 16.49 -35.18
C ILE A 470 56.16 17.28 -34.70
N GLU A 471 56.54 18.26 -35.50
CA GLU A 471 57.78 18.97 -35.28
C GLU A 471 57.40 20.31 -34.66
N ALA A 472 57.13 20.28 -33.35
CA ALA A 472 56.72 21.47 -32.62
C ALA A 472 57.95 22.20 -32.12
N ASP A 473 57.87 23.52 -31.98
CA ASP A 473 58.98 24.28 -31.44
C ASP A 473 58.46 25.60 -30.86
N VAL A 474 59.30 26.30 -30.10
CA VAL A 474 58.94 27.62 -29.58
C VAL A 474 59.90 28.65 -30.16
N VAL A 475 59.37 29.69 -30.81
CA VAL A 475 60.20 30.64 -31.57
C VAL A 475 59.77 32.08 -31.26
N ASN A 476 60.64 33.03 -31.60
CA ASN A 476 60.30 34.46 -31.52
C ASN A 476 59.63 34.86 -32.82
N LYS A 477 59.32 36.16 -32.97
CA LYS A 477 58.48 36.69 -34.04
C LYS A 477 59.11 36.48 -35.42
N ASP A 478 60.42 36.22 -35.44
CA ASP A 478 61.20 36.07 -36.66
C ASP A 478 61.41 34.60 -36.98
N GLY A 479 61.17 33.71 -36.02
CA GLY A 479 61.27 32.28 -36.25
C GLY A 479 62.52 31.65 -35.62
N LYS A 480 63.29 32.42 -34.84
CA LYS A 480 64.48 31.90 -34.18
C LYS A 480 64.11 31.13 -32.91
N PRO A 481 64.63 29.91 -32.67
CA PRO A 481 64.34 29.19 -31.42
C PRO A 481 64.73 30.04 -30.21
N VAL A 482 63.89 30.03 -29.16
CA VAL A 482 64.23 30.84 -27.99
C VAL A 482 65.01 30.00 -26.98
N GLY A 483 64.99 28.67 -27.14
CA GLY A 483 65.76 27.80 -26.28
C GLY A 483 65.01 27.44 -25.00
N PRO A 484 65.49 26.42 -24.24
CA PRO A 484 64.80 25.97 -23.04
C PRO A 484 64.45 27.06 -22.02
N GLU A 485 63.22 26.98 -21.52
CA GLU A 485 62.77 27.72 -20.36
C GLU A 485 62.30 29.13 -20.73
N NEP A 486 62.41 29.55 -22.01
CA NEP A 486 61.95 30.88 -22.39
C NEP A 486 60.61 30.78 -23.12
O NEP A 486 60.34 29.81 -23.84
CB NEP A 486 63.02 31.65 -23.19
CG NEP A 486 64.28 31.91 -22.44
ND1 NEP A 486 65.49 31.36 -22.86
CD2 NEP A 486 64.49 32.61 -21.28
CE1 NEP A 486 66.39 31.73 -21.98
NE2 NEP A 486 65.86 32.49 -20.98
P NEP A 486 66.70 33.19 -19.62
O1P NEP A 486 67.04 32.10 -18.62
O2P NEP A 486 67.95 33.91 -20.10
O3P NEP A 486 65.71 34.12 -18.95
H NEP A 486 62.76 29.00 -22.65
HA NEP A 486 61.80 31.39 -21.56
HB2 NEP A 486 63.22 31.15 -24.01
HB3 NEP A 486 62.63 32.51 -23.48
HD2 NEP A 486 63.85 33.07 -20.77
HE1 NEP A 486 67.30 31.50 -22.03
N GLY A 487 59.76 31.78 -22.86
CA GLY A 487 58.45 31.90 -23.49
C GLY A 487 58.59 32.36 -24.95
N GLY A 488 57.68 31.89 -25.79
CA GLY A 488 57.63 32.34 -27.17
C GLY A 488 56.38 31.79 -27.84
N PHE A 489 56.40 31.80 -29.19
CA PHE A 489 55.27 31.40 -30.01
C PHE A 489 55.41 29.92 -30.34
N LEU A 490 54.32 29.18 -30.20
CA LEU A 490 54.29 27.77 -30.54
C LEU A 490 54.02 27.65 -32.02
N ILE A 491 54.89 26.91 -32.71
CA ILE A 491 54.78 26.67 -34.13
C ILE A 491 54.97 25.18 -34.42
N ILE A 492 54.52 24.76 -35.58
CA ILE A 492 54.70 23.42 -36.09
C ILE A 492 55.33 23.55 -37.48
N ARG A 493 56.35 22.74 -37.80
CA ARG A 493 57.19 23.02 -38.96
C ARG A 493 56.80 22.30 -40.24
N HIS A 494 55.94 21.30 -40.16
N HIS A 494 56.09 21.16 -40.15
CA HIS A 494 55.64 20.48 -41.31
CA HIS A 494 55.63 20.44 -41.34
C HIS A 494 54.19 20.02 -41.18
C HIS A 494 54.14 20.17 -41.16
N PRO A 495 53.36 20.02 -42.24
CA PRO A 495 51.97 19.58 -42.14
C PRO A 495 51.82 18.17 -41.55
N TRP A 496 50.60 17.88 -41.10
CA TRP A 496 50.22 16.58 -40.59
C TRP A 496 48.88 16.25 -41.24
N PRO A 497 48.48 14.96 -41.31
CA PRO A 497 47.35 14.57 -42.14
C PRO A 497 45.98 15.15 -41.85
N ALA A 498 45.65 15.39 -40.57
CA ALA A 498 44.33 15.88 -40.19
C ALA A 498 44.21 17.40 -40.21
N GLN A 499 45.24 18.15 -40.63
CA GLN A 499 45.16 19.59 -40.60
C GLN A 499 44.06 20.04 -41.55
N MET A 500 43.43 21.17 -41.20
CA MET A 500 42.49 21.84 -42.10
C MET A 500 43.14 22.10 -43.47
N ARG A 501 42.33 22.00 -44.52
CA ARG A 501 42.84 22.21 -45.87
C ARG A 501 42.58 23.63 -46.36
N THR A 502 41.55 24.29 -45.82
CA THR A 502 41.26 25.68 -46.15
C THR A 502 40.26 26.20 -45.13
N ILE A 503 39.93 27.49 -45.25
CA ILE A 503 38.85 28.13 -44.52
C ILE A 503 37.79 28.43 -45.57
N PHE A 504 36.55 27.99 -45.35
CA PHE A 504 35.55 27.99 -46.41
C PHE A 504 35.31 29.40 -46.94
N GLY A 505 35.44 29.56 -48.25
CA GLY A 505 35.18 30.82 -48.93
C GLY A 505 36.22 31.90 -48.62
N ASP A 506 37.37 31.54 -48.01
CA ASP A 506 38.31 32.54 -47.50
C ASP A 506 39.73 31.97 -47.42
N PRO A 507 40.34 31.58 -48.55
CA PRO A 507 41.70 31.07 -48.54
C PRO A 507 42.77 32.02 -48.02
N ASP A 508 42.57 33.34 -48.14
CA ASP A 508 43.48 34.31 -47.51
C ASP A 508 43.59 34.09 -46.00
N ARG A 509 42.50 33.76 -45.32
CA ARG A 509 42.55 33.50 -43.89
C ARG A 509 43.38 32.26 -43.59
N TYR A 510 43.27 31.23 -44.44
CA TYR A 510 44.07 30.02 -44.27
C TYR A 510 45.56 30.36 -44.39
N LYS A 511 45.92 31.19 -45.37
CA LYS A 511 47.33 31.43 -45.65
C LYS A 511 48.02 32.14 -44.49
N THR A 512 47.31 32.98 -43.71
CA THR A 512 47.94 33.69 -42.61
C THR A 512 48.52 32.69 -41.60
N TYR A 513 47.95 31.48 -41.51
CA TYR A 513 48.44 30.48 -40.57
C TYR A 513 49.87 30.08 -40.92
N TRP A 514 50.23 30.13 -42.21
CA TRP A 514 51.54 29.69 -42.65
C TRP A 514 52.45 30.86 -43.03
N GLU A 515 51.95 32.10 -42.99
CA GLU A 515 52.72 33.24 -43.46
C GLU A 515 52.80 34.37 -42.41
N THR A 516 52.37 34.14 -41.18
CA THR A 516 52.70 35.05 -40.09
C THR A 516 54.17 34.89 -39.68
N ILE A 517 54.64 33.66 -39.55
CA ILE A 517 56.06 33.38 -39.32
C ILE A 517 56.53 32.53 -40.49
N PRO A 518 57.59 32.96 -41.21
CA PRO A 518 57.96 32.28 -42.44
C PRO A 518 57.98 30.75 -42.34
N ASP A 519 57.18 30.07 -43.18
CA ASP A 519 57.33 28.66 -43.52
C ASP A 519 56.87 27.70 -42.43
N VAL A 520 56.22 28.19 -41.37
CA VAL A 520 55.79 27.34 -40.27
C VAL A 520 54.34 27.66 -39.95
N TYR A 521 53.67 26.71 -39.29
CA TYR A 521 52.29 26.88 -38.88
C TYR A 521 52.28 27.60 -37.53
N PHE A 522 51.54 28.72 -37.49
CA PHE A 522 51.43 29.54 -36.31
C PHE A 522 50.13 29.29 -35.56
N ALA A 523 50.24 28.74 -34.35
CA ALA A 523 49.11 28.28 -33.57
C ALA A 523 48.33 29.43 -32.94
N GLY A 524 48.98 30.57 -32.71
CA GLY A 524 48.39 31.68 -31.98
C GLY A 524 48.43 31.46 -30.46
N ASP A 525 49.29 30.54 -30.01
CA ASP A 525 49.48 30.23 -28.59
C ASP A 525 50.89 30.58 -28.18
N ALA A 526 51.03 31.08 -26.95
CA ALA A 526 52.32 31.22 -26.28
C ALA A 526 52.69 29.89 -25.64
N ALA A 527 53.98 29.58 -25.60
CA ALA A 527 54.42 28.37 -24.95
C ALA A 527 55.87 28.47 -24.47
N THR A 528 56.19 27.45 -23.67
CA THR A 528 57.51 27.20 -23.13
C THR A 528 57.83 25.72 -23.32
N MET A 529 59.10 25.42 -23.50
CA MET A 529 59.60 24.07 -23.56
C MET A 529 60.68 23.97 -22.49
N ASP A 530 60.63 22.95 -21.62
CA ASP A 530 61.60 22.87 -20.54
C ASP A 530 62.77 22.00 -20.99
N LYS A 531 63.70 21.72 -20.05
CA LYS A 531 64.96 21.06 -20.34
C LYS A 531 64.77 19.65 -20.90
N MET A 532 63.63 18.99 -20.63
CA MET A 532 63.39 17.63 -21.08
C MET A 532 62.52 17.61 -22.36
N GLY A 533 62.11 18.79 -22.82
CA GLY A 533 61.33 18.90 -24.04
C GLY A 533 59.83 18.95 -23.78
N TYR A 534 59.42 19.14 -22.52
CA TYR A 534 58.01 19.13 -22.19
C TYR A 534 57.46 20.54 -22.41
N PHE A 535 56.35 20.63 -23.13
CA PHE A 535 55.76 21.90 -23.55
C PHE A 535 54.73 22.33 -22.52
N ARG A 536 54.65 23.63 -22.26
CA ARG A 536 53.56 24.20 -21.49
C ARG A 536 52.95 25.31 -22.32
N ILE A 537 51.62 25.28 -22.48
CA ILE A 537 50.85 26.26 -23.23
C ILE A 537 50.27 27.32 -22.28
N GLN A 538 50.70 28.57 -22.42
CA GLN A 538 50.25 29.65 -21.55
C GLN A 538 48.88 30.17 -21.97
N GLY A 539 48.74 30.50 -23.25
CA GLY A 539 47.45 30.83 -23.82
C GLY A 539 47.60 31.64 -25.09
N ARG A 540 46.46 32.13 -25.58
CA ARG A 540 46.37 32.76 -26.89
C ARG A 540 47.14 34.08 -26.88
N VAL A 541 47.76 34.42 -28.01
CA VAL A 541 48.49 35.68 -28.15
C VAL A 541 47.61 36.68 -28.90
N ASP A 542 46.46 36.23 -29.38
CA ASP A 542 45.56 37.03 -30.20
C ASP A 542 44.29 37.38 -29.37
N ASP A 543 43.17 37.64 -30.05
CA ASP A 543 41.92 38.12 -29.46
C ASP A 543 40.95 36.98 -29.11
N VAL A 544 41.43 35.73 -29.04
CA VAL A 544 40.57 34.63 -28.67
C VAL A 544 40.46 34.49 -27.16
N ILE A 545 39.23 34.24 -26.69
CA ILE A 545 38.88 34.12 -25.28
C ILE A 545 38.17 32.78 -25.09
N LYS A 546 38.67 31.96 -24.16
CA LYS A 546 38.00 30.72 -23.76
C LYS A 546 37.22 30.91 -22.46
N VAL A 547 35.89 30.69 -22.54
CA VAL A 547 34.97 30.82 -21.43
C VAL A 547 34.33 29.46 -21.23
N SER A 548 34.57 28.86 -20.05
CA SER A 548 33.95 27.58 -19.70
C SER A 548 34.21 26.54 -20.79
N GLY A 549 35.42 26.53 -21.36
CA GLY A 549 35.79 25.60 -22.43
C GLY A 549 35.48 26.08 -23.87
N HIS A 550 34.65 27.12 -24.04
CA HIS A 550 34.17 27.54 -25.35
C HIS A 550 35.03 28.65 -25.94
N ARG A 551 35.43 28.48 -27.20
CA ARG A 551 36.23 29.46 -27.90
C ARG A 551 35.35 30.58 -28.46
N LEU A 552 35.63 31.83 -28.03
CA LEU A 552 34.96 33.05 -28.45
C LEU A 552 36.00 34.01 -29.02
N GLY A 553 35.56 34.93 -29.88
CA GLY A 553 36.41 35.98 -30.42
C GLY A 553 35.99 37.35 -29.92
N SER A 554 36.97 38.16 -29.51
CA SER A 554 36.70 39.47 -28.94
C SER A 554 35.86 40.26 -29.93
N MET A 555 36.23 40.19 -31.21
CA MET A 555 35.68 41.05 -32.23
C MET A 555 34.28 40.57 -32.61
N GLU A 556 33.99 39.29 -32.42
CA GLU A 556 32.64 38.81 -32.69
C GLU A 556 31.68 39.20 -31.56
N ILE A 557 32.20 39.30 -30.33
CA ILE A 557 31.38 39.70 -29.18
C ILE A 557 31.00 41.18 -29.33
N GLU A 558 32.00 42.00 -29.64
CA GLU A 558 31.84 43.41 -29.92
C GLU A 558 30.74 43.66 -30.95
N SER A 559 30.72 42.88 -32.03
CA SER A 559 29.74 43.00 -33.11
C SER A 559 28.33 42.79 -32.58
N SER A 560 28.19 41.78 -31.72
CA SER A 560 26.93 41.35 -31.16
C SER A 560 26.36 42.40 -30.20
N LEU A 561 27.19 43.37 -29.78
CA LEU A 561 26.75 44.52 -28.98
C LEU A 561 26.53 45.75 -29.85
N VAL A 562 27.32 45.90 -30.92
CA VAL A 562 27.26 47.12 -31.70
C VAL A 562 25.98 47.11 -32.54
N SER A 563 25.45 45.91 -32.82
CA SER A 563 24.15 45.71 -33.47
C SER A 563 23.01 46.38 -32.71
N HIS A 564 23.17 46.65 -31.41
CA HIS A 564 22.10 47.17 -30.58
C HIS A 564 22.02 48.68 -30.78
N PRO A 565 20.81 49.29 -30.85
CA PRO A 565 20.67 50.73 -31.06
C PRO A 565 21.39 51.65 -30.08
N ALA A 566 21.56 51.21 -28.83
CA ALA A 566 22.10 52.03 -27.76
C ALA A 566 23.62 52.22 -27.89
N VAL A 567 24.29 51.27 -28.55
CA VAL A 567 25.74 51.12 -28.50
C VAL A 567 26.36 51.69 -29.76
N ALA A 568 27.36 52.57 -29.58
CA ALA A 568 28.23 53.07 -30.64
C ALA A 568 29.41 52.15 -30.86
N GLU A 569 30.12 51.71 -29.81
CA GLU A 569 31.32 50.89 -29.99
C GLU A 569 31.56 49.99 -28.77
N ALA A 570 32.43 49.00 -28.93
CA ALA A 570 32.68 48.07 -27.85
C ALA A 570 34.06 47.45 -27.94
N ALA A 571 34.63 47.12 -26.77
CA ALA A 571 35.88 46.40 -26.65
C ALA A 571 35.68 45.25 -25.69
N ALA A 572 35.92 44.01 -26.11
CA ALA A 572 35.73 42.87 -25.25
C ALA A 572 37.10 42.34 -24.81
N ILE A 573 37.27 42.07 -23.51
CA ILE A 573 38.48 41.45 -23.01
C ILE A 573 38.11 40.27 -22.15
N GLY A 574 39.07 39.35 -22.03
CA GLY A 574 39.01 38.24 -21.11
C GLY A 574 39.68 38.62 -19.80
N LYS A 575 39.02 38.25 -18.69
CA LYS A 575 39.58 38.41 -17.35
C LYS A 575 39.60 37.05 -16.69
N PRO A 576 40.62 36.74 -15.88
CA PRO A 576 40.69 35.45 -15.16
C PRO A 576 39.50 35.27 -14.24
N ASP A 577 38.99 34.04 -14.20
CA ASP A 577 37.85 33.57 -13.44
C ASP A 577 38.17 32.16 -12.94
N GLU A 578 38.01 31.93 -11.63
CA GLU A 578 38.31 30.65 -10.99
C GLU A 578 37.50 29.48 -11.58
N VAL A 579 36.19 29.64 -11.81
CA VAL A 579 35.34 28.55 -12.32
C VAL A 579 35.53 28.43 -13.83
N LYS A 580 35.27 29.53 -14.55
CA LYS A 580 35.12 29.52 -16.00
C LYS A 580 36.44 29.65 -16.75
N GLY A 581 37.54 29.88 -16.04
CA GLY A 581 38.83 30.05 -16.72
C GLY A 581 39.03 31.52 -17.08
N GLU A 582 38.25 32.00 -18.04
CA GLU A 582 38.15 33.43 -18.28
C GLU A 582 36.66 33.77 -18.25
N HIS A 583 36.37 35.03 -17.96
CA HIS A 583 35.04 35.57 -18.26
C HIS A 583 35.22 36.80 -19.14
N VAL A 584 34.15 37.22 -19.80
CA VAL A 584 34.22 38.35 -20.68
C VAL A 584 33.77 39.61 -19.97
N LYS A 585 34.57 40.66 -20.14
CA LYS A 585 34.13 41.99 -19.79
C LYS A 585 34.15 42.84 -21.05
N VAL A 586 33.16 43.71 -21.20
CA VAL A 586 33.04 44.56 -22.38
CA VAL A 586 33.00 44.56 -22.37
C VAL A 586 32.94 46.01 -21.91
N PHE A 587 33.72 46.85 -22.58
CA PHE A 587 33.69 48.27 -22.40
C PHE A 587 32.88 48.82 -23.57
N VAL A 588 31.76 49.49 -23.24
CA VAL A 588 30.75 49.88 -24.22
C VAL A 588 30.70 51.39 -24.28
N ILE A 589 30.84 51.96 -25.48
CA ILE A 589 30.54 53.36 -25.68
C ILE A 589 29.11 53.46 -26.18
N LEU A 590 28.30 54.19 -25.43
CA LEU A 590 26.91 54.41 -25.78
C LEU A 590 26.81 55.63 -26.66
N ARG A 591 25.78 55.66 -27.49
CA ARG A 591 25.36 56.86 -28.18
C ARG A 591 25.15 58.00 -27.20
N ASN A 592 25.48 59.22 -27.60
CA ASN A 592 25.33 60.37 -26.73
C ASN A 592 23.88 60.47 -26.31
N GLY A 593 23.68 60.79 -25.03
CA GLY A 593 22.35 61.03 -24.50
C GLY A 593 21.75 59.79 -23.85
N VAL A 594 22.21 58.60 -24.22
CA VAL A 594 21.68 57.40 -23.60
C VAL A 594 22.09 57.32 -22.13
N GLU A 595 21.09 57.19 -21.24
CA GLU A 595 21.31 57.08 -19.82
C GLU A 595 21.94 55.72 -19.51
N PRO A 596 23.14 55.70 -18.87
CA PRO A 596 23.88 54.46 -18.60
C PRO A 596 23.49 53.74 -17.32
N THR A 597 22.50 52.83 -17.38
CA THR A 597 21.85 52.30 -16.18
C THR A 597 22.11 50.80 -16.05
N GLU A 598 21.75 50.30 -14.87
CA GLU A 598 21.71 48.87 -14.62
C GLU A 598 20.69 48.17 -15.53
N SER A 599 19.53 48.80 -15.78
CA SER A 599 18.52 48.22 -16.65
C SER A 599 19.07 48.07 -18.06
N LEU A 600 19.92 49.02 -18.49
CA LEU A 600 20.50 48.96 -19.83
C LEU A 600 21.50 47.82 -19.92
N ALA A 601 22.35 47.70 -18.91
CA ALA A 601 23.27 46.58 -18.84
C ALA A 601 22.55 45.23 -18.94
N VAL A 602 21.47 45.03 -18.17
CA VAL A 602 20.69 43.80 -18.23
C VAL A 602 20.18 43.60 -19.68
N GLU A 603 19.61 44.66 -20.26
CA GLU A 603 19.05 44.61 -21.60
C GLU A 603 20.13 44.28 -22.64
N LEU A 604 21.31 44.88 -22.55
CA LEU A 604 22.39 44.57 -23.48
C LEU A 604 22.81 43.10 -23.32
N LYS A 605 22.85 42.57 -22.10
CA LYS A 605 23.19 41.16 -21.93
C LYS A 605 22.12 40.27 -22.54
N ARG A 606 20.85 40.68 -22.43
CA ARG A 606 19.79 39.88 -23.00
C ARG A 606 19.92 39.86 -24.51
N HIS A 607 20.21 41.02 -25.13
CA HIS A 607 20.41 41.13 -26.56
C HIS A 607 21.42 40.09 -27.00
N VAL A 608 22.54 39.96 -26.27
CA VAL A 608 23.58 39.02 -26.68
C VAL A 608 23.11 37.58 -26.45
N ARG A 609 22.47 37.33 -25.31
CA ARG A 609 22.03 35.99 -24.95
C ARG A 609 20.98 35.45 -25.92
N THR A 610 20.08 36.30 -26.43
CA THR A 610 18.98 35.83 -27.27
C THR A 610 19.35 35.78 -28.75
N LEU A 611 20.48 36.39 -29.17
CA LEU A 611 20.91 36.33 -30.56
C LEU A 611 22.12 35.41 -30.74
N VAL A 612 23.14 35.56 -29.91
CA VAL A 612 24.34 34.77 -30.08
C VAL A 612 24.21 33.47 -29.28
N GLY A 613 23.92 33.62 -27.98
CA GLY A 613 23.68 32.50 -27.08
C GLY A 613 24.26 32.74 -25.69
N PRO A 614 23.79 32.03 -24.64
CA PRO A 614 24.38 32.18 -23.30
C PRO A 614 25.90 32.04 -23.21
N LEU A 615 26.48 31.11 -23.98
CA LEU A 615 27.91 30.83 -23.89
C LEU A 615 28.73 32.10 -24.13
N ALA A 616 28.17 33.09 -24.83
CA ALA A 616 28.91 34.27 -25.23
C ALA A 616 28.36 35.51 -24.56
N THR A 617 27.59 35.35 -23.50
CA THR A 617 27.02 36.51 -22.85
C THR A 617 28.08 37.07 -21.92
N PRO A 618 28.40 38.38 -22.00
CA PRO A 618 29.31 39.03 -21.07
C PRO A 618 28.83 38.90 -19.64
N ASP A 619 29.79 38.66 -18.71
CA ASP A 619 29.50 38.68 -17.28
C ASP A 619 29.58 40.11 -16.75
N GLU A 620 30.44 40.93 -17.36
CA GLU A 620 30.64 42.28 -16.88
C GLU A 620 30.52 43.22 -18.09
N LEU A 621 29.90 44.37 -17.83
CA LEU A 621 29.79 45.45 -18.79
CA LEU A 621 29.78 45.44 -18.79
C LEU A 621 30.11 46.75 -18.07
N GLU A 622 30.88 47.62 -18.71
CA GLU A 622 31.18 48.92 -18.15
C GLU A 622 31.00 49.91 -19.28
N PHE A 623 30.34 51.04 -18.98
CA PHE A 623 30.06 52.11 -19.93
C PHE A 623 31.16 53.15 -19.83
N VAL A 624 31.80 53.47 -20.97
CA VAL A 624 32.91 54.42 -21.04
C VAL A 624 32.58 55.46 -22.11
N THR A 625 33.38 56.51 -22.23
CA THR A 625 33.07 57.53 -23.21
C THR A 625 34.13 57.56 -24.31
N SER A 626 35.17 56.73 -24.18
CA SER A 626 36.19 56.65 -25.21
C SER A 626 36.96 55.35 -25.04
N LEU A 627 37.59 54.93 -26.13
CA LEU A 627 38.35 53.68 -26.19
C LEU A 627 39.65 53.98 -26.92
N PRO A 628 40.75 53.23 -26.68
CA PRO A 628 41.97 53.39 -27.47
C PRO A 628 41.89 52.80 -28.89
N LYS A 629 42.35 53.58 -29.89
CA LYS A 629 42.35 53.18 -31.28
C LYS A 629 43.71 53.43 -31.94
N THR A 630 44.09 52.56 -32.90
CA THR A 630 45.19 52.84 -33.82
C THR A 630 44.74 53.96 -34.75
N ARG A 631 45.66 54.50 -35.59
CA ARG A 631 45.27 55.56 -36.50
C ARG A 631 44.29 55.02 -37.57
N SER A 632 44.38 53.72 -37.91
CA SER A 632 43.47 53.11 -38.88
C SER A 632 42.11 52.76 -38.25
N GLY A 633 41.86 53.26 -37.03
CA GLY A 633 40.55 53.21 -36.39
C GLY A 633 40.28 51.93 -35.59
N LYS A 634 41.19 50.95 -35.59
CA LYS A 634 40.97 49.69 -34.89
C LYS A 634 41.09 49.87 -33.37
N ILE A 635 40.40 49.00 -32.63
CA ILE A 635 40.40 48.98 -31.18
C ILE A 635 41.67 48.28 -30.71
N MET A 636 42.51 48.97 -29.92
CA MET A 636 43.67 48.35 -29.31
C MET A 636 43.24 47.61 -28.04
N ARG A 637 42.86 46.35 -28.17
CA ARG A 637 42.33 45.61 -27.03
C ARG A 637 43.37 45.36 -25.96
N ARG A 638 44.64 45.21 -26.36
CA ARG A 638 45.72 44.97 -25.42
C ARG A 638 45.84 46.14 -24.44
N VAL A 639 45.61 47.37 -24.91
CA VAL A 639 45.67 48.53 -24.06
C VAL A 639 44.49 48.54 -23.09
N VAL A 640 43.34 48.05 -23.54
CA VAL A 640 42.15 48.05 -22.70
C VAL A 640 42.42 47.15 -21.51
N ARG A 641 42.95 45.96 -21.81
CA ARG A 641 43.22 44.92 -20.84
C ARG A 641 44.34 45.35 -19.90
N ALA A 642 45.40 45.93 -20.49
CA ALA A 642 46.53 46.43 -19.72
C ALA A 642 46.07 47.51 -18.73
N ARG A 643 45.17 48.43 -19.17
CA ARG A 643 44.64 49.45 -18.27
C ARG A 643 43.92 48.76 -17.10
N GLU A 644 43.17 47.70 -17.38
CA GLU A 644 42.46 47.02 -16.32
C GLU A 644 43.41 46.20 -15.45
N LEU A 645 44.23 45.32 -16.06
CA LEU A 645 44.92 44.25 -15.34
C LEU A 645 46.43 44.45 -15.26
N GLY A 646 46.97 45.41 -16.03
CA GLY A 646 48.41 45.55 -16.21
C GLY A 646 48.91 44.60 -17.30
N GLU A 647 50.08 44.91 -17.89
CA GLU A 647 50.73 44.06 -18.88
C GLU A 647 52.06 43.57 -18.31
N PRO A 648 52.37 42.24 -18.32
CA PRO A 648 53.66 41.74 -17.84
C PRO A 648 54.74 42.13 -18.84
N VAL A 649 55.97 42.42 -18.36
CA VAL A 649 57.02 43.00 -19.20
C VAL A 649 57.75 41.90 -19.99
N GLY A 650 58.01 42.16 -21.29
CA GLY A 650 58.71 41.22 -22.17
C GLY A 650 58.10 41.19 -23.56
N LEU B 24 -9.45 -9.27 1.91
CA LEU B 24 -9.87 -8.95 0.53
C LEU B 24 -8.64 -8.99 -0.39
N ILE B 25 -7.48 -8.47 0.06
CA ILE B 25 -6.27 -8.40 -0.75
C ILE B 25 -5.70 -9.79 -1.08
N GLU B 26 -5.76 -10.72 -0.11
CA GLU B 26 -5.44 -12.15 -0.31
C GLU B 26 -6.27 -12.73 -1.46
N GLU B 27 -7.51 -12.23 -1.67
CA GLU B 27 -8.44 -12.87 -2.59
C GLU B 27 -8.47 -12.17 -3.95
N ARG B 28 -7.39 -11.44 -4.29
CA ARG B 28 -7.31 -10.76 -5.58
C ARG B 28 -6.33 -11.48 -6.52
N LEU B 29 -6.66 -11.45 -7.81
CA LEU B 29 -5.91 -12.16 -8.83
C LEU B 29 -5.13 -11.14 -9.67
N PHE B 30 -3.81 -11.35 -9.76
CA PHE B 30 -2.90 -10.49 -10.51
C PHE B 30 -2.38 -11.22 -11.74
N PRO B 31 -2.75 -10.79 -12.96
CA PRO B 31 -2.30 -11.49 -14.17
C PRO B 31 -0.82 -11.26 -14.53
N PRO B 32 -0.30 -12.13 -15.43
N PRO B 32 -0.14 -12.21 -15.19
CA PRO B 32 1.00 -11.93 -16.07
CA PRO B 32 1.29 -12.01 -15.49
C PRO B 32 0.97 -11.40 -17.50
C PRO B 32 1.56 -10.81 -16.42
N PRO B 33 2.07 -10.75 -17.94
N PRO B 33 2.74 -10.13 -16.33
CA PRO B 33 2.26 -10.35 -19.34
CA PRO B 33 3.01 -8.95 -17.17
C PRO B 33 2.03 -11.50 -20.32
C PRO B 33 3.03 -9.22 -18.68
N GLU B 34 0.99 -11.40 -21.16
N GLU B 34 3.42 -8.22 -19.47
CA GLU B 34 0.73 -12.45 -22.13
CA GLU B 34 3.57 -8.39 -20.92
C GLU B 34 2.01 -12.77 -22.91
C GLU B 34 4.82 -9.21 -21.25
N ASP B 35 3.12 -12.15 -22.51
N ASP B 35 4.70 -10.06 -22.28
CA ASP B 35 4.25 -12.04 -23.40
CA ASP B 35 5.84 -10.63 -23.02
C ASP B 35 5.49 -12.61 -22.72
C ASP B 35 6.44 -11.88 -22.36
N ILE B 36 5.56 -12.50 -21.40
N ILE B 36 5.84 -12.39 -21.26
CA ILE B 36 6.41 -13.41 -20.63
CA ILE B 36 6.49 -13.49 -20.54
C ILE B 36 5.74 -14.79 -20.73
C ILE B 36 5.75 -14.82 -20.79
N VAL B 37 4.42 -14.80 -20.91
CA VAL B 37 3.69 -16.01 -21.23
C VAL B 37 4.12 -16.56 -22.58
N LYS B 38 4.15 -15.70 -23.60
CA LYS B 38 4.48 -16.11 -24.95
C LYS B 38 5.85 -16.81 -25.00
N ASN B 39 6.82 -16.28 -24.23
CA ASN B 39 8.21 -16.69 -24.32
C ASN B 39 8.63 -17.63 -23.19
N ALA B 40 7.71 -18.12 -22.36
CA ALA B 40 8.13 -18.93 -21.21
C ALA B 40 8.58 -20.31 -21.65
N ASN B 41 9.51 -20.89 -20.89
CA ASN B 41 10.00 -22.23 -21.18
C ASN B 41 8.85 -23.24 -21.04
N ILE B 42 7.97 -23.02 -20.06
CA ILE B 42 6.84 -23.91 -19.77
C ILE B 42 5.87 -23.86 -20.94
N THR B 43 5.63 -22.67 -21.52
CA THR B 43 4.75 -22.53 -22.67
C THR B 43 5.31 -23.37 -23.82
N ALA B 44 6.64 -23.37 -23.97
CA ALA B 44 7.25 -24.01 -25.12
C ALA B 44 7.18 -25.53 -24.96
N TYR B 45 7.31 -26.01 -23.73
CA TYR B 45 7.22 -27.44 -23.49
C TYR B 45 5.77 -27.87 -23.69
N MET B 46 4.82 -27.12 -23.10
CA MET B 46 3.41 -27.44 -23.16
C MET B 46 2.91 -27.51 -24.60
N LYS B 47 3.36 -26.56 -25.44
CA LYS B 47 2.98 -26.51 -26.84
C LYS B 47 3.59 -27.70 -27.56
N SER B 48 4.81 -28.10 -27.18
CA SER B 48 5.44 -29.28 -27.76
C SER B 48 4.62 -30.55 -27.50
N LYS B 49 3.64 -30.53 -26.57
CA LYS B 49 2.77 -31.67 -26.34
C LYS B 49 1.32 -31.38 -26.74
N GLY B 50 1.03 -30.14 -27.16
CA GLY B 50 -0.27 -29.76 -27.72
C GLY B 50 -1.22 -29.06 -26.74
N PHE B 51 -0.69 -28.37 -25.72
CA PHE B 51 -1.53 -27.68 -24.74
C PHE B 51 -1.25 -26.18 -24.77
N ASP B 52 -2.32 -25.40 -24.58
CA ASP B 52 -2.27 -23.97 -24.32
C ASP B 52 -2.51 -23.64 -22.86
N ASP B 53 -3.19 -24.55 -22.14
CA ASP B 53 -3.82 -24.26 -20.86
C ASP B 53 -3.04 -25.00 -19.77
N TYR B 54 -2.63 -24.30 -18.69
CA TYR B 54 -1.90 -24.96 -17.63
C TYR B 54 -2.74 -26.06 -16.97
N GLU B 55 -4.01 -25.76 -16.66
CA GLU B 55 -4.83 -26.74 -15.98
C GLU B 55 -4.95 -28.05 -16.76
N ALA B 56 -5.12 -27.98 -18.08
CA ALA B 56 -5.29 -29.20 -18.88
C ALA B 56 -3.97 -29.96 -18.99
N PHE B 57 -2.87 -29.23 -19.18
CA PHE B 57 -1.55 -29.82 -19.23
C PHE B 57 -1.26 -30.50 -17.89
N TYR B 58 -1.68 -29.84 -16.80
CA TYR B 58 -1.43 -30.35 -15.46
C TYR B 58 -2.02 -31.74 -15.31
N ARG B 59 -3.26 -31.95 -15.76
CA ARG B 59 -3.94 -33.24 -15.62
C ARG B 59 -3.26 -34.27 -16.51
N TRP B 60 -2.85 -33.85 -17.71
CA TRP B 60 -2.04 -34.69 -18.59
C TRP B 60 -0.80 -35.19 -17.85
N SER B 61 -0.15 -34.29 -17.09
CA SER B 61 1.12 -34.56 -16.42
C SER B 61 0.95 -35.59 -15.29
N LEU B 62 -0.26 -35.70 -14.74
CA LEU B 62 -0.52 -36.69 -13.71
C LEU B 62 -0.59 -38.08 -14.35
N ALA B 63 -1.36 -38.19 -15.44
CA ALA B 63 -1.54 -39.44 -16.16
C ALA B 63 -0.29 -39.88 -16.95
N ASN B 64 0.65 -38.96 -17.18
CA ASN B 64 1.79 -39.21 -18.07
C ASN B 64 3.08 -38.78 -17.39
N ARG B 65 3.20 -39.06 -16.07
CA ARG B 65 4.28 -38.49 -15.30
C ARG B 65 5.63 -38.99 -15.82
N PHE B 66 5.66 -40.24 -16.29
CA PHE B 66 6.91 -40.88 -16.72
C PHE B 66 7.38 -40.27 -18.03
N GLU B 67 6.46 -40.02 -18.96
CA GLU B 67 6.83 -39.31 -20.18
C GLU B 67 7.45 -37.96 -19.79
N PHE B 68 6.80 -37.23 -18.87
CA PHE B 68 7.28 -35.91 -18.47
C PHE B 68 8.73 -36.03 -18.01
N TRP B 69 9.02 -36.95 -17.09
CA TRP B 69 10.32 -36.98 -16.44
C TRP B 69 11.39 -37.55 -17.36
N ASN B 70 10.99 -38.36 -18.34
CA ASN B 70 11.91 -38.83 -19.37
C ASN B 70 12.31 -37.66 -20.27
N ASP B 71 11.33 -36.83 -20.64
CA ASP B 71 11.63 -35.70 -21.51
C ASP B 71 12.67 -34.82 -20.82
N MET B 72 12.51 -34.62 -19.51
CA MET B 72 13.37 -33.74 -18.75
C MET B 72 14.77 -34.35 -18.60
N ALA B 73 14.82 -35.65 -18.28
CA ALA B 73 16.10 -36.28 -18.07
C ALA B 73 16.91 -36.29 -19.37
N LYS B 74 16.26 -36.42 -20.52
CA LYS B 74 16.95 -36.58 -21.79
C LYS B 74 17.65 -35.28 -22.19
N GLU B 75 17.36 -34.19 -21.49
CA GLU B 75 18.03 -32.91 -21.75
C GLU B 75 19.38 -32.83 -21.02
N LEU B 76 19.64 -33.74 -20.08
CA LEU B 76 20.91 -33.81 -19.38
C LEU B 76 21.78 -34.85 -20.07
N HIS B 77 23.06 -34.90 -19.67
CA HIS B 77 24.01 -35.86 -20.16
C HIS B 77 24.03 -37.09 -19.23
N TRP B 78 23.92 -38.29 -19.83
CA TRP B 78 24.04 -39.56 -19.13
C TRP B 78 25.22 -40.33 -19.71
N PHE B 79 26.05 -40.92 -18.85
CA PHE B 79 27.14 -41.80 -19.27
C PHE B 79 26.59 -43.13 -19.78
N GLU B 80 25.43 -43.55 -19.28
CA GLU B 80 24.70 -44.73 -19.72
C GLU B 80 23.21 -44.51 -19.48
N PRO B 81 22.33 -44.99 -20.38
CA PRO B 81 20.88 -44.80 -20.23
C PRO B 81 20.28 -45.62 -19.09
N TRP B 82 19.08 -45.25 -18.65
CA TRP B 82 18.34 -45.97 -17.63
C TRP B 82 17.34 -46.92 -18.30
N LYS B 83 16.91 -47.97 -17.58
CA LYS B 83 15.87 -48.87 -18.06
C LYS B 83 14.51 -48.28 -17.68
N SER B 84 14.24 -48.26 -16.36
CA SER B 84 12.94 -47.91 -15.80
C SER B 84 12.97 -46.47 -15.26
N THR B 85 11.94 -45.69 -15.60
CA THR B 85 11.86 -44.33 -15.13
C THR B 85 11.70 -44.29 -13.61
N PHE B 86 10.82 -45.16 -13.09
CA PHE B 86 10.49 -45.18 -11.67
C PHE B 86 10.22 -46.61 -11.23
N GLU B 87 10.58 -46.95 -9.99
CA GLU B 87 10.08 -48.17 -9.39
C GLU B 87 10.31 -48.20 -7.87
N TRP B 88 9.36 -48.84 -7.18
CA TRP B 88 9.49 -49.19 -5.78
C TRP B 88 10.61 -50.22 -5.62
N THR B 89 11.15 -50.32 -4.42
CA THR B 89 12.06 -51.38 -4.04
C THR B 89 11.44 -52.10 -2.83
N ASP B 90 11.92 -51.91 -1.59
CA ASP B 90 11.10 -52.23 -0.41
C ASP B 90 10.28 -50.98 -0.10
N LYS B 91 9.17 -50.84 -0.82
CA LYS B 91 8.19 -49.78 -0.62
C LYS B 91 8.01 -49.47 0.87
N PRO B 92 8.05 -48.20 1.35
CA PRO B 92 8.05 -46.98 0.52
C PRO B 92 9.35 -46.39 -0.04
N PHE B 93 10.42 -47.20 -0.11
CA PHE B 93 11.63 -46.81 -0.80
C PHE B 93 11.45 -47.00 -2.30
N PHE B 94 12.07 -46.12 -3.09
CA PHE B 94 11.93 -46.18 -4.53
C PHE B 94 13.24 -45.75 -5.19
N LYS B 95 13.27 -45.84 -6.53
CA LYS B 95 14.36 -45.45 -7.40
C LYS B 95 13.80 -44.69 -8.59
N TRP B 96 14.60 -43.77 -9.14
CA TRP B 96 14.32 -43.19 -10.44
C TRP B 96 15.49 -43.44 -11.38
N PHE B 97 15.16 -43.60 -12.67
CA PHE B 97 16.13 -43.87 -13.72
C PHE B 97 17.06 -45.01 -13.34
N THR B 98 16.48 -46.22 -13.16
CA THR B 98 17.25 -47.36 -12.68
C THR B 98 18.40 -47.66 -13.64
N ASP B 99 19.58 -47.89 -13.05
CA ASP B 99 20.76 -48.40 -13.75
C ASP B 99 21.41 -47.35 -14.65
N GLY B 100 20.88 -46.13 -14.64
CA GLY B 100 21.55 -45.04 -15.34
C GLY B 100 22.88 -44.73 -14.66
N LYS B 101 23.89 -44.34 -15.45
CA LYS B 101 25.16 -43.88 -14.91
C LYS B 101 25.27 -42.41 -15.25
N PHE B 102 25.61 -41.60 -14.26
CA PHE B 102 25.41 -40.17 -14.32
C PHE B 102 26.39 -39.51 -13.37
N ASN B 103 26.71 -38.23 -13.59
CA ASN B 103 27.35 -37.44 -12.54
C ASN B 103 26.84 -36.02 -12.63
N ILE B 104 26.27 -35.54 -11.52
CA ILE B 104 25.66 -34.22 -11.54
C ILE B 104 26.69 -33.16 -11.87
N ALA B 105 27.94 -33.38 -11.48
CA ALA B 105 28.98 -32.37 -11.73
C ALA B 105 29.29 -32.25 -13.22
N TYR B 106 29.14 -33.34 -13.98
CA TYR B 106 29.38 -33.29 -15.42
C TYR B 106 28.38 -32.36 -16.13
N ASN B 107 27.15 -32.27 -15.58
CA ASN B 107 26.08 -31.49 -16.17
C ASN B 107 26.15 -30.03 -15.70
N CYS B 108 26.94 -29.77 -14.65
CA CYS B 108 27.19 -28.41 -14.19
C CYS B 108 28.47 -27.82 -14.78
N LEU B 109 29.37 -28.63 -15.36
CA LEU B 109 30.66 -28.14 -15.80
C LEU B 109 31.10 -28.76 -17.12
N ASP B 110 31.49 -30.03 -17.08
CA ASP B 110 32.19 -30.67 -18.19
C ASP B 110 31.45 -30.54 -19.53
N ARG B 111 30.14 -30.71 -19.52
CA ARG B 111 29.43 -30.71 -20.79
C ARG B 111 29.54 -29.35 -21.48
N TYR B 112 29.94 -28.30 -20.76
CA TYR B 112 30.05 -26.98 -21.35
C TYR B 112 31.46 -26.72 -21.89
N MET B 113 32.45 -27.54 -21.50
CA MET B 113 33.77 -27.43 -22.09
C MET B 113 33.72 -27.77 -23.58
N GLY B 114 34.51 -27.03 -24.36
CA GLY B 114 34.47 -27.08 -25.82
C GLY B 114 33.26 -26.38 -26.43
N THR B 115 32.49 -25.59 -25.65
CA THR B 115 31.33 -24.85 -26.17
C THR B 115 31.48 -23.36 -25.82
N PRO B 116 30.69 -22.46 -26.45
CA PRO B 116 30.69 -21.03 -26.08
C PRO B 116 30.40 -20.72 -24.60
N ILE B 117 29.68 -21.63 -23.95
CA ILE B 117 29.27 -21.46 -22.57
C ILE B 117 30.46 -21.58 -21.62
N GLU B 118 31.59 -22.14 -22.07
CA GLU B 118 32.79 -22.17 -21.23
C GLU B 118 33.24 -20.75 -20.86
N ASP B 119 32.96 -19.76 -21.71
CA ASP B 119 33.44 -18.40 -21.45
C ASP B 119 32.33 -17.53 -20.87
N LYS B 120 31.15 -18.09 -20.61
CA LYS B 120 30.10 -17.37 -19.89
C LYS B 120 30.43 -17.32 -18.41
N VAL B 121 29.99 -16.26 -17.72
CA VAL B 121 30.17 -16.21 -16.28
C VAL B 121 29.30 -17.26 -15.57
N ALA B 122 29.92 -18.09 -14.73
CA ALA B 122 29.17 -19.03 -13.89
C ALA B 122 28.77 -18.39 -12.55
N PHE B 123 29.77 -17.81 -11.85
CA PHE B 123 29.57 -17.16 -10.57
C PHE B 123 30.13 -15.74 -10.56
N TYR B 124 29.24 -14.80 -10.24
CA TYR B 124 29.65 -13.49 -9.82
C TYR B 124 29.76 -13.46 -8.30
N TRP B 125 30.97 -13.58 -7.78
CA TRP B 125 31.16 -13.52 -6.35
C TRP B 125 31.25 -12.08 -5.86
N GLU B 126 30.49 -11.79 -4.81
CA GLU B 126 30.44 -10.48 -4.15
C GLU B 126 30.76 -10.69 -2.68
N GLY B 127 31.87 -10.08 -2.24
CA GLY B 127 32.29 -10.16 -0.85
C GLY B 127 31.52 -9.18 0.04
N ASP B 128 31.56 -9.49 1.34
CA ASP B 128 30.94 -8.67 2.36
C ASP B 128 31.42 -7.23 2.25
N ASP B 129 32.71 -7.02 1.97
CA ASP B 129 33.33 -5.70 1.92
C ASP B 129 33.14 -4.96 0.60
N GLY B 130 32.50 -5.58 -0.40
CA GLY B 130 32.34 -4.95 -1.70
C GLY B 130 33.38 -5.38 -2.75
N SER B 131 34.40 -6.16 -2.34
CA SER B 131 35.29 -6.79 -3.30
C SER B 131 34.48 -7.79 -4.11
N SER B 132 34.94 -8.11 -5.31
CA SER B 132 34.19 -8.92 -6.24
C SER B 132 35.16 -9.64 -7.15
N ARG B 133 34.66 -10.69 -7.81
CA ARG B 133 35.40 -11.41 -8.81
C ARG B 133 34.43 -12.33 -9.56
N ALA B 134 34.60 -12.42 -10.87
CA ALA B 134 33.76 -13.25 -11.71
C ALA B 134 34.53 -14.52 -12.08
N TYR B 135 33.82 -15.66 -12.13
CA TYR B 135 34.36 -16.93 -12.57
C TYR B 135 33.53 -17.56 -13.68
N THR B 136 34.17 -17.85 -14.81
CA THR B 136 33.49 -18.45 -15.95
C THR B 136 33.29 -19.93 -15.62
N TYR B 137 32.49 -20.59 -16.47
CA TYR B 137 32.28 -22.02 -16.37
C TYR B 137 33.66 -22.69 -16.48
N LYS B 138 34.50 -22.22 -17.41
CA LYS B 138 35.80 -22.82 -17.62
C LYS B 138 36.66 -22.69 -16.37
N GLU B 139 36.73 -21.48 -15.79
CA GLU B 139 37.54 -21.24 -14.60
C GLU B 139 36.99 -22.07 -13.44
N MET B 140 35.67 -22.24 -13.32
CA MET B 140 35.15 -23.12 -12.26
C MET B 140 35.47 -24.59 -12.50
N TYR B 141 35.46 -25.03 -13.77
CA TYR B 141 35.85 -26.39 -14.14
C TYR B 141 37.31 -26.66 -13.71
N VAL B 142 38.21 -25.71 -14.00
CA VAL B 142 39.61 -25.86 -13.67
C VAL B 142 39.78 -25.92 -12.14
N LEU B 143 39.06 -25.08 -11.40
CA LEU B 143 39.22 -25.02 -9.95
C LEU B 143 38.72 -26.31 -9.29
N THR B 144 37.50 -26.72 -9.67
CA THR B 144 36.89 -27.97 -9.22
C THR B 144 37.84 -29.14 -9.47
N ASN B 145 38.40 -29.25 -10.68
CA ASN B 145 39.33 -30.34 -10.99
C ASN B 145 40.52 -30.34 -10.00
N ARG B 146 41.10 -29.17 -9.74
CA ARG B 146 42.29 -29.09 -8.92
C ARG B 146 41.96 -29.35 -7.44
N VAL B 147 40.77 -28.93 -6.98
CA VAL B 147 40.38 -29.20 -5.60
C VAL B 147 40.07 -30.68 -5.49
N ALA B 148 39.41 -31.26 -6.52
CA ALA B 148 39.14 -32.69 -6.56
C ALA B 148 40.42 -33.50 -6.40
N LYS B 149 41.51 -33.00 -7.01
CA LYS B 149 42.77 -33.73 -7.05
C LYS B 149 43.39 -33.77 -5.66
N VAL B 150 43.17 -32.68 -4.91
CA VAL B 150 43.71 -32.52 -3.57
C VAL B 150 43.03 -33.50 -2.62
N LEU B 151 41.69 -33.61 -2.74
CA LEU B 151 40.94 -34.61 -1.99
C LEU B 151 41.38 -36.02 -2.36
N GLN B 152 41.53 -36.30 -3.65
CA GLN B 152 41.93 -37.63 -4.11
C GLN B 152 43.31 -37.99 -3.57
N ASN B 153 44.24 -37.02 -3.51
CA ASN B 153 45.59 -37.27 -3.05
C ASN B 153 45.60 -37.55 -1.55
N GLN B 154 44.58 -37.07 -0.84
CA GLN B 154 44.47 -37.38 0.57
C GLN B 154 43.76 -38.72 0.81
N GLY B 155 43.23 -39.37 -0.24
CA GLY B 155 42.56 -40.66 -0.09
C GLY B 155 41.02 -40.58 -0.12
N VAL B 156 40.41 -39.44 -0.49
CA VAL B 156 38.96 -39.38 -0.61
C VAL B 156 38.53 -40.22 -1.81
N LYS B 157 37.49 -41.05 -1.62
CA LYS B 157 37.00 -42.01 -2.62
C LYS B 157 35.47 -42.02 -2.67
N LYS B 158 34.90 -42.70 -3.68
CA LYS B 158 33.45 -42.89 -3.77
C LYS B 158 32.92 -43.42 -2.44
N GLY B 159 31.88 -42.76 -1.91
CA GLY B 159 31.22 -43.23 -0.69
C GLY B 159 31.66 -42.48 0.56
N ASP B 160 32.86 -41.88 0.53
CA ASP B 160 33.44 -41.22 1.70
C ASP B 160 32.73 -39.90 1.95
N ARG B 161 32.56 -39.54 3.23
CA ARG B 161 31.84 -38.31 3.53
C ARG B 161 32.83 -37.18 3.79
N VAL B 162 32.53 -36.02 3.16
CA VAL B 162 33.33 -34.82 3.25
C VAL B 162 32.47 -33.73 3.89
N ALA B 163 32.93 -33.19 5.04
CA ALA B 163 32.20 -32.11 5.68
C ALA B 163 32.72 -30.76 5.20
N ILE B 164 31.84 -29.77 5.17
CA ILE B 164 32.19 -28.47 4.66
C ILE B 164 31.59 -27.41 5.58
N TYR B 165 32.46 -26.53 6.10
CA TYR B 165 32.06 -25.49 7.04
C TYR B 165 32.71 -24.20 6.57
N MET B 166 31.98 -23.46 5.75
CA MET B 166 32.64 -22.44 4.98
C MET B 166 31.75 -21.22 4.85
N PRO B 167 32.36 -20.04 4.59
CA PRO B 167 31.58 -18.86 4.19
C PRO B 167 31.24 -19.01 2.71
N MET B 168 30.29 -18.20 2.26
CA MET B 168 29.84 -18.20 0.88
C MET B 168 30.91 -17.59 -0.03
N ILE B 169 31.85 -18.43 -0.47
CA ILE B 169 32.95 -18.01 -1.34
C ILE B 169 33.10 -19.00 -2.48
N PRO B 170 33.85 -18.66 -3.55
CA PRO B 170 33.96 -19.54 -4.72
C PRO B 170 34.47 -20.95 -4.42
N GLU B 171 35.34 -21.09 -3.40
CA GLU B 171 35.93 -22.39 -3.05
C GLU B 171 34.89 -23.30 -2.40
N MET B 172 33.82 -22.73 -1.83
CA MET B 172 32.74 -23.56 -1.33
C MET B 172 32.05 -24.27 -2.49
N ALA B 173 31.73 -23.52 -3.57
CA ALA B 173 31.09 -24.14 -4.73
C ALA B 173 32.03 -25.18 -5.35
N ALA B 174 33.31 -24.85 -5.48
CA ALA B 174 34.28 -25.78 -6.06
C ALA B 174 34.41 -27.05 -5.21
N SER B 175 34.39 -26.90 -3.89
CA SER B 175 34.41 -28.04 -2.97
C SER B 175 33.18 -28.93 -3.17
N VAL B 176 31.99 -28.34 -3.15
CA VAL B 176 30.76 -29.08 -3.33
C VAL B 176 30.86 -29.91 -4.62
N LEU B 177 31.31 -29.28 -5.71
CA LEU B 177 31.35 -29.91 -7.01
C LEU B 177 32.49 -30.93 -7.10
N ALA B 178 33.62 -30.66 -6.44
CA ALA B 178 34.71 -31.61 -6.39
C ALA B 178 34.27 -32.89 -5.69
N CYS B 179 33.59 -32.74 -4.56
CA CYS B 179 33.01 -33.88 -3.87
C CYS B 179 32.11 -34.67 -4.82
N ALA B 180 31.24 -33.96 -5.55
CA ALA B 180 30.29 -34.61 -6.43
C ALA B 180 31.02 -35.40 -7.54
N ARG B 181 32.12 -34.85 -8.06
CA ARG B 181 32.75 -35.50 -9.18
C ARG B 181 33.57 -36.71 -8.71
N LEU B 182 33.86 -36.81 -7.41
CA LEU B 182 34.56 -37.98 -6.90
C LEU B 182 33.58 -39.06 -6.46
N GLY B 183 32.28 -38.74 -6.36
CA GLY B 183 31.27 -39.66 -5.86
C GLY B 183 31.25 -39.72 -4.33
N ALA B 184 31.80 -38.64 -3.72
CA ALA B 184 31.99 -38.51 -2.28
C ALA B 184 30.90 -37.60 -1.71
N PRO B 185 29.88 -38.16 -1.03
CA PRO B 185 28.78 -37.32 -0.56
C PRO B 185 29.33 -36.19 0.29
N HIS B 186 28.84 -34.98 0.02
CA HIS B 186 29.17 -33.84 0.86
C HIS B 186 28.12 -33.67 1.95
N MET B 187 28.56 -32.95 2.99
CA MET B 187 27.77 -32.72 4.19
C MET B 187 28.10 -31.30 4.60
N VAL B 188 27.28 -30.36 4.14
CA VAL B 188 27.54 -28.96 4.39
C VAL B 188 26.88 -28.53 5.70
N VAL B 189 27.67 -27.86 6.56
CA VAL B 189 27.17 -27.27 7.80
C VAL B 189 27.21 -25.74 7.69
N PHE B 190 26.06 -25.13 7.89
CA PHE B 190 25.91 -23.68 7.90
C PHE B 190 26.88 -23.01 8.88
N GLY B 191 27.51 -21.93 8.40
CA GLY B 191 28.53 -21.16 9.11
C GLY B 191 28.07 -20.56 10.43
N GLY B 192 26.75 -20.40 10.61
CA GLY B 192 26.21 -19.87 11.86
C GLY B 192 26.09 -20.89 13.00
N PHE B 193 26.45 -22.17 12.76
CA PHE B 193 26.38 -23.22 13.77
C PHE B 193 27.67 -23.17 14.59
N ALA B 194 27.55 -23.45 15.89
CA ALA B 194 28.68 -23.43 16.78
C ALA B 194 29.21 -24.87 16.92
N ALA B 195 30.16 -25.12 17.81
CA ALA B 195 30.96 -26.35 17.73
C ALA B 195 30.14 -27.62 17.93
N SER B 196 29.25 -27.66 18.91
CA SER B 196 28.51 -28.88 19.23
C SER B 196 27.59 -29.29 18.07
N SER B 197 26.94 -28.32 17.42
CA SER B 197 26.11 -28.63 16.27
C SER B 197 26.95 -29.20 15.13
N LEU B 198 28.19 -28.68 14.99
CA LEU B 198 29.08 -29.11 13.92
C LEU B 198 29.57 -30.54 14.20
N ARG B 199 30.00 -30.76 15.45
CA ARG B 199 30.46 -32.06 15.90
C ARG B 199 29.42 -33.14 15.63
N ASP B 200 28.17 -32.86 15.99
CA ASP B 200 27.11 -33.85 15.97
C ASP B 200 26.83 -34.29 14.54
N ARG B 201 26.88 -33.32 13.60
CA ARG B 201 26.62 -33.60 12.20
C ARG B 201 27.75 -34.46 11.63
N MET B 202 29.00 -34.10 11.92
CA MET B 202 30.15 -34.86 11.47
C MET B 202 30.22 -36.25 12.12
N ASN B 203 29.72 -36.42 13.35
CA ASN B 203 29.80 -37.71 14.01
C ASN B 203 28.68 -38.65 13.55
N ASP B 204 27.45 -38.13 13.36
CA ASP B 204 26.37 -38.95 12.86
C ASP B 204 26.74 -39.56 11.51
N CYS B 205 27.49 -38.83 10.67
CA CYS B 205 27.76 -39.29 9.31
C CYS B 205 29.21 -39.76 9.10
N ASP B 206 30.04 -39.81 10.17
CA ASP B 206 31.41 -40.35 10.19
C ASP B 206 32.26 -39.74 9.06
N ALA B 207 32.31 -38.41 9.05
CA ALA B 207 33.05 -37.63 8.06
C ALA B 207 34.54 -37.92 8.14
N LYS B 208 35.18 -37.95 6.97
CA LYS B 208 36.58 -38.36 6.81
C LYS B 208 37.50 -37.15 6.78
N VAL B 209 37.05 -36.03 6.16
CA VAL B 209 37.78 -34.78 6.14
C VAL B 209 36.80 -33.61 6.26
N LEU B 210 37.36 -32.44 6.60
CA LEU B 210 36.62 -31.20 6.77
C LEU B 210 37.30 -30.15 5.89
N ILE B 211 36.49 -29.47 5.08
CA ILE B 211 36.96 -28.30 4.36
C ILE B 211 36.37 -27.09 5.08
N THR B 212 37.24 -26.17 5.53
CA THR B 212 36.76 -24.99 6.20
C THR B 212 37.60 -23.78 5.79
N ALA B 213 37.52 -22.72 6.58
CA ALA B 213 38.27 -21.49 6.33
C ALA B 213 38.75 -20.86 7.63
N ASP B 214 39.83 -20.09 7.52
CA ASP B 214 40.36 -19.34 8.64
C ASP B 214 39.25 -18.48 9.25
N GLY B 215 38.39 -17.94 8.38
CA GLY B 215 37.22 -17.21 8.85
C GLY B 215 36.33 -16.71 7.70
N GLY B 216 35.22 -16.08 8.08
CA GLY B 216 34.31 -15.46 7.13
C GLY B 216 33.96 -14.06 7.61
N TYR B 217 33.45 -13.22 6.71
CA TYR B 217 32.99 -11.90 7.08
C TYR B 217 31.46 -11.83 7.09
N ARG B 218 30.92 -11.25 8.16
CA ARG B 218 29.51 -10.95 8.30
CA ARG B 218 29.50 -10.96 8.34
C ARG B 218 29.41 -9.53 8.86
N GLY B 219 28.96 -8.62 8.00
CA GLY B 219 28.72 -7.26 8.43
C GLY B 219 29.98 -6.55 8.92
N GLY B 220 31.11 -6.74 8.22
CA GLY B 220 32.39 -6.10 8.55
C GLY B 220 33.19 -6.84 9.64
N LYS B 221 32.63 -7.92 10.24
CA LYS B 221 33.22 -8.60 11.39
C LYS B 221 33.69 -10.00 10.99
N VAL B 222 34.78 -10.45 11.58
CA VAL B 222 35.28 -11.78 11.31
C VAL B 222 34.49 -12.81 12.11
N ILE B 223 34.10 -13.89 11.45
CA ILE B 223 33.51 -15.04 12.09
C ILE B 223 34.59 -16.13 12.14
N GLU B 224 34.88 -16.60 13.36
CA GLU B 224 36.06 -17.40 13.66
C GLU B 224 35.83 -18.88 13.32
N LEU B 225 35.69 -19.18 12.02
CA LEU B 225 35.23 -20.49 11.60
C LEU B 225 36.22 -21.57 12.03
N LYS B 226 37.51 -21.31 11.86
CA LYS B 226 38.55 -22.29 12.12
C LYS B 226 38.65 -22.61 13.61
N LYS B 227 38.43 -21.62 14.47
CA LYS B 227 38.50 -21.82 15.91
C LYS B 227 37.34 -22.70 16.36
N ILE B 228 36.16 -22.45 15.81
CA ILE B 228 35.00 -23.28 16.09
C ILE B 228 35.25 -24.72 15.60
N ALA B 229 35.94 -24.85 14.47
CA ALA B 229 36.19 -26.14 13.85
C ALA B 229 37.15 -26.96 14.70
N ASP B 230 38.06 -26.30 15.44
CA ASP B 230 38.99 -26.97 16.33
C ASP B 230 38.26 -27.56 17.54
N GLU B 231 37.33 -26.80 18.10
CA GLU B 231 36.57 -27.29 19.24
C GLU B 231 35.73 -28.48 18.78
N ALA B 232 35.19 -28.43 17.55
CA ALA B 232 34.41 -29.52 17.00
C ALA B 232 35.27 -30.73 16.69
N VAL B 233 36.46 -30.53 16.09
CA VAL B 233 37.18 -31.64 15.46
C VAL B 233 37.88 -32.48 16.53
N ALA B 234 38.34 -31.84 17.60
CA ALA B 234 38.89 -32.52 18.77
C ALA B 234 38.00 -33.67 19.26
N GLU B 235 36.67 -33.55 19.15
CA GLU B 235 35.76 -34.59 19.59
C GLU B 235 35.08 -35.28 18.39
N THR B 236 35.68 -35.20 17.20
CA THR B 236 35.18 -35.88 16.02
C THR B 236 36.27 -36.85 15.57
N PRO B 237 36.28 -38.10 16.10
CA PRO B 237 37.42 -39.00 15.88
C PRO B 237 37.73 -39.51 14.47
N THR B 238 36.77 -39.42 13.52
CA THR B 238 36.94 -39.92 12.16
C THR B 238 37.62 -38.91 11.24
N ILE B 239 37.76 -37.64 11.68
CA ILE B 239 38.36 -36.59 10.86
C ILE B 239 39.87 -36.82 10.80
N GLU B 240 40.36 -37.12 9.59
CA GLU B 240 41.77 -37.40 9.33
C GLU B 240 42.52 -36.17 8.84
N LYS B 241 41.81 -35.16 8.33
CA LYS B 241 42.45 -34.01 7.74
C LYS B 241 41.51 -32.81 7.69
N VAL B 242 42.09 -31.61 7.84
CA VAL B 242 41.32 -30.37 7.74
C VAL B 242 42.03 -29.45 6.75
N PHE B 243 41.38 -29.24 5.60
CA PHE B 243 41.81 -28.30 4.60
C PHE B 243 41.26 -26.93 4.95
N VAL B 244 42.13 -25.92 4.91
CA VAL B 244 41.74 -24.59 5.34
C VAL B 244 41.89 -23.59 4.22
N GLN B 245 40.80 -22.87 3.90
CA GLN B 245 40.86 -21.80 2.93
C GLN B 245 41.35 -20.51 3.60
N ARG B 246 42.29 -19.84 2.94
CA ARG B 246 42.89 -18.61 3.46
C ARG B 246 42.07 -17.43 2.94
N HIS B 247 41.06 -17.00 3.71
CA HIS B 247 40.08 -16.02 3.27
C HIS B 247 40.21 -14.70 4.04
N THR B 248 40.31 -14.75 5.38
CA THR B 248 40.54 -13.54 6.15
C THR B 248 42.04 -13.25 6.17
N GLY B 249 42.84 -14.33 6.20
CA GLY B 249 44.28 -14.20 6.30
C GLY B 249 44.78 -13.98 7.72
N PHE B 250 43.86 -14.02 8.70
CA PHE B 250 44.28 -13.82 10.09
C PHE B 250 45.05 -15.06 10.55
N GLU B 251 45.97 -14.87 11.50
CA GLU B 251 46.68 -15.97 12.12
C GLU B 251 45.67 -16.83 12.87
N VAL B 252 45.60 -18.11 12.53
CA VAL B 252 44.73 -19.01 13.26
C VAL B 252 45.55 -20.24 13.65
N PRO B 253 45.24 -20.91 14.77
CA PRO B 253 45.98 -22.12 15.14
C PRO B 253 45.86 -23.18 14.03
N MET B 254 47.00 -23.78 13.68
CA MET B 254 47.06 -24.88 12.72
C MET B 254 47.83 -26.03 13.38
N ALA B 255 47.08 -27.11 13.67
CA ALA B 255 47.61 -28.32 14.27
C ALA B 255 48.43 -29.11 13.24
N GLU B 256 49.75 -29.22 13.46
CA GLU B 256 50.65 -29.85 12.52
C GLU B 256 50.24 -31.30 12.25
N GLY B 257 50.28 -31.69 10.97
CA GLY B 257 49.90 -33.04 10.57
C GLY B 257 48.42 -33.14 10.18
N ARG B 258 47.54 -32.40 10.86
CA ARG B 258 46.09 -32.54 10.64
C ARG B 258 45.58 -31.44 9.72
N ASP B 259 46.11 -30.22 9.94
CA ASP B 259 45.58 -29.00 9.35
C ASP B 259 46.55 -28.53 8.28
N VAL B 260 46.03 -28.17 7.11
CA VAL B 260 46.85 -27.66 6.02
C VAL B 260 46.06 -26.60 5.22
N TYR B 261 46.76 -25.58 4.75
CA TYR B 261 46.16 -24.56 3.91
C TYR B 261 45.93 -25.09 2.50
N LEU B 262 44.71 -24.91 1.98
CA LEU B 262 44.36 -25.29 0.62
C LEU B 262 45.30 -24.63 -0.40
N ASP B 263 45.73 -23.38 -0.17
CA ASP B 263 46.48 -22.67 -1.20
C ASP B 263 47.90 -23.24 -1.34
N VAL B 264 48.46 -23.76 -0.24
CA VAL B 264 49.75 -24.45 -0.22
C VAL B 264 49.66 -25.75 -1.04
N LEU B 265 48.61 -26.55 -0.82
CA LEU B 265 48.44 -27.77 -1.58
C LEU B 265 48.21 -27.44 -3.05
N LEU B 266 47.38 -26.42 -3.33
CA LEU B 266 46.97 -26.13 -4.70
C LEU B 266 48.14 -25.61 -5.52
N ASN B 267 49.15 -25.10 -4.81
CA ASN B 267 50.39 -24.63 -5.38
C ASN B 267 51.10 -25.69 -6.24
N ASP B 268 51.01 -26.97 -5.85
CA ASP B 268 51.71 -28.06 -6.51
C ASP B 268 50.77 -28.85 -7.43
N ILE B 269 49.70 -28.21 -7.88
CA ILE B 269 48.66 -28.86 -8.66
C ILE B 269 48.49 -28.01 -9.92
N PRO B 270 49.03 -28.46 -11.07
CA PRO B 270 48.98 -27.65 -12.31
C PRO B 270 47.57 -27.26 -12.77
N GLU B 271 47.49 -26.18 -13.54
CA GLU B 271 46.25 -25.66 -14.09
C GLU B 271 45.52 -26.63 -15.01
N ASP B 272 46.23 -27.54 -15.67
CA ASP B 272 45.61 -28.44 -16.64
C ASP B 272 45.27 -29.81 -16.02
N THR B 273 45.37 -29.93 -14.68
CA THR B 273 44.99 -31.15 -13.98
C THR B 273 43.55 -31.50 -14.28
N VAL B 274 43.30 -32.76 -14.60
CA VAL B 274 41.94 -33.22 -14.88
C VAL B 274 41.65 -34.48 -14.07
N VAL B 275 40.58 -34.41 -13.27
CA VAL B 275 40.04 -35.56 -12.59
C VAL B 275 38.71 -35.89 -13.26
N PRO B 276 38.65 -36.96 -14.09
CA PRO B 276 37.40 -37.30 -14.79
C PRO B 276 36.29 -37.55 -13.78
N CYS B 277 35.04 -37.17 -14.15
CA CYS B 277 33.88 -37.41 -13.29
C CYS B 277 33.71 -38.91 -13.13
N GLU B 278 33.66 -39.37 -11.88
CA GLU B 278 33.35 -40.74 -11.57
C GLU B 278 31.94 -41.07 -12.04
N PRO B 279 31.72 -42.04 -12.96
CA PRO B 279 30.35 -42.35 -13.38
C PRO B 279 29.66 -43.16 -12.29
N VAL B 280 28.72 -42.53 -11.57
CA VAL B 280 28.02 -43.18 -10.48
C VAL B 280 26.62 -43.62 -10.91
N ASP B 281 26.01 -44.51 -10.12
CA ASP B 281 24.64 -44.92 -10.35
C ASP B 281 23.75 -43.71 -10.09
N SER B 282 22.61 -43.66 -10.80
CA SER B 282 21.62 -42.63 -10.62
C SER B 282 21.15 -42.55 -9.17
N GLU B 283 21.22 -43.67 -8.43
CA GLU B 283 20.83 -43.69 -7.03
C GLU B 283 22.02 -43.59 -6.05
N ASP B 284 23.25 -43.27 -6.49
CA ASP B 284 24.37 -43.13 -5.54
C ASP B 284 24.22 -41.81 -4.77
N MET B 285 24.71 -41.76 -3.53
CA MET B 285 24.51 -40.59 -2.69
C MET B 285 25.23 -39.39 -3.29
N LEU B 286 24.54 -38.24 -3.32
CA LEU B 286 25.13 -36.97 -3.65
C LEU B 286 25.50 -36.22 -2.39
N TYR B 287 24.55 -36.11 -1.43
CA TYR B 287 24.82 -35.37 -0.21
C TYR B 287 23.87 -35.70 0.94
N ILE B 288 24.25 -35.19 2.11
CA ILE B 288 23.51 -35.33 3.35
C ILE B 288 23.35 -33.93 3.90
N LEU B 289 22.12 -33.57 4.25
CA LEU B 289 21.83 -32.30 4.87
C LEU B 289 21.00 -32.54 6.14
N TYR B 290 21.58 -32.17 7.29
CA TYR B 290 20.90 -32.35 8.57
C TYR B 290 19.79 -31.32 8.72
N THR B 291 18.60 -31.81 9.05
CA THR B 291 17.44 -30.98 9.27
C THR B 291 16.80 -31.38 10.60
N SER B 292 16.18 -30.42 11.28
CA SER B 292 15.59 -30.66 12.59
C SER B 292 14.15 -31.13 12.43
N GLY B 293 13.91 -32.37 12.87
CA GLY B 293 12.60 -32.98 12.86
C GLY B 293 12.01 -32.92 14.26
N SER B 294 11.75 -34.09 14.85
CA SER B 294 10.99 -34.17 16.09
C SER B 294 11.62 -35.15 17.08
N THR B 295 12.95 -35.30 16.98
CA THR B 295 13.74 -35.96 18.02
C THR B 295 14.85 -34.99 18.44
N GLY B 296 15.59 -35.39 19.50
CA GLY B 296 16.67 -34.58 20.06
C GLY B 296 17.82 -34.40 19.09
N LYS B 297 18.05 -35.41 18.25
CA LYS B 297 19.07 -35.38 17.20
C LYS B 297 18.46 -34.83 15.90
N PRO B 298 19.19 -33.98 15.16
CA PRO B 298 18.84 -33.74 13.75
C PRO B 298 19.08 -34.97 12.87
N LYS B 299 18.41 -34.99 11.70
CA LYS B 299 18.31 -36.13 10.82
C LYS B 299 18.99 -35.80 9.50
N GLY B 300 19.86 -36.72 9.07
CA GLY B 300 20.59 -36.61 7.81
C GLY B 300 19.73 -36.93 6.59
N VAL B 301 19.22 -35.91 5.91
CA VAL B 301 18.41 -36.14 4.73
C VAL B 301 19.33 -36.50 3.57
N VAL B 302 19.08 -37.64 2.90
CA VAL B 302 19.96 -38.16 1.86
C VAL B 302 19.36 -37.90 0.48
N HIS B 303 20.13 -37.20 -0.36
CA HIS B 303 19.79 -36.97 -1.76
C HIS B 303 20.77 -37.71 -2.65
N VAL B 304 20.33 -38.03 -3.88
CA VAL B 304 21.10 -38.83 -4.83
C VAL B 304 21.28 -38.05 -6.12
N HIS B 305 22.22 -38.48 -6.98
CA HIS B 305 22.64 -37.75 -8.18
C HIS B 305 21.52 -37.59 -9.21
N GLY B 306 20.87 -38.70 -9.59
CA GLY B 306 20.13 -38.73 -10.83
C GLY B 306 18.81 -37.96 -10.73
N GLY B 307 17.88 -38.52 -9.96
CA GLY B 307 16.57 -37.90 -9.76
C GLY B 307 16.70 -36.47 -9.27
N TYR B 308 17.60 -36.22 -8.30
CA TYR B 308 17.76 -34.88 -7.78
C TYR B 308 18.15 -33.90 -8.88
N ALA B 309 19.11 -34.27 -9.73
CA ALA B 309 19.52 -33.40 -10.82
C ALA B 309 18.34 -33.05 -11.73
N VAL B 310 17.57 -34.08 -12.12
CA VAL B 310 16.52 -33.88 -13.09
C VAL B 310 15.45 -32.96 -12.49
N GLY B 311 15.14 -33.19 -11.20
CA GLY B 311 14.16 -32.40 -10.49
C GLY B 311 14.56 -30.93 -10.39
N CYS B 312 15.79 -30.67 -9.95
CA CYS B 312 16.30 -29.30 -9.81
C CYS B 312 16.44 -28.58 -11.15
N TYR B 313 16.93 -29.31 -12.17
CA TYR B 313 17.00 -28.81 -13.53
C TYR B 313 15.62 -28.36 -14.00
N ALA B 314 14.63 -29.26 -13.90
CA ALA B 314 13.33 -29.00 -14.47
C ALA B 314 12.63 -27.85 -13.75
N THR B 315 12.70 -27.85 -12.42
CA THR B 315 11.98 -26.84 -11.66
C THR B 315 12.61 -25.48 -11.91
N THR B 316 13.94 -25.42 -11.85
CA THR B 316 14.65 -24.18 -12.17
C THR B 316 14.19 -23.68 -13.55
N LYS B 317 14.22 -24.57 -14.56
CA LYS B 317 13.89 -24.16 -15.92
C LYS B 317 12.48 -23.56 -16.04
N PHE B 318 11.50 -24.15 -15.33
CA PHE B 318 10.11 -23.79 -15.54
C PHE B 318 9.64 -22.66 -14.63
N VAL B 319 10.05 -22.69 -13.36
CA VAL B 319 9.59 -21.70 -12.39
C VAL B 319 10.31 -20.37 -12.65
N PHE B 320 11.65 -20.42 -12.72
CA PHE B 320 12.47 -19.23 -12.90
C PHE B 320 12.75 -18.94 -14.37
N ASP B 321 12.20 -19.77 -15.29
CA ASP B 321 12.14 -19.43 -16.70
C ASP B 321 13.49 -19.03 -17.26
N ILE B 322 14.56 -19.74 -16.86
CA ILE B 322 15.93 -19.34 -17.16
C ILE B 322 16.18 -19.30 -18.67
N LYS B 323 16.76 -18.20 -19.15
CA LYS B 323 17.22 -18.09 -20.53
C LYS B 323 18.74 -17.89 -20.58
N PRO B 324 19.36 -18.04 -21.76
CA PRO B 324 20.78 -17.68 -21.93
C PRO B 324 21.22 -16.31 -21.46
N SER B 325 20.37 -15.28 -21.57
CA SER B 325 20.75 -13.92 -21.17
C SER B 325 20.66 -13.68 -19.66
N ASP B 326 20.12 -14.63 -18.87
CA ASP B 326 19.70 -14.33 -17.51
C ASP B 326 20.84 -14.36 -16.50
N VAL B 327 20.83 -13.38 -15.58
CA VAL B 327 21.59 -13.45 -14.35
C VAL B 327 20.61 -13.75 -13.21
N PHE B 328 20.96 -14.77 -12.42
CA PHE B 328 20.13 -15.30 -11.37
C PHE B 328 20.75 -15.10 -10.00
N TRP B 329 19.92 -14.72 -9.01
CA TRP B 329 20.40 -14.59 -7.65
C TRP B 329 19.40 -15.13 -6.63
N CYS B 330 19.78 -16.25 -6.02
CA CYS B 330 19.14 -16.79 -4.83
C CYS B 330 19.93 -16.29 -3.63
N THR B 331 19.28 -15.68 -2.66
CA THR B 331 19.99 -15.05 -1.56
C THR B 331 20.20 -16.05 -0.43
N ALA B 332 19.76 -17.29 -0.60
CA ALA B 332 19.88 -18.27 0.47
C ALA B 332 21.34 -18.70 0.63
N ASP B 333 21.68 -19.07 1.86
CA ASP B 333 22.98 -19.62 2.17
C ASP B 333 23.10 -21.05 1.64
N ILE B 334 24.31 -21.46 1.29
CA ILE B 334 24.49 -22.79 0.78
C ILE B 334 24.41 -23.81 1.92
N GLY B 335 24.48 -23.34 3.17
CA GLY B 335 24.25 -24.23 4.31
C GLY B 335 22.85 -24.89 4.36
N TRP B 336 21.90 -24.40 3.52
CA TRP B 336 20.51 -24.84 3.53
C TRP B 336 20.12 -25.42 2.16
N VAL B 337 19.01 -26.16 2.13
CA VAL B 337 18.69 -26.90 0.93
C VAL B 337 18.48 -25.89 -0.22
N THR B 338 17.94 -24.71 0.10
CA THR B 338 17.64 -23.73 -0.94
C THR B 338 18.92 -23.39 -1.70
N GLY B 339 20.05 -23.31 -0.99
CA GLY B 339 21.33 -22.97 -1.58
C GLY B 339 21.89 -24.13 -2.41
N HIS B 340 21.62 -25.36 -1.96
CA HIS B 340 22.06 -26.52 -2.72
C HIS B 340 21.32 -26.59 -4.05
N SER B 341 19.99 -26.63 -4.00
CA SER B 341 19.16 -26.87 -5.18
C SER B 341 19.10 -25.65 -6.10
N TYR B 342 19.06 -24.43 -5.55
CA TYR B 342 18.79 -23.25 -6.35
C TYR B 342 19.89 -22.18 -6.21
N THR B 343 21.09 -22.53 -5.73
CA THR B 343 22.24 -21.69 -6.03
C THR B 343 23.24 -22.47 -6.87
N ILE B 344 23.59 -23.67 -6.45
CA ILE B 344 24.55 -24.42 -7.23
C ILE B 344 23.88 -25.28 -8.32
N TYR B 345 23.09 -26.30 -7.96
CA TYR B 345 22.89 -27.40 -8.87
C TYR B 345 21.93 -27.02 -9.98
N GLY B 346 20.76 -26.54 -9.60
CA GLY B 346 19.73 -26.26 -10.57
C GLY B 346 20.15 -25.18 -11.55
N PRO B 347 20.59 -23.99 -11.07
CA PRO B 347 21.09 -22.94 -11.95
C PRO B 347 22.23 -23.33 -12.89
N MET B 348 23.22 -24.10 -12.41
CA MET B 348 24.34 -24.46 -13.25
C MET B 348 23.95 -25.47 -14.34
N MET B 349 22.94 -26.31 -14.10
CA MET B 349 22.49 -27.22 -15.15
C MET B 349 21.65 -26.47 -16.19
N ASN B 350 21.20 -25.23 -15.87
CA ASN B 350 20.58 -24.35 -16.85
C ASN B 350 21.59 -23.36 -17.44
N ALA B 351 22.86 -23.45 -17.00
CA ALA B 351 23.95 -22.65 -17.55
C ALA B 351 23.76 -21.15 -17.27
N ALA B 352 23.15 -20.84 -16.13
CA ALA B 352 22.91 -19.47 -15.72
C ALA B 352 24.20 -18.82 -15.20
N SER B 353 24.22 -17.49 -15.23
CA SER B 353 25.18 -16.73 -14.46
C SER B 353 24.55 -16.44 -13.10
N ILE B 354 25.27 -16.81 -12.05
CA ILE B 354 24.73 -16.92 -10.71
C ILE B 354 25.46 -15.94 -9.79
N VAL B 355 24.71 -15.10 -9.06
CA VAL B 355 25.30 -14.28 -8.01
C VAL B 355 25.50 -15.10 -6.74
N LEU B 356 26.64 -14.86 -6.08
CA LEU B 356 27.05 -15.53 -4.86
C LEU B 356 27.61 -14.49 -3.89
N PHE B 357 26.81 -14.17 -2.87
CA PHE B 357 27.07 -13.05 -1.98
C PHE B 357 27.51 -13.55 -0.60
N GLU B 358 28.65 -13.06 -0.12
CA GLU B 358 29.19 -13.52 1.17
C GLU B 358 28.33 -12.98 2.31
N GLY B 359 27.80 -11.77 2.12
CA GLY B 359 27.38 -10.95 3.25
C GLY B 359 25.90 -11.02 3.58
N ILE B 360 25.40 -9.91 4.16
CA ILE B 360 24.08 -9.80 4.74
C ILE B 360 23.37 -8.59 4.15
N PRO B 361 22.03 -8.54 4.25
CA PRO B 361 21.22 -7.47 3.69
C PRO B 361 21.46 -6.05 4.15
N THR B 362 22.07 -5.86 5.33
CA THR B 362 22.05 -4.56 5.99
C THR B 362 23.43 -3.90 6.09
N TYR B 363 24.47 -4.55 5.58
CA TYR B 363 25.84 -4.04 5.69
C TYR B 363 26.37 -3.81 4.27
N PRO B 364 26.94 -2.63 3.94
CA PRO B 364 27.15 -1.53 4.88
C PRO B 364 25.90 -0.74 5.25
N ALA B 365 24.90 -0.78 4.36
CA ALA B 365 23.60 -0.16 4.60
C ALA B 365 22.50 -1.09 4.09
N ALA B 366 21.22 -0.73 4.37
CA ALA B 366 20.10 -1.63 4.12
C ALA B 366 19.60 -1.64 2.66
N ASP B 367 20.35 -0.99 1.76
CA ASP B 367 20.10 -1.09 0.34
C ASP B 367 21.10 -2.01 -0.36
N ARG B 368 21.86 -2.82 0.39
CA ARG B 368 22.87 -3.68 -0.22
C ARG B 368 22.29 -4.57 -1.31
N PHE B 369 21.19 -5.28 -1.03
CA PHE B 369 20.59 -6.18 -2.01
C PHE B 369 20.36 -5.47 -3.35
N TRP B 370 19.89 -4.22 -3.29
CA TRP B 370 19.53 -3.50 -4.50
C TRP B 370 20.79 -2.98 -5.22
N SER B 371 21.85 -2.64 -4.46
CA SER B 371 23.19 -2.42 -5.04
C SER B 371 23.65 -3.62 -5.87
N ILE B 372 23.47 -4.83 -5.32
CA ILE B 372 23.89 -6.03 -6.01
C ILE B 372 23.03 -6.23 -7.26
N VAL B 373 21.72 -6.01 -7.19
CA VAL B 373 20.90 -6.21 -8.37
C VAL B 373 21.34 -5.29 -9.51
N GLU B 374 21.57 -4.01 -9.19
CA GLU B 374 22.03 -3.02 -10.15
C GLU B 374 23.44 -3.36 -10.66
N LYS B 375 24.35 -3.76 -9.77
CA LYS B 375 25.75 -3.98 -10.13
C LYS B 375 25.85 -5.11 -11.14
N TYR B 376 25.06 -6.19 -10.96
CA TYR B 376 25.17 -7.35 -11.84
C TYR B 376 24.02 -7.41 -12.85
N LYS B 377 23.13 -6.41 -12.90
CA LYS B 377 21.95 -6.52 -13.75
C LYS B 377 21.25 -7.86 -13.55
N VAL B 378 20.92 -8.17 -12.30
CA VAL B 378 20.21 -9.39 -11.96
C VAL B 378 18.82 -9.35 -12.57
N ASN B 379 18.39 -10.51 -13.10
CA ASN B 379 17.13 -10.67 -13.82
C ASN B 379 16.12 -11.44 -12.98
N ILE B 380 16.62 -12.38 -12.18
CA ILE B 380 15.80 -13.20 -11.32
C ILE B 380 16.37 -13.15 -9.92
N ILE B 381 15.52 -12.84 -8.92
CA ILE B 381 15.93 -12.86 -7.53
C ILE B 381 14.96 -13.72 -6.73
N TYR B 382 15.53 -14.61 -5.92
CA TYR B 382 14.79 -15.59 -5.14
C TYR B 382 15.23 -15.43 -3.70
N THR B 383 14.46 -14.73 -2.88
CA THR B 383 14.87 -14.40 -1.52
C THR B 383 13.84 -14.97 -0.56
N ALA B 384 13.92 -14.54 0.71
CA ALA B 384 13.07 -15.09 1.76
C ALA B 384 12.25 -13.96 2.38
N PRO B 385 11.07 -14.27 2.94
CA PRO B 385 10.30 -13.25 3.66
C PRO B 385 11.01 -12.60 4.85
N THR B 386 11.98 -13.30 5.45
CA THR B 386 12.74 -12.70 6.55
C THR B 386 13.46 -11.44 6.04
N ALA B 387 14.10 -11.56 4.87
CA ALA B 387 14.79 -10.45 4.24
C ALA B 387 13.81 -9.33 3.90
N ILE B 388 12.68 -9.69 3.33
CA ILE B 388 11.78 -8.65 2.86
C ILE B 388 11.21 -7.89 4.05
N ARG B 389 10.84 -8.59 5.13
CA ARG B 389 10.33 -7.92 6.33
C ARG B 389 11.41 -7.05 6.97
N SER B 390 12.64 -7.57 7.06
CA SER B 390 13.74 -6.79 7.58
C SER B 390 13.88 -5.47 6.81
N LEU B 391 13.94 -5.53 5.48
CA LEU B 391 14.15 -4.32 4.70
C LEU B 391 12.93 -3.39 4.71
N MET B 392 11.70 -3.91 4.86
CA MET B 392 10.51 -3.06 4.81
C MET B 392 10.60 -2.00 5.90
N ARG B 393 11.30 -2.30 7.02
CA ARG B 393 11.40 -1.35 8.12
C ARG B 393 12.16 -0.09 7.73
N PHE B 394 13.06 -0.15 6.74
CA PHE B 394 13.91 0.98 6.43
C PHE B 394 13.35 1.93 5.35
N GLY B 395 12.16 1.69 4.80
CA GLY B 395 11.54 2.65 3.88
C GLY B 395 11.69 2.26 2.40
N GLU B 396 10.93 2.95 1.54
CA GLU B 396 10.86 2.67 0.12
C GLU B 396 11.86 3.51 -0.68
N GLU B 397 12.47 4.51 -0.03
CA GLU B 397 13.53 5.33 -0.58
C GLU B 397 14.78 4.51 -0.91
N LEU B 398 15.11 3.52 -0.07
CA LEU B 398 16.35 2.76 -0.27
C LEU B 398 16.34 2.02 -1.61
N PRO B 399 15.33 1.17 -1.96
CA PRO B 399 15.31 0.56 -3.29
C PRO B 399 15.14 1.57 -4.42
N ALA B 400 14.48 2.70 -4.17
CA ALA B 400 14.23 3.66 -5.23
C ALA B 400 15.51 4.42 -5.61
N ARG B 401 16.58 4.31 -4.82
CA ARG B 401 17.87 4.91 -5.17
C ARG B 401 18.66 4.03 -6.15
N HIS B 402 18.19 2.81 -6.46
CA HIS B 402 18.90 1.93 -7.39
C HIS B 402 18.02 1.61 -8.59
N ASP B 403 18.64 1.21 -9.70
CA ASP B 403 17.93 0.81 -10.90
C ASP B 403 17.71 -0.69 -10.83
N LEU B 404 16.44 -1.09 -10.80
CA LEU B 404 16.08 -2.48 -10.58
C LEU B 404 15.41 -3.01 -11.83
N SER B 405 15.44 -2.23 -12.91
CA SER B 405 14.73 -2.53 -14.15
C SER B 405 15.24 -3.80 -14.87
N SER B 406 16.40 -4.33 -14.50
CA SER B 406 16.86 -5.58 -15.07
C SER B 406 15.99 -6.77 -14.59
N LEU B 407 15.35 -6.65 -13.41
CA LEU B 407 14.55 -7.72 -12.86
C LEU B 407 13.31 -7.97 -13.73
N ARG B 408 13.08 -9.25 -13.99
CA ARG B 408 11.85 -9.70 -14.65
C ARG B 408 11.14 -10.81 -13.86
N ILE B 409 11.75 -11.44 -12.84
CA ILE B 409 11.08 -12.43 -12.01
C ILE B 409 11.52 -12.30 -10.54
N LEU B 410 10.56 -12.35 -9.63
CA LEU B 410 10.83 -12.30 -8.20
C LEU B 410 10.39 -13.62 -7.62
N GLY B 411 10.99 -14.00 -6.50
CA GLY B 411 10.64 -15.25 -5.86
C GLY B 411 10.81 -15.14 -4.35
N THR B 412 10.11 -16.03 -3.67
CA THR B 412 10.10 -16.07 -2.22
C THR B 412 9.93 -17.54 -1.80
N VAL B 413 10.64 -17.90 -0.74
CA VAL B 413 10.69 -19.26 -0.25
C VAL B 413 10.90 -19.29 1.26
N GLY B 414 10.39 -20.35 1.90
CA GLY B 414 10.79 -20.78 3.23
C GLY B 414 9.69 -20.58 4.28
N GLU B 415 8.76 -19.67 4.04
CA GLU B 415 7.75 -19.34 5.04
C GLU B 415 6.58 -18.61 4.38
N PRO B 416 5.45 -18.48 5.10
CA PRO B 416 4.34 -17.69 4.59
C PRO B 416 4.83 -16.26 4.40
N ILE B 417 4.41 -15.65 3.30
CA ILE B 417 4.60 -14.23 3.10
C ILE B 417 3.27 -13.53 3.32
N ASN B 418 3.22 -12.69 4.33
CA ASN B 418 2.00 -11.96 4.64
C ASN B 418 1.71 -11.01 3.47
N PRO B 419 0.41 -10.72 3.20
CA PRO B 419 0.02 -9.82 2.12
C PRO B 419 0.71 -8.45 2.01
N GLU B 420 0.90 -7.78 3.15
CA GLU B 420 1.56 -6.48 3.20
C GLU B 420 2.94 -6.56 2.55
N ALA B 421 3.72 -7.59 2.91
CA ALA B 421 5.07 -7.81 2.37
C ALA B 421 5.03 -8.15 0.88
N TRP B 422 4.07 -8.97 0.49
CA TRP B 422 3.97 -9.39 -0.89
C TRP B 422 3.75 -8.15 -1.76
N MET B 423 2.94 -7.21 -1.27
CA MET B 423 2.60 -6.01 -2.00
C MET B 423 3.81 -5.08 -1.98
N TRP B 424 4.54 -5.07 -0.85
CA TRP B 424 5.71 -4.22 -0.76
C TRP B 424 6.74 -4.68 -1.79
N TYR B 425 6.93 -6.00 -1.91
CA TYR B 425 7.90 -6.57 -2.83
C TYR B 425 7.47 -6.28 -4.27
N ARG B 426 6.19 -6.49 -4.55
CA ARG B 426 5.69 -6.36 -5.92
C ARG B 426 5.80 -4.89 -6.34
N LYS B 427 5.40 -3.97 -5.47
CA LYS B 427 5.39 -2.54 -5.75
C LYS B 427 6.79 -1.94 -5.86
N ASN B 428 7.70 -2.22 -4.91
CA ASN B 428 8.97 -1.50 -4.82
C ASN B 428 10.11 -2.19 -5.56
N ILE B 429 10.09 -3.52 -5.58
CA ILE B 429 11.13 -4.29 -6.25
C ILE B 429 10.66 -4.73 -7.63
N GLY B 430 9.34 -4.88 -7.86
CA GLY B 430 8.81 -5.37 -9.13
C GLY B 430 7.96 -4.36 -9.91
N HIS B 431 8.04 -3.07 -9.56
CA HIS B 431 7.30 -1.97 -10.22
C HIS B 431 5.85 -2.34 -10.55
N ASN B 432 5.14 -2.96 -9.60
CA ASN B 432 3.74 -3.39 -9.75
C ASN B 432 3.48 -4.15 -11.05
N GLU B 433 4.41 -5.02 -11.45
CA GLU B 433 4.27 -5.75 -12.69
C GLU B 433 4.80 -7.18 -12.57
N LEU B 434 5.96 -7.32 -11.91
CA LEU B 434 6.68 -8.57 -11.98
C LEU B 434 5.94 -9.62 -11.17
N PRO B 435 5.91 -10.87 -11.64
CA PRO B 435 5.35 -11.96 -10.85
C PRO B 435 6.26 -12.35 -9.67
N ILE B 436 5.61 -12.79 -8.58
CA ILE B 436 6.25 -13.35 -7.40
C ILE B 436 6.00 -14.85 -7.33
N MET B 437 7.07 -15.63 -7.49
CA MET B 437 7.04 -17.08 -7.41
C MET B 437 7.19 -17.46 -5.95
N ASP B 438 6.05 -17.59 -5.27
CA ASP B 438 5.99 -18.09 -3.90
C ASP B 438 6.08 -19.61 -3.93
N THR B 439 7.24 -20.19 -3.57
CA THR B 439 7.51 -21.61 -3.74
C THR B 439 7.42 -22.32 -2.40
N TRP B 440 6.58 -23.35 -2.34
CA TRP B 440 6.54 -24.27 -1.23
C TRP B 440 7.34 -25.54 -1.54
N TRP B 441 8.17 -25.94 -0.57
CA TRP B 441 8.90 -27.18 -0.62
C TRP B 441 9.71 -27.33 0.68
N GLN B 442 10.46 -28.42 0.82
CA GLN B 442 11.14 -28.72 2.06
C GLN B 442 12.45 -29.42 1.72
N THR B 443 13.32 -29.57 2.73
CA THR B 443 14.60 -30.23 2.58
C THR B 443 14.38 -31.64 2.05
N GLU B 444 13.35 -32.29 2.59
CA GLU B 444 13.02 -33.67 2.25
C GLU B 444 12.55 -33.79 0.80
N THR B 445 11.99 -32.73 0.19
CA THR B 445 11.44 -32.82 -1.15
C THR B 445 12.50 -32.56 -2.20
N GLY B 446 13.62 -31.93 -1.84
CA GLY B 446 14.75 -31.78 -2.76
C GLY B 446 14.55 -30.67 -3.78
N MET B 447 13.33 -30.53 -4.28
CA MET B 447 13.00 -29.54 -5.31
C MET B 447 11.68 -28.86 -4.96
N ILE B 448 11.39 -27.75 -5.62
CA ILE B 448 10.12 -27.05 -5.51
C ILE B 448 9.00 -28.02 -5.90
N LEU B 449 7.88 -28.03 -5.16
CA LEU B 449 6.73 -28.87 -5.44
C LEU B 449 5.47 -28.05 -5.77
N ILE B 450 5.22 -26.96 -5.06
CA ILE B 450 4.01 -26.18 -5.29
C ILE B 450 4.41 -24.72 -5.49
N SER B 451 4.12 -24.16 -6.66
CA SER B 451 4.67 -22.87 -6.99
C SER B 451 3.98 -22.34 -8.22
N PRO B 452 3.82 -21.01 -8.37
CA PRO B 452 3.44 -20.45 -9.67
C PRO B 452 4.58 -20.74 -10.64
N THR B 453 4.23 -20.84 -11.93
CA THR B 453 5.16 -20.57 -13.02
C THR B 453 4.83 -19.17 -13.54
N PRO B 454 5.59 -18.62 -14.51
CA PRO B 454 5.24 -17.32 -15.08
C PRO B 454 3.88 -17.19 -15.79
N ILE B 455 3.20 -18.30 -16.10
CA ILE B 455 1.97 -18.25 -16.87
C ILE B 455 0.71 -18.25 -16.00
N LEU B 456 0.87 -18.36 -14.68
CA LEU B 456 -0.26 -18.46 -13.76
C LEU B 456 -0.57 -17.08 -13.17
N PRO B 457 -1.84 -16.68 -13.12
CA PRO B 457 -2.22 -15.50 -12.36
C PRO B 457 -1.98 -15.81 -10.88
N LEU B 458 -1.61 -14.76 -10.13
CA LEU B 458 -1.12 -14.89 -8.78
C LEU B 458 -2.13 -14.35 -7.77
N LYS B 459 -2.13 -14.96 -6.57
CA LYS B 459 -2.83 -14.45 -5.41
C LYS B 459 -1.84 -14.20 -4.29
N PRO B 460 -1.87 -13.02 -3.65
CA PRO B 460 -0.95 -12.69 -2.56
C PRO B 460 -0.97 -13.69 -1.42
N GLY B 461 0.20 -14.24 -1.07
CA GLY B 461 0.30 -15.14 0.07
C GLY B 461 0.01 -16.61 -0.27
N SER B 462 -0.16 -16.91 -1.57
CA SER B 462 -0.55 -18.23 -2.02
C SER B 462 0.54 -18.87 -2.85
N ALA B 463 0.84 -20.15 -2.55
CA ALA B 463 1.81 -20.91 -3.34
C ALA B 463 1.22 -21.38 -4.68
N SER B 464 -0.06 -21.08 -4.96
CA SER B 464 -0.59 -21.34 -6.29
C SER B 464 -0.83 -22.85 -6.50
N ARG B 465 -0.49 -23.36 -7.69
CA ARG B 465 -0.85 -24.72 -8.06
C ARG B 465 0.35 -25.67 -7.99
N PRO B 466 0.15 -26.99 -7.90
CA PRO B 466 1.28 -27.92 -7.99
C PRO B 466 2.02 -27.80 -9.33
N LEU B 467 3.34 -28.04 -9.31
CA LEU B 467 4.13 -28.20 -10.53
C LEU B 467 3.75 -29.49 -11.25
N PRO B 468 4.13 -29.67 -12.53
CA PRO B 468 3.71 -30.83 -13.30
C PRO B 468 4.08 -32.13 -12.59
N THR B 469 3.11 -33.05 -12.51
CA THR B 469 3.28 -34.43 -12.03
C THR B 469 3.11 -34.52 -10.53
N ILE B 470 2.93 -33.39 -9.82
CA ILE B 470 2.88 -33.40 -8.37
C ILE B 470 1.43 -33.48 -7.92
N GLU B 471 1.05 -34.59 -7.29
CA GLU B 471 -0.34 -34.74 -6.90
C GLU B 471 -0.52 -34.34 -5.43
N ALA B 472 -0.71 -33.04 -5.19
CA ALA B 472 -0.93 -32.50 -3.86
C ALA B 472 -2.42 -32.46 -3.56
N ASP B 473 -2.77 -32.55 -2.27
CA ASP B 473 -4.15 -32.48 -1.83
C ASP B 473 -4.09 -32.10 -0.36
N VAL B 474 -5.23 -31.63 0.17
CA VAL B 474 -5.39 -31.36 1.59
C VAL B 474 -6.40 -32.38 2.13
N VAL B 475 -6.03 -33.09 3.19
CA VAL B 475 -6.84 -34.21 3.69
C VAL B 475 -6.99 -34.13 5.19
N ASN B 476 -7.84 -34.97 5.78
CA ASN B 476 -7.92 -35.12 7.23
C ASN B 476 -7.04 -36.31 7.64
N LYS B 477 -7.08 -36.67 8.92
CA LYS B 477 -6.23 -37.71 9.49
C LYS B 477 -6.45 -39.06 8.79
N ASP B 478 -7.61 -39.28 8.17
CA ASP B 478 -7.95 -40.56 7.54
C ASP B 478 -7.56 -40.59 6.07
N GLY B 479 -7.15 -39.45 5.49
CA GLY B 479 -6.83 -39.39 4.07
C GLY B 479 -7.97 -38.82 3.22
N LYS B 480 -9.07 -38.45 3.89
CA LYS B 480 -10.24 -37.91 3.22
C LYS B 480 -9.99 -36.47 2.75
N PRO B 481 -10.19 -36.15 1.45
CA PRO B 481 -10.08 -34.78 0.96
C PRO B 481 -11.11 -33.94 1.69
N VAL B 482 -10.68 -32.80 2.21
CA VAL B 482 -11.55 -31.95 2.99
C VAL B 482 -12.28 -31.00 2.04
N GLY B 483 -11.75 -30.83 0.83
CA GLY B 483 -12.42 -30.09 -0.21
C GLY B 483 -12.18 -28.58 -0.05
N PRO B 484 -12.71 -27.75 -0.97
CA PRO B 484 -12.42 -26.31 -1.00
C PRO B 484 -12.63 -25.56 0.31
N GLU B 485 -11.58 -24.83 0.72
CA GLU B 485 -11.66 -23.77 1.71
C GLU B 485 -11.71 -24.34 3.12
N NEP B 486 -11.38 -25.62 3.31
CA NEP B 486 -11.26 -26.20 4.64
C NEP B 486 -9.79 -26.52 4.92
O NEP B 486 -9.03 -26.87 4.01
CB NEP B 486 -12.15 -27.44 4.83
CG NEP B 486 -13.61 -27.16 4.69
ND1 NEP B 486 -14.30 -27.68 3.60
CD2 NEP B 486 -14.46 -26.40 5.45
CE1 NEP B 486 -15.54 -27.24 3.70
NE2 NEP B 486 -15.71 -26.46 4.81
P NEP B 486 -17.22 -25.72 5.22
O1P NEP B 486 -18.38 -26.70 5.13
O2P NEP B 486 -17.16 -25.18 6.64
O3P NEP B 486 -17.37 -24.64 4.17
H NEP B 486 -11.21 -26.15 2.59
HA NEP B 486 -11.55 -25.51 5.30
HB2 NEP B 486 -11.88 -28.12 4.18
HB3 NEP B 486 -11.98 -27.80 5.73
HD2 NEP B 486 -14.25 -25.91 6.23
HE1 NEP B 486 -16.22 -27.46 3.11
N GLY B 487 -9.40 -26.37 6.19
CA GLY B 487 -8.07 -26.70 6.67
C GLY B 487 -7.88 -28.22 6.81
N GLY B 488 -6.65 -28.64 6.51
CA GLY B 488 -6.25 -30.02 6.65
C GLY B 488 -4.74 -30.14 6.52
N PHE B 489 -4.31 -31.39 6.34
CA PHE B 489 -2.91 -31.72 6.16
C PHE B 489 -2.61 -31.74 4.67
N LEU B 490 -1.50 -31.08 4.32
CA LEU B 490 -0.93 -31.14 2.99
C LEU B 490 -0.20 -32.47 2.78
N ILE B 491 -0.62 -33.19 1.72
CA ILE B 491 -0.01 -34.46 1.34
C ILE B 491 0.30 -34.44 -0.16
N ILE B 492 1.26 -35.28 -0.56
CA ILE B 492 1.59 -35.57 -1.95
C ILE B 492 1.37 -37.06 -2.20
N ARG B 493 0.61 -37.41 -3.23
CA ARG B 493 0.12 -38.79 -3.35
C ARG B 493 1.11 -39.73 -4.03
N HIS B 494 2.03 -39.23 -4.89
CA HIS B 494 2.98 -40.06 -5.61
CA HIS B 494 2.98 -40.05 -5.63
C HIS B 494 4.38 -39.44 -5.53
N PRO B 495 5.46 -40.24 -5.50
CA PRO B 495 6.82 -39.71 -5.47
C PRO B 495 7.22 -38.89 -6.68
N TRP B 496 8.31 -38.16 -6.52
CA TRP B 496 8.84 -37.30 -7.54
C TRP B 496 10.36 -37.47 -7.53
N PRO B 497 11.07 -37.19 -8.64
CA PRO B 497 12.48 -37.58 -8.80
C PRO B 497 13.45 -37.12 -7.73
N ALA B 498 13.19 -35.93 -7.17
CA ALA B 498 14.17 -35.24 -6.35
C ALA B 498 13.94 -35.50 -4.87
N GLN B 499 12.97 -36.35 -4.55
CA GLN B 499 12.68 -36.63 -3.14
C GLN B 499 13.86 -37.31 -2.46
N MET B 500 14.01 -37.12 -1.16
CA MET B 500 15.03 -37.85 -0.41
C MET B 500 14.82 -39.35 -0.59
N ARG B 501 15.91 -40.12 -0.55
CA ARG B 501 15.81 -41.56 -0.70
C ARG B 501 15.77 -42.26 0.66
N THR B 502 16.42 -41.66 1.65
CA THR B 502 16.36 -42.19 3.01
C THR B 502 16.74 -41.09 4.00
N ILE B 503 16.79 -41.45 5.27
CA ILE B 503 17.43 -40.65 6.30
C ILE B 503 18.67 -41.42 6.76
N PHE B 504 19.79 -40.74 6.93
CA PHE B 504 21.07 -41.42 7.03
C PHE B 504 21.10 -42.25 8.32
N GLY B 505 21.33 -43.56 8.17
CA GLY B 505 21.39 -44.50 9.29
C GLY B 505 20.08 -44.65 10.06
N ASP B 506 18.93 -44.18 9.55
CA ASP B 506 17.66 -44.26 10.28
C ASP B 506 16.53 -44.44 9.27
N PRO B 507 16.45 -45.62 8.62
CA PRO B 507 15.36 -45.91 7.69
C PRO B 507 13.96 -45.85 8.29
N ASP B 508 13.85 -46.14 9.60
CA ASP B 508 12.58 -46.02 10.31
C ASP B 508 12.02 -44.59 10.23
N ARG B 509 12.89 -43.57 10.35
CA ARG B 509 12.44 -42.19 10.28
C ARG B 509 11.90 -41.89 8.88
N TYR B 510 12.52 -42.45 7.84
CA TYR B 510 12.07 -42.19 6.49
C TYR B 510 10.65 -42.73 6.33
N LYS B 511 10.38 -43.93 6.86
CA LYS B 511 9.10 -44.59 6.70
C LYS B 511 7.95 -43.78 7.32
N THR B 512 8.19 -42.99 8.38
CA THR B 512 7.09 -42.28 9.01
C THR B 512 6.51 -41.23 8.06
N TYR B 513 7.28 -40.76 7.08
CA TYR B 513 6.77 -39.77 6.14
C TYR B 513 5.68 -40.39 5.25
N TRP B 514 5.69 -41.72 5.09
CA TRP B 514 4.78 -42.41 4.19
C TRP B 514 3.73 -43.22 4.95
N GLU B 515 3.81 -43.29 6.28
CA GLU B 515 2.95 -44.18 7.06
C GLU B 515 2.27 -43.44 8.21
N THR B 516 2.05 -42.13 8.05
CA THR B 516 1.40 -41.32 9.05
C THR B 516 -0.04 -41.13 8.60
N ILE B 517 -0.22 -40.75 7.33
CA ILE B 517 -1.51 -40.86 6.67
C ILE B 517 -1.37 -41.91 5.57
N PRO B 518 -2.25 -42.92 5.49
CA PRO B 518 -1.96 -44.11 4.66
C PRO B 518 -1.60 -43.80 3.20
N ASP B 519 -0.38 -44.23 2.79
CA ASP B 519 0.10 -44.39 1.40
C ASP B 519 0.26 -43.07 0.65
N VAL B 520 0.48 -41.96 1.39
CA VAL B 520 0.73 -40.65 0.84
C VAL B 520 1.91 -40.03 1.61
N TYR B 521 2.57 -39.04 1.01
CA TYR B 521 3.68 -38.37 1.66
C TYR B 521 3.12 -37.27 2.56
N PHE B 522 3.55 -37.29 3.83
CA PHE B 522 3.04 -36.39 4.85
C PHE B 522 4.03 -35.25 5.00
N ALA B 523 3.57 -34.04 4.68
CA ALA B 523 4.47 -32.90 4.63
C ALA B 523 4.79 -32.38 6.04
N GLY B 524 3.84 -32.51 6.98
CA GLY B 524 3.96 -31.87 8.29
C GLY B 524 3.41 -30.42 8.29
N ASP B 525 2.77 -30.02 7.19
CA ASP B 525 2.21 -28.68 7.04
C ASP B 525 0.69 -28.75 7.02
N ALA B 526 0.07 -27.71 7.56
CA ALA B 526 -1.35 -27.49 7.38
C ALA B 526 -1.56 -26.68 6.11
N ALA B 527 -2.64 -26.94 5.38
CA ALA B 527 -2.90 -26.12 4.21
C ALA B 527 -4.39 -26.03 3.90
N THR B 528 -4.66 -25.17 2.93
CA THR B 528 -5.99 -24.91 2.41
C THR B 528 -5.85 -24.82 0.89
N MET B 529 -6.87 -25.29 0.19
CA MET B 529 -6.94 -25.22 -1.25
C MET B 529 -8.26 -24.49 -1.57
N ASP B 530 -8.24 -23.49 -2.46
CA ASP B 530 -9.41 -22.62 -2.62
C ASP B 530 -10.27 -23.17 -3.75
N LYS B 531 -11.25 -22.40 -4.22
CA LYS B 531 -12.15 -22.86 -5.26
C LYS B 531 -11.43 -23.04 -6.61
N MET B 532 -10.35 -22.31 -6.87
CA MET B 532 -9.55 -22.51 -8.08
C MET B 532 -8.39 -23.48 -7.86
N GLY B 533 -8.26 -24.06 -6.68
CA GLY B 533 -7.21 -25.04 -6.43
C GLY B 533 -5.88 -24.42 -5.99
N TYR B 534 -5.85 -23.10 -5.73
CA TYR B 534 -4.65 -22.44 -5.21
C TYR B 534 -4.47 -22.84 -3.75
N PHE B 535 -3.26 -23.30 -3.42
CA PHE B 535 -2.89 -23.71 -2.08
C PHE B 535 -2.36 -22.51 -1.27
N ARG B 536 -2.77 -22.44 0.00
CA ARG B 536 -2.16 -21.62 1.03
C ARG B 536 -1.66 -22.56 2.12
N ILE B 537 -0.44 -22.31 2.59
CA ILE B 537 0.22 -23.10 3.63
C ILE B 537 0.24 -22.27 4.90
N GLN B 538 -0.26 -22.85 5.99
CA GLN B 538 -0.36 -22.15 7.26
C GLN B 538 0.93 -22.33 8.06
N GLY B 539 1.28 -23.58 8.35
CA GLY B 539 2.49 -23.85 9.08
C GLY B 539 2.53 -25.29 9.56
N ARG B 540 3.53 -25.56 10.39
CA ARG B 540 3.80 -26.90 10.83
C ARG B 540 2.74 -27.36 11.83
N VAL B 541 2.44 -28.66 11.80
CA VAL B 541 1.52 -29.27 12.75
C VAL B 541 2.31 -30.01 13.82
N ASP B 542 3.61 -30.20 13.58
CA ASP B 542 4.49 -30.94 14.47
C ASP B 542 5.30 -29.92 15.29
N ASP B 543 6.53 -30.25 15.68
CA ASP B 543 7.28 -29.45 16.64
C ASP B 543 8.41 -28.66 15.94
N VAL B 544 8.21 -28.32 14.67
CA VAL B 544 9.22 -27.59 13.94
C VAL B 544 8.90 -26.11 14.09
N ILE B 545 9.94 -25.29 14.32
CA ILE B 545 9.81 -23.85 14.49
C ILE B 545 10.72 -23.17 13.49
N LYS B 546 10.18 -22.19 12.74
CA LYS B 546 10.99 -21.44 11.81
C LYS B 546 11.26 -20.06 12.39
N VAL B 547 12.53 -19.79 12.70
CA VAL B 547 12.94 -18.50 13.21
C VAL B 547 13.84 -17.89 12.15
N SER B 548 13.50 -16.68 11.70
CA SER B 548 14.26 -15.94 10.70
C SER B 548 14.57 -16.82 9.49
N GLY B 549 13.64 -17.67 9.07
CA GLY B 549 13.84 -18.50 7.90
C GLY B 549 14.65 -19.78 8.16
N HIS B 550 15.10 -19.98 9.41
CA HIS B 550 15.89 -21.14 9.80
C HIS B 550 14.98 -22.16 10.48
N ARG B 551 15.15 -23.44 10.11
CA ARG B 551 14.31 -24.50 10.62
C ARG B 551 14.89 -25.10 11.91
N LEU B 552 14.14 -25.01 13.02
CA LEU B 552 14.58 -25.50 14.30
C LEU B 552 13.59 -26.54 14.81
N GLY B 553 14.09 -27.37 15.74
CA GLY B 553 13.31 -28.44 16.34
C GLY B 553 13.15 -28.22 17.84
N SER B 554 11.90 -28.28 18.31
CA SER B 554 11.58 -28.12 19.71
C SER B 554 12.47 -29.04 20.55
N MET B 555 12.40 -30.34 20.28
CA MET B 555 13.10 -31.30 21.12
C MET B 555 14.60 -31.01 21.13
N GLU B 556 15.14 -30.49 20.02
CA GLU B 556 16.57 -30.28 19.91
C GLU B 556 17.03 -29.11 20.79
N ILE B 557 16.18 -28.07 20.92
CA ILE B 557 16.41 -26.95 21.82
C ILE B 557 16.30 -27.38 23.28
N GLU B 558 15.30 -28.21 23.60
CA GLU B 558 15.12 -28.73 24.94
C GLU B 558 16.40 -29.43 25.39
N SER B 559 17.03 -30.21 24.51
CA SER B 559 18.22 -30.98 24.87
C SER B 559 19.39 -30.07 25.16
N SER B 560 19.46 -28.94 24.46
CA SER B 560 20.56 -28.00 24.65
C SER B 560 20.42 -27.29 26.00
N LEU B 561 19.21 -27.14 26.53
CA LEU B 561 19.00 -26.56 27.84
C LEU B 561 19.17 -27.59 28.95
N VAL B 562 18.60 -28.80 28.75
CA VAL B 562 18.66 -29.88 29.73
C VAL B 562 20.11 -30.29 29.98
N SER B 563 21.03 -30.06 29.03
CA SER B 563 22.45 -30.34 29.21
C SER B 563 23.06 -29.48 30.31
N HIS B 564 22.42 -28.34 30.63
CA HIS B 564 22.95 -27.37 31.59
C HIS B 564 22.71 -27.87 33.01
N PRO B 565 23.64 -27.65 33.98
CA PRO B 565 23.44 -28.04 35.38
C PRO B 565 22.21 -27.56 36.17
N ALA B 566 21.60 -26.44 35.75
CA ALA B 566 20.50 -25.84 36.47
C ALA B 566 19.17 -26.46 36.09
N VAL B 567 19.10 -27.07 34.90
CA VAL B 567 17.84 -27.47 34.28
C VAL B 567 17.55 -28.97 34.49
N ALA B 568 16.32 -29.26 34.92
CA ALA B 568 15.78 -30.61 34.99
C ALA B 568 15.06 -30.96 33.69
N GLU B 569 14.17 -30.08 33.22
CA GLU B 569 13.37 -30.34 32.03
C GLU B 569 13.03 -29.03 31.34
N ALA B 570 12.55 -29.12 30.09
CA ALA B 570 12.25 -27.93 29.31
C ALA B 570 11.27 -28.22 28.17
N ALA B 571 10.57 -27.17 27.74
CA ALA B 571 9.58 -27.25 26.68
C ALA B 571 9.63 -25.98 25.83
N ALA B 572 10.03 -26.14 24.56
CA ALA B 572 10.16 -25.04 23.62
C ALA B 572 8.92 -24.96 22.73
N ILE B 573 8.38 -23.75 22.55
CA ILE B 573 7.32 -23.50 21.58
C ILE B 573 7.75 -22.32 20.73
N GLY B 574 7.11 -22.22 19.57
CA GLY B 574 7.22 -21.04 18.73
C GLY B 574 6.05 -20.12 19.02
N LYS B 575 6.32 -18.81 18.99
CA LYS B 575 5.30 -17.78 19.18
C LYS B 575 5.41 -16.79 18.03
N PRO B 576 4.30 -16.23 17.50
CA PRO B 576 4.38 -15.34 16.34
C PRO B 576 5.22 -14.10 16.65
N ASP B 577 5.89 -13.58 15.63
CA ASP B 577 6.86 -12.50 15.77
C ASP B 577 6.95 -11.75 14.45
N GLU B 578 6.79 -10.42 14.50
CA GLU B 578 6.59 -9.61 13.30
C GLU B 578 7.85 -9.59 12.45
N VAL B 579 9.04 -9.58 13.08
CA VAL B 579 10.31 -9.54 12.35
C VAL B 579 10.73 -10.94 11.92
N LYS B 580 10.80 -11.85 12.89
CA LYS B 580 11.47 -13.13 12.72
C LYS B 580 10.49 -14.21 12.26
N GLY B 581 9.20 -13.91 12.17
CA GLY B 581 8.22 -14.91 11.75
C GLY B 581 7.67 -15.68 12.95
N GLU B 582 8.52 -16.49 13.58
CA GLU B 582 8.32 -16.95 14.95
C GLU B 582 9.59 -16.69 15.77
N HIS B 583 9.42 -16.66 17.10
CA HIS B 583 10.55 -16.77 18.00
C HIS B 583 10.27 -17.93 18.96
N VAL B 584 11.34 -18.43 19.60
CA VAL B 584 11.27 -19.56 20.50
C VAL B 584 11.06 -19.07 21.92
N LYS B 585 10.05 -19.63 22.59
CA LYS B 585 9.95 -19.46 24.01
C LYS B 585 10.12 -20.83 24.66
N VAL B 586 10.93 -20.88 25.73
CA VAL B 586 11.11 -22.13 26.46
CA VAL B 586 11.15 -22.12 26.46
C VAL B 586 10.59 -21.96 27.87
N PHE B 587 9.89 -23.00 28.33
CA PHE B 587 9.43 -23.13 29.69
C PHE B 587 10.33 -24.15 30.34
N VAL B 588 10.90 -23.83 31.49
CA VAL B 588 12.04 -24.56 32.04
C VAL B 588 11.76 -24.90 33.49
N ILE B 589 11.86 -26.20 33.82
CA ILE B 589 11.83 -26.62 35.21
C ILE B 589 13.28 -26.72 35.67
N LEU B 590 13.59 -25.96 36.71
CA LEU B 590 14.89 -25.91 37.34
C LEU B 590 15.01 -27.02 38.38
N ARG B 591 16.23 -27.45 38.66
CA ARG B 591 16.46 -28.30 39.81
C ARG B 591 16.00 -27.57 41.07
N ASN B 592 15.56 -28.37 42.06
CA ASN B 592 15.10 -27.85 43.34
C ASN B 592 16.23 -27.06 43.99
N GLY B 593 15.89 -25.84 44.45
CA GLY B 593 16.78 -25.00 45.25
C GLY B 593 17.50 -23.95 44.42
N VAL B 594 17.39 -24.04 43.09
CA VAL B 594 18.09 -23.11 42.22
C VAL B 594 17.26 -21.83 42.13
N GLU B 595 17.87 -20.70 42.51
CA GLU B 595 17.20 -19.42 42.51
C GLU B 595 16.89 -19.01 41.06
N PRO B 596 15.60 -18.71 40.73
CA PRO B 596 15.21 -18.36 39.36
C PRO B 596 15.32 -16.90 38.92
N THR B 597 16.56 -16.46 38.63
CA THR B 597 16.86 -15.04 38.44
C THR B 597 16.98 -14.71 36.96
N GLU B 598 17.08 -13.41 36.68
CA GLU B 598 17.38 -12.92 35.34
C GLU B 598 18.83 -13.23 34.97
N SER B 599 19.75 -13.26 35.95
CA SER B 599 21.12 -13.62 35.65
C SER B 599 21.11 -15.03 35.05
N LEU B 600 20.36 -15.94 35.68
CA LEU B 600 20.29 -17.32 35.24
C LEU B 600 19.68 -17.46 33.86
N ALA B 601 18.66 -16.65 33.53
CA ALA B 601 18.12 -16.64 32.18
C ALA B 601 19.18 -16.24 31.15
N VAL B 602 19.90 -15.15 31.40
CA VAL B 602 20.98 -14.73 30.52
C VAL B 602 21.96 -15.89 30.32
N GLU B 603 22.40 -16.50 31.43
CA GLU B 603 23.36 -17.59 31.43
C GLU B 603 22.86 -18.80 30.63
N LEU B 604 21.58 -19.15 30.74
CA LEU B 604 21.04 -20.25 29.94
C LEU B 604 21.02 -19.89 28.46
N LYS B 605 20.83 -18.61 28.11
CA LYS B 605 20.83 -18.24 26.70
C LYS B 605 22.25 -18.28 26.14
N ARG B 606 23.23 -17.81 26.94
CA ARG B 606 24.65 -17.94 26.61
C ARG B 606 24.95 -19.41 26.33
N HIS B 607 24.48 -20.31 27.19
CA HIS B 607 24.73 -21.74 27.04
C HIS B 607 24.28 -22.24 25.67
N VAL B 608 23.08 -21.84 25.23
CA VAL B 608 22.56 -22.34 23.96
C VAL B 608 23.37 -21.72 22.81
N ARG B 609 23.69 -20.44 22.93
CA ARG B 609 24.33 -19.67 21.87
C ARG B 609 25.74 -20.19 21.58
N THR B 610 26.46 -20.61 22.62
CA THR B 610 27.84 -21.02 22.44
C THR B 610 27.90 -22.50 22.06
N LEU B 611 26.85 -23.29 22.31
CA LEU B 611 26.86 -24.70 21.94
C LEU B 611 26.14 -24.96 20.61
N VAL B 612 24.90 -24.45 20.47
CA VAL B 612 24.12 -24.75 19.29
C VAL B 612 24.37 -23.68 18.22
N GLY B 613 24.20 -22.41 18.58
CA GLY B 613 24.50 -21.27 17.73
C GLY B 613 23.49 -20.14 17.96
N PRO B 614 23.80 -18.88 17.57
CA PRO B 614 22.82 -17.79 17.67
C PRO B 614 21.43 -18.06 17.08
N LEU B 615 21.38 -18.78 15.96
CA LEU B 615 20.11 -19.00 15.27
C LEU B 615 19.09 -19.71 16.18
N ALA B 616 19.56 -20.52 17.12
CA ALA B 616 18.70 -21.39 17.92
C ALA B 616 18.48 -20.83 19.33
N THR B 617 19.05 -19.65 19.60
CA THR B 617 19.03 -19.06 20.93
C THR B 617 17.62 -18.56 21.22
N PRO B 618 17.01 -18.99 22.36
CA PRO B 618 15.63 -18.62 22.68
C PRO B 618 15.53 -17.15 23.06
N ASP B 619 14.47 -16.49 22.56
CA ASP B 619 14.24 -15.08 22.85
C ASP B 619 13.57 -14.93 24.21
N GLU B 620 12.73 -15.89 24.61
CA GLU B 620 12.09 -15.82 25.91
C GLU B 620 12.33 -17.11 26.67
N LEU B 621 12.48 -16.97 27.98
CA LEU B 621 12.61 -18.09 28.89
CA LEU B 621 12.62 -18.09 28.89
C LEU B 621 11.70 -17.85 30.08
N GLU B 622 11.17 -18.93 30.65
CA GLU B 622 10.24 -18.81 31.76
C GLU B 622 10.42 -20.03 32.64
N PHE B 623 10.53 -19.80 33.96
CA PHE B 623 10.75 -20.86 34.93
C PHE B 623 9.41 -21.27 35.50
N VAL B 624 9.11 -22.58 35.46
CA VAL B 624 7.83 -23.11 35.91
C VAL B 624 8.12 -24.34 36.75
N THR B 625 7.17 -24.73 37.60
CA THR B 625 7.40 -25.84 38.50
C THR B 625 6.94 -27.16 37.87
N SER B 626 6.15 -27.12 36.77
CA SER B 626 5.70 -28.36 36.14
C SER B 626 5.32 -28.15 34.68
N LEU B 627 5.30 -29.28 33.96
CA LEU B 627 4.98 -29.28 32.55
C LEU B 627 3.96 -30.39 32.30
N PRO B 628 3.11 -30.25 31.28
CA PRO B 628 2.14 -31.30 30.94
C PRO B 628 2.79 -32.47 30.21
N LYS B 629 2.62 -33.67 30.80
CA LYS B 629 3.26 -34.89 30.35
C LYS B 629 2.17 -35.88 30.00
N THR B 630 2.46 -36.84 29.10
CA THR B 630 1.51 -37.88 28.73
C THR B 630 1.49 -38.94 29.81
N ARG B 631 0.74 -40.02 29.53
CA ARG B 631 0.77 -41.25 30.30
C ARG B 631 2.22 -41.73 30.43
N SER B 632 2.92 -41.88 29.29
CA SER B 632 4.29 -42.38 29.28
C SER B 632 5.26 -41.35 29.88
N GLY B 633 5.03 -40.06 29.61
CA GLY B 633 5.85 -38.99 30.17
C GLY B 633 6.58 -38.15 29.12
N LYS B 634 6.10 -38.15 27.87
CA LYS B 634 6.56 -37.22 26.85
C LYS B 634 5.91 -35.86 27.10
N ILE B 635 6.63 -34.78 26.78
CA ILE B 635 6.15 -33.42 26.98
C ILE B 635 5.07 -33.16 25.93
N MET B 636 3.87 -32.74 26.36
CA MET B 636 2.82 -32.34 25.43
C MET B 636 2.93 -30.85 25.12
N ARG B 637 3.68 -30.51 24.05
CA ARG B 637 3.97 -29.13 23.73
C ARG B 637 2.74 -28.40 23.20
N ARG B 638 1.88 -29.17 22.54
CA ARG B 638 0.62 -28.66 22.00
C ARG B 638 -0.17 -27.98 23.12
N VAL B 639 -0.11 -28.58 24.33
CA VAL B 639 -0.82 -28.09 25.49
C VAL B 639 -0.06 -26.93 26.15
N VAL B 640 1.28 -26.95 26.08
CA VAL B 640 2.05 -25.81 26.55
C VAL B 640 1.64 -24.60 25.72
N ARG B 641 1.58 -24.75 24.39
CA ARG B 641 1.25 -23.66 23.48
C ARG B 641 -0.18 -23.14 23.70
N ALA B 642 -1.09 -24.06 24.02
CA ALA B 642 -2.49 -23.73 24.14
C ALA B 642 -2.77 -22.99 25.44
N ARG B 643 -2.03 -23.30 26.52
CA ARG B 643 -2.13 -22.52 27.75
C ARG B 643 -1.78 -21.06 27.48
N GLU B 644 -0.70 -20.81 26.72
CA GLU B 644 -0.24 -19.45 26.44
C GLU B 644 -1.14 -18.74 25.44
N LEU B 645 -1.45 -19.39 24.32
CA LEU B 645 -1.98 -18.72 23.15
C LEU B 645 -3.42 -19.09 22.84
N GLY B 646 -3.97 -20.11 23.50
CA GLY B 646 -5.21 -20.72 23.05
C GLY B 646 -4.99 -21.66 21.86
N GLU B 647 -5.90 -22.62 21.69
CA GLU B 647 -5.89 -23.53 20.57
C GLU B 647 -7.20 -23.31 19.80
N PRO B 648 -7.16 -23.11 18.47
CA PRO B 648 -8.39 -22.91 17.68
C PRO B 648 -9.16 -24.21 17.45
N VAL B 649 -10.50 -24.10 17.35
CA VAL B 649 -11.39 -25.22 17.07
C VAL B 649 -11.38 -25.53 15.56
N GLY B 650 -11.17 -26.80 15.18
CA GLY B 650 -11.05 -27.14 13.78
C GLY B 650 -10.47 -28.54 13.56
N ASP B 651 -9.68 -28.69 12.49
CA ASP B 651 -9.10 -29.98 12.11
C ASP B 651 -7.86 -30.20 12.97
N ILE B 652 -6.75 -30.68 12.37
CA ILE B 652 -5.49 -30.95 13.06
C ILE B 652 -5.78 -31.61 14.42
N THR B 653 -5.50 -30.92 15.54
CA THR B 653 -5.78 -31.42 16.88
C THR B 653 -6.70 -32.65 16.80
N LEU C 24 -20.84 -3.90 10.68
CA LEU C 24 -22.06 -3.83 11.52
C LEU C 24 -22.98 -2.78 10.88
N ILE C 25 -22.47 -1.55 10.74
CA ILE C 25 -23.26 -0.33 10.54
C ILE C 25 -24.13 -0.37 9.27
N GLU C 26 -23.60 -0.92 8.15
CA GLU C 26 -24.34 -1.07 6.90
C GLU C 26 -25.65 -1.85 7.11
N GLU C 27 -25.67 -2.79 8.07
CA GLU C 27 -26.78 -3.75 8.13
C GLU C 27 -27.89 -3.28 9.07
N ARG C 28 -27.81 -2.04 9.57
CA ARG C 28 -28.80 -1.55 10.53
C ARG C 28 -29.94 -0.85 9.81
N LEU C 29 -31.11 -0.87 10.45
CA LEU C 29 -32.34 -0.34 9.89
C LEU C 29 -32.77 0.87 10.72
N PHE C 30 -33.00 2.00 10.03
CA PHE C 30 -33.32 3.28 10.63
C PHE C 30 -34.75 3.66 10.25
N PRO C 31 -35.72 3.58 11.19
CA PRO C 31 -37.11 3.86 10.85
C PRO C 31 -37.39 5.35 10.68
N PRO C 32 -38.48 5.65 9.92
N PRO C 32 -38.41 5.78 9.90
CA PRO C 32 -38.92 7.02 9.70
CA PRO C 32 -38.66 7.21 9.72
C PRO C 32 -39.94 7.54 10.72
C PRO C 32 -39.02 7.95 11.01
N PRO C 33 -40.00 8.88 10.90
N PRO C 33 -38.87 9.29 11.07
CA PRO C 33 -41.07 9.52 11.66
CA PRO C 33 -39.06 10.05 12.32
C PRO C 33 -42.48 9.06 11.28
C PRO C 33 -40.48 10.33 12.87
N GLU C 34 -43.14 8.32 12.18
N GLU C 34 -40.98 11.55 12.65
CA GLU C 34 -44.52 7.93 11.95
CA GLU C 34 -42.28 11.95 13.18
C GLU C 34 -45.36 9.14 11.50
C GLU C 34 -43.03 12.80 12.15
N ASP C 35 -44.92 10.33 11.93
N ASP C 35 -44.27 12.40 11.87
CA ASP C 35 -45.52 11.59 11.50
CA ASP C 35 -45.24 13.20 11.14
C ASP C 35 -45.44 11.72 9.97
C ASP C 35 -45.04 13.07 9.63
N ILE C 36 -44.22 11.80 9.43
N ILE C 36 -44.19 12.14 9.19
CA ILE C 36 -43.98 12.08 8.01
CA ILE C 36 -43.83 12.10 7.78
C ILE C 36 -44.67 11.04 7.13
C ILE C 36 -44.60 10.99 7.04
N VAL C 37 -44.79 9.81 7.66
CA VAL C 37 -45.49 8.71 7.00
C VAL C 37 -46.95 9.07 6.78
N LYS C 38 -47.61 9.58 7.83
CA LYS C 38 -49.01 9.95 7.76
C LYS C 38 -49.22 11.02 6.67
N ASN C 39 -48.28 11.96 6.55
CA ASN C 39 -48.49 13.14 5.73
C ASN C 39 -47.94 12.95 4.30
N ALA C 40 -47.28 11.84 4.00
CA ALA C 40 -46.56 11.73 2.74
C ALA C 40 -47.51 11.63 1.54
N ASN C 41 -47.06 12.24 0.44
CA ASN C 41 -47.71 12.18 -0.85
C ASN C 41 -47.91 10.75 -1.31
N ILE C 42 -46.87 9.92 -1.13
CA ILE C 42 -46.93 8.53 -1.53
C ILE C 42 -48.02 7.80 -0.72
N THR C 43 -48.17 8.13 0.58
CA THR C 43 -49.17 7.48 1.42
C THR C 43 -50.58 7.84 0.95
N ALA C 44 -50.79 9.13 0.63
CA ALA C 44 -52.05 9.64 0.11
C ALA C 44 -52.41 8.92 -1.18
N TYR C 45 -51.45 8.77 -2.11
CA TYR C 45 -51.73 8.12 -3.38
C TYR C 45 -51.99 6.61 -3.18
N MET C 46 -51.17 5.92 -2.36
CA MET C 46 -51.34 4.50 -2.06
C MET C 46 -52.74 4.23 -1.50
N LYS C 47 -53.15 5.08 -0.56
CA LYS C 47 -54.41 4.90 0.13
C LYS C 47 -55.56 5.03 -0.86
N SER C 48 -55.43 5.96 -1.82
CA SER C 48 -56.48 6.20 -2.82
C SER C 48 -56.71 4.97 -3.70
N LYS C 49 -55.73 4.04 -3.76
CA LYS C 49 -55.89 2.80 -4.51
C LYS C 49 -56.14 1.61 -3.59
N GLY C 50 -56.02 1.80 -2.27
CA GLY C 50 -56.45 0.83 -1.27
C GLY C 50 -55.30 0.14 -0.50
N PHE C 51 -54.14 0.80 -0.37
CA PHE C 51 -52.95 0.16 0.17
C PHE C 51 -52.45 0.91 1.41
N ASP C 52 -52.07 0.10 2.41
CA ASP C 52 -51.47 0.50 3.68
C ASP C 52 -49.94 0.42 3.62
N ASP C 53 -49.43 -0.53 2.82
CA ASP C 53 -48.10 -1.10 2.93
C ASP C 53 -47.36 -1.00 1.59
N TYR C 54 -46.06 -0.68 1.61
CA TYR C 54 -45.36 -0.32 0.38
C TYR C 54 -45.16 -1.57 -0.48
N GLU C 55 -44.85 -2.71 0.16
CA GLU C 55 -44.57 -3.92 -0.60
C GLU C 55 -45.80 -4.38 -1.37
N ALA C 56 -46.99 -4.31 -0.77
CA ALA C 56 -48.22 -4.76 -1.44
C ALA C 56 -48.49 -3.83 -2.61
N PHE C 57 -48.31 -2.52 -2.38
CA PHE C 57 -48.50 -1.51 -3.41
C PHE C 57 -47.50 -1.68 -4.56
N TYR C 58 -46.22 -1.94 -4.25
CA TYR C 58 -45.19 -2.17 -5.26
C TYR C 58 -45.64 -3.32 -6.15
N ARG C 59 -46.07 -4.44 -5.55
CA ARG C 59 -46.51 -5.59 -6.31
C ARG C 59 -47.67 -5.23 -7.23
N TRP C 60 -48.61 -4.42 -6.74
CA TRP C 60 -49.72 -3.95 -7.57
C TRP C 60 -49.20 -3.08 -8.72
N SER C 61 -48.15 -2.27 -8.46
CA SER C 61 -47.71 -1.31 -9.45
C SER C 61 -47.09 -2.03 -10.66
N LEU C 62 -46.55 -3.23 -10.43
CA LEU C 62 -45.93 -4.01 -11.49
C LEU C 62 -46.98 -4.60 -12.42
N ALA C 63 -48.14 -4.98 -11.86
CA ALA C 63 -49.22 -5.59 -12.63
C ALA C 63 -50.12 -4.52 -13.25
N ASN C 64 -50.09 -3.29 -12.71
CA ASN C 64 -50.95 -2.20 -13.16
C ASN C 64 -50.15 -0.95 -13.55
N ARG C 65 -49.07 -1.12 -14.31
CA ARG C 65 -48.16 -0.02 -14.47
C ARG C 65 -48.82 1.09 -15.30
N PHE C 66 -49.68 0.69 -16.25
CA PHE C 66 -50.32 1.66 -17.13
C PHE C 66 -51.34 2.51 -16.35
N GLU C 67 -52.04 1.90 -15.38
CA GLU C 67 -52.96 2.65 -14.54
C GLU C 67 -52.17 3.71 -13.77
N PHE C 68 -51.07 3.29 -13.14
CA PHE C 68 -50.24 4.21 -12.36
C PHE C 68 -49.84 5.41 -13.23
N TRP C 69 -49.27 5.15 -14.41
CA TRP C 69 -48.65 6.22 -15.16
C TRP C 69 -49.70 7.16 -15.75
N ASN C 70 -50.88 6.62 -16.07
CA ASN C 70 -52.01 7.45 -16.46
C ASN C 70 -52.45 8.39 -15.34
N ASP C 71 -52.56 7.89 -14.10
CA ASP C 71 -52.95 8.76 -12.99
C ASP C 71 -51.95 9.91 -12.89
N MET C 72 -50.66 9.59 -13.06
CA MET C 72 -49.62 10.60 -12.94
C MET C 72 -49.77 11.60 -14.06
N ALA C 73 -49.96 11.12 -15.30
CA ALA C 73 -50.06 12.01 -16.45
C ALA C 73 -51.30 12.91 -16.38
N LYS C 74 -52.36 12.41 -15.73
CA LYS C 74 -53.58 13.18 -15.56
C LYS C 74 -53.38 14.35 -14.60
N GLU C 75 -52.25 14.46 -13.91
CA GLU C 75 -52.09 15.59 -13.01
C GLU C 75 -51.41 16.77 -13.72
N LEU C 76 -51.01 16.59 -14.99
CA LEU C 76 -50.40 17.68 -15.74
C LEU C 76 -51.40 18.14 -16.81
N HIS C 77 -51.12 19.30 -17.44
CA HIS C 77 -51.87 19.85 -18.57
C HIS C 77 -51.37 19.27 -19.88
N TRP C 78 -52.30 18.71 -20.65
CA TRP C 78 -52.12 18.22 -22.01
C TRP C 78 -52.89 19.12 -22.96
N PHE C 79 -52.33 19.44 -24.13
CA PHE C 79 -53.08 20.21 -25.11
C PHE C 79 -54.16 19.31 -25.74
N GLU C 80 -53.83 18.01 -25.88
CA GLU C 80 -54.68 17.03 -26.54
C GLU C 80 -54.36 15.65 -25.99
N PRO C 81 -55.37 14.85 -25.60
CA PRO C 81 -55.12 13.58 -24.91
C PRO C 81 -54.37 12.55 -25.76
N TRP C 82 -53.83 11.55 -25.09
CA TRP C 82 -53.14 10.45 -25.74
C TRP C 82 -54.09 9.29 -25.96
N LYS C 83 -53.79 8.47 -26.99
CA LYS C 83 -54.54 7.26 -27.29
C LYS C 83 -54.11 6.12 -26.38
N SER C 84 -52.80 5.86 -26.34
CA SER C 84 -52.23 4.62 -25.81
C SER C 84 -51.09 4.95 -24.86
N THR C 85 -51.05 4.28 -23.69
CA THR C 85 -50.11 4.62 -22.63
C THR C 85 -48.66 4.29 -23.02
N PHE C 86 -48.49 3.11 -23.62
CA PHE C 86 -47.18 2.59 -23.94
C PHE C 86 -47.29 1.66 -25.15
N GLU C 87 -46.36 1.77 -26.09
CA GLU C 87 -46.24 0.74 -27.12
C GLU C 87 -44.80 0.66 -27.61
N TRP C 88 -44.38 -0.57 -27.89
CA TRP C 88 -43.17 -0.83 -28.64
C TRP C 88 -43.43 -0.35 -30.08
N THR C 89 -42.46 0.37 -30.68
CA THR C 89 -42.52 0.69 -32.10
C THR C 89 -41.62 -0.30 -32.84
N ASP C 90 -40.40 0.14 -33.16
CA ASP C 90 -39.37 -0.76 -33.66
C ASP C 90 -38.57 -1.26 -32.46
N LYS C 91 -38.99 -2.39 -31.88
CA LYS C 91 -38.42 -2.87 -30.64
C LYS C 91 -36.90 -3.02 -30.78
N PRO C 92 -36.08 -2.51 -29.84
CA PRO C 92 -36.55 -1.98 -28.55
C PRO C 92 -36.75 -0.47 -28.39
N PHE C 93 -37.14 0.21 -29.47
CA PHE C 93 -37.61 1.58 -29.38
C PHE C 93 -39.09 1.53 -29.00
N PHE C 94 -39.59 2.61 -28.40
CA PHE C 94 -40.90 2.60 -27.77
C PHE C 94 -41.38 4.02 -27.57
N LYS C 95 -42.70 4.16 -27.34
CA LYS C 95 -43.35 5.45 -27.19
C LYS C 95 -44.24 5.38 -25.96
N TRP C 96 -44.34 6.48 -25.21
CA TRP C 96 -45.30 6.64 -24.14
C TRP C 96 -46.28 7.75 -24.52
N PHE C 97 -47.54 7.63 -24.06
CA PHE C 97 -48.57 8.64 -24.29
C PHE C 97 -48.64 9.05 -25.77
N THR C 98 -48.94 8.07 -26.63
CA THR C 98 -48.92 8.28 -28.06
C THR C 98 -50.03 9.24 -28.52
N ASP C 99 -49.66 10.09 -29.48
CA ASP C 99 -50.55 11.06 -30.11
C ASP C 99 -50.89 12.20 -29.14
N GLY C 100 -50.31 12.17 -27.94
CA GLY C 100 -50.51 13.26 -27.00
C GLY C 100 -49.81 14.53 -27.48
N LYS C 101 -50.43 15.67 -27.18
CA LYS C 101 -49.89 16.96 -27.53
C LYS C 101 -49.65 17.68 -26.22
N PHE C 102 -48.42 18.20 -26.06
CA PHE C 102 -47.87 18.56 -24.77
C PHE C 102 -46.76 19.58 -24.92
N ASN C 103 -46.43 20.24 -23.81
CA ASN C 103 -45.23 21.02 -23.72
C ASN C 103 -44.84 21.16 -22.27
N ILE C 104 -43.64 20.67 -21.93
CA ILE C 104 -43.22 20.62 -20.56
C ILE C 104 -43.17 22.03 -19.98
N ALA C 105 -42.88 23.05 -20.81
CA ALA C 105 -42.74 24.40 -20.26
C ALA C 105 -44.09 24.95 -19.79
N TYR C 106 -45.17 24.49 -20.41
CA TYR C 106 -46.51 24.89 -19.99
C TYR C 106 -46.77 24.43 -18.56
N ASN C 107 -46.25 23.26 -18.18
CA ASN C 107 -46.47 22.70 -16.85
C ASN C 107 -45.54 23.31 -15.79
N CYS C 108 -44.47 23.97 -16.23
CA CYS C 108 -43.53 24.62 -15.32
C CYS C 108 -43.87 26.09 -15.12
N LEU C 109 -44.64 26.69 -16.05
CA LEU C 109 -44.82 28.14 -16.09
C LEU C 109 -46.29 28.49 -16.30
N ASP C 110 -46.73 28.32 -17.56
CA ASP C 110 -47.99 28.84 -18.06
C ASP C 110 -49.16 28.44 -17.18
N ARG C 111 -49.31 27.14 -16.88
CA ARG C 111 -50.50 26.68 -16.19
C ARG C 111 -50.64 27.36 -14.82
N TYR C 112 -49.60 28.03 -14.32
CA TYR C 112 -49.65 28.63 -13.00
C TYR C 112 -50.11 30.08 -13.07
N MET C 113 -50.03 30.70 -14.25
CA MET C 113 -50.48 32.08 -14.42
C MET C 113 -51.99 32.15 -14.24
N GLY C 114 -52.44 33.20 -13.54
CA GLY C 114 -53.83 33.38 -13.16
C GLY C 114 -54.19 32.79 -11.79
N THR C 115 -53.22 32.16 -11.10
CA THR C 115 -53.46 31.49 -9.83
C THR C 115 -52.55 32.09 -8.76
N PRO C 116 -52.78 31.78 -7.45
CA PRO C 116 -51.90 32.24 -6.38
C PRO C 116 -50.44 31.82 -6.53
N ILE C 117 -50.19 30.71 -7.25
CA ILE C 117 -48.83 30.21 -7.40
C ILE C 117 -47.96 31.16 -8.23
N GLU C 118 -48.58 32.00 -9.08
CA GLU C 118 -47.82 32.96 -9.87
C GLU C 118 -46.96 33.89 -8.99
N ASP C 119 -47.38 34.19 -7.77
CA ASP C 119 -46.65 35.10 -6.90
C ASP C 119 -45.72 34.35 -5.95
N LYS C 120 -45.77 33.01 -5.97
CA LYS C 120 -44.83 32.18 -5.23
C LYS C 120 -43.45 32.26 -5.88
N VAL C 121 -42.39 32.24 -5.04
CA VAL C 121 -41.02 32.17 -5.53
C VAL C 121 -40.76 30.85 -6.24
N ALA C 122 -40.20 30.97 -7.46
CA ALA C 122 -39.77 29.83 -8.26
C ALA C 122 -38.30 29.56 -8.00
N PHE C 123 -37.47 30.61 -8.15
CA PHE C 123 -36.02 30.50 -7.99
C PHE C 123 -35.51 31.53 -6.97
N TYR C 124 -34.91 31.05 -5.88
CA TYR C 124 -34.01 31.87 -5.08
C TYR C 124 -32.61 31.74 -5.67
N TRP C 125 -32.13 32.76 -6.39
CA TRP C 125 -30.78 32.69 -6.94
C TRP C 125 -29.80 33.25 -5.91
N GLU C 126 -28.68 32.53 -5.77
CA GLU C 126 -27.64 32.91 -4.83
C GLU C 126 -26.33 32.98 -5.61
N GLY C 127 -25.70 34.15 -5.60
CA GLY C 127 -24.45 34.32 -6.34
C GLY C 127 -23.26 33.76 -5.57
N ASP C 128 -22.21 33.43 -6.31
CA ASP C 128 -20.93 33.03 -5.74
C ASP C 128 -20.45 34.01 -4.66
N ASP C 129 -20.69 35.30 -4.88
CA ASP C 129 -20.21 36.36 -4.00
C ASP C 129 -21.19 36.69 -2.86
N GLY C 130 -22.36 36.04 -2.75
CA GLY C 130 -23.32 36.37 -1.69
C GLY C 130 -24.45 37.30 -2.12
N SER C 131 -24.37 37.86 -3.34
CA SER C 131 -25.48 38.58 -3.94
C SER C 131 -26.62 37.58 -4.18
N SER C 132 -27.83 38.08 -4.38
CA SER C 132 -29.01 37.23 -4.35
C SER C 132 -30.21 37.93 -4.98
N ARG C 133 -31.10 37.14 -5.58
CA ARG C 133 -32.28 37.68 -6.22
C ARG C 133 -33.36 36.59 -6.28
N ALA C 134 -34.60 36.94 -5.90
CA ALA C 134 -35.70 35.99 -5.94
C ALA C 134 -36.59 36.24 -7.14
N TYR C 135 -37.01 35.16 -7.80
CA TYR C 135 -37.86 35.24 -8.98
C TYR C 135 -39.13 34.43 -8.76
N THR C 136 -40.31 35.08 -8.90
CA THR C 136 -41.59 34.39 -8.80
C THR C 136 -41.82 33.63 -10.11
N TYR C 137 -42.85 32.77 -10.12
CA TYR C 137 -43.27 32.06 -11.33
C TYR C 137 -43.66 33.05 -12.44
N LYS C 138 -44.38 34.13 -12.08
CA LYS C 138 -44.74 35.16 -13.03
C LYS C 138 -43.48 35.81 -13.63
N GLU C 139 -42.52 36.23 -12.78
CA GLU C 139 -41.26 36.81 -13.25
C GLU C 139 -40.51 35.86 -14.19
N MET C 140 -40.55 34.53 -13.92
CA MET C 140 -39.90 33.54 -14.77
C MET C 140 -40.67 33.35 -16.07
N TYR C 141 -42.01 33.39 -16.00
CA TYR C 141 -42.82 33.29 -17.19
C TYR C 141 -42.46 34.44 -18.13
N VAL C 142 -42.48 35.67 -17.59
CA VAL C 142 -42.19 36.86 -18.36
C VAL C 142 -40.80 36.75 -19.00
N LEU C 143 -39.79 36.32 -18.23
CA LEU C 143 -38.41 36.31 -18.71
C LEU C 143 -38.23 35.27 -19.83
N THR C 144 -38.80 34.09 -19.64
CA THR C 144 -38.72 32.99 -20.60
C THR C 144 -39.35 33.42 -21.92
N ASN C 145 -40.51 34.04 -21.84
CA ASN C 145 -41.23 34.46 -23.04
C ASN C 145 -40.34 35.39 -23.86
N ARG C 146 -39.65 36.31 -23.18
CA ARG C 146 -38.85 37.34 -23.84
C ARG C 146 -37.60 36.69 -24.44
N VAL C 147 -37.00 35.73 -23.75
CA VAL C 147 -35.87 35.04 -24.31
C VAL C 147 -36.31 34.20 -25.52
N ALA C 148 -37.48 33.55 -25.40
CA ALA C 148 -38.09 32.82 -26.52
C ALA C 148 -38.27 33.73 -27.72
N LYS C 149 -38.64 34.98 -27.45
CA LYS C 149 -38.89 35.92 -28.52
C LYS C 149 -37.59 36.24 -29.26
N VAL C 150 -36.50 36.44 -28.50
CA VAL C 150 -35.22 36.76 -29.08
C VAL C 150 -34.76 35.62 -29.99
N LEU C 151 -34.89 34.39 -29.48
CA LEU C 151 -34.53 33.20 -30.23
C LEU C 151 -35.34 33.09 -31.51
N GLN C 152 -36.63 33.42 -31.41
CA GLN C 152 -37.54 33.29 -32.54
C GLN C 152 -37.13 34.26 -33.64
N ASN C 153 -36.80 35.49 -33.25
CA ASN C 153 -36.47 36.55 -34.21
C ASN C 153 -35.17 36.24 -34.93
N GLN C 154 -34.30 35.45 -34.28
CA GLN C 154 -33.11 34.94 -34.94
C GLN C 154 -33.42 33.73 -35.82
N GLY C 155 -34.63 33.17 -35.68
CA GLY C 155 -35.13 32.15 -36.58
C GLY C 155 -35.03 30.73 -36.02
N VAL C 156 -34.98 30.58 -34.68
CA VAL C 156 -35.07 29.28 -34.04
C VAL C 156 -36.52 28.77 -34.15
N LYS C 157 -36.69 27.54 -34.64
CA LYS C 157 -37.99 26.92 -34.84
C LYS C 157 -38.01 25.53 -34.21
N LYS C 158 -39.16 24.84 -34.20
CA LYS C 158 -39.20 23.44 -33.78
C LYS C 158 -38.07 22.66 -34.47
N GLY C 159 -37.36 21.83 -33.68
CA GLY C 159 -36.39 20.85 -34.16
C GLY C 159 -34.95 21.35 -34.15
N ASP C 160 -34.79 22.69 -34.10
CA ASP C 160 -33.49 23.32 -34.17
C ASP C 160 -32.79 23.14 -32.83
N ARG C 161 -31.48 22.81 -32.84
CA ARG C 161 -30.74 22.53 -31.61
C ARG C 161 -30.05 23.80 -31.13
N VAL C 162 -30.18 24.08 -29.83
CA VAL C 162 -29.68 25.30 -29.18
C VAL C 162 -28.69 24.85 -28.12
N ALA C 163 -27.47 25.37 -28.17
CA ALA C 163 -26.45 25.01 -27.21
C ALA C 163 -26.44 26.02 -26.06
N ILE C 164 -26.24 25.52 -24.84
CA ILE C 164 -26.14 26.40 -23.68
C ILE C 164 -24.84 26.10 -22.95
N TYR C 165 -24.01 27.15 -22.76
CA TYR C 165 -22.76 27.06 -22.04
C TYR C 165 -22.74 28.22 -21.06
N MET C 166 -23.28 27.98 -19.86
CA MET C 166 -23.58 29.08 -18.95
C MET C 166 -23.24 28.75 -17.50
N PRO C 167 -23.04 29.81 -16.68
CA PRO C 167 -23.01 29.66 -15.22
C PRO C 167 -24.43 29.45 -14.72
N MET C 168 -24.53 28.98 -13.48
CA MET C 168 -25.79 28.68 -12.84
C MET C 168 -26.47 29.98 -12.38
N ILE C 169 -27.12 30.66 -13.33
CA ILE C 169 -27.80 31.92 -13.09
C ILE C 169 -29.23 31.79 -13.63
N PRO C 170 -30.13 32.76 -13.35
CA PRO C 170 -31.52 32.65 -13.78
C PRO C 170 -31.72 32.56 -15.29
N GLU C 171 -30.92 33.32 -16.07
CA GLU C 171 -31.02 33.32 -17.53
C GLU C 171 -30.70 31.94 -18.11
N MET C 172 -30.08 31.04 -17.33
CA MET C 172 -29.86 29.68 -17.78
C MET C 172 -31.17 28.89 -17.74
N ALA C 173 -31.88 28.99 -16.61
CA ALA C 173 -33.18 28.36 -16.45
C ALA C 173 -34.18 28.91 -17.49
N ALA C 174 -34.24 30.23 -17.60
CA ALA C 174 -35.04 30.88 -18.62
C ALA C 174 -34.65 30.41 -20.01
N SER C 175 -33.35 30.23 -20.27
CA SER C 175 -32.89 29.80 -21.58
C SER C 175 -33.36 28.38 -21.91
N VAL C 176 -33.30 27.49 -20.90
CA VAL C 176 -33.71 26.11 -21.07
C VAL C 176 -35.21 26.04 -21.34
N LEU C 177 -35.98 26.79 -20.54
CA LEU C 177 -37.45 26.73 -20.64
C LEU C 177 -37.92 27.41 -21.92
N ALA C 178 -37.19 28.44 -22.36
CA ALA C 178 -37.48 29.12 -23.61
C ALA C 178 -37.30 28.20 -24.80
N CYS C 179 -36.29 27.32 -24.75
CA CYS C 179 -36.09 26.35 -25.80
C CYS C 179 -37.24 25.34 -25.83
N ALA C 180 -37.60 24.85 -24.65
CA ALA C 180 -38.70 23.91 -24.50
C ALA C 180 -39.99 24.47 -25.09
N ARG C 181 -40.27 25.75 -24.86
CA ARG C 181 -41.55 26.31 -25.25
C ARG C 181 -41.61 26.48 -26.78
N LEU C 182 -40.45 26.67 -27.42
CA LEU C 182 -40.37 26.74 -28.88
C LEU C 182 -40.37 25.34 -29.51
N GLY C 183 -40.13 24.29 -28.74
CA GLY C 183 -39.98 22.95 -29.30
C GLY C 183 -38.58 22.72 -29.88
N ALA C 184 -37.61 23.51 -29.40
CA ALA C 184 -36.27 23.52 -29.99
C ALA C 184 -35.33 22.84 -29.00
N PRO C 185 -34.91 21.59 -29.27
CA PRO C 185 -34.17 20.82 -28.26
C PRO C 185 -32.92 21.55 -27.81
N HIS C 186 -32.73 21.60 -26.49
CA HIS C 186 -31.57 22.26 -25.92
C HIS C 186 -30.45 21.24 -25.71
N MET C 187 -29.22 21.75 -25.72
CA MET C 187 -28.03 20.94 -25.52
C MET C 187 -27.11 21.70 -24.56
N VAL C 188 -27.17 21.35 -23.29
CA VAL C 188 -26.46 22.07 -22.25
C VAL C 188 -25.11 21.40 -22.04
N VAL C 189 -24.04 22.21 -22.13
CA VAL C 189 -22.69 21.76 -21.93
C VAL C 189 -22.22 22.37 -20.62
N PHE C 190 -21.82 21.51 -19.68
CA PHE C 190 -21.35 21.93 -18.38
C PHE C 190 -20.21 22.95 -18.53
N GLY C 191 -20.27 24.02 -17.72
CA GLY C 191 -19.34 25.15 -17.78
C GLY C 191 -17.90 24.80 -17.39
N GLY C 192 -17.67 23.61 -16.83
CA GLY C 192 -16.31 23.13 -16.56
C GLY C 192 -15.60 22.54 -17.78
N PHE C 193 -16.33 22.31 -18.87
CA PHE C 193 -15.70 21.71 -20.04
C PHE C 193 -14.93 22.81 -20.73
N ALA C 194 -13.82 22.43 -21.39
CA ALA C 194 -12.98 23.33 -22.19
C ALA C 194 -13.42 23.27 -23.66
N ALA C 195 -12.65 23.90 -24.56
CA ALA C 195 -13.11 24.22 -25.90
C ALA C 195 -13.31 22.99 -26.79
N SER C 196 -12.46 21.97 -26.71
CA SER C 196 -12.65 20.80 -27.58
C SER C 196 -13.90 20.05 -27.18
N SER C 197 -14.17 20.01 -25.88
CA SER C 197 -15.31 19.28 -25.38
C SER C 197 -16.61 19.97 -25.83
N LEU C 198 -16.61 21.30 -25.75
CA LEU C 198 -17.74 22.11 -26.19
C LEU C 198 -17.95 21.91 -27.67
N ARG C 199 -16.85 21.96 -28.44
CA ARG C 199 -16.92 21.93 -29.89
C ARG C 199 -17.47 20.60 -30.39
N ASP C 200 -17.06 19.51 -29.75
CA ASP C 200 -17.46 18.18 -30.20
C ASP C 200 -18.96 17.99 -30.02
N ARG C 201 -19.50 18.51 -28.91
CA ARG C 201 -20.90 18.36 -28.58
C ARG C 201 -21.77 19.17 -29.53
N MET C 202 -21.37 20.42 -29.81
CA MET C 202 -22.08 21.29 -30.73
C MET C 202 -22.01 20.78 -32.17
N ASN C 203 -20.95 20.03 -32.53
CA ASN C 203 -20.78 19.54 -33.89
C ASN C 203 -21.51 18.22 -34.11
N ASP C 204 -21.71 17.45 -33.03
CA ASP C 204 -22.41 16.18 -33.12
C ASP C 204 -23.91 16.44 -33.33
N CYS C 205 -24.46 17.49 -32.69
CA CYS C 205 -25.88 17.75 -32.79
C CYS C 205 -26.20 18.87 -33.80
N ASP C 206 -25.19 19.35 -34.56
CA ASP C 206 -25.31 20.37 -35.59
C ASP C 206 -26.15 21.54 -35.06
N ALA C 207 -25.71 22.09 -33.92
CA ALA C 207 -26.36 23.19 -33.23
C ALA C 207 -26.29 24.47 -34.07
N LYS C 208 -27.33 25.30 -33.92
CA LYS C 208 -27.60 26.44 -34.78
C LYS C 208 -27.24 27.76 -34.10
N VAL C 209 -27.46 27.82 -32.78
CA VAL C 209 -27.11 28.99 -32.00
C VAL C 209 -26.51 28.54 -30.67
N LEU C 210 -25.74 29.44 -30.05
CA LEU C 210 -25.17 29.19 -28.73
C LEU C 210 -25.61 30.31 -27.79
N ILE C 211 -26.11 29.94 -26.61
CA ILE C 211 -26.39 30.91 -25.56
C ILE C 211 -25.29 30.74 -24.54
N THR C 212 -24.57 31.84 -24.23
CA THR C 212 -23.45 31.72 -23.30
C THR C 212 -23.33 32.97 -22.43
N ALA C 213 -22.26 33.06 -21.64
CA ALA C 213 -22.07 34.28 -20.87
C ALA C 213 -20.65 34.79 -21.03
N ASP C 214 -20.47 36.08 -20.74
CA ASP C 214 -19.16 36.70 -20.71
C ASP C 214 -18.23 35.90 -19.80
N GLY C 215 -18.79 35.46 -18.67
CA GLY C 215 -18.12 34.51 -17.81
C GLY C 215 -18.99 34.12 -16.62
N GLY C 216 -18.47 33.20 -15.81
CA GLY C 216 -19.09 32.82 -14.56
C GLY C 216 -18.09 32.95 -13.41
N TYR C 217 -18.61 32.89 -12.18
CA TYR C 217 -17.78 32.97 -10.99
C TYR C 217 -17.78 31.63 -10.27
N ARG C 218 -16.60 31.28 -9.75
CA ARG C 218 -16.36 30.06 -8.99
CA ARG C 218 -16.45 30.10 -8.91
C ARG C 218 -15.25 30.35 -8.00
N GLY C 219 -15.56 30.39 -6.70
CA GLY C 219 -14.57 30.63 -5.68
C GLY C 219 -13.97 32.03 -5.80
N GLY C 220 -14.79 32.99 -6.24
CA GLY C 220 -14.35 34.38 -6.38
C GLY C 220 -13.47 34.62 -7.62
N LYS C 221 -13.27 33.60 -8.47
CA LYS C 221 -12.47 33.74 -9.67
C LYS C 221 -13.37 33.72 -10.91
N VAL C 222 -12.91 34.36 -12.00
CA VAL C 222 -13.65 34.42 -13.24
C VAL C 222 -13.32 33.20 -14.10
N ILE C 223 -14.38 32.55 -14.61
CA ILE C 223 -14.29 31.50 -15.61
C ILE C 223 -14.61 32.13 -16.96
N GLU C 224 -13.66 32.07 -17.89
CA GLU C 224 -13.74 32.85 -19.11
C GLU C 224 -14.57 32.08 -20.14
N LEU C 225 -15.88 31.95 -19.90
CA LEU C 225 -16.73 31.14 -20.77
C LEU C 225 -16.73 31.70 -22.19
N LYS C 226 -16.83 33.01 -22.37
CA LYS C 226 -16.86 33.57 -23.71
C LYS C 226 -15.56 33.28 -24.46
N LYS C 227 -14.41 33.41 -23.81
CA LYS C 227 -13.17 33.21 -24.56
C LYS C 227 -13.05 31.72 -24.95
N ILE C 228 -13.56 30.80 -24.13
CA ILE C 228 -13.48 29.37 -24.43
C ILE C 228 -14.42 29.05 -25.59
N ALA C 229 -15.59 29.69 -25.56
CA ALA C 229 -16.63 29.49 -26.56
C ALA C 229 -16.19 30.01 -27.93
N ASP C 230 -15.36 31.06 -27.97
CA ASP C 230 -14.82 31.59 -29.21
C ASP C 230 -13.96 30.53 -29.90
N GLU C 231 -13.18 29.80 -29.10
CA GLU C 231 -12.24 28.80 -29.58
C GLU C 231 -13.04 27.59 -30.10
N ALA C 232 -14.15 27.25 -29.42
CA ALA C 232 -15.04 26.21 -29.89
C ALA C 232 -15.78 26.60 -31.18
N VAL C 233 -16.31 27.83 -31.23
CA VAL C 233 -17.23 28.24 -32.28
C VAL C 233 -16.48 28.46 -33.61
N ALA C 234 -15.23 28.94 -33.55
CA ALA C 234 -14.34 28.98 -34.70
C ALA C 234 -14.26 27.64 -35.44
N GLU C 235 -14.53 26.50 -34.76
CA GLU C 235 -14.52 25.19 -35.39
C GLU C 235 -15.89 24.52 -35.36
N THR C 236 -16.95 25.33 -35.28
CA THR C 236 -18.33 24.84 -35.29
C THR C 236 -19.06 25.58 -36.39
N PRO C 237 -18.96 25.11 -37.65
CA PRO C 237 -19.64 25.76 -38.78
C PRO C 237 -21.15 26.02 -38.73
N THR C 238 -21.92 25.29 -37.91
CA THR C 238 -23.37 25.41 -37.93
C THR C 238 -23.83 26.58 -37.08
N ILE C 239 -22.95 27.13 -36.23
CA ILE C 239 -23.33 28.21 -35.34
C ILE C 239 -23.45 29.51 -36.14
N GLU C 240 -24.65 30.07 -36.13
CA GLU C 240 -24.98 31.31 -36.81
C GLU C 240 -25.08 32.49 -35.85
N LYS C 241 -25.27 32.25 -34.56
CA LYS C 241 -25.43 33.34 -33.61
C LYS C 241 -24.98 32.88 -32.22
N VAL C 242 -24.25 33.75 -31.51
CA VAL C 242 -23.88 33.51 -30.13
C VAL C 242 -24.46 34.63 -29.26
N PHE C 243 -25.44 34.28 -28.40
CA PHE C 243 -26.06 35.22 -27.48
C PHE C 243 -25.26 35.19 -26.19
N VAL C 244 -24.89 36.37 -25.68
CA VAL C 244 -23.98 36.50 -24.56
C VAL C 244 -24.66 37.24 -23.40
N GLN C 245 -24.86 36.53 -22.29
CA GLN C 245 -25.35 37.13 -21.05
C GLN C 245 -24.25 37.98 -20.39
N ARG C 246 -24.63 39.18 -19.93
CA ARG C 246 -23.70 40.09 -19.26
C ARG C 246 -23.77 39.83 -17.76
N HIS C 247 -22.92 38.89 -17.30
CA HIS C 247 -22.89 38.44 -15.93
C HIS C 247 -21.67 39.02 -15.20
N THR C 248 -20.46 38.86 -15.74
CA THR C 248 -19.28 39.39 -15.07
C THR C 248 -19.14 40.86 -15.37
N GLY C 249 -19.50 41.24 -16.59
CA GLY C 249 -19.38 42.62 -17.05
C GLY C 249 -18.00 42.94 -17.60
N PHE C 250 -17.09 41.95 -17.62
CA PHE C 250 -15.74 42.17 -18.08
C PHE C 250 -15.75 42.39 -19.59
N GLU C 251 -14.77 43.18 -20.05
CA GLU C 251 -14.56 43.34 -21.47
C GLU C 251 -14.14 41.99 -22.06
N VAL C 252 -14.91 41.54 -23.05
CA VAL C 252 -14.61 40.29 -23.73
C VAL C 252 -14.73 40.52 -25.23
N PRO C 253 -13.94 39.79 -26.05
CA PRO C 253 -14.03 39.89 -27.50
C PRO C 253 -15.39 39.47 -28.05
N MET C 254 -15.98 40.33 -28.89
CA MET C 254 -17.27 40.10 -29.50
C MET C 254 -17.08 40.26 -31.01
N ALA C 255 -17.23 39.16 -31.75
CA ALA C 255 -17.12 39.19 -33.20
C ALA C 255 -18.39 39.81 -33.79
N GLU C 256 -18.24 40.94 -34.51
CA GLU C 256 -19.37 41.69 -35.03
C GLU C 256 -20.18 40.82 -36.00
N GLY C 257 -21.52 40.82 -35.84
CA GLY C 257 -22.38 40.06 -36.73
C GLY C 257 -22.80 38.71 -36.15
N ARG C 258 -21.91 38.01 -35.44
CA ARG C 258 -22.21 36.71 -34.86
C ARG C 258 -22.55 36.81 -33.38
N ASP C 259 -21.77 37.61 -32.63
CA ASP C 259 -21.92 37.70 -31.20
C ASP C 259 -22.73 38.94 -30.81
N VAL C 260 -23.73 38.74 -29.96
CA VAL C 260 -24.49 39.87 -29.47
C VAL C 260 -24.93 39.66 -28.02
N TYR C 261 -24.99 40.77 -27.28
CA TYR C 261 -25.34 40.76 -25.88
C TYR C 261 -26.86 40.58 -25.76
N LEU C 262 -27.27 39.70 -24.84
CA LEU C 262 -28.67 39.37 -24.66
C LEU C 262 -29.43 40.60 -24.19
N ASP C 263 -28.81 41.40 -23.31
CA ASP C 263 -29.51 42.51 -22.68
C ASP C 263 -29.73 43.65 -23.67
N VAL C 264 -28.95 43.75 -24.77
CA VAL C 264 -29.19 44.79 -25.76
C VAL C 264 -30.39 44.38 -26.61
N LEU C 265 -30.57 43.08 -26.86
CA LEU C 265 -31.73 42.58 -27.59
C LEU C 265 -33.02 42.65 -26.76
N LEU C 266 -32.94 42.28 -25.47
CA LEU C 266 -34.09 42.30 -24.57
C LEU C 266 -34.56 43.74 -24.30
N ASN C 267 -33.74 44.76 -24.58
CA ASN C 267 -34.20 46.14 -24.47
C ASN C 267 -35.29 46.51 -25.49
N ASP C 268 -35.33 45.81 -26.63
CA ASP C 268 -36.30 46.08 -27.68
C ASP C 268 -37.44 45.05 -27.61
N ILE C 269 -37.66 44.43 -26.44
CA ILE C 269 -38.64 43.36 -26.31
C ILE C 269 -39.55 43.71 -25.12
N PRO C 270 -40.76 44.27 -25.37
CA PRO C 270 -41.69 44.63 -24.29
C PRO C 270 -41.83 43.58 -23.19
N GLU C 271 -42.28 44.02 -22.00
CA GLU C 271 -42.48 43.16 -20.83
C GLU C 271 -43.72 42.28 -20.97
N ASP C 272 -44.61 42.63 -21.90
CA ASP C 272 -45.91 41.99 -22.04
C ASP C 272 -45.86 40.98 -23.20
N THR C 273 -44.67 40.75 -23.74
CA THR C 273 -44.46 39.83 -24.85
C THR C 273 -44.88 38.42 -24.41
N VAL C 274 -45.61 37.74 -25.32
CA VAL C 274 -46.02 36.36 -25.13
C VAL C 274 -45.69 35.58 -26.40
N VAL C 275 -44.94 34.50 -26.21
CA VAL C 275 -44.80 33.45 -27.19
C VAL C 275 -45.56 32.24 -26.66
N PRO C 276 -46.66 31.81 -27.32
CA PRO C 276 -47.46 30.70 -26.80
C PRO C 276 -46.60 29.44 -26.87
N CYS C 277 -46.86 28.46 -26.00
CA CYS C 277 -46.14 27.20 -26.10
C CYS C 277 -46.50 26.53 -27.41
N GLU C 278 -45.48 26.02 -28.09
CA GLU C 278 -45.68 25.14 -29.23
C GLU C 278 -46.20 23.79 -28.71
N PRO C 279 -47.38 23.31 -29.17
CA PRO C 279 -47.86 21.98 -28.78
C PRO C 279 -47.07 20.97 -29.61
N VAL C 280 -46.26 20.17 -28.95
CA VAL C 280 -45.45 19.20 -29.67
C VAL C 280 -45.96 17.81 -29.32
N ASP C 281 -45.67 16.82 -30.19
CA ASP C 281 -45.96 15.43 -29.90
C ASP C 281 -45.28 15.08 -28.57
N SER C 282 -45.85 14.11 -27.85
CA SER C 282 -45.30 13.72 -26.57
C SER C 282 -43.89 13.16 -26.76
N GLU C 283 -43.61 12.67 -27.98
CA GLU C 283 -42.35 12.04 -28.33
C GLU C 283 -41.38 12.96 -29.09
N ASP C 284 -41.67 14.28 -29.15
CA ASP C 284 -40.77 15.26 -29.74
C ASP C 284 -39.60 15.55 -28.79
N MET C 285 -38.45 15.93 -29.37
CA MET C 285 -37.25 16.08 -28.59
C MET C 285 -37.36 17.26 -27.66
N LEU C 286 -37.01 17.01 -26.39
CA LEU C 286 -36.85 18.05 -25.40
C LEU C 286 -35.38 18.48 -25.35
N TYR C 287 -34.48 17.50 -25.19
CA TYR C 287 -33.08 17.85 -25.05
C TYR C 287 -32.15 16.69 -25.41
N ILE C 288 -30.88 17.05 -25.61
CA ILE C 288 -29.78 16.13 -25.79
C ILE C 288 -28.78 16.36 -24.67
N LEU C 289 -28.30 15.28 -24.03
CA LEU C 289 -27.30 15.42 -22.98
C LEU C 289 -26.16 14.44 -23.19
N TYR C 290 -24.97 14.97 -23.51
CA TYR C 290 -23.81 14.16 -23.86
C TYR C 290 -23.27 13.53 -22.58
N THR C 291 -23.06 12.21 -22.63
CA THR C 291 -22.49 11.49 -21.53
CA THR C 291 -22.60 11.39 -21.53
C THR C 291 -21.51 10.48 -22.06
N SER C 292 -20.54 10.19 -21.21
CA SER C 292 -19.37 9.43 -21.55
C SER C 292 -19.68 7.96 -21.29
N GLY C 293 -19.48 7.19 -22.35
CA GLY C 293 -19.90 5.82 -22.45
C GLY C 293 -18.64 4.97 -22.57
N SER C 294 -18.57 4.17 -23.66
CA SER C 294 -17.60 3.09 -23.85
C SER C 294 -16.88 3.20 -25.20
N THR C 295 -17.04 4.34 -25.90
CA THR C 295 -16.33 4.63 -27.14
C THR C 295 -15.66 5.99 -27.02
N GLY C 296 -14.87 6.36 -28.04
CA GLY C 296 -14.00 7.52 -27.98
C GLY C 296 -14.76 8.85 -28.05
N LYS C 297 -16.06 8.76 -28.38
CA LYS C 297 -16.93 9.91 -28.56
C LYS C 297 -18.01 9.84 -27.50
N PRO C 298 -18.40 10.96 -26.87
CA PRO C 298 -19.56 10.98 -25.97
C PRO C 298 -20.82 10.84 -26.81
N LYS C 299 -21.85 10.26 -26.18
CA LYS C 299 -23.12 9.92 -26.79
C LYS C 299 -24.18 10.92 -26.32
N GLY C 300 -24.96 11.40 -27.26
CA GLY C 300 -26.05 12.31 -26.95
C GLY C 300 -27.34 11.57 -26.60
N VAL C 301 -27.62 11.51 -25.30
CA VAL C 301 -28.84 10.93 -24.81
C VAL C 301 -29.98 11.88 -25.12
N VAL C 302 -31.00 11.35 -25.80
CA VAL C 302 -32.16 12.12 -26.24
C VAL C 302 -33.33 11.83 -25.30
N HIS C 303 -33.89 12.90 -24.73
CA HIS C 303 -35.12 12.83 -23.95
C HIS C 303 -36.23 13.61 -24.65
N VAL C 304 -37.47 13.18 -24.42
CA VAL C 304 -38.65 13.73 -25.06
C VAL C 304 -39.54 14.43 -24.03
N HIS C 305 -40.52 15.20 -24.49
CA HIS C 305 -41.32 16.04 -23.62
C HIS C 305 -42.22 15.22 -22.69
N GLY C 306 -42.95 14.24 -23.26
CA GLY C 306 -44.11 13.64 -22.61
C GLY C 306 -43.75 12.76 -21.42
N GLY C 307 -43.15 11.60 -21.70
CA GLY C 307 -42.78 10.66 -20.65
C GLY C 307 -41.81 11.26 -19.62
N TYR C 308 -40.91 12.12 -20.08
CA TYR C 308 -39.92 12.71 -19.20
C TYR C 308 -40.60 13.55 -18.13
N ALA C 309 -41.48 14.46 -18.58
CA ALA C 309 -42.28 15.28 -17.69
C ALA C 309 -42.98 14.44 -16.62
N VAL C 310 -43.69 13.39 -17.06
CA VAL C 310 -44.48 12.58 -16.16
C VAL C 310 -43.59 11.90 -15.12
N GLY C 311 -42.48 11.32 -15.59
CA GLY C 311 -41.53 10.61 -14.73
C GLY C 311 -40.89 11.52 -13.70
N CYS C 312 -40.36 12.65 -14.18
CA CYS C 312 -39.72 13.62 -13.31
C CYS C 312 -40.72 14.22 -12.34
N TYR C 313 -41.91 14.54 -12.83
CA TYR C 313 -42.98 15.02 -11.98
C TYR C 313 -43.25 14.02 -10.85
N ALA C 314 -43.48 12.75 -11.21
CA ALA C 314 -43.97 11.76 -10.24
C ALA C 314 -42.89 11.44 -9.22
N THR C 315 -41.66 11.23 -9.67
CA THR C 315 -40.56 10.85 -8.78
C THR C 315 -40.24 12.00 -7.84
N THR C 316 -40.29 13.25 -8.30
CA THR C 316 -40.09 14.39 -7.40
C THR C 316 -41.20 14.41 -6.34
N LYS C 317 -42.45 14.23 -6.79
CA LYS C 317 -43.59 14.22 -5.90
C LYS C 317 -43.41 13.19 -4.77
N PHE C 318 -43.01 11.97 -5.10
CA PHE C 318 -43.07 10.88 -4.13
C PHE C 318 -41.80 10.80 -3.31
N VAL C 319 -40.64 11.01 -3.92
CA VAL C 319 -39.36 10.79 -3.26
C VAL C 319 -39.07 11.98 -2.33
N PHE C 320 -39.28 13.19 -2.84
CA PHE C 320 -38.98 14.37 -2.06
C PHE C 320 -40.24 14.93 -1.41
N ASP C 321 -41.38 14.27 -1.60
CA ASP C 321 -42.55 14.55 -0.80
C ASP C 321 -42.95 16.03 -0.89
N ILE C 322 -42.88 16.66 -2.07
CA ILE C 322 -43.00 18.11 -2.14
C ILE C 322 -44.38 18.58 -1.64
N LYS C 323 -44.37 19.58 -0.75
CA LYS C 323 -45.58 20.23 -0.28
C LYS C 323 -45.60 21.67 -0.78
N PRO C 324 -46.77 22.35 -0.81
CA PRO C 324 -46.80 23.79 -1.08
C PRO C 324 -45.85 24.69 -0.29
N SER C 325 -45.48 24.32 0.94
CA SER C 325 -44.69 25.22 1.78
C SER C 325 -43.17 25.03 1.60
N ASP C 326 -42.77 24.02 0.79
CA ASP C 326 -41.40 23.53 0.80
C ASP C 326 -40.47 24.39 -0.05
N VAL C 327 -39.29 24.67 0.52
CA VAL C 327 -38.16 25.14 -0.26
C VAL C 327 -37.22 23.97 -0.52
N PHE C 328 -36.82 23.81 -1.79
CA PHE C 328 -36.06 22.67 -2.27
C PHE C 328 -34.74 23.10 -2.91
N TRP C 329 -33.68 22.32 -2.63
CA TRP C 329 -32.36 22.62 -3.16
C TRP C 329 -31.66 21.34 -3.62
N CYS C 330 -31.50 21.21 -4.93
CA CYS C 330 -30.58 20.23 -5.48
C CYS C 330 -29.27 20.93 -5.84
N THR C 331 -28.16 20.43 -5.30
CA THR C 331 -26.90 21.16 -5.41
C THR C 331 -26.21 20.84 -6.73
N ALA C 332 -26.83 20.01 -7.57
CA ALA C 332 -26.14 19.57 -8.78
C ALA C 332 -26.16 20.70 -9.80
N ASP C 333 -25.16 20.70 -10.69
CA ASP C 333 -25.09 21.62 -11.81
C ASP C 333 -26.15 21.26 -12.86
N ILE C 334 -26.67 22.29 -13.54
CA ILE C 334 -27.66 22.09 -14.61
C ILE C 334 -26.99 21.48 -15.83
N GLY C 335 -25.66 21.61 -15.93
CA GLY C 335 -24.85 20.88 -16.89
C GLY C 335 -25.00 19.34 -16.84
N TRP C 336 -25.47 18.77 -15.74
CA TRP C 336 -25.67 17.33 -15.66
C TRP C 336 -27.16 16.99 -15.56
N VAL C 337 -27.45 15.70 -15.75
CA VAL C 337 -28.85 15.28 -15.82
C VAL C 337 -29.56 15.61 -14.50
N THR C 338 -28.85 15.58 -13.38
CA THR C 338 -29.45 15.77 -12.08
C THR C 338 -30.07 17.16 -12.00
N GLY C 339 -29.38 18.15 -12.58
CA GLY C 339 -29.88 19.51 -12.62
C GLY C 339 -31.01 19.70 -13.63
N HIS C 340 -31.02 18.90 -14.69
CA HIS C 340 -32.13 18.93 -15.64
C HIS C 340 -33.42 18.43 -14.95
N SER C 341 -33.35 17.22 -14.37
CA SER C 341 -34.54 16.54 -13.87
C SER C 341 -34.95 17.05 -12.49
N TYR C 342 -33.99 17.36 -11.61
CA TYR C 342 -34.32 17.68 -10.23
C TYR C 342 -33.81 19.06 -9.81
N THR C 343 -33.53 19.95 -10.75
CA THR C 343 -33.44 21.37 -10.41
C THR C 343 -34.48 22.15 -11.20
N ILE C 344 -34.60 21.89 -12.51
CA ILE C 344 -35.57 22.60 -13.32
C ILE C 344 -36.91 21.84 -13.39
N TYR C 345 -36.99 20.77 -14.17
CA TYR C 345 -38.29 20.29 -14.62
C TYR C 345 -39.13 19.69 -13.47
N GLY C 346 -38.60 18.65 -12.83
CA GLY C 346 -39.27 18.00 -11.71
C GLY C 346 -39.82 19.00 -10.70
N PRO C 347 -38.97 19.81 -10.02
CA PRO C 347 -39.45 20.74 -9.00
C PRO C 347 -40.49 21.74 -9.47
N MET C 348 -40.30 22.29 -10.68
CA MET C 348 -41.17 23.34 -11.19
C MET C 348 -42.56 22.78 -11.51
N MET C 349 -42.65 21.51 -11.88
CA MET C 349 -43.94 20.86 -12.08
C MET C 349 -44.62 20.54 -10.75
N ASN C 350 -43.92 20.67 -9.62
CA ASN C 350 -44.52 20.50 -8.32
C ASN C 350 -44.66 21.87 -7.66
N ALA C 351 -44.46 22.93 -8.46
CA ALA C 351 -44.59 24.30 -8.02
C ALA C 351 -43.73 24.58 -6.78
N ALA C 352 -42.54 23.99 -6.73
CA ALA C 352 -41.65 24.19 -5.59
C ALA C 352 -40.98 25.57 -5.67
N SER C 353 -40.49 26.05 -4.52
CA SER C 353 -39.52 27.14 -4.48
C SER C 353 -38.12 26.53 -4.52
N ILE C 354 -37.30 26.96 -5.48
CA ILE C 354 -36.08 26.22 -5.80
C ILE C 354 -34.85 27.12 -5.62
N VAL C 355 -33.87 26.63 -4.85
CA VAL C 355 -32.60 27.32 -4.71
C VAL C 355 -31.69 27.03 -5.92
N LEU C 356 -31.13 28.10 -6.45
CA LEU C 356 -30.21 28.02 -7.56
C LEU C 356 -28.94 28.76 -7.14
N PHE C 357 -27.88 27.99 -6.89
CA PHE C 357 -26.61 28.52 -6.41
C PHE C 357 -25.53 28.52 -7.50
N GLU C 358 -24.89 29.68 -7.72
CA GLU C 358 -23.85 29.80 -8.74
C GLU C 358 -22.56 29.08 -8.33
N GLY C 359 -22.28 29.02 -7.03
CA GLY C 359 -20.93 28.87 -6.50
C GLY C 359 -20.57 27.42 -6.10
N ILE C 360 -19.67 27.30 -5.12
CA ILE C 360 -19.13 26.01 -4.68
C ILE C 360 -19.27 25.88 -3.17
N PRO C 361 -19.13 24.65 -2.63
CA PRO C 361 -19.23 24.40 -1.19
C PRO C 361 -18.24 25.10 -0.26
N THR C 362 -17.07 25.51 -0.77
CA THR C 362 -15.96 25.91 0.09
C THR C 362 -15.65 27.40 -0.03
N TYR C 363 -16.42 28.16 -0.81
CA TYR C 363 -16.12 29.59 -0.89
C TYR C 363 -17.33 30.41 -0.43
N PRO C 364 -17.17 31.43 0.44
CA PRO C 364 -15.87 31.81 1.04
C PRO C 364 -15.28 30.94 2.15
N ALA C 365 -16.11 30.10 2.76
CA ALA C 365 -15.64 29.10 3.71
C ALA C 365 -16.51 27.85 3.58
N ALA C 366 -16.17 26.82 4.34
CA ALA C 366 -16.72 25.49 4.11
C ALA C 366 -18.08 25.33 4.78
N ASP C 367 -18.63 26.42 5.32
CA ASP C 367 -19.97 26.39 5.86
C ASP C 367 -20.96 26.99 4.86
N ARG C 368 -20.55 27.15 3.60
CA ARG C 368 -21.37 27.92 2.68
C ARG C 368 -22.75 27.28 2.47
N PHE C 369 -22.78 25.96 2.26
CA PHE C 369 -24.02 25.19 2.09
C PHE C 369 -24.96 25.36 3.28
N TRP C 370 -24.40 25.47 4.49
CA TRP C 370 -25.23 25.55 5.67
C TRP C 370 -25.73 26.99 5.86
N SER C 371 -24.94 27.98 5.40
CA SER C 371 -25.42 29.36 5.31
C SER C 371 -26.59 29.44 4.37
N ILE C 372 -26.57 28.66 3.30
CA ILE C 372 -27.62 28.78 2.29
C ILE C 372 -28.91 28.14 2.82
N VAL C 373 -28.79 27.04 3.56
CA VAL C 373 -29.95 26.36 4.13
C VAL C 373 -30.66 27.30 5.11
N GLU C 374 -29.89 27.99 5.95
CA GLU C 374 -30.43 28.90 6.95
C GLU C 374 -31.06 30.13 6.29
N LYS C 375 -30.39 30.66 5.25
CA LYS C 375 -30.82 31.87 4.56
C LYS C 375 -32.21 31.70 3.91
N TYR C 376 -32.47 30.52 3.32
CA TYR C 376 -33.71 30.29 2.58
C TYR C 376 -34.68 29.33 3.31
N LYS C 377 -34.33 28.89 4.52
CA LYS C 377 -35.12 27.91 5.27
C LYS C 377 -35.42 26.71 4.37
N VAL C 378 -34.37 26.15 3.78
CA VAL C 378 -34.50 25.05 2.84
C VAL C 378 -35.04 23.83 3.58
N ASN C 379 -36.00 23.14 2.96
CA ASN C 379 -36.68 22.03 3.60
C ASN C 379 -36.17 20.71 3.06
N ILE C 380 -35.64 20.71 1.84
CA ILE C 380 -35.16 19.51 1.19
C ILE C 380 -33.84 19.83 0.50
N ILE C 381 -32.80 19.04 0.78
CA ILE C 381 -31.52 19.20 0.13
C ILE C 381 -31.14 17.87 -0.54
N TYR C 382 -30.75 17.93 -1.82
CA TYR C 382 -30.33 16.79 -2.61
C TYR C 382 -28.91 17.06 -3.10
N THR C 383 -27.91 16.37 -2.52
CA THR C 383 -26.54 16.67 -2.84
C THR C 383 -25.83 15.38 -3.24
N ALA C 384 -24.50 15.45 -3.26
CA ALA C 384 -23.66 14.36 -3.74
C ALA C 384 -22.67 13.93 -2.67
N PRO C 385 -22.31 12.63 -2.60
CA PRO C 385 -21.31 12.18 -1.64
C PRO C 385 -19.99 12.95 -1.72
N THR C 386 -19.64 13.41 -2.93
CA THR C 386 -18.44 14.19 -3.17
C THR C 386 -18.44 15.41 -2.26
N ALA C 387 -19.55 16.17 -2.23
CA ALA C 387 -19.69 17.34 -1.36
C ALA C 387 -19.60 16.91 0.09
N ILE C 388 -20.27 15.82 0.44
CA ILE C 388 -20.25 15.38 1.82
C ILE C 388 -18.81 15.03 2.25
N ARG C 389 -18.07 14.25 1.44
CA ARG C 389 -16.73 13.81 1.82
C ARG C 389 -15.80 15.02 1.97
N SER C 390 -15.95 15.96 1.05
CA SER C 390 -15.22 17.21 1.05
C SER C 390 -15.44 17.97 2.35
N LEU C 391 -16.70 18.12 2.76
CA LEU C 391 -17.04 18.94 3.91
C LEU C 391 -16.69 18.24 5.23
N MET C 392 -16.69 16.90 5.26
CA MET C 392 -16.34 16.15 6.46
C MET C 392 -14.92 16.47 6.92
N ARG C 393 -14.04 16.84 5.99
CA ARG C 393 -12.67 17.18 6.33
C ARG C 393 -12.55 18.42 7.23
N PHE C 394 -13.57 19.29 7.25
CA PHE C 394 -13.49 20.57 7.93
C PHE C 394 -14.14 20.53 9.32
N GLY C 395 -14.73 19.39 9.73
CA GLY C 395 -15.16 19.24 11.12
C GLY C 395 -16.64 19.56 11.31
N GLU C 396 -17.13 19.23 12.50
CA GLU C 396 -18.56 19.25 12.81
C GLU C 396 -19.03 20.62 13.27
N GLU C 397 -18.07 21.48 13.64
CA GLU C 397 -18.34 22.83 14.12
C GLU C 397 -18.98 23.66 13.00
N LEU C 398 -18.54 23.48 11.75
CA LEU C 398 -19.06 24.31 10.68
C LEU C 398 -20.58 24.15 10.54
N PRO C 399 -21.20 22.96 10.34
CA PRO C 399 -22.65 22.88 10.32
C PRO C 399 -23.37 23.37 11.58
N ALA C 400 -22.77 23.13 12.75
CA ALA C 400 -23.36 23.49 14.03
C ALA C 400 -23.44 25.01 14.22
N ARG C 401 -22.69 25.79 13.42
CA ARG C 401 -22.75 27.24 13.48
C ARG C 401 -24.02 27.80 12.85
N HIS C 402 -24.85 26.96 12.22
CA HIS C 402 -26.04 27.46 11.51
C HIS C 402 -27.27 26.64 11.93
N ASP C 403 -28.42 27.28 11.84
CA ASP C 403 -29.72 26.69 12.13
C ASP C 403 -30.15 25.89 10.91
N LEU C 404 -30.16 24.56 11.04
CA LEU C 404 -30.50 23.67 9.95
C LEU C 404 -31.85 23.00 10.20
N SER C 405 -32.58 23.46 11.21
CA SER C 405 -33.83 22.86 11.65
C SER C 405 -34.96 23.00 10.61
N SER C 406 -34.78 23.84 9.59
CA SER C 406 -35.77 23.93 8.53
C SER C 406 -35.86 22.62 7.74
N LEU C 407 -34.74 21.86 7.64
CA LEU C 407 -34.69 20.66 6.83
C LEU C 407 -35.64 19.60 7.35
N ARG C 408 -36.32 18.89 6.43
CA ARG C 408 -37.07 17.68 6.79
C ARG C 408 -36.66 16.46 5.95
N ILE C 409 -36.03 16.64 4.78
CA ILE C 409 -35.57 15.52 3.95
C ILE C 409 -34.19 15.79 3.38
N LEU C 410 -33.31 14.78 3.47
CA LEU C 410 -31.99 14.80 2.88
C LEU C 410 -31.91 13.79 1.76
N GLY C 411 -31.02 14.03 0.79
CA GLY C 411 -30.88 13.16 -0.35
C GLY C 411 -29.44 13.13 -0.87
N THR C 412 -29.08 12.01 -1.51
CA THR C 412 -27.75 11.81 -2.06
C THR C 412 -27.87 11.09 -3.40
N VAL C 413 -27.04 11.51 -4.37
CA VAL C 413 -27.05 10.93 -5.72
C VAL C 413 -25.64 10.89 -6.33
N GLY C 414 -25.42 9.91 -7.22
CA GLY C 414 -24.31 9.96 -8.15
C GLY C 414 -23.31 8.80 -7.99
N GLU C 415 -23.19 8.27 -6.76
CA GLU C 415 -22.07 7.39 -6.43
C GLU C 415 -22.38 6.72 -5.10
N PRO C 416 -21.71 5.62 -4.70
CA PRO C 416 -21.97 5.02 -3.40
C PRO C 416 -21.67 6.05 -2.33
N ILE C 417 -22.49 6.05 -1.28
CA ILE C 417 -22.15 6.82 -0.11
C ILE C 417 -21.68 5.81 0.94
N ASN C 418 -20.45 5.97 1.41
CA ASN C 418 -19.91 5.05 2.39
C ASN C 418 -20.67 5.24 3.71
N PRO C 419 -20.68 4.23 4.59
CA PRO C 419 -21.37 4.34 5.89
C PRO C 419 -20.97 5.51 6.79
N GLU C 420 -19.67 5.79 6.86
CA GLU C 420 -19.15 6.89 7.67
C GLU C 420 -19.79 8.20 7.22
N ALA C 421 -19.87 8.44 5.90
CA ALA C 421 -20.41 9.67 5.35
C ALA C 421 -21.94 9.78 5.50
N TRP C 422 -22.63 8.66 5.31
CA TRP C 422 -24.04 8.57 5.58
C TRP C 422 -24.34 8.99 7.02
N MET C 423 -23.58 8.46 7.99
CA MET C 423 -23.72 8.80 9.41
C MET C 423 -23.40 10.27 9.72
N TRP C 424 -22.31 10.81 9.17
CA TRP C 424 -21.98 12.23 9.32
C TRP C 424 -23.13 13.10 8.84
N TYR C 425 -23.68 12.75 7.68
CA TYR C 425 -24.76 13.50 7.07
C TYR C 425 -25.99 13.44 7.96
N ARG C 426 -26.33 12.25 8.48
CA ARG C 426 -27.54 12.07 9.23
C ARG C 426 -27.42 12.74 10.59
N LYS C 427 -26.26 12.60 11.24
CA LYS C 427 -26.00 13.22 12.53
C LYS C 427 -25.92 14.76 12.43
N ASN C 428 -25.01 15.29 11.63
CA ASN C 428 -24.71 16.71 11.62
C ASN C 428 -25.74 17.53 10.85
N ILE C 429 -26.23 17.01 9.71
CA ILE C 429 -27.16 17.75 8.88
C ILE C 429 -28.61 17.33 9.20
N GLY C 430 -28.81 16.13 9.73
CA GLY C 430 -30.16 15.66 9.97
C GLY C 430 -30.51 15.42 11.44
N HIS C 431 -29.69 15.91 12.39
CA HIS C 431 -29.84 15.68 13.83
C HIS C 431 -30.31 14.27 14.20
N ASN C 432 -29.77 13.23 13.56
CA ASN C 432 -30.07 11.83 13.85
C ASN C 432 -31.53 11.46 13.66
N GLU C 433 -32.23 12.16 12.78
CA GLU C 433 -33.66 11.96 12.59
C GLU C 433 -34.04 11.94 11.10
N LEU C 434 -33.46 12.81 10.29
CA LEU C 434 -33.96 12.99 8.94
C LEU C 434 -33.64 11.76 8.08
N PRO C 435 -34.57 11.39 7.20
CA PRO C 435 -34.27 10.34 6.22
C PRO C 435 -33.33 10.82 5.12
N ILE C 436 -32.47 9.90 4.67
CA ILE C 436 -31.59 10.09 3.54
C ILE C 436 -32.14 9.27 2.36
N MET C 437 -32.66 10.00 1.36
CA MET C 437 -33.05 9.45 0.08
C MET C 437 -31.80 9.23 -0.77
N ASP C 438 -31.28 8.00 -0.76
CA ASP C 438 -30.14 7.61 -1.58
C ASP C 438 -30.66 7.10 -2.92
N THR C 439 -30.57 7.94 -3.96
CA THR C 439 -31.23 7.66 -5.22
C THR C 439 -30.24 7.09 -6.23
N TRP C 440 -30.57 5.93 -6.77
CA TRP C 440 -29.85 5.41 -7.92
C TRP C 440 -30.65 5.66 -9.20
N TRP C 441 -29.96 6.25 -10.19
CA TRP C 441 -30.38 6.39 -11.57
C TRP C 441 -29.20 6.86 -12.43
N GLN C 442 -29.44 7.17 -13.70
CA GLN C 442 -28.39 7.52 -14.65
C GLN C 442 -28.97 8.50 -15.68
N THR C 443 -28.12 9.15 -16.45
CA THR C 443 -28.55 10.07 -17.48
C THR C 443 -29.55 9.38 -18.41
N GLU C 444 -29.28 8.12 -18.75
CA GLU C 444 -30.09 7.37 -19.69
C GLU C 444 -31.51 7.07 -19.17
N THR C 445 -31.73 7.06 -17.84
CA THR C 445 -33.01 6.67 -17.28
C THR C 445 -33.88 7.90 -17.12
N GLY C 446 -33.27 9.10 -17.15
CA GLY C 446 -34.04 10.34 -17.11
C GLY C 446 -34.64 10.67 -15.74
N MET C 447 -34.92 9.65 -14.93
CA MET C 447 -35.52 9.85 -13.62
C MET C 447 -34.98 8.81 -12.67
N ILE C 448 -35.23 9.06 -11.37
CA ILE C 448 -34.89 8.14 -10.29
C ILE C 448 -35.63 6.82 -10.48
N LEU C 449 -34.93 5.69 -10.27
CA LEU C 449 -35.47 4.34 -10.45
C LEU C 449 -35.51 3.56 -9.13
N ILE C 450 -34.46 3.64 -8.34
CA ILE C 450 -34.38 2.91 -7.09
C ILE C 450 -33.99 3.90 -6.00
N SER C 451 -34.80 4.02 -4.95
CA SER C 451 -34.66 5.08 -3.97
C SER C 451 -35.59 4.80 -2.81
N PRO C 452 -35.27 5.21 -1.58
CA PRO C 452 -36.25 5.23 -0.51
C PRO C 452 -37.32 6.25 -0.87
N THR C 453 -38.48 6.15 -0.22
CA THR C 453 -39.43 7.24 -0.15
C THR C 453 -39.54 7.55 1.33
N PRO C 454 -40.21 8.66 1.73
CA PRO C 454 -40.41 8.95 3.15
C PRO C 454 -40.87 7.82 4.06
N ILE C 455 -41.51 6.78 3.49
CA ILE C 455 -42.19 5.76 4.28
C ILE C 455 -41.34 4.50 4.47
N LEU C 456 -40.12 4.46 3.91
CA LEU C 456 -39.31 3.25 3.97
C LEU C 456 -38.22 3.37 5.04
N PRO C 457 -38.06 2.35 5.92
CA PRO C 457 -36.88 2.24 6.76
C PRO C 457 -35.62 2.17 5.90
N LEU C 458 -34.53 2.73 6.43
CA LEU C 458 -33.32 2.97 5.63
C LEU C 458 -32.19 2.15 6.17
N LYS C 459 -31.34 1.67 5.25
CA LYS C 459 -30.05 1.10 5.60
C LYS C 459 -28.95 1.97 5.01
N PRO C 460 -27.89 2.33 5.78
CA PRO C 460 -26.81 3.16 5.26
C PRO C 460 -26.12 2.54 4.04
N GLY C 461 -26.06 3.26 2.92
CA GLY C 461 -25.33 2.82 1.74
C GLY C 461 -26.22 2.09 0.74
N SER C 462 -27.53 2.08 0.96
CA SER C 462 -28.45 1.24 0.21
C SER C 462 -29.46 2.12 -0.52
N ALA C 463 -29.64 1.88 -1.82
CA ALA C 463 -30.62 2.64 -2.55
C ALA C 463 -32.01 2.14 -2.23
N SER C 464 -32.11 1.02 -1.49
CA SER C 464 -33.38 0.60 -0.94
C SER C 464 -34.17 -0.21 -1.98
N ARG C 465 -35.43 0.15 -2.22
CA ARG C 465 -36.33 -0.58 -3.10
C ARG C 465 -36.61 0.25 -4.35
N PRO C 466 -37.05 -0.42 -5.44
CA PRO C 466 -37.45 0.28 -6.65
C PRO C 466 -38.68 1.14 -6.40
N LEU C 467 -38.77 2.24 -7.17
CA LEU C 467 -39.96 3.07 -7.22
C LEU C 467 -41.08 2.29 -7.92
N PRO C 468 -42.35 2.73 -7.81
CA PRO C 468 -43.45 1.97 -8.39
C PRO C 468 -43.26 1.75 -9.89
N THR C 469 -43.63 0.55 -10.36
CA THR C 469 -43.62 0.14 -11.76
C THR C 469 -42.25 -0.33 -12.22
N ILE C 470 -41.18 -0.01 -11.47
CA ILE C 470 -39.81 -0.33 -11.87
C ILE C 470 -39.47 -1.77 -11.48
N GLU C 471 -39.36 -2.67 -12.48
CA GLU C 471 -39.06 -4.07 -12.24
C GLU C 471 -37.55 -4.29 -12.30
N ALA C 472 -36.85 -3.97 -11.19
CA ALA C 472 -35.41 -4.12 -11.10
C ALA C 472 -35.03 -5.52 -10.62
N ASP C 473 -33.84 -6.00 -10.98
CA ASP C 473 -33.40 -7.33 -10.57
C ASP C 473 -31.89 -7.41 -10.73
N VAL C 474 -31.31 -8.51 -10.21
CA VAL C 474 -29.89 -8.79 -10.28
C VAL C 474 -29.70 -10.16 -10.93
N VAL C 475 -28.96 -10.22 -12.04
CA VAL C 475 -28.88 -11.41 -12.87
C VAL C 475 -27.43 -11.65 -13.27
N ASN C 476 -27.16 -12.87 -13.79
CA ASN C 476 -25.85 -13.18 -14.37
C ASN C 476 -25.85 -12.82 -15.86
N LYS C 477 -24.76 -13.17 -16.57
CA LYS C 477 -24.56 -12.82 -17.97
C LYS C 477 -25.72 -13.29 -18.86
N ASP C 478 -26.37 -14.39 -18.49
CA ASP C 478 -27.39 -15.03 -19.32
C ASP C 478 -28.79 -14.59 -18.92
N GLY C 479 -28.94 -13.74 -17.89
CA GLY C 479 -30.22 -13.20 -17.48
C GLY C 479 -30.92 -13.98 -16.36
N LYS C 480 -30.29 -15.06 -15.85
CA LYS C 480 -30.84 -15.85 -14.76
C LYS C 480 -30.71 -15.08 -13.45
N PRO C 481 -31.74 -15.02 -12.57
CA PRO C 481 -31.58 -14.34 -11.27
C PRO C 481 -30.57 -15.12 -10.42
N VAL C 482 -29.71 -14.38 -9.67
CA VAL C 482 -28.67 -14.97 -8.85
C VAL C 482 -29.17 -15.20 -7.42
N GLY C 483 -30.27 -14.53 -7.04
CA GLY C 483 -30.85 -14.68 -5.73
C GLY C 483 -30.20 -13.74 -4.72
N PRO C 484 -30.64 -13.75 -3.44
CA PRO C 484 -30.23 -12.74 -2.48
C PRO C 484 -28.78 -12.88 -1.99
N GLU C 485 -28.14 -11.73 -1.82
CA GLU C 485 -26.81 -11.59 -1.26
C GLU C 485 -25.70 -12.00 -2.24
N NEP C 486 -26.02 -12.39 -3.48
CA NEP C 486 -24.97 -12.61 -4.47
C NEP C 486 -24.94 -11.42 -5.43
O NEP C 486 -25.97 -10.79 -5.71
CB NEP C 486 -25.13 -13.94 -5.25
CG NEP C 486 -25.30 -15.15 -4.37
ND1 NEP C 486 -26.51 -15.81 -4.34
CD2 NEP C 486 -24.42 -15.75 -3.51
CE1 NEP C 486 -26.38 -16.79 -3.48
NE2 NEP C 486 -25.12 -16.80 -2.94
P NEP C 486 -24.57 -17.94 -1.77
O1P NEP C 486 -25.58 -17.93 -0.63
O2P NEP C 486 -24.53 -19.32 -2.39
O3P NEP C 486 -23.21 -17.50 -1.28
H NEP C 486 -26.89 -12.52 -3.72
HA NEP C 486 -24.11 -12.64 -4.00
HB2 NEP C 486 -25.89 -13.86 -5.84
HB3 NEP C 486 -24.33 -14.05 -5.81
HD2 NEP C 486 -23.53 -15.49 -3.33
HE1 NEP C 486 -27.05 -17.40 -3.26
N GLY C 487 -23.74 -11.12 -5.91
CA GLY C 487 -23.53 -10.02 -6.84
C GLY C 487 -23.83 -10.43 -8.28
N GLY C 488 -24.27 -9.44 -9.06
CA GLY C 488 -24.55 -9.63 -10.47
C GLY C 488 -24.85 -8.31 -11.16
N PHE C 489 -25.46 -8.41 -12.34
CA PHE C 489 -25.73 -7.24 -13.14
C PHE C 489 -27.11 -6.68 -12.80
N LEU C 490 -27.18 -5.38 -12.57
CA LEU C 490 -28.44 -4.71 -12.32
C LEU C 490 -29.17 -4.50 -13.66
N ILE C 491 -30.39 -5.01 -13.75
CA ILE C 491 -31.20 -4.84 -14.94
C ILE C 491 -32.58 -4.32 -14.54
N ILE C 492 -33.30 -3.80 -15.54
CA ILE C 492 -34.68 -3.35 -15.38
C ILE C 492 -35.47 -4.04 -16.49
N ARG C 493 -36.64 -4.61 -16.18
CA ARG C 493 -37.26 -5.59 -17.09
C ARG C 493 -38.30 -4.99 -18.05
N HIS C 494 -38.80 -3.78 -17.78
CA HIS C 494 -39.83 -3.14 -18.59
CA HIS C 494 -39.81 -3.13 -18.62
C HIS C 494 -39.52 -1.63 -18.65
N PRO C 495 -39.81 -0.93 -19.77
CA PRO C 495 -39.59 0.52 -19.82
C PRO C 495 -40.38 1.33 -18.79
N TRP C 496 -39.92 2.59 -18.63
CA TRP C 496 -40.55 3.60 -17.80
C TRP C 496 -40.58 4.90 -18.61
N PRO C 497 -41.44 5.88 -18.26
CA PRO C 497 -41.75 7.01 -19.17
C PRO C 497 -40.63 7.98 -19.53
N ALA C 498 -39.67 8.11 -18.61
CA ALA C 498 -38.64 9.14 -18.72
C ALA C 498 -37.35 8.59 -19.31
N GLN C 499 -37.31 7.29 -19.63
CA GLN C 499 -36.16 6.70 -20.28
C GLN C 499 -35.81 7.42 -21.58
N MET C 500 -34.51 7.49 -21.87
CA MET C 500 -34.04 8.00 -23.14
C MET C 500 -34.73 7.23 -24.26
N ARG C 501 -34.99 7.91 -25.39
CA ARG C 501 -35.63 7.28 -26.54
C ARG C 501 -34.63 6.78 -27.57
N THR C 502 -33.53 7.50 -27.73
CA THR C 502 -32.44 7.05 -28.57
C THR C 502 -31.16 7.74 -28.13
N ILE C 503 -30.07 7.38 -28.80
CA ILE C 503 -28.81 8.10 -28.80
C ILE C 503 -28.68 8.82 -30.13
N PHE C 504 -28.44 10.14 -30.09
CA PHE C 504 -28.55 11.02 -31.24
C PHE C 504 -27.58 10.59 -32.33
N GLY C 505 -28.11 10.36 -33.53
CA GLY C 505 -27.33 9.92 -34.67
C GLY C 505 -26.69 8.53 -34.51
N ASP C 506 -27.05 7.78 -33.46
CA ASP C 506 -26.39 6.49 -33.23
C ASP C 506 -27.36 5.49 -32.62
N PRO C 507 -28.36 5.01 -33.37
CA PRO C 507 -29.33 4.06 -32.82
C PRO C 507 -28.80 2.66 -32.48
N ASP C 508 -27.64 2.29 -33.03
CA ASP C 508 -26.99 1.04 -32.68
C ASP C 508 -26.53 1.03 -31.22
N ARG C 509 -26.00 2.16 -30.73
CA ARG C 509 -25.56 2.29 -29.35
C ARG C 509 -26.76 2.21 -28.41
N TYR C 510 -27.87 2.83 -28.79
CA TYR C 510 -29.11 2.70 -28.01
C TYR C 510 -29.47 1.22 -27.86
N LYS C 511 -29.35 0.47 -28.96
CA LYS C 511 -29.85 -0.90 -28.97
C LYS C 511 -29.05 -1.78 -28.01
N THR C 512 -27.76 -1.51 -27.78
CA THR C 512 -27.00 -2.41 -26.94
C THR C 512 -27.49 -2.34 -25.48
N TYR C 513 -28.26 -1.32 -25.10
CA TYR C 513 -28.80 -1.24 -23.74
C TYR C 513 -29.84 -2.34 -23.52
N TRP C 514 -30.51 -2.77 -24.59
CA TRP C 514 -31.55 -3.77 -24.47
C TRP C 514 -31.13 -5.12 -25.02
N GLU C 515 -29.91 -5.24 -25.56
CA GLU C 515 -29.56 -6.45 -26.28
C GLU C 515 -28.27 -7.05 -25.75
N THR C 516 -27.69 -6.50 -24.67
CA THR C 516 -26.53 -7.11 -24.04
C THR C 516 -27.00 -8.31 -23.19
N ILE C 517 -28.07 -8.10 -22.42
CA ILE C 517 -28.71 -9.22 -21.74
C ILE C 517 -30.13 -9.27 -22.26
N PRO C 518 -30.54 -10.39 -22.87
CA PRO C 518 -31.73 -10.39 -23.72
C PRO C 518 -32.95 -9.92 -22.93
N ASP C 519 -33.69 -8.97 -23.54
CA ASP C 519 -35.06 -8.61 -23.19
C ASP C 519 -35.11 -7.60 -22.05
N VAL C 520 -33.96 -7.13 -21.56
CA VAL C 520 -33.94 -6.30 -20.38
C VAL C 520 -32.97 -5.16 -20.62
N TYR C 521 -33.11 -4.12 -19.79
CA TYR C 521 -32.28 -2.94 -19.84
C TYR C 521 -31.08 -3.17 -18.94
N PHE C 522 -29.90 -3.10 -19.54
CA PHE C 522 -28.66 -3.31 -18.82
C PHE C 522 -28.07 -1.98 -18.41
N ALA C 523 -27.90 -1.78 -17.09
CA ALA C 523 -27.51 -0.49 -16.53
C ALA C 523 -26.00 -0.26 -16.65
N GLY C 524 -25.21 -1.35 -16.68
CA GLY C 524 -23.77 -1.24 -16.57
C GLY C 524 -23.27 -1.12 -15.14
N ASP C 525 -24.14 -1.42 -14.17
CA ASP C 525 -23.81 -1.41 -12.76
C ASP C 525 -23.89 -2.82 -12.21
N ALA C 526 -23.03 -3.10 -11.25
CA ALA C 526 -23.09 -4.33 -10.48
C ALA C 526 -23.85 -4.03 -9.18
N ALA C 527 -24.61 -4.99 -8.71
CA ALA C 527 -25.47 -4.73 -7.59
C ALA C 527 -25.71 -6.01 -6.81
N THR C 528 -26.29 -5.82 -5.63
CA THR C 528 -26.64 -6.91 -4.74
C THR C 528 -27.99 -6.55 -4.15
N MET C 529 -28.81 -7.56 -3.97
CA MET C 529 -30.11 -7.39 -3.35
C MET C 529 -30.11 -8.24 -2.09
N ASP C 530 -30.43 -7.67 -0.93
CA ASP C 530 -30.43 -8.43 0.32
C ASP C 530 -31.79 -9.14 0.56
N LYS C 531 -31.96 -9.79 1.73
CA LYS C 531 -33.17 -10.57 2.01
C LYS C 531 -34.42 -9.69 2.07
N MET C 532 -34.31 -8.39 2.28
CA MET C 532 -35.50 -7.54 2.27
C MET C 532 -35.74 -6.91 0.90
N GLY C 533 -34.93 -7.24 -0.10
CA GLY C 533 -35.10 -6.64 -1.41
C GLY C 533 -34.45 -5.26 -1.51
N TYR C 534 -33.51 -4.96 -0.61
CA TYR C 534 -32.85 -3.66 -0.62
C TYR C 534 -31.63 -3.78 -1.53
N PHE C 535 -31.49 -2.83 -2.45
CA PHE C 535 -30.43 -2.82 -3.44
C PHE C 535 -29.21 -2.04 -2.92
N ARG C 536 -28.03 -2.60 -3.16
CA ARG C 536 -26.78 -1.87 -3.04
C ARG C 536 -26.05 -1.94 -4.38
N ILE C 537 -25.57 -0.79 -4.84
CA ILE C 537 -24.92 -0.68 -6.13
C ILE C 537 -23.42 -0.63 -5.88
N GLN C 538 -22.64 -1.56 -6.44
CA GLN C 538 -21.20 -1.57 -6.23
C GLN C 538 -20.49 -0.60 -7.19
N GLY C 539 -20.80 -0.66 -8.48
CA GLY C 539 -20.29 0.32 -9.41
C GLY C 539 -20.26 -0.25 -10.83
N ARG C 540 -19.64 0.51 -11.74
CA ARG C 540 -19.69 0.23 -13.17
C ARG C 540 -18.97 -1.08 -13.48
N VAL C 541 -19.51 -1.90 -14.39
CA VAL C 541 -18.80 -3.10 -14.82
C VAL C 541 -18.08 -2.86 -16.13
N ASP C 542 -18.22 -1.65 -16.70
CA ASP C 542 -17.64 -1.29 -17.98
C ASP C 542 -16.48 -0.31 -17.73
N ASP C 543 -16.30 0.69 -18.60
CA ASP C 543 -15.12 1.56 -18.59
C ASP C 543 -15.45 2.97 -18.08
N VAL C 544 -16.57 3.13 -17.38
CA VAL C 544 -16.93 4.45 -16.91
C VAL C 544 -16.28 4.68 -15.55
N ILE C 545 -15.77 5.90 -15.36
CA ILE C 545 -15.08 6.34 -14.17
C ILE C 545 -15.82 7.58 -13.66
N LYS C 546 -16.11 7.60 -12.34
CA LYS C 546 -16.67 8.78 -11.68
C LYS C 546 -15.58 9.43 -10.84
N VAL C 547 -15.26 10.68 -11.17
CA VAL C 547 -14.24 11.47 -10.49
C VAL C 547 -14.92 12.73 -9.98
N SER C 548 -14.97 12.87 -8.65
CA SER C 548 -15.66 13.96 -7.97
C SER C 548 -17.10 14.09 -8.46
N GLY C 549 -17.79 12.95 -8.58
CA GLY C 549 -19.17 12.90 -9.06
C GLY C 549 -19.37 13.12 -10.57
N HIS C 550 -18.30 13.30 -11.35
CA HIS C 550 -18.45 13.55 -12.78
C HIS C 550 -18.18 12.26 -13.54
N ARG C 551 -19.08 11.94 -14.48
CA ARG C 551 -19.01 10.73 -15.28
C ARG C 551 -18.06 10.94 -16.46
N LEU C 552 -16.98 10.14 -16.50
CA LEU C 552 -15.97 10.24 -17.55
C LEU C 552 -15.85 8.87 -18.23
N GLY C 553 -15.35 8.88 -19.46
CA GLY C 553 -15.10 7.65 -20.20
C GLY C 553 -13.61 7.46 -20.47
N SER C 554 -13.16 6.21 -20.23
CA SER C 554 -11.80 5.77 -20.46
C SER C 554 -11.31 6.14 -21.86
N MET C 555 -12.09 5.78 -22.88
CA MET C 555 -11.66 5.93 -24.26
C MET C 555 -11.66 7.41 -24.64
N GLU C 556 -12.49 8.20 -23.97
CA GLU C 556 -12.60 9.62 -24.27
C GLU C 556 -11.33 10.33 -23.81
N ILE C 557 -10.79 9.90 -22.65
CA ILE C 557 -9.58 10.44 -22.05
C ILE C 557 -8.34 10.01 -22.85
N GLU C 558 -8.27 8.71 -23.20
CA GLU C 558 -7.20 8.17 -24.04
C GLU C 558 -7.08 8.96 -25.34
N SER C 559 -8.21 9.26 -25.98
CA SER C 559 -8.25 10.04 -27.21
C SER C 559 -7.60 11.41 -27.05
N SER C 560 -7.84 12.05 -25.89
CA SER C 560 -7.31 13.40 -25.64
C SER C 560 -5.79 13.36 -25.55
N LEU C 561 -5.23 12.29 -24.96
CA LEU C 561 -3.79 12.07 -24.95
C LEU C 561 -3.25 11.67 -26.32
N VAL C 562 -3.97 10.80 -27.03
CA VAL C 562 -3.43 10.26 -28.27
C VAL C 562 -3.30 11.36 -29.32
N SER C 563 -4.14 12.42 -29.24
CA SER C 563 -4.04 13.57 -30.14
C SER C 563 -2.74 14.37 -29.96
N HIS C 564 -2.09 14.27 -28.79
CA HIS C 564 -0.82 14.93 -28.54
C HIS C 564 0.28 14.23 -29.35
N PRO C 565 1.25 14.99 -29.92
CA PRO C 565 2.30 14.40 -30.76
C PRO C 565 3.26 13.40 -30.11
N ALA C 566 3.43 13.49 -28.79
CA ALA C 566 4.35 12.60 -28.10
C ALA C 566 3.79 11.19 -27.94
N VAL C 567 2.46 11.06 -28.03
CA VAL C 567 1.77 9.86 -27.58
C VAL C 567 1.39 8.95 -28.76
N ALA C 568 1.65 7.65 -28.62
CA ALA C 568 1.23 6.64 -29.58
C ALA C 568 -0.08 5.98 -29.15
N GLU C 569 -0.20 5.56 -27.88
CA GLU C 569 -1.38 4.90 -27.35
C GLU C 569 -1.53 5.17 -25.85
N ALA C 570 -2.72 4.92 -25.33
CA ALA C 570 -2.99 5.20 -23.93
C ALA C 570 -4.12 4.34 -23.36
N ALA C 571 -4.01 4.02 -22.07
CA ALA C 571 -5.03 3.25 -21.35
C ALA C 571 -5.34 3.98 -20.04
N ALA C 572 -6.59 4.45 -19.89
CA ALA C 572 -7.05 5.11 -18.68
C ALA C 572 -7.78 4.12 -17.78
N ILE C 573 -7.46 4.15 -16.49
CA ILE C 573 -8.22 3.38 -15.51
C ILE C 573 -8.59 4.29 -14.35
N GLY C 574 -9.62 3.88 -13.62
CA GLY C 574 -9.99 4.51 -12.38
C GLY C 574 -9.36 3.77 -11.22
N LYS C 575 -8.85 4.52 -10.24
CA LYS C 575 -8.26 3.98 -9.02
C LYS C 575 -8.92 4.64 -7.83
N PRO C 576 -9.05 3.95 -6.68
CA PRO C 576 -9.75 4.50 -5.52
C PRO C 576 -9.08 5.75 -4.97
N ASP C 577 -9.90 6.70 -4.52
CA ASP C 577 -9.46 7.97 -3.98
C ASP C 577 -10.47 8.41 -2.92
N GLU C 578 -9.97 8.71 -1.72
CA GLU C 578 -10.80 8.99 -0.55
C GLU C 578 -11.64 10.25 -0.75
N VAL C 579 -11.04 11.29 -1.33
CA VAL C 579 -11.71 12.55 -1.55
C VAL C 579 -12.62 12.44 -2.76
N LYS C 580 -12.04 12.07 -3.90
CA LYS C 580 -12.67 12.20 -5.21
C LYS C 580 -13.48 10.96 -5.59
N GLY C 581 -13.36 9.87 -4.82
CA GLY C 581 -14.11 8.67 -5.11
C GLY C 581 -13.25 7.73 -5.95
N GLU C 582 -12.96 8.17 -7.18
CA GLU C 582 -11.89 7.59 -7.98
C GLU C 582 -11.07 8.73 -8.54
N HIS C 583 -9.82 8.47 -8.86
CA HIS C 583 -9.06 9.35 -9.74
C HIS C 583 -8.57 8.57 -10.95
N VAL C 584 -8.21 9.29 -12.01
CA VAL C 584 -7.79 8.69 -13.27
C VAL C 584 -6.28 8.53 -13.25
N LYS C 585 -5.85 7.32 -13.62
CA LYS C 585 -4.45 7.09 -13.96
C LYS C 585 -4.38 6.62 -15.42
N VAL C 586 -3.44 7.17 -16.20
CA VAL C 586 -3.28 6.75 -17.57
CA VAL C 586 -3.27 6.79 -17.59
C VAL C 586 -1.91 6.15 -17.76
N PHE C 587 -1.85 5.02 -18.44
CA PHE C 587 -0.62 4.40 -18.92
C PHE C 587 -0.44 4.82 -20.39
N VAL C 588 0.71 5.42 -20.69
CA VAL C 588 0.93 6.05 -21.96
C VAL C 588 2.11 5.40 -22.64
N ILE C 589 1.91 4.93 -23.87
CA ILE C 589 3.01 4.54 -24.72
C ILE C 589 3.38 5.76 -25.53
N LEU C 590 4.63 6.22 -25.40
CA LEU C 590 5.16 7.30 -26.20
C LEU C 590 5.64 6.77 -27.54
N ARG C 591 5.68 7.68 -28.51
CA ARG C 591 6.39 7.48 -29.77
C ARG C 591 7.82 7.08 -29.50
N ASN C 592 8.39 6.22 -30.34
CA ASN C 592 9.78 5.85 -30.18
C ASN C 592 10.69 7.07 -30.17
N GLY C 593 11.60 7.10 -29.18
CA GLY C 593 12.65 8.10 -29.11
C GLY C 593 12.29 9.27 -28.20
N VAL C 594 11.05 9.34 -27.75
CA VAL C 594 10.64 10.43 -26.88
C VAL C 594 11.11 10.17 -25.44
N GLU C 595 11.78 11.17 -24.86
CA GLU C 595 12.34 11.08 -23.52
C GLU C 595 11.20 11.24 -22.53
N PRO C 596 10.99 10.18 -21.70
CA PRO C 596 9.83 10.12 -20.79
C PRO C 596 10.05 10.87 -19.47
N THR C 597 9.88 12.19 -19.49
CA THR C 597 10.33 13.03 -18.39
C THR C 597 9.13 13.45 -17.55
N GLU C 598 9.42 14.00 -16.37
CA GLU C 598 8.41 14.68 -15.57
C GLU C 598 7.91 15.92 -16.31
N SER C 599 8.80 16.64 -17.04
CA SER C 599 8.35 17.80 -17.79
C SER C 599 7.25 17.39 -18.77
N LEU C 600 7.44 16.22 -19.39
CA LEU C 600 6.52 15.73 -20.40
C LEU C 600 5.20 15.38 -19.74
N ALA C 601 5.25 14.82 -18.54
CA ALA C 601 4.03 14.43 -17.85
C ALA C 601 3.16 15.66 -17.53
N VAL C 602 3.80 16.71 -17.01
CA VAL C 602 3.11 17.96 -16.73
C VAL C 602 2.48 18.52 -18.01
N GLU C 603 3.19 18.37 -19.14
CA GLU C 603 2.72 18.89 -20.42
C GLU C 603 1.51 18.09 -20.90
N LEU C 604 1.54 16.76 -20.76
CA LEU C 604 0.42 15.92 -21.18
C LEU C 604 -0.81 16.21 -20.34
N LYS C 605 -0.64 16.52 -19.06
CA LYS C 605 -1.80 16.92 -18.25
C LYS C 605 -2.35 18.28 -18.67
N ARG C 606 -1.47 19.22 -19.01
CA ARG C 606 -1.91 20.53 -19.48
C ARG C 606 -2.65 20.37 -20.80
N HIS C 607 -2.26 19.35 -21.59
CA HIS C 607 -2.91 19.13 -22.88
C HIS C 607 -4.36 18.71 -22.66
N VAL C 608 -4.63 17.90 -21.62
CA VAL C 608 -5.97 17.46 -21.37
C VAL C 608 -6.78 18.58 -20.70
N ARG C 609 -6.19 19.22 -19.70
CA ARG C 609 -6.86 20.28 -18.97
C ARG C 609 -7.39 21.35 -19.93
N THR C 610 -6.61 21.73 -20.95
CA THR C 610 -6.98 22.90 -21.75
C THR C 610 -7.88 22.53 -22.95
N LEU C 611 -7.92 21.25 -23.36
CA LEU C 611 -8.77 20.80 -24.47
C LEU C 611 -10.06 20.12 -23.96
N VAL C 612 -9.98 19.26 -22.94
CA VAL C 612 -11.15 18.59 -22.42
C VAL C 612 -11.72 19.33 -21.20
N GLY C 613 -10.84 19.65 -20.24
CA GLY C 613 -11.26 20.39 -19.05
C GLY C 613 -10.64 19.84 -17.77
N PRO C 614 -10.52 20.67 -16.72
CA PRO C 614 -10.00 20.19 -15.42
C PRO C 614 -10.64 18.92 -14.88
N LEU C 615 -11.96 18.76 -15.05
CA LEU C 615 -12.69 17.60 -14.55
C LEU C 615 -12.07 16.29 -15.05
N ALA C 616 -11.46 16.31 -16.25
CA ALA C 616 -10.99 15.11 -16.93
C ALA C 616 -9.46 14.94 -16.86
N THR C 617 -8.78 15.86 -16.18
CA THR C 617 -7.34 15.81 -16.12
C THR C 617 -6.90 14.60 -15.31
N PRO C 618 -6.03 13.71 -15.85
CA PRO C 618 -5.44 12.62 -15.07
C PRO C 618 -4.64 13.13 -13.89
N ASP C 619 -4.84 12.51 -12.73
CA ASP C 619 -4.01 12.76 -11.57
C ASP C 619 -2.69 12.02 -11.69
N GLU C 620 -2.68 10.82 -12.25
CA GLU C 620 -1.43 10.07 -12.37
C GLU C 620 -1.23 9.69 -13.83
N LEU C 621 0.05 9.64 -14.22
CA LEU C 621 0.46 9.25 -15.57
CA LEU C 621 0.46 9.24 -15.55
C LEU C 621 1.67 8.35 -15.43
N GLU C 622 1.73 7.30 -16.24
CA GLU C 622 2.88 6.43 -16.24
C GLU C 622 3.22 6.05 -17.68
N PHE C 623 4.52 6.01 -17.99
CA PHE C 623 5.01 5.67 -19.31
C PHE C 623 5.35 4.18 -19.34
N VAL C 624 4.80 3.49 -20.34
CA VAL C 624 4.99 2.06 -20.52
C VAL C 624 5.41 1.82 -21.96
N THR C 625 5.89 0.61 -22.25
CA THR C 625 6.37 0.31 -23.58
C THR C 625 5.37 -0.60 -24.30
N SER C 626 4.37 -1.14 -23.58
CA SER C 626 3.31 -1.90 -24.22
C SER C 626 2.07 -1.97 -23.32
N LEU C 627 0.94 -2.26 -23.96
CA LEU C 627 -0.34 -2.43 -23.31
C LEU C 627 -0.96 -3.74 -23.78
N PRO C 628 -1.80 -4.42 -22.96
CA PRO C 628 -2.49 -5.64 -23.39
C PRO C 628 -3.63 -5.40 -24.38
N LYS C 629 -3.62 -6.12 -25.51
CA LYS C 629 -4.62 -5.91 -26.54
C LYS C 629 -5.39 -7.20 -26.83
N THR C 630 -6.64 -7.08 -27.27
CA THR C 630 -7.43 -8.22 -27.70
C THR C 630 -6.80 -8.83 -28.95
N ARG C 631 -7.44 -9.88 -29.47
CA ARG C 631 -7.07 -10.49 -30.74
C ARG C 631 -6.97 -9.42 -31.85
N SER C 632 -7.92 -8.46 -31.87
CA SER C 632 -8.00 -7.43 -32.89
C SER C 632 -7.66 -6.03 -32.37
N GLY C 633 -6.74 -5.94 -31.38
CA GLY C 633 -6.09 -4.68 -31.03
C GLY C 633 -6.94 -3.69 -30.23
N LYS C 634 -8.08 -4.08 -29.61
CA LYS C 634 -8.71 -3.19 -28.63
C LYS C 634 -7.89 -3.23 -27.33
N ILE C 635 -7.87 -2.13 -26.56
CA ILE C 635 -7.18 -2.09 -25.28
C ILE C 635 -8.02 -2.85 -24.25
N MET C 636 -7.42 -3.81 -23.54
CA MET C 636 -8.07 -4.54 -22.47
C MET C 636 -7.82 -3.83 -21.14
N ARG C 637 -8.72 -2.91 -20.77
CA ARG C 637 -8.52 -2.04 -19.62
C ARG C 637 -8.62 -2.83 -18.32
N ARG C 638 -9.49 -3.83 -18.32
CA ARG C 638 -9.61 -4.74 -17.20
C ARG C 638 -8.24 -5.29 -16.78
N VAL C 639 -7.42 -5.66 -17.77
CA VAL C 639 -6.15 -6.30 -17.48
C VAL C 639 -5.13 -5.27 -16.98
N VAL C 640 -5.25 -4.03 -17.47
CA VAL C 640 -4.38 -2.95 -17.01
C VAL C 640 -4.65 -2.77 -15.53
N ARG C 641 -5.93 -2.60 -15.16
CA ARG C 641 -6.36 -2.36 -13.79
C ARG C 641 -5.97 -3.52 -12.87
N ALA C 642 -6.18 -4.73 -13.36
CA ALA C 642 -5.89 -5.94 -12.60
C ALA C 642 -4.39 -6.05 -12.33
N ARG C 643 -3.53 -5.60 -13.25
CA ARG C 643 -2.09 -5.64 -13.02
C ARG C 643 -1.70 -4.70 -11.88
N GLU C 644 -2.35 -3.53 -11.80
CA GLU C 644 -2.07 -2.54 -10.78
C GLU C 644 -2.64 -2.95 -9.44
N LEU C 645 -3.94 -3.30 -9.42
CA LEU C 645 -4.70 -3.42 -8.18
C LEU C 645 -5.12 -4.86 -7.88
N GLY C 646 -5.01 -5.76 -8.86
CA GLY C 646 -5.56 -7.10 -8.73
C GLY C 646 -7.05 -7.07 -9.01
N GLU C 647 -7.59 -8.19 -9.49
CA GLU C 647 -9.01 -8.33 -9.76
C GLU C 647 -9.63 -9.23 -8.67
N PRO C 648 -10.77 -8.84 -8.05
CA PRO C 648 -11.42 -9.70 -7.04
C PRO C 648 -12.07 -10.89 -7.75
N VAL C 649 -12.25 -12.00 -7.01
CA VAL C 649 -12.79 -13.24 -7.55
C VAL C 649 -14.26 -13.41 -7.15
N GLY C 650 -15.17 -13.21 -8.13
CA GLY C 650 -16.61 -13.24 -7.89
C GLY C 650 -17.34 -13.94 -9.02
N LEU D 24 -11.52 -14.30 16.02
CA LEU D 24 -10.17 -14.92 16.08
C LEU D 24 -9.85 -15.35 17.51
N ILE D 25 -9.79 -14.39 18.44
CA ILE D 25 -9.45 -14.67 19.84
C ILE D 25 -10.67 -15.25 20.57
N GLU D 26 -11.88 -14.82 20.19
CA GLU D 26 -13.12 -15.36 20.71
C GLU D 26 -13.19 -16.88 20.56
N GLU D 27 -12.59 -17.43 19.49
CA GLU D 27 -12.84 -18.81 19.07
C GLU D 27 -11.75 -19.76 19.56
N ARG D 28 -10.84 -19.26 20.41
CA ARG D 28 -9.71 -20.04 20.92
C ARG D 28 -10.07 -20.71 22.25
N LEU D 29 -9.55 -21.94 22.41
CA LEU D 29 -9.82 -22.79 23.55
C LEU D 29 -8.57 -22.88 24.44
N PHE D 30 -8.73 -22.57 25.74
CA PHE D 30 -7.65 -22.55 26.70
C PHE D 30 -7.83 -23.67 27.72
N PRO D 31 -6.99 -24.74 27.71
CA PRO D 31 -7.23 -25.88 28.59
C PRO D 31 -6.75 -25.52 29.99
N PRO D 32 -7.25 -26.23 31.03
N PRO D 32 -7.37 -26.07 31.07
CA PRO D 32 -6.81 -26.02 32.41
CA PRO D 32 -6.98 -25.69 32.42
C PRO D 32 -5.70 -26.94 32.91
C PRO D 32 -5.53 -26.07 32.75
N PRO D 33 -5.01 -26.54 34.01
N PRO D 33 -4.83 -25.30 33.63
CA PRO D 33 -4.07 -27.42 34.70
CA PRO D 33 -3.41 -25.56 33.93
C PRO D 33 -4.68 -28.78 35.04
C PRO D 33 -3.11 -26.86 34.69
N GLU D 34 -3.96 -29.86 34.75
N GLU D 34 -1.86 -27.00 35.15
CA GLU D 34 -4.51 -31.19 34.91
CA GLU D 34 -1.45 -28.19 35.88
C GLU D 34 -4.49 -31.57 36.38
C GLU D 34 -1.99 -28.12 37.32
N ASP D 35 -3.59 -30.96 37.16
N ASP D 35 -2.61 -29.24 37.76
CA ASP D 35 -3.47 -31.26 38.57
CA ASP D 35 -2.85 -29.57 39.16
C ASP D 35 -4.50 -30.47 39.38
C ASP D 35 -4.35 -29.69 39.49
N ILE D 36 -5.20 -29.53 38.73
N ILE D 36 -5.22 -28.96 38.78
CA ILE D 36 -6.32 -28.83 39.37
CA ILE D 36 -6.51 -28.56 39.36
C ILE D 36 -7.63 -29.48 38.91
C ILE D 36 -7.69 -29.43 38.89
N VAL D 37 -7.60 -30.10 37.73
CA VAL D 37 -8.67 -30.99 37.28
C VAL D 37 -8.80 -32.10 38.31
N LYS D 38 -7.65 -32.70 38.64
CA LYS D 38 -7.58 -33.86 39.52
C LYS D 38 -8.23 -33.56 40.87
N ASN D 39 -7.95 -32.37 41.44
CA ASN D 39 -8.28 -32.08 42.83
C ASN D 39 -9.61 -31.35 43.02
N ALA D 40 -10.39 -31.14 41.95
CA ALA D 40 -11.57 -30.31 42.04
C ALA D 40 -12.70 -30.97 42.84
N ASN D 41 -13.54 -30.10 43.41
CA ASN D 41 -14.74 -30.51 44.13
C ASN D 41 -15.73 -31.18 43.17
N ILE D 42 -15.79 -30.68 41.93
CA ILE D 42 -16.70 -31.21 40.92
C ILE D 42 -16.19 -32.57 40.47
N THR D 43 -14.87 -32.74 40.36
CA THR D 43 -14.28 -33.99 39.91
C THR D 43 -14.58 -35.08 40.92
N ALA D 44 -14.57 -34.73 42.22
CA ALA D 44 -14.70 -35.72 43.27
C ALA D 44 -16.16 -36.18 43.40
N TYR D 45 -17.11 -35.25 43.20
CA TYR D 45 -18.52 -35.63 43.22
C TYR D 45 -18.83 -36.47 41.98
N MET D 46 -18.26 -36.10 40.82
CA MET D 46 -18.49 -36.81 39.58
C MET D 46 -17.98 -38.26 39.64
N LYS D 47 -16.84 -38.47 40.30
CA LYS D 47 -16.18 -39.77 40.35
C LYS D 47 -16.63 -40.52 41.60
N SER D 48 -17.67 -39.99 42.27
CA SER D 48 -18.44 -40.75 43.25
C SER D 48 -19.81 -41.12 42.68
N LYS D 49 -20.11 -40.66 41.46
CA LYS D 49 -21.32 -41.09 40.74
C LYS D 49 -20.95 -41.85 39.47
N GLY D 50 -19.64 -42.03 39.21
CA GLY D 50 -19.12 -42.86 38.12
C GLY D 50 -18.96 -42.08 36.80
N PHE D 51 -18.35 -40.87 36.82
CA PHE D 51 -18.25 -40.06 35.62
C PHE D 51 -16.84 -39.47 35.44
N ASP D 52 -16.24 -39.75 34.28
CA ASP D 52 -14.93 -39.28 33.86
C ASP D 52 -14.99 -37.83 33.41
N ASP D 53 -16.03 -37.54 32.59
CA ASP D 53 -16.13 -36.38 31.73
C ASP D 53 -17.39 -35.61 32.09
N TYR D 54 -17.43 -34.30 31.75
CA TYR D 54 -18.49 -33.43 32.22
C TYR D 54 -19.73 -33.50 31.33
N GLU D 55 -19.56 -33.77 30.02
CA GLU D 55 -20.69 -33.80 29.10
C GLU D 55 -21.61 -34.94 29.46
N ALA D 56 -21.03 -36.08 29.87
CA ALA D 56 -21.78 -37.26 30.27
C ALA D 56 -22.50 -36.99 31.60
N PHE D 57 -21.75 -36.48 32.59
CA PHE D 57 -22.31 -36.13 33.88
C PHE D 57 -23.44 -35.12 33.74
N TYR D 58 -23.31 -34.23 32.75
CA TYR D 58 -24.28 -33.18 32.56
C TYR D 58 -25.62 -33.81 32.17
N ARG D 59 -25.60 -34.68 31.14
CA ARG D 59 -26.82 -35.33 30.66
C ARG D 59 -27.40 -36.21 31.76
N TRP D 60 -26.53 -36.80 32.59
CA TRP D 60 -26.99 -37.54 33.76
C TRP D 60 -27.83 -36.65 34.66
N SER D 61 -27.37 -35.41 34.87
CA SER D 61 -27.90 -34.55 35.91
C SER D 61 -29.22 -33.90 35.47
N LEU D 62 -29.63 -34.08 34.21
CA LEU D 62 -30.88 -33.48 33.76
C LEU D 62 -32.06 -34.41 34.09
N ALA D 63 -31.89 -35.70 33.84
CA ALA D 63 -32.92 -36.68 34.18
C ALA D 63 -32.87 -37.05 35.67
N ASN D 64 -31.70 -36.88 36.32
CA ASN D 64 -31.51 -37.24 37.72
C ASN D 64 -31.26 -36.01 38.60
N ARG D 65 -32.09 -34.97 38.43
CA ARG D 65 -31.87 -33.70 39.09
C ARG D 65 -32.23 -33.78 40.56
N PHE D 66 -33.26 -34.57 40.88
CA PHE D 66 -33.79 -34.66 42.23
C PHE D 66 -32.73 -35.33 43.11
N GLU D 67 -32.08 -36.39 42.62
CA GLU D 67 -31.02 -37.04 43.39
C GLU D 67 -29.85 -36.06 43.59
N PHE D 68 -29.49 -35.31 42.54
CA PHE D 68 -28.38 -34.36 42.60
C PHE D 68 -28.59 -33.37 43.74
N TRP D 69 -29.80 -32.82 43.85
CA TRP D 69 -30.06 -31.71 44.76
C TRP D 69 -30.27 -32.16 46.20
N ASN D 70 -30.68 -33.43 46.38
CA ASN D 70 -30.76 -34.02 47.70
C ASN D 70 -29.36 -34.20 48.30
N ASP D 71 -28.45 -34.79 47.51
CA ASP D 71 -27.05 -34.97 47.93
C ASP D 71 -26.49 -33.65 48.46
N MET D 72 -26.83 -32.53 47.79
CA MET D 72 -26.33 -31.22 48.16
C MET D 72 -26.94 -30.78 49.49
N ALA D 73 -28.27 -30.92 49.62
CA ALA D 73 -29.00 -30.51 50.81
C ALA D 73 -28.57 -31.32 52.04
N LYS D 74 -28.16 -32.59 51.84
CA LYS D 74 -27.72 -33.45 52.93
C LYS D 74 -26.39 -32.95 53.52
N GLU D 75 -25.58 -32.26 52.73
CA GLU D 75 -24.33 -31.71 53.23
C GLU D 75 -24.58 -30.51 54.16
N LEU D 76 -25.82 -29.98 54.18
CA LEU D 76 -26.20 -28.89 55.08
C LEU D 76 -26.95 -29.45 56.30
N HIS D 77 -27.20 -28.58 57.29
CA HIS D 77 -27.88 -28.96 58.51
C HIS D 77 -29.37 -28.59 58.43
N TRP D 78 -30.24 -29.59 58.62
CA TRP D 78 -31.66 -29.33 58.73
C TRP D 78 -32.16 -29.59 60.16
N PHE D 79 -33.17 -28.81 60.59
CA PHE D 79 -33.83 -29.03 61.88
C PHE D 79 -34.75 -30.24 61.76
N GLU D 80 -35.49 -30.33 60.66
CA GLU D 80 -36.32 -31.48 60.33
C GLU D 80 -36.14 -31.83 58.86
N PRO D 81 -36.16 -33.12 58.48
CA PRO D 81 -36.13 -33.51 57.06
C PRO D 81 -37.23 -32.89 56.20
N TRP D 82 -37.07 -33.02 54.87
CA TRP D 82 -38.07 -32.58 53.91
C TRP D 82 -38.76 -33.82 53.33
N LYS D 83 -39.97 -33.63 52.78
CA LYS D 83 -40.80 -34.75 52.39
C LYS D 83 -40.56 -35.10 50.92
N SER D 84 -40.49 -34.08 50.06
CA SER D 84 -40.13 -34.29 48.67
C SER D 84 -39.26 -33.13 48.17
N THR D 85 -38.40 -33.45 47.20
CA THR D 85 -37.38 -32.54 46.72
C THR D 85 -38.02 -31.32 46.05
N PHE D 86 -39.01 -31.53 45.18
CA PHE D 86 -39.65 -30.44 44.46
C PHE D 86 -41.13 -30.73 44.29
N GLU D 87 -41.95 -29.67 44.16
CA GLU D 87 -43.31 -29.79 43.64
C GLU D 87 -43.83 -28.41 43.28
N TRP D 88 -44.59 -28.34 42.18
CA TRP D 88 -45.43 -27.19 41.84
C TRP D 88 -46.55 -27.09 42.88
N THR D 89 -46.97 -25.87 43.19
CA THR D 89 -48.01 -25.60 44.18
C THR D 89 -49.29 -25.22 43.46
N ASP D 90 -49.12 -24.46 42.38
CA ASP D 90 -50.14 -23.61 41.80
C ASP D 90 -49.45 -22.91 40.62
N LYS D 91 -49.15 -23.72 39.60
CA LYS D 91 -48.22 -23.42 38.53
C LYS D 91 -48.43 -22.02 37.98
N PRO D 92 -47.38 -21.17 37.76
CA PRO D 92 -45.97 -21.57 37.88
C PRO D 92 -45.17 -21.25 39.15
N PHE D 93 -45.86 -21.20 40.31
CA PHE D 93 -45.20 -21.14 41.61
C PHE D 93 -44.81 -22.55 42.05
N PHE D 94 -43.85 -22.65 42.97
CA PHE D 94 -43.35 -23.95 43.38
C PHE D 94 -42.59 -23.85 44.69
N LYS D 95 -42.23 -25.02 45.23
CA LYS D 95 -41.51 -25.15 46.47
C LYS D 95 -40.46 -26.26 46.29
N TRP D 96 -39.28 -26.04 46.85
CA TRP D 96 -38.27 -27.08 46.99
C TRP D 96 -38.23 -27.52 48.47
N PHE D 97 -37.83 -28.77 48.71
CA PHE D 97 -37.65 -29.30 50.06
C PHE D 97 -38.86 -29.00 50.95
N THR D 98 -40.01 -29.56 50.59
CA THR D 98 -41.29 -29.18 51.18
C THR D 98 -41.37 -29.63 52.64
N ASP D 99 -41.80 -28.69 53.49
CA ASP D 99 -42.02 -28.91 54.91
C ASP D 99 -40.75 -29.41 55.59
N GLY D 100 -39.59 -29.13 54.98
CA GLY D 100 -38.34 -29.10 55.70
C GLY D 100 -38.30 -27.88 56.62
N LYS D 101 -37.63 -28.00 57.77
CA LYS D 101 -37.45 -26.89 58.67
C LYS D 101 -35.96 -26.59 58.72
N PHE D 102 -35.60 -25.30 58.66
CA PHE D 102 -34.26 -24.89 58.28
C PHE D 102 -33.98 -23.44 58.69
N ASN D 103 -32.70 -23.11 58.90
CA ASN D 103 -32.32 -21.71 58.97
C ASN D 103 -30.93 -21.51 58.35
N ILE D 104 -30.84 -20.59 57.38
CA ILE D 104 -29.62 -20.45 56.62
C ILE D 104 -28.50 -19.95 57.54
N ALA D 105 -28.83 -19.11 58.53
CA ALA D 105 -27.85 -18.59 59.47
C ALA D 105 -27.23 -19.70 60.31
N TYR D 106 -27.97 -20.80 60.51
CA TYR D 106 -27.44 -21.91 61.27
C TYR D 106 -26.23 -22.45 60.52
N ASN D 107 -26.33 -22.52 59.20
CA ASN D 107 -25.31 -23.16 58.39
C ASN D 107 -24.13 -22.24 58.14
N CYS D 108 -24.34 -20.93 58.37
CA CYS D 108 -23.30 -19.94 58.18
C CYS D 108 -22.48 -19.76 59.46
N LEU D 109 -23.11 -20.04 60.62
CA LEU D 109 -22.50 -19.74 61.91
C LEU D 109 -22.55 -20.93 62.88
N ASP D 110 -23.76 -21.30 63.32
CA ASP D 110 -23.96 -22.14 64.50
C ASP D 110 -23.29 -23.51 64.35
N ARG D 111 -23.36 -24.13 63.16
CA ARG D 111 -22.88 -25.49 63.00
C ARG D 111 -21.36 -25.59 63.11
N TYR D 112 -20.65 -24.45 63.07
CA TYR D 112 -19.21 -24.44 63.21
C TYR D 112 -18.76 -24.23 64.66
N MET D 113 -19.71 -23.92 65.57
CA MET D 113 -19.40 -23.70 66.98
C MET D 113 -19.15 -25.05 67.65
N GLY D 114 -17.98 -25.18 68.30
CA GLY D 114 -17.55 -26.45 68.85
C GLY D 114 -16.51 -27.15 67.97
N THR D 115 -16.46 -26.83 66.67
CA THR D 115 -15.49 -27.42 65.74
C THR D 115 -14.27 -26.50 65.64
N PRO D 116 -13.13 -26.98 65.05
CA PRO D 116 -11.98 -26.10 64.81
C PRO D 116 -12.26 -24.90 63.89
N ILE D 117 -13.31 -24.97 63.07
CA ILE D 117 -13.65 -23.89 62.17
C ILE D 117 -14.03 -22.63 62.94
N GLU D 118 -14.39 -22.75 64.23
CA GLU D 118 -14.80 -21.59 65.00
C GLU D 118 -13.62 -20.62 65.20
N ASP D 119 -12.39 -21.10 65.01
CA ASP D 119 -11.20 -20.27 65.20
C ASP D 119 -10.67 -19.76 63.86
N LYS D 120 -11.15 -20.34 62.76
CA LYS D 120 -10.82 -19.91 61.42
C LYS D 120 -11.42 -18.54 61.08
N VAL D 121 -10.67 -17.76 60.30
CA VAL D 121 -11.12 -16.42 59.94
C VAL D 121 -12.30 -16.52 58.97
N ALA D 122 -13.34 -15.75 59.28
CA ALA D 122 -14.54 -15.66 58.47
C ALA D 122 -14.50 -14.41 57.58
N PHE D 123 -14.20 -13.24 58.16
CA PHE D 123 -14.15 -11.99 57.42
C PHE D 123 -12.82 -11.28 57.72
N TYR D 124 -12.06 -11.06 56.63
CA TYR D 124 -10.97 -10.10 56.62
C TYR D 124 -11.55 -8.76 56.19
N TRP D 125 -11.81 -7.89 57.15
CA TRP D 125 -12.35 -6.59 56.80
C TRP D 125 -11.20 -5.67 56.46
N GLU D 126 -11.31 -5.04 55.29
CA GLU D 126 -10.34 -4.06 54.84
C GLU D 126 -11.08 -2.76 54.62
N GLY D 127 -10.63 -1.69 55.29
CA GLY D 127 -11.26 -0.39 55.22
C GLY D 127 -10.74 0.43 54.04
N ASP D 128 -11.51 1.46 53.66
CA ASP D 128 -11.13 2.43 52.64
C ASP D 128 -9.76 3.05 52.93
N ASP D 129 -9.41 3.23 54.22
CA ASP D 129 -8.20 3.96 54.62
C ASP D 129 -7.03 3.00 54.84
N GLY D 130 -7.21 1.71 54.54
CA GLY D 130 -6.18 0.70 54.77
C GLY D 130 -6.14 0.14 56.20
N SER D 131 -7.03 0.58 57.10
CA SER D 131 -7.20 -0.08 58.38
C SER D 131 -7.92 -1.40 58.15
N SER D 132 -7.83 -2.33 59.12
CA SER D 132 -8.24 -3.71 58.88
C SER D 132 -8.54 -4.41 60.20
N ARG D 133 -9.24 -5.53 60.10
CA ARG D 133 -9.58 -6.32 61.27
C ARG D 133 -10.16 -7.67 60.81
N ALA D 134 -9.70 -8.76 61.41
CA ALA D 134 -10.18 -10.10 61.15
C ALA D 134 -11.25 -10.51 62.18
N TYR D 135 -12.30 -11.17 61.69
CA TYR D 135 -13.29 -11.78 62.56
C TYR D 135 -13.34 -13.28 62.27
N THR D 136 -13.13 -14.10 63.30
CA THR D 136 -13.28 -15.54 63.21
C THR D 136 -14.77 -15.87 63.15
N TYR D 137 -15.10 -17.12 62.84
CA TYR D 137 -16.49 -17.55 62.81
C TYR D 137 -17.13 -17.37 64.19
N LYS D 138 -16.39 -17.68 65.26
CA LYS D 138 -16.88 -17.48 66.62
C LYS D 138 -17.27 -16.02 66.84
N GLU D 139 -16.37 -15.08 66.49
CA GLU D 139 -16.57 -13.67 66.78
C GLU D 139 -17.78 -13.12 66.01
N MET D 140 -18.02 -13.65 64.80
CA MET D 140 -19.22 -13.33 64.02
C MET D 140 -20.46 -13.93 64.68
N TYR D 141 -20.38 -15.19 65.12
CA TYR D 141 -21.46 -15.83 65.86
C TYR D 141 -21.93 -14.95 67.01
N VAL D 142 -20.97 -14.42 67.77
CA VAL D 142 -21.23 -13.69 69.00
C VAL D 142 -21.82 -12.32 68.63
N LEU D 143 -21.22 -11.67 67.63
CA LEU D 143 -21.70 -10.35 67.24
C LEU D 143 -23.12 -10.48 66.71
N THR D 144 -23.34 -11.51 65.88
CA THR D 144 -24.61 -11.70 65.20
C THR D 144 -25.71 -11.97 66.23
N ASN D 145 -25.37 -12.69 67.30
CA ASN D 145 -26.34 -13.01 68.34
C ASN D 145 -26.71 -11.76 69.12
N ARG D 146 -25.71 -10.92 69.36
CA ARG D 146 -25.94 -9.74 70.16
C ARG D 146 -26.80 -8.76 69.36
N VAL D 147 -26.53 -8.63 68.05
CA VAL D 147 -27.32 -7.74 67.20
C VAL D 147 -28.76 -8.26 67.12
N ALA D 148 -28.92 -9.59 67.08
CA ALA D 148 -30.25 -10.18 67.00
C ALA D 148 -31.03 -9.88 68.27
N LYS D 149 -30.32 -9.82 69.40
CA LYS D 149 -30.98 -9.53 70.67
C LYS D 149 -31.48 -8.08 70.69
N VAL D 150 -30.70 -7.15 70.12
CA VAL D 150 -31.09 -5.75 70.08
C VAL D 150 -32.40 -5.59 69.28
N LEU D 151 -32.49 -6.30 68.14
CA LEU D 151 -33.66 -6.26 67.27
C LEU D 151 -34.86 -6.86 68.01
N GLN D 152 -34.69 -8.08 68.53
CA GLN D 152 -35.69 -8.77 69.32
C GLN D 152 -36.25 -7.87 70.43
N ASN D 153 -35.38 -7.08 71.07
CA ASN D 153 -35.77 -6.18 72.14
C ASN D 153 -36.67 -5.05 71.62
N GLN D 154 -36.47 -4.66 70.36
CA GLN D 154 -37.28 -3.61 69.77
C GLN D 154 -38.58 -4.19 69.22
N GLY D 155 -38.75 -5.52 69.27
CA GLY D 155 -39.99 -6.18 68.87
C GLY D 155 -39.98 -6.61 67.41
N VAL D 156 -38.80 -6.89 66.85
CA VAL D 156 -38.72 -7.51 65.53
C VAL D 156 -38.91 -9.01 65.71
N LYS D 157 -39.74 -9.63 64.88
CA LYS D 157 -40.00 -11.07 64.97
C LYS D 157 -40.20 -11.64 63.57
N LYS D 158 -40.41 -12.96 63.49
CA LYS D 158 -40.53 -13.64 62.22
C LYS D 158 -41.50 -12.86 61.32
N GLY D 159 -41.05 -12.56 60.09
CA GLY D 159 -41.89 -12.02 59.03
C GLY D 159 -41.83 -10.50 58.90
N ASP D 160 -41.33 -9.80 59.94
CA ASP D 160 -41.14 -8.35 59.92
C ASP D 160 -40.04 -8.04 58.92
N ARG D 161 -40.15 -6.89 58.23
CA ARG D 161 -39.12 -6.50 57.27
C ARG D 161 -38.13 -5.55 57.91
N VAL D 162 -36.82 -5.84 57.73
CA VAL D 162 -35.74 -5.03 58.26
C VAL D 162 -34.93 -4.45 57.10
N ALA D 163 -34.88 -3.11 57.04
CA ALA D 163 -34.15 -2.41 56.00
C ALA D 163 -32.72 -2.15 56.45
N ILE D 164 -31.79 -2.35 55.51
CA ILE D 164 -30.39 -2.14 55.77
C ILE D 164 -29.81 -1.21 54.72
N TYR D 165 -29.29 -0.05 55.14
CA TYR D 165 -28.62 0.88 54.26
C TYR D 165 -27.24 1.19 54.82
N MET D 166 -26.24 0.41 54.40
CA MET D 166 -24.98 0.46 55.12
C MET D 166 -23.79 0.44 54.20
N PRO D 167 -22.60 0.78 54.74
CA PRO D 167 -21.33 0.54 54.05
C PRO D 167 -20.93 -0.91 54.27
N MET D 168 -19.95 -1.35 53.49
CA MET D 168 -19.42 -2.69 53.54
C MET D 168 -18.48 -2.78 54.75
N ILE D 169 -19.07 -3.08 55.92
CA ILE D 169 -18.33 -3.25 57.15
C ILE D 169 -18.81 -4.53 57.83
N PRO D 170 -18.14 -5.02 58.89
CA PRO D 170 -18.57 -6.25 59.58
C PRO D 170 -20.01 -6.27 60.10
N GLU D 171 -20.48 -5.14 60.64
CA GLU D 171 -21.83 -5.05 61.16
C GLU D 171 -22.89 -5.20 60.07
N MET D 172 -22.54 -4.98 58.80
CA MET D 172 -23.50 -5.23 57.74
C MET D 172 -23.76 -6.72 57.63
N ALA D 173 -22.69 -7.51 57.69
CA ALA D 173 -22.82 -8.94 57.51
C ALA D 173 -23.60 -9.49 58.70
N ALA D 174 -23.24 -9.02 59.90
CA ALA D 174 -23.89 -9.41 61.12
C ALA D 174 -25.38 -9.07 61.10
N SER D 175 -25.72 -7.83 60.70
CA SER D 175 -27.11 -7.41 60.61
C SER D 175 -27.92 -8.33 59.70
N VAL D 176 -27.33 -8.76 58.58
CA VAL D 176 -27.99 -9.63 57.64
C VAL D 176 -28.24 -11.00 58.27
N LEU D 177 -27.21 -11.55 58.90
CA LEU D 177 -27.30 -12.86 59.51
C LEU D 177 -28.21 -12.83 60.74
N ALA D 178 -28.32 -11.68 61.40
CA ALA D 178 -29.20 -11.57 62.56
C ALA D 178 -30.67 -11.64 62.11
N CYS D 179 -31.03 -10.83 61.10
CA CYS D 179 -32.36 -10.85 60.49
C CYS D 179 -32.76 -12.28 60.08
N ALA D 180 -31.78 -13.01 59.55
CA ALA D 180 -31.98 -14.35 59.04
C ALA D 180 -32.28 -15.31 60.20
N ARG D 181 -31.60 -15.15 61.33
CA ARG D 181 -31.76 -16.07 62.45
C ARG D 181 -33.07 -15.78 63.17
N LEU D 182 -33.57 -14.53 63.09
CA LEU D 182 -34.88 -14.21 63.64
C LEU D 182 -36.02 -14.57 62.68
N GLY D 183 -35.71 -14.92 61.42
CA GLY D 183 -36.73 -15.26 60.44
C GLY D 183 -37.43 -14.01 59.90
N ALA D 184 -36.67 -12.90 59.92
CA ALA D 184 -37.14 -11.60 59.50
C ALA D 184 -36.47 -11.22 58.18
N PRO D 185 -37.25 -11.06 57.11
CA PRO D 185 -36.68 -10.73 55.80
C PRO D 185 -35.86 -9.45 55.88
N HIS D 186 -34.62 -9.52 55.42
CA HIS D 186 -33.84 -8.30 55.25
C HIS D 186 -34.08 -7.76 53.84
N MET D 187 -34.01 -6.43 53.76
CA MET D 187 -34.16 -5.72 52.52
C MET D 187 -33.02 -4.72 52.47
N VAL D 188 -31.99 -5.10 51.72
CA VAL D 188 -30.74 -4.35 51.68
C VAL D 188 -30.78 -3.35 50.53
N VAL D 189 -30.50 -2.08 50.84
CA VAL D 189 -30.45 -1.02 49.85
C VAL D 189 -29.02 -0.56 49.66
N PHE D 190 -28.54 -0.63 48.41
CA PHE D 190 -27.20 -0.21 48.05
C PHE D 190 -26.91 1.20 48.55
N GLY D 191 -25.75 1.37 49.21
CA GLY D 191 -25.35 2.64 49.81
C GLY D 191 -25.12 3.77 48.79
N GLY D 192 -25.22 3.47 47.49
CA GLY D 192 -25.12 4.49 46.46
C GLY D 192 -26.45 5.21 46.17
N PHE D 193 -27.58 4.62 46.60
CA PHE D 193 -28.89 5.15 46.28
C PHE D 193 -29.14 6.38 47.16
N ALA D 194 -29.84 7.38 46.62
CA ALA D 194 -30.18 8.56 47.39
C ALA D 194 -31.59 8.39 47.94
N ALA D 195 -32.10 9.44 48.61
CA ALA D 195 -33.21 9.33 49.54
C ALA D 195 -34.48 8.75 48.90
N SER D 196 -34.89 9.19 47.71
CA SER D 196 -36.16 8.73 47.15
C SER D 196 -36.11 7.25 46.76
N SER D 197 -34.95 6.76 46.33
CA SER D 197 -34.78 5.34 46.01
C SER D 197 -34.86 4.50 47.27
N LEU D 198 -34.34 5.05 48.38
CA LEU D 198 -34.33 4.37 49.67
C LEU D 198 -35.76 4.29 50.20
N ARG D 199 -36.45 5.42 50.14
CA ARG D 199 -37.83 5.57 50.58
C ARG D 199 -38.76 4.63 49.82
N ASP D 200 -38.62 4.55 48.51
CA ASP D 200 -39.52 3.75 47.69
C ASP D 200 -39.37 2.28 48.07
N ARG D 201 -38.13 1.84 48.27
CA ARG D 201 -37.88 0.44 48.53
C ARG D 201 -38.46 0.06 49.88
N MET D 202 -38.40 0.98 50.85
CA MET D 202 -38.89 0.70 52.18
C MET D 202 -40.42 0.77 52.25
N ASN D 203 -41.10 1.34 51.23
CA ASN D 203 -42.55 1.37 51.24
C ASN D 203 -43.13 0.16 50.50
N ASP D 204 -42.56 -0.25 49.37
CA ASP D 204 -43.13 -1.42 48.70
C ASP D 204 -43.13 -2.60 49.68
N CYS D 205 -42.23 -2.60 50.68
CA CYS D 205 -42.13 -3.77 51.55
C CYS D 205 -42.53 -3.47 53.00
N ASP D 206 -42.84 -2.22 53.36
CA ASP D 206 -43.38 -1.85 54.67
C ASP D 206 -42.43 -2.28 55.81
N ALA D 207 -41.27 -1.63 55.85
CA ALA D 207 -40.18 -2.04 56.72
C ALA D 207 -40.41 -1.45 58.11
N LYS D 208 -40.12 -2.24 59.14
CA LYS D 208 -40.36 -1.83 60.52
C LYS D 208 -39.17 -1.01 61.04
N VAL D 209 -37.95 -1.48 60.78
CA VAL D 209 -36.75 -0.83 61.28
C VAL D 209 -35.75 -0.68 60.14
N LEU D 210 -34.87 0.31 60.31
CA LEU D 210 -33.76 0.57 59.42
C LEU D 210 -32.47 0.44 60.22
N ILE D 211 -31.53 -0.34 59.70
CA ILE D 211 -30.17 -0.37 60.20
C ILE D 211 -29.26 0.39 59.23
N THR D 212 -28.57 1.42 59.74
CA THR D 212 -27.70 2.22 58.89
C THR D 212 -26.46 2.63 59.68
N ALA D 213 -25.70 3.58 59.13
CA ALA D 213 -24.50 4.07 59.78
C ALA D 213 -24.45 5.58 59.65
N ASP D 214 -23.61 6.19 60.48
CA ASP D 214 -23.40 7.63 60.43
C ASP D 214 -22.85 7.97 59.04
N GLY D 215 -21.89 7.19 58.57
CA GLY D 215 -21.40 7.36 57.21
C GLY D 215 -20.60 6.14 56.74
N GLY D 216 -20.24 6.17 55.45
CA GLY D 216 -19.26 5.28 54.85
C GLY D 216 -18.13 6.09 54.20
N TYR D 217 -17.00 5.43 53.94
CA TYR D 217 -15.89 6.04 53.22
C TYR D 217 -15.81 5.43 51.82
N ARG D 218 -15.70 6.31 50.81
CA ARG D 218 -15.37 5.88 49.46
CA ARG D 218 -15.43 5.93 49.42
C ARG D 218 -14.39 6.91 48.87
N GLY D 219 -13.16 6.44 48.66
CA GLY D 219 -12.12 7.27 48.05
C GLY D 219 -11.64 8.38 48.97
N GLY D 220 -11.67 8.14 50.28
CA GLY D 220 -11.16 9.12 51.23
C GLY D 220 -12.23 10.09 51.71
N LYS D 221 -13.41 10.11 51.06
CA LYS D 221 -14.46 11.06 51.38
C LYS D 221 -15.61 10.37 52.12
N VAL D 222 -16.31 11.14 52.95
CA VAL D 222 -17.43 10.64 53.73
C VAL D 222 -18.69 10.62 52.87
N ILE D 223 -19.33 9.45 52.76
CA ILE D 223 -20.68 9.35 52.20
C ILE D 223 -21.66 9.46 53.36
N GLU D 224 -22.63 10.38 53.24
CA GLU D 224 -23.47 10.79 54.37
C GLU D 224 -24.73 9.93 54.41
N LEU D 225 -24.61 8.70 54.90
CA LEU D 225 -25.71 7.75 54.83
C LEU D 225 -26.83 8.19 55.78
N LYS D 226 -26.47 8.61 56.99
CA LYS D 226 -27.47 8.96 57.98
C LYS D 226 -28.33 10.12 57.48
N LYS D 227 -27.67 11.19 57.01
CA LYS D 227 -28.34 12.40 56.54
C LYS D 227 -29.33 12.04 55.43
N ILE D 228 -28.96 11.08 54.57
CA ILE D 228 -29.82 10.64 53.47
C ILE D 228 -30.98 9.78 53.98
N ALA D 229 -30.69 8.89 54.92
CA ALA D 229 -31.71 8.07 55.55
C ALA D 229 -32.72 8.95 56.28
N ASP D 230 -32.29 10.04 56.93
CA ASP D 230 -33.20 10.96 57.60
C ASP D 230 -34.22 11.57 56.64
N GLU D 231 -33.76 11.95 55.46
CA GLU D 231 -34.59 12.59 54.45
C GLU D 231 -35.62 11.57 53.97
N ALA D 232 -35.21 10.29 53.90
CA ALA D 232 -36.06 9.21 53.39
C ALA D 232 -37.08 8.73 54.43
N VAL D 233 -36.60 8.63 55.69
CA VAL D 233 -37.35 8.05 56.78
C VAL D 233 -38.43 9.03 57.24
N ALA D 234 -38.20 10.34 57.08
CA ALA D 234 -39.26 11.33 57.32
C ALA D 234 -40.51 11.03 56.48
N GLU D 235 -40.36 10.38 55.31
CA GLU D 235 -41.46 10.00 54.44
C GLU D 235 -41.65 8.48 54.36
N THR D 236 -41.19 7.73 55.38
CA THR D 236 -41.38 6.28 55.39
C THR D 236 -42.14 5.91 56.67
N PRO D 237 -43.49 5.94 56.60
CA PRO D 237 -44.30 5.98 57.81
C PRO D 237 -43.99 4.87 58.83
N THR D 238 -43.77 3.64 58.34
CA THR D 238 -43.70 2.45 59.17
C THR D 238 -42.37 2.30 59.92
N ILE D 239 -41.39 3.20 59.73
CA ILE D 239 -40.13 3.04 60.41
C ILE D 239 -40.26 3.45 61.89
N GLU D 240 -40.21 2.45 62.80
CA GLU D 240 -40.32 2.67 64.24
C GLU D 240 -38.99 3.09 64.85
N LYS D 241 -37.89 2.44 64.40
CA LYS D 241 -36.56 2.67 64.94
C LYS D 241 -35.49 2.63 63.83
N VAL D 242 -34.48 3.49 63.99
CA VAL D 242 -33.32 3.52 63.14
C VAL D 242 -32.10 3.23 64.01
N PHE D 243 -31.40 2.12 63.72
CA PHE D 243 -30.16 1.80 64.41
C PHE D 243 -28.98 2.35 63.63
N VAL D 244 -28.10 3.09 64.31
CA VAL D 244 -27.03 3.79 63.64
C VAL D 244 -25.69 3.23 64.09
N GLN D 245 -24.97 2.59 63.18
CA GLN D 245 -23.60 2.18 63.44
C GLN D 245 -22.67 3.39 63.45
N ARG D 246 -21.80 3.47 64.47
CA ARG D 246 -20.85 4.56 64.60
C ARG D 246 -19.56 4.20 63.83
N HIS D 247 -19.47 4.63 62.57
CA HIS D 247 -18.40 4.19 61.68
C HIS D 247 -17.43 5.34 61.36
N THR D 248 -17.94 6.52 60.98
CA THR D 248 -17.11 7.69 60.75
C THR D 248 -16.89 8.43 62.06
N GLY D 249 -17.87 8.34 62.97
CA GLY D 249 -17.85 9.05 64.23
C GLY D 249 -18.13 10.55 64.12
N PHE D 250 -18.61 11.01 62.96
CA PHE D 250 -18.91 12.43 62.77
C PHE D 250 -20.18 12.82 63.54
N GLU D 251 -20.35 14.12 63.79
CA GLU D 251 -21.55 14.64 64.42
C GLU D 251 -22.68 14.61 63.39
N VAL D 252 -23.70 13.78 63.63
CA VAL D 252 -24.84 13.62 62.73
C VAL D 252 -26.12 13.87 63.52
N PRO D 253 -27.23 14.30 62.86
CA PRO D 253 -28.54 14.42 63.53
C PRO D 253 -29.02 13.09 64.08
N MET D 254 -29.60 13.13 65.28
CA MET D 254 -30.25 11.97 65.88
C MET D 254 -31.56 12.47 66.46
N ALA D 255 -32.69 12.07 65.84
CA ALA D 255 -34.00 12.45 66.33
C ALA D 255 -34.35 11.65 67.58
N GLU D 256 -34.45 12.33 68.72
CA GLU D 256 -34.76 11.67 69.99
C GLU D 256 -36.03 10.83 69.82
N GLY D 257 -35.97 9.57 70.28
CA GLY D 257 -37.11 8.66 70.23
C GLY D 257 -36.95 7.62 69.13
N ARG D 258 -36.48 8.07 67.95
CA ARG D 258 -36.45 7.24 66.74
C ARG D 258 -35.06 6.65 66.50
N ASP D 259 -34.01 7.42 66.80
CA ASP D 259 -32.68 7.19 66.26
C ASP D 259 -31.73 6.84 67.40
N VAL D 260 -31.01 5.71 67.29
CA VAL D 260 -30.17 5.31 68.40
C VAL D 260 -28.90 4.60 67.91
N TYR D 261 -27.81 4.83 68.64
CA TYR D 261 -26.52 4.26 68.32
C TYR D 261 -26.51 2.78 68.72
N LEU D 262 -26.09 1.96 67.76
CA LEU D 262 -26.04 0.53 67.94
C LEU D 262 -25.08 0.15 69.05
N ASP D 263 -23.98 0.88 69.20
CA ASP D 263 -22.96 0.51 70.17
C ASP D 263 -23.45 0.82 71.59
N VAL D 264 -24.26 1.86 71.75
CA VAL D 264 -24.76 2.22 73.07
C VAL D 264 -25.73 1.15 73.57
N LEU D 265 -26.54 0.59 72.66
CA LEU D 265 -27.43 -0.51 73.03
C LEU D 265 -26.60 -1.78 73.27
N LEU D 266 -25.63 -2.06 72.38
CA LEU D 266 -24.85 -3.29 72.49
C LEU D 266 -24.07 -3.30 73.79
N ASN D 267 -23.85 -2.12 74.36
CA ASN D 267 -23.16 -1.97 75.63
C ASN D 267 -23.83 -2.74 76.76
N ASP D 268 -25.17 -2.88 76.71
CA ASP D 268 -25.93 -3.55 77.76
C ASP D 268 -26.27 -4.99 77.38
N ILE D 269 -25.66 -5.51 76.30
CA ILE D 269 -25.93 -6.85 75.80
C ILE D 269 -24.66 -7.67 76.01
N PRO D 270 -24.62 -8.57 77.01
CA PRO D 270 -23.39 -9.33 77.29
C PRO D 270 -22.82 -10.13 76.10
N GLU D 271 -21.52 -10.47 76.17
CA GLU D 271 -20.87 -11.34 75.19
C GLU D 271 -21.54 -12.72 75.10
N ASP D 272 -22.07 -13.22 76.22
CA ASP D 272 -22.59 -14.58 76.30
C ASP D 272 -24.01 -14.70 75.75
N THR D 273 -24.62 -13.58 75.32
CA THR D 273 -26.00 -13.59 74.87
C THR D 273 -26.18 -14.55 73.70
N VAL D 274 -27.21 -15.41 73.77
CA VAL D 274 -27.57 -16.34 72.70
C VAL D 274 -29.05 -16.20 72.35
N VAL D 275 -29.32 -15.96 71.05
CA VAL D 275 -30.65 -16.02 70.47
C VAL D 275 -30.71 -17.24 69.56
N PRO D 276 -31.50 -18.30 69.90
CA PRO D 276 -31.50 -19.53 69.10
C PRO D 276 -32.05 -19.20 67.72
N CYS D 277 -31.57 -19.90 66.68
CA CYS D 277 -32.10 -19.72 65.34
C CYS D 277 -33.54 -20.20 65.23
N GLU D 278 -34.46 -19.27 64.95
CA GLU D 278 -35.85 -19.58 64.68
C GLU D 278 -35.90 -20.59 63.54
N PRO D 279 -36.42 -21.82 63.74
CA PRO D 279 -36.46 -22.82 62.66
C PRO D 279 -37.68 -22.53 61.79
N VAL D 280 -37.45 -22.24 60.51
CA VAL D 280 -38.51 -21.74 59.65
C VAL D 280 -38.79 -22.78 58.57
N ASP D 281 -39.92 -22.61 57.87
CA ASP D 281 -40.23 -23.40 56.70
C ASP D 281 -39.17 -23.12 55.64
N SER D 282 -38.81 -24.12 54.84
CA SER D 282 -37.78 -23.95 53.84
C SER D 282 -38.23 -22.93 52.79
N GLU D 283 -39.53 -22.57 52.84
CA GLU D 283 -40.13 -21.64 51.89
C GLU D 283 -40.52 -20.30 52.54
N ASP D 284 -40.15 -20.05 53.81
CA ASP D 284 -40.34 -18.75 54.41
C ASP D 284 -39.26 -17.79 53.89
N MET D 285 -39.54 -16.50 54.05
CA MET D 285 -38.78 -15.47 53.39
C MET D 285 -37.41 -15.31 54.03
N LEU D 286 -36.39 -15.22 53.18
CA LEU D 286 -35.06 -14.88 53.62
C LEU D 286 -34.82 -13.40 53.39
N TYR D 287 -35.02 -12.95 52.14
CA TYR D 287 -34.86 -11.53 51.82
C TYR D 287 -35.64 -11.05 50.61
N ILE D 288 -35.67 -9.72 50.53
CA ILE D 288 -36.23 -8.98 49.42
C ILE D 288 -35.11 -8.12 48.85
N LEU D 289 -34.94 -8.19 47.53
CA LEU D 289 -33.92 -7.42 46.85
C LEU D 289 -34.57 -6.73 45.65
N TYR D 290 -34.64 -5.39 45.69
CA TYR D 290 -35.32 -4.65 44.64
C TYR D 290 -34.41 -4.57 43.40
N THR D 291 -35.02 -4.81 42.24
CA THR D 291 -34.36 -4.73 40.95
CA THR D 291 -34.36 -4.71 40.96
C THR D 291 -35.26 -3.93 40.01
N SER D 292 -34.65 -3.14 39.13
CA SER D 292 -35.40 -2.37 38.16
C SER D 292 -35.72 -3.26 36.97
N GLY D 293 -36.93 -3.11 36.44
CA GLY D 293 -37.50 -4.07 35.50
C GLY D 293 -38.17 -3.34 34.33
N SER D 294 -39.52 -3.43 34.29
CA SER D 294 -40.35 -3.03 33.16
C SER D 294 -41.25 -1.83 33.46
N THR D 295 -41.82 -1.77 34.68
CA THR D 295 -42.72 -0.71 35.11
C THR D 295 -41.92 0.27 35.97
N GLY D 296 -42.47 1.47 36.24
CA GLY D 296 -41.73 2.59 36.79
C GLY D 296 -41.41 2.45 38.28
N LYS D 297 -41.96 1.38 38.89
CA LYS D 297 -41.61 0.93 40.23
C LYS D 297 -40.68 -0.26 40.10
N PRO D 298 -39.59 -0.32 40.89
CA PRO D 298 -38.76 -1.53 40.99
C PRO D 298 -39.46 -2.69 41.70
N LYS D 299 -38.93 -3.89 41.46
CA LYS D 299 -39.56 -5.14 41.85
C LYS D 299 -38.77 -5.82 42.95
N GLY D 300 -39.43 -5.97 44.10
CA GLY D 300 -38.90 -6.74 45.22
C GLY D 300 -38.87 -8.23 44.92
N VAL D 301 -37.69 -8.74 44.56
CA VAL D 301 -37.48 -10.16 44.32
C VAL D 301 -37.37 -10.90 45.64
N VAL D 302 -38.20 -11.93 45.82
CA VAL D 302 -38.26 -12.64 47.09
C VAL D 302 -37.49 -13.96 47.05
N HIS D 303 -36.49 -14.10 47.92
CA HIS D 303 -35.80 -15.37 48.05
C HIS D 303 -36.16 -16.01 49.40
N VAL D 304 -35.92 -17.33 49.52
CA VAL D 304 -36.35 -18.12 50.67
C VAL D 304 -35.20 -18.98 51.15
N HIS D 305 -35.27 -19.40 52.45
CA HIS D 305 -34.17 -19.96 53.22
C HIS D 305 -33.63 -21.22 52.54
N GLY D 306 -34.52 -22.17 52.28
CA GLY D 306 -34.15 -23.55 52.07
C GLY D 306 -33.39 -23.77 50.78
N GLY D 307 -34.05 -23.51 49.64
CA GLY D 307 -33.49 -23.78 48.33
C GLY D 307 -32.41 -22.77 47.93
N TYR D 308 -32.54 -21.52 48.39
CA TYR D 308 -31.53 -20.51 48.16
C TYR D 308 -30.23 -20.96 48.81
N ALA D 309 -30.31 -21.56 50.00
CA ALA D 309 -29.11 -22.06 50.67
C ALA D 309 -28.44 -23.15 49.85
N VAL D 310 -29.23 -24.12 49.41
CA VAL D 310 -28.68 -25.28 48.73
C VAL D 310 -28.01 -24.83 47.42
N GLY D 311 -28.70 -24.00 46.64
CA GLY D 311 -28.17 -23.50 45.39
C GLY D 311 -26.86 -22.73 45.58
N CYS D 312 -26.90 -21.73 46.49
CA CYS D 312 -25.74 -20.89 46.75
C CYS D 312 -24.55 -21.75 47.16
N TYR D 313 -24.80 -22.75 48.01
CA TYR D 313 -23.73 -23.56 48.57
C TYR D 313 -23.16 -24.47 47.48
N ALA D 314 -24.04 -25.08 46.69
CA ALA D 314 -23.62 -25.99 45.64
C ALA D 314 -22.76 -25.28 44.61
N THR D 315 -23.24 -24.14 44.12
CA THR D 315 -22.55 -23.45 43.04
C THR D 315 -21.22 -22.91 43.56
N THR D 316 -21.19 -22.48 44.83
CA THR D 316 -19.95 -21.95 45.38
C THR D 316 -18.94 -23.09 45.49
N LYS D 317 -19.39 -24.28 45.89
CA LYS D 317 -18.49 -25.41 46.06
C LYS D 317 -17.89 -25.76 44.69
N PHE D 318 -18.70 -25.68 43.63
CA PHE D 318 -18.33 -26.29 42.36
C PHE D 318 -17.57 -25.30 41.49
N VAL D 319 -18.14 -24.10 41.29
CA VAL D 319 -17.58 -23.12 40.38
C VAL D 319 -16.25 -22.63 40.94
N PHE D 320 -16.22 -22.38 42.24
CA PHE D 320 -15.09 -21.71 42.87
C PHE D 320 -14.20 -22.70 43.60
N ASP D 321 -14.64 -23.95 43.75
CA ASP D 321 -13.72 -25.02 44.12
C ASP D 321 -13.17 -24.80 45.53
N ILE D 322 -13.97 -24.20 46.42
CA ILE D 322 -13.55 -23.85 47.76
C ILE D 322 -12.95 -25.06 48.51
N LYS D 323 -11.79 -24.81 49.12
CA LYS D 323 -11.13 -25.77 49.99
C LYS D 323 -10.94 -25.16 51.37
N PRO D 324 -10.62 -25.97 52.40
CA PRO D 324 -10.21 -25.43 53.70
C PRO D 324 -9.25 -24.23 53.72
N SER D 325 -8.24 -24.22 52.85
CA SER D 325 -7.12 -23.28 52.96
C SER D 325 -7.30 -22.06 52.03
N ASP D 326 -8.55 -21.84 51.58
CA ASP D 326 -8.83 -20.84 50.55
C ASP D 326 -9.33 -19.55 51.18
N VAL D 327 -8.76 -18.43 50.70
CA VAL D 327 -9.25 -17.09 50.98
C VAL D 327 -9.99 -16.59 49.74
N PHE D 328 -11.23 -16.16 49.95
CA PHE D 328 -12.14 -15.83 48.87
C PHE D 328 -12.47 -14.34 48.91
N TRP D 329 -12.42 -13.68 47.74
CA TRP D 329 -12.82 -12.30 47.62
C TRP D 329 -13.72 -12.10 46.41
N CYS D 330 -14.99 -11.80 46.67
CA CYS D 330 -15.89 -11.26 45.66
C CYS D 330 -15.96 -9.74 45.85
N THR D 331 -15.87 -8.95 44.76
CA THR D 331 -15.63 -7.52 44.90
C THR D 331 -16.95 -6.74 44.88
N ALA D 332 -18.08 -7.44 44.72
CA ALA D 332 -19.39 -6.81 44.61
C ALA D 332 -19.86 -6.30 45.96
N ASP D 333 -20.60 -5.18 45.95
CA ASP D 333 -21.28 -4.64 47.12
C ASP D 333 -22.35 -5.65 47.52
N ILE D 334 -22.59 -5.79 48.83
CA ILE D 334 -23.68 -6.63 49.33
C ILE D 334 -25.03 -5.98 49.00
N GLY D 335 -25.00 -4.71 48.57
CA GLY D 335 -26.19 -4.04 48.05
C GLY D 335 -26.84 -4.78 46.88
N TRP D 336 -26.09 -5.64 46.18
CA TRP D 336 -26.57 -6.36 45.00
C TRP D 336 -26.60 -7.87 45.25
N VAL D 337 -27.26 -8.61 44.38
CA VAL D 337 -27.47 -10.02 44.63
C VAL D 337 -26.13 -10.75 44.69
N THR D 338 -25.18 -10.33 43.86
CA THR D 338 -23.87 -10.95 43.81
C THR D 338 -23.25 -10.98 45.22
N GLY D 339 -23.50 -9.93 46.00
CA GLY D 339 -22.97 -9.84 47.35
C GLY D 339 -23.78 -10.67 48.34
N HIS D 340 -25.10 -10.73 48.16
CA HIS D 340 -25.90 -11.61 48.98
C HIS D 340 -25.37 -13.03 48.79
N SER D 341 -25.35 -13.50 47.54
CA SER D 341 -25.21 -14.92 47.26
C SER D 341 -23.77 -15.36 47.40
N TYR D 342 -22.83 -14.48 47.03
CA TYR D 342 -21.45 -14.88 46.85
C TYR D 342 -20.50 -13.97 47.64
N THR D 343 -20.98 -13.21 48.61
CA THR D 343 -20.05 -12.68 49.61
C THR D 343 -20.38 -13.25 50.97
N ILE D 344 -21.68 -13.37 51.29
CA ILE D 344 -22.11 -13.78 52.61
C ILE D 344 -22.52 -15.24 52.62
N TYR D 345 -23.59 -15.61 51.93
CA TYR D 345 -24.25 -16.89 52.17
C TYR D 345 -23.43 -18.06 51.61
N GLY D 346 -23.24 -18.07 50.28
CA GLY D 346 -22.53 -19.13 49.59
C GLY D 346 -21.20 -19.48 50.27
N PRO D 347 -20.29 -18.50 50.40
CA PRO D 347 -18.99 -18.74 51.03
C PRO D 347 -18.97 -19.17 52.50
N MET D 348 -19.87 -18.59 53.31
CA MET D 348 -19.95 -18.95 54.72
C MET D 348 -20.42 -20.39 54.89
N MET D 349 -21.27 -20.89 54.00
CA MET D 349 -21.72 -22.27 54.07
C MET D 349 -20.64 -23.22 53.55
N ASN D 350 -19.57 -22.69 52.94
CA ASN D 350 -18.39 -23.49 52.61
C ASN D 350 -17.25 -23.21 53.58
N ALA D 351 -17.52 -22.40 54.63
CA ALA D 351 -16.57 -22.12 55.69
C ALA D 351 -15.31 -21.44 55.14
N ALA D 352 -15.46 -20.61 54.11
CA ALA D 352 -14.32 -19.90 53.55
C ALA D 352 -13.94 -18.71 54.43
N SER D 353 -12.68 -18.29 54.30
CA SER D 353 -12.25 -16.98 54.74
C SER D 353 -12.50 -15.98 53.61
N ILE D 354 -13.12 -14.85 53.97
CA ILE D 354 -13.78 -13.99 53.02
C ILE D 354 -13.28 -12.57 53.23
N VAL D 355 -12.84 -11.96 52.14
CA VAL D 355 -12.38 -10.59 52.18
C VAL D 355 -13.61 -9.70 52.00
N LEU D 356 -13.66 -8.66 52.83
CA LEU D 356 -14.75 -7.70 52.80
C LEU D 356 -14.14 -6.30 52.81
N PHE D 357 -14.28 -5.62 51.66
CA PHE D 357 -13.59 -4.37 51.40
C PHE D 357 -14.60 -3.23 51.31
N GLU D 358 -14.36 -2.14 52.06
CA GLU D 358 -15.23 -0.98 52.06
C GLU D 358 -15.03 -0.13 50.81
N GLY D 359 -13.79 -0.06 50.29
CA GLY D 359 -13.38 1.01 49.39
C GLY D 359 -13.65 0.74 47.91
N ILE D 360 -12.90 1.44 47.05
CA ILE D 360 -13.06 1.33 45.61
C ILE D 360 -11.73 0.92 44.99
N PRO D 361 -11.70 0.51 43.70
CA PRO D 361 -10.48 0.03 43.06
C PRO D 361 -9.34 1.03 42.88
N THR D 362 -9.66 2.34 42.93
CA THR D 362 -8.71 3.36 42.51
C THR D 362 -8.17 4.18 43.68
N TYR D 363 -8.56 3.88 44.92
CA TYR D 363 -8.07 4.69 46.05
C TYR D 363 -7.28 3.80 47.02
N PRO D 364 -6.08 4.22 47.50
CA PRO D 364 -5.42 5.48 47.12
C PRO D 364 -4.76 5.52 45.75
N ALA D 365 -4.69 4.36 45.10
CA ALA D 365 -4.16 4.28 43.74
C ALA D 365 -4.81 3.07 43.05
N ALA D 366 -4.48 2.85 41.78
CA ALA D 366 -5.19 1.86 40.97
C ALA D 366 -4.60 0.47 41.13
N ASP D 367 -3.65 0.31 42.06
CA ASP D 367 -3.18 -1.01 42.42
C ASP D 367 -3.83 -1.50 43.72
N ARG D 368 -4.86 -0.80 44.21
CA ARG D 368 -5.47 -1.20 45.47
C ARG D 368 -5.89 -2.68 45.47
N PHE D 369 -6.64 -3.13 44.47
CA PHE D 369 -7.10 -4.52 44.49
C PHE D 369 -5.93 -5.48 44.63
N TRP D 370 -4.80 -5.18 44.00
CA TRP D 370 -3.65 -6.08 43.99
C TRP D 370 -2.88 -6.00 45.32
N SER D 371 -2.86 -4.83 45.98
CA SER D 371 -2.42 -4.75 47.37
C SER D 371 -3.22 -5.71 48.25
N ILE D 372 -4.52 -5.83 48.01
CA ILE D 372 -5.41 -6.58 48.89
C ILE D 372 -5.14 -8.08 48.68
N VAL D 373 -4.98 -8.49 47.42
CA VAL D 373 -4.68 -9.88 47.11
C VAL D 373 -3.39 -10.34 47.79
N GLU D 374 -2.33 -9.53 47.68
CA GLU D 374 -1.04 -9.79 48.30
C GLU D 374 -1.19 -9.87 49.82
N LYS D 375 -1.91 -8.89 50.40
CA LYS D 375 -1.98 -8.72 51.85
C LYS D 375 -2.64 -9.92 52.50
N TYR D 376 -3.77 -10.39 51.94
CA TYR D 376 -4.54 -11.49 52.52
C TYR D 376 -4.28 -12.84 51.85
N LYS D 377 -3.39 -12.89 50.84
CA LYS D 377 -3.06 -14.13 50.12
C LYS D 377 -4.35 -14.76 49.61
N VAL D 378 -5.13 -13.92 48.92
CA VAL D 378 -6.35 -14.30 48.23
C VAL D 378 -6.04 -15.41 47.21
N ASN D 379 -6.88 -16.44 47.21
CA ASN D 379 -6.72 -17.57 46.29
C ASN D 379 -7.75 -17.49 45.18
N ILE D 380 -8.92 -16.90 45.48
CA ILE D 380 -9.98 -16.78 44.49
C ILE D 380 -10.49 -15.34 44.48
N ILE D 381 -10.54 -14.73 43.28
CA ILE D 381 -11.09 -13.39 43.13
C ILE D 381 -12.23 -13.43 42.10
N TYR D 382 -13.38 -12.85 42.47
CA TYR D 382 -14.57 -12.78 41.63
C TYR D 382 -14.92 -11.30 41.49
N THR D 383 -14.74 -10.73 40.29
CA THR D 383 -14.91 -9.30 40.10
C THR D 383 -15.80 -9.05 38.89
N ALA D 384 -15.92 -7.78 38.52
CA ALA D 384 -16.77 -7.35 37.42
C ALA D 384 -15.93 -6.80 36.27
N PRO D 385 -16.39 -6.97 35.02
CA PRO D 385 -15.73 -6.29 33.88
C PRO D 385 -15.51 -4.78 34.02
N THR D 386 -16.43 -4.07 34.70
CA THR D 386 -16.33 -2.63 34.94
C THR D 386 -15.02 -2.34 35.66
N ALA D 387 -14.71 -3.17 36.66
CA ALA D 387 -13.46 -3.03 37.41
C ALA D 387 -12.28 -3.27 36.47
N ILE D 388 -12.37 -4.33 35.66
CA ILE D 388 -11.24 -4.69 34.80
C ILE D 388 -10.99 -3.62 33.73
N ARG D 389 -12.06 -3.19 33.03
CA ARG D 389 -11.93 -2.14 32.02
C ARG D 389 -11.36 -0.88 32.68
N SER D 390 -11.76 -0.61 33.92
CA SER D 390 -11.28 0.56 34.61
C SER D 390 -9.78 0.44 34.87
N LEU D 391 -9.32 -0.74 35.29
CA LEU D 391 -7.93 -0.86 35.71
C LEU D 391 -7.00 -0.93 34.50
N MET D 392 -7.49 -1.42 33.35
CA MET D 392 -6.66 -1.54 32.15
C MET D 392 -6.09 -0.19 31.72
N ARG D 393 -6.86 0.89 31.92
CA ARG D 393 -6.46 2.21 31.48
C ARG D 393 -5.20 2.70 32.19
N PHE D 394 -4.79 2.10 33.32
CA PHE D 394 -3.68 2.60 34.13
C PHE D 394 -2.38 1.83 33.89
N GLY D 395 -2.40 0.71 33.15
CA GLY D 395 -1.16 0.08 32.70
C GLY D 395 -0.86 -1.25 33.40
N GLU D 396 0.08 -2.01 32.83
CA GLU D 396 0.38 -3.36 33.28
C GLU D 396 1.38 -3.33 34.45
N GLU D 397 2.09 -2.21 34.62
CA GLU D 397 3.06 -2.09 35.70
C GLU D 397 2.40 -2.21 37.07
N LEU D 398 1.16 -1.72 37.21
CA LEU D 398 0.51 -1.66 38.52
C LEU D 398 0.31 -3.05 39.13
N PRO D 399 -0.35 -4.03 38.46
CA PRO D 399 -0.41 -5.40 38.98
C PRO D 399 0.97 -6.01 39.25
N ALA D 400 1.94 -5.68 38.39
CA ALA D 400 3.26 -6.30 38.41
C ALA D 400 4.04 -5.94 39.69
N ARG D 401 3.70 -4.82 40.32
CA ARG D 401 4.30 -4.40 41.58
C ARG D 401 3.82 -5.22 42.78
N HIS D 402 2.84 -6.11 42.61
CA HIS D 402 2.40 -6.91 43.74
C HIS D 402 2.59 -8.39 43.44
N ASP D 403 2.75 -9.17 44.52
CA ASP D 403 2.77 -10.62 44.44
C ASP D 403 1.32 -11.14 44.33
N LEU D 404 0.94 -11.62 43.15
CA LEU D 404 -0.41 -12.14 42.93
C LEU D 404 -0.41 -13.67 42.85
N SER D 405 0.67 -14.29 43.33
CA SER D 405 0.94 -15.69 43.06
C SER D 405 0.07 -16.61 43.93
N SER D 406 -0.62 -16.06 44.94
CA SER D 406 -1.58 -16.81 45.72
C SER D 406 -2.83 -17.17 44.90
N LEU D 407 -3.14 -16.40 43.87
CA LEU D 407 -4.38 -16.61 43.14
C LEU D 407 -4.36 -18.00 42.52
N ARG D 408 -5.52 -18.65 42.46
CA ARG D 408 -5.62 -19.89 41.70
C ARG D 408 -6.89 -19.92 40.84
N ILE D 409 -7.85 -19.00 41.07
CA ILE D 409 -9.07 -18.95 40.26
C ILE D 409 -9.50 -17.49 40.13
N LEU D 410 -9.76 -17.08 38.87
CA LEU D 410 -10.32 -15.79 38.54
C LEU D 410 -11.79 -15.94 38.14
N GLY D 411 -12.59 -14.91 38.44
CA GLY D 411 -14.03 -14.93 38.19
C GLY D 411 -14.49 -13.59 37.60
N THR D 412 -15.60 -13.61 36.87
CA THR D 412 -16.17 -12.36 36.36
C THR D 412 -17.69 -12.52 36.25
N VAL D 413 -18.44 -11.44 36.53
CA VAL D 413 -19.89 -11.48 36.58
C VAL D 413 -20.50 -10.14 36.20
N GLY D 414 -21.65 -10.22 35.51
CA GLY D 414 -22.61 -9.12 35.52
C GLY D 414 -22.83 -8.50 34.14
N GLU D 415 -21.93 -8.77 33.19
CA GLU D 415 -21.97 -8.10 31.89
C GLU D 415 -21.01 -8.83 30.98
N PRO D 416 -21.11 -8.71 29.64
CA PRO D 416 -20.22 -9.44 28.74
C PRO D 416 -18.80 -8.92 28.97
N ILE D 417 -17.83 -9.84 28.97
CA ILE D 417 -16.44 -9.43 29.03
C ILE D 417 -15.87 -9.50 27.61
N ASN D 418 -15.44 -8.33 27.09
CA ASN D 418 -14.88 -8.25 25.75
C ASN D 418 -13.55 -9.02 25.78
N PRO D 419 -13.09 -9.61 24.65
CA PRO D 419 -11.96 -10.54 24.69
C PRO D 419 -10.60 -9.88 24.97
N GLU D 420 -10.51 -8.57 24.74
CA GLU D 420 -9.30 -7.83 25.02
C GLU D 420 -9.08 -7.76 26.53
N ALA D 421 -10.17 -7.51 27.29
CA ALA D 421 -10.13 -7.46 28.75
C ALA D 421 -9.92 -8.85 29.36
N TRP D 422 -10.55 -9.87 28.76
CA TRP D 422 -10.41 -11.24 29.24
C TRP D 422 -8.93 -11.64 29.21
N MET D 423 -8.28 -11.35 28.07
CA MET D 423 -6.86 -11.59 27.89
C MET D 423 -6.03 -10.78 28.89
N TRP D 424 -6.39 -9.51 29.12
CA TRP D 424 -5.66 -8.67 30.05
C TRP D 424 -5.70 -9.25 31.47
N TYR D 425 -6.85 -9.80 31.83
CA TYR D 425 -7.06 -10.43 33.11
C TYR D 425 -6.22 -11.71 33.18
N ARG D 426 -6.33 -12.56 32.17
CA ARG D 426 -5.61 -13.84 32.21
C ARG D 426 -4.11 -13.60 32.25
N LYS D 427 -3.62 -12.64 31.46
CA LYS D 427 -2.21 -12.32 31.38
C LYS D 427 -1.68 -11.73 32.69
N ASN D 428 -2.27 -10.62 33.17
CA ASN D 428 -1.66 -9.80 34.21
C ASN D 428 -2.05 -10.27 35.62
N ILE D 429 -3.25 -10.80 35.77
CA ILE D 429 -3.70 -11.26 37.08
C ILE D 429 -3.57 -12.77 37.20
N GLY D 430 -3.68 -13.50 36.09
CA GLY D 430 -3.60 -14.95 36.13
C GLY D 430 -2.33 -15.55 35.50
N HIS D 431 -1.25 -14.75 35.35
CA HIS D 431 0.01 -15.16 34.72
C HIS D 431 -0.16 -16.16 33.56
N ASN D 432 -1.21 -16.01 32.72
CA ASN D 432 -1.42 -16.80 31.53
C ASN D 432 -1.66 -18.29 31.82
N GLU D 433 -2.21 -18.61 33.01
CA GLU D 433 -2.42 -19.99 33.42
C GLU D 433 -3.82 -20.15 34.02
N LEU D 434 -4.18 -19.23 34.92
CA LEU D 434 -5.36 -19.35 35.77
C LEU D 434 -6.62 -19.32 34.93
N PRO D 435 -7.63 -20.16 35.28
CA PRO D 435 -8.94 -20.12 34.61
C PRO D 435 -9.77 -18.91 35.02
N ILE D 436 -10.62 -18.47 34.08
CA ILE D 436 -11.56 -17.39 34.31
C ILE D 436 -12.99 -17.93 34.23
N MET D 437 -13.65 -17.95 35.40
CA MET D 437 -15.06 -18.28 35.53
C MET D 437 -15.93 -17.08 35.17
N ASP D 438 -16.37 -17.03 33.90
CA ASP D 438 -17.40 -16.10 33.46
C ASP D 438 -18.78 -16.67 33.84
N THR D 439 -19.43 -16.06 34.84
CA THR D 439 -20.64 -16.63 35.41
C THR D 439 -21.86 -15.83 34.94
N TRP D 440 -22.84 -16.51 34.34
CA TRP D 440 -24.08 -15.85 33.96
C TRP D 440 -25.19 -16.19 34.93
N TRP D 441 -25.89 -15.14 35.39
CA TRP D 441 -27.08 -15.28 36.22
C TRP D 441 -27.73 -13.92 36.43
N GLN D 442 -28.84 -13.91 37.16
CA GLN D 442 -29.58 -12.70 37.49
C GLN D 442 -29.97 -12.72 38.97
N THR D 443 -30.42 -11.57 39.48
CA THR D 443 -31.05 -11.46 40.79
C THR D 443 -32.18 -12.48 40.95
N GLU D 444 -32.98 -12.61 39.90
CA GLU D 444 -34.16 -13.46 39.93
C GLU D 444 -33.80 -14.95 39.95
N THR D 445 -32.54 -15.34 39.66
CA THR D 445 -32.15 -16.76 39.63
C THR D 445 -31.51 -17.19 40.95
N GLY D 446 -31.02 -16.24 41.76
CA GLY D 446 -30.50 -16.56 43.07
C GLY D 446 -29.05 -17.06 43.08
N MET D 447 -28.70 -17.93 42.12
CA MET D 447 -27.40 -18.55 42.06
C MET D 447 -26.91 -18.54 40.62
N ILE D 448 -25.61 -18.77 40.43
CA ILE D 448 -25.03 -18.95 39.12
C ILE D 448 -25.73 -20.11 38.40
N LEU D 449 -25.92 -19.98 37.08
CA LEU D 449 -26.65 -20.97 36.29
C LEU D 449 -25.78 -21.47 35.14
N ILE D 450 -25.18 -20.53 34.40
CA ILE D 450 -24.30 -20.88 33.28
C ILE D 450 -22.91 -20.36 33.60
N SER D 451 -21.94 -21.29 33.59
CA SER D 451 -20.60 -20.96 34.03
C SER D 451 -19.66 -22.11 33.75
N PRO D 452 -18.36 -21.82 33.48
CA PRO D 452 -17.30 -22.81 33.63
C PRO D 452 -17.24 -23.33 35.06
N THR D 453 -16.91 -24.62 35.17
CA THR D 453 -16.31 -25.20 36.35
C THR D 453 -14.81 -25.25 36.08
N PRO D 454 -13.94 -25.46 37.10
CA PRO D 454 -12.50 -25.52 36.84
C PRO D 454 -12.05 -26.51 35.76
N ILE D 455 -12.91 -27.46 35.38
CA ILE D 455 -12.53 -28.59 34.54
C ILE D 455 -12.82 -28.35 33.06
N LEU D 456 -13.54 -27.28 32.70
CA LEU D 456 -13.88 -27.06 31.31
C LEU D 456 -12.85 -26.14 30.65
N PRO D 457 -12.31 -26.51 29.46
CA PRO D 457 -11.60 -25.55 28.61
C PRO D 457 -12.45 -24.32 28.34
N LEU D 458 -11.78 -23.17 28.17
CA LEU D 458 -12.45 -21.88 28.25
C LEU D 458 -12.39 -21.18 26.91
N LYS D 459 -13.40 -20.35 26.68
CA LYS D 459 -13.49 -19.47 25.54
C LYS D 459 -13.68 -18.04 26.04
N PRO D 460 -12.81 -17.11 25.61
CA PRO D 460 -12.97 -15.70 25.98
C PRO D 460 -14.35 -15.19 25.56
N GLY D 461 -15.09 -14.66 26.54
CA GLY D 461 -16.39 -14.05 26.31
C GLY D 461 -17.54 -15.05 26.44
N SER D 462 -17.19 -16.34 26.58
CA SER D 462 -18.18 -17.39 26.73
C SER D 462 -18.36 -17.73 28.20
N ALA D 463 -19.62 -17.71 28.64
CA ALA D 463 -20.04 -18.29 29.92
C ALA D 463 -20.01 -19.82 29.89
N SER D 464 -19.65 -20.43 28.76
CA SER D 464 -19.36 -21.86 28.73
C SER D 464 -20.66 -22.68 28.81
N ARG D 465 -20.70 -23.73 29.64
CA ARG D 465 -21.83 -24.63 29.70
C ARG D 465 -22.66 -24.45 30.97
N PRO D 466 -23.93 -24.92 30.97
CA PRO D 466 -24.78 -24.85 32.17
C PRO D 466 -24.22 -25.68 33.32
N LEU D 467 -24.50 -25.23 34.54
CA LEU D 467 -24.24 -26.00 35.74
C LEU D 467 -25.16 -27.22 35.81
N PRO D 468 -24.79 -28.27 36.58
CA PRO D 468 -25.62 -29.46 36.68
C PRO D 468 -27.10 -29.19 36.93
N THR D 469 -27.96 -29.87 36.16
CA THR D 469 -29.41 -29.89 36.33
C THR D 469 -30.10 -28.65 35.75
N ILE D 470 -29.34 -27.74 35.11
CA ILE D 470 -29.85 -26.48 34.61
C ILE D 470 -30.10 -26.64 33.12
N GLU D 471 -31.38 -26.62 32.71
CA GLU D 471 -31.73 -27.02 31.37
C GLU D 471 -31.91 -25.79 30.48
N ALA D 472 -30.78 -25.24 30.04
CA ALA D 472 -30.75 -23.99 29.31
C ALA D 472 -30.78 -24.25 27.81
N ASP D 473 -31.36 -23.31 27.06
CA ASP D 473 -31.45 -23.42 25.61
C ASP D 473 -31.65 -22.02 25.02
N VAL D 474 -31.46 -21.91 23.70
CA VAL D 474 -31.79 -20.72 22.93
C VAL D 474 -32.98 -21.08 22.02
N VAL D 475 -34.02 -20.23 22.03
CA VAL D 475 -35.26 -20.50 21.30
C VAL D 475 -35.82 -19.22 20.68
N ASN D 476 -36.67 -19.39 19.66
CA ASN D 476 -37.41 -18.27 19.09
C ASN D 476 -38.61 -17.95 19.99
N LYS D 477 -39.54 -17.13 19.47
CA LYS D 477 -40.54 -16.48 20.30
C LYS D 477 -41.70 -17.44 20.58
N ASP D 478 -41.64 -18.67 20.05
CA ASP D 478 -42.60 -19.73 20.37
C ASP D 478 -41.90 -20.96 20.98
N GLY D 479 -40.61 -20.86 21.31
CA GLY D 479 -39.92 -21.89 22.07
C GLY D 479 -39.31 -22.98 21.19
N LYS D 480 -39.24 -22.72 19.88
CA LYS D 480 -38.63 -23.64 18.92
C LYS D 480 -37.11 -23.46 18.97
N PRO D 481 -36.33 -24.50 19.34
CA PRO D 481 -34.87 -24.37 19.37
C PRO D 481 -34.34 -23.86 18.02
N VAL D 482 -33.63 -22.72 18.03
CA VAL D 482 -33.09 -22.12 16.81
C VAL D 482 -31.81 -22.85 16.40
N GLY D 483 -31.20 -23.56 17.37
CA GLY D 483 -30.16 -24.54 17.08
C GLY D 483 -28.77 -23.92 16.98
N PRO D 484 -27.70 -24.73 17.10
CA PRO D 484 -26.32 -24.23 17.02
C PRO D 484 -26.11 -22.99 16.14
N GLU D 485 -25.83 -21.88 16.80
CA GLU D 485 -25.04 -20.78 16.27
C GLU D 485 -25.93 -19.61 15.82
N NEP D 486 -27.25 -19.69 16.04
CA NEP D 486 -28.12 -18.54 15.76
C NEP D 486 -28.50 -17.84 17.07
O NEP D 486 -28.43 -18.41 18.15
CB NEP D 486 -29.36 -18.97 14.97
CG NEP D 486 -29.00 -19.72 13.74
ND1 NEP D 486 -29.48 -21.00 13.55
CD2 NEP D 486 -28.18 -19.37 12.71
CE1 NEP D 486 -28.97 -21.40 12.41
NE2 NEP D 486 -28.17 -20.45 11.84
P NEP D 486 -27.32 -20.60 10.36
O1P NEP D 486 -28.06 -21.68 9.60
O2P NEP D 486 -27.34 -19.28 9.62
O3P NEP D 486 -25.90 -21.00 10.62
H NEP D 486 -27.62 -20.46 16.36
HA NEP D 486 -27.61 -17.91 15.21
HB2 NEP D 486 -29.92 -19.51 15.55
HB3 NEP D 486 -29.87 -18.16 14.74
HD2 NEP D 486 -27.72 -18.55 12.60
HE1 NEP D 486 -29.14 -22.23 12.01
N GLY D 487 -28.91 -16.57 16.91
CA GLY D 487 -29.31 -15.72 18.02
C GLY D 487 -30.78 -15.91 18.37
N GLY D 488 -31.04 -16.20 19.65
CA GLY D 488 -32.40 -16.30 20.14
C GLY D 488 -32.52 -15.87 21.59
N PHE D 489 -33.68 -16.18 22.18
CA PHE D 489 -33.96 -15.92 23.57
C PHE D 489 -33.39 -17.04 24.42
N LEU D 490 -32.74 -16.66 25.53
CA LEU D 490 -32.21 -17.61 26.50
C LEU D 490 -33.31 -18.02 27.47
N ILE D 491 -33.55 -19.33 27.59
CA ILE D 491 -34.54 -19.86 28.52
C ILE D 491 -33.98 -21.00 29.36
N ILE D 492 -34.64 -21.26 30.49
CA ILE D 492 -34.38 -22.41 31.35
C ILE D 492 -35.67 -23.22 31.46
N ARG D 493 -35.59 -24.52 31.15
CA ARG D 493 -36.81 -25.29 30.94
C ARG D 493 -37.46 -25.62 32.28
N HIS D 494 -36.71 -26.23 33.21
CA HIS D 494 -37.26 -26.64 34.49
CA HIS D 494 -37.21 -26.68 34.50
C HIS D 494 -36.61 -25.82 35.60
N PRO D 495 -37.30 -25.59 36.76
CA PRO D 495 -36.76 -24.77 37.86
C PRO D 495 -35.54 -25.32 38.61
N TRP D 496 -34.98 -24.45 39.47
CA TRP D 496 -33.80 -24.78 40.27
C TRP D 496 -33.98 -24.27 41.71
N PRO D 497 -33.28 -24.86 42.70
CA PRO D 497 -33.54 -24.58 44.12
C PRO D 497 -33.58 -23.13 44.57
N ALA D 498 -32.77 -22.26 43.93
CA ALA D 498 -32.48 -20.92 44.45
C ALA D 498 -33.28 -19.85 43.73
N GLN D 499 -34.14 -20.28 42.80
CA GLN D 499 -34.94 -19.34 42.05
C GLN D 499 -35.83 -18.54 43.00
N MET D 500 -36.20 -17.33 42.59
CA MET D 500 -37.15 -16.53 43.33
C MET D 500 -38.51 -17.23 43.37
N ARG D 501 -39.29 -16.95 44.42
CA ARG D 501 -40.57 -17.61 44.62
C ARG D 501 -41.71 -16.69 44.24
N THR D 502 -41.52 -15.39 44.47
CA THR D 502 -42.49 -14.41 43.99
C THR D 502 -41.82 -13.04 43.87
N ILE D 503 -42.63 -12.06 43.46
CA ILE D 503 -42.31 -10.65 43.53
C ILE D 503 -43.20 -10.04 44.61
N PHE D 504 -42.63 -9.26 45.53
CA PHE D 504 -43.31 -8.89 46.75
C PHE D 504 -44.55 -8.06 46.43
N GLY D 505 -45.68 -8.47 47.04
CA GLY D 505 -46.99 -7.87 46.84
C GLY D 505 -47.44 -7.83 45.37
N ASP D 506 -46.85 -8.65 44.48
CA ASP D 506 -47.09 -8.49 43.04
C ASP D 506 -46.91 -9.83 42.30
N PRO D 507 -47.67 -10.89 42.69
CA PRO D 507 -47.61 -12.18 42.00
C PRO D 507 -47.75 -12.19 40.47
N ASP D 508 -48.52 -11.22 39.93
CA ASP D 508 -48.73 -11.11 38.49
C ASP D 508 -47.41 -10.85 37.79
N ARG D 509 -46.58 -9.94 38.35
CA ARG D 509 -45.27 -9.62 37.78
C ARG D 509 -44.38 -10.86 37.75
N TYR D 510 -44.48 -11.75 38.74
CA TYR D 510 -43.70 -12.98 38.78
C TYR D 510 -44.12 -13.94 37.66
N LYS D 511 -45.43 -14.00 37.36
CA LYS D 511 -45.94 -14.98 36.41
C LYS D 511 -45.46 -14.68 35.00
N THR D 512 -45.27 -13.40 34.66
CA THR D 512 -44.90 -13.04 33.29
C THR D 512 -43.57 -13.69 32.92
N TYR D 513 -42.72 -14.02 33.91
CA TYR D 513 -41.45 -14.69 33.67
C TYR D 513 -41.68 -16.09 33.09
N TRP D 514 -42.84 -16.72 33.41
CA TRP D 514 -43.13 -18.09 32.98
C TRP D 514 -44.15 -18.16 31.84
N GLU D 515 -44.80 -17.03 31.53
CA GLU D 515 -45.93 -16.99 30.62
C GLU D 515 -45.67 -16.00 29.47
N THR D 516 -44.41 -15.89 29.06
CA THR D 516 -43.98 -15.05 27.96
C THR D 516 -43.53 -15.97 26.82
N ILE D 517 -42.85 -17.06 27.19
CA ILE D 517 -42.71 -18.21 26.31
C ILE D 517 -43.27 -19.41 27.07
N PRO D 518 -44.29 -20.13 26.55
CA PRO D 518 -44.90 -21.26 27.28
C PRO D 518 -43.95 -22.27 27.91
N ASP D 519 -44.09 -22.45 29.24
CA ASP D 519 -43.58 -23.60 29.99
C ASP D 519 -42.10 -23.50 30.35
N VAL D 520 -41.51 -22.30 30.19
CA VAL D 520 -40.07 -22.11 30.31
C VAL D 520 -39.79 -20.77 30.99
N TYR D 521 -38.62 -20.66 31.63
CA TYR D 521 -38.23 -19.42 32.30
C TYR D 521 -37.61 -18.47 31.26
N PHE D 522 -38.11 -17.23 31.25
CA PHE D 522 -37.70 -16.21 30.30
C PHE D 522 -36.77 -15.21 30.97
N ALA D 523 -35.48 -15.32 30.63
CA ALA D 523 -34.43 -14.57 31.29
C ALA D 523 -34.34 -13.12 30.78
N GLY D 524 -34.88 -12.84 29.59
CA GLY D 524 -34.87 -11.49 29.03
C GLY D 524 -33.50 -11.12 28.48
N ASP D 525 -32.71 -12.15 28.17
CA ASP D 525 -31.41 -12.02 27.53
C ASP D 525 -31.40 -12.72 26.17
N ALA D 526 -30.72 -12.10 25.22
CA ALA D 526 -30.47 -12.73 23.93
C ALA D 526 -29.18 -13.53 24.05
N ALA D 527 -29.12 -14.71 23.41
CA ALA D 527 -27.93 -15.55 23.52
C ALA D 527 -27.73 -16.43 22.29
N THR D 528 -26.55 -17.06 22.26
CA THR D 528 -26.10 -17.87 21.15
C THR D 528 -25.43 -19.09 21.77
N MET D 529 -25.28 -20.16 20.99
CA MET D 529 -24.72 -21.42 21.47
C MET D 529 -23.97 -22.05 20.30
N ASP D 530 -22.70 -22.42 20.49
CA ASP D 530 -21.88 -22.88 19.37
C ASP D 530 -21.92 -24.41 19.28
N LYS D 531 -21.22 -24.95 18.27
CA LYS D 531 -21.11 -26.40 18.05
C LYS D 531 -20.88 -27.15 19.36
N MET D 532 -20.01 -26.63 20.22
CA MET D 532 -19.54 -27.33 21.41
C MET D 532 -20.51 -27.20 22.59
N GLY D 533 -21.54 -26.34 22.47
CA GLY D 533 -22.53 -26.13 23.51
C GLY D 533 -22.22 -24.92 24.39
N TYR D 534 -21.29 -24.06 23.94
CA TYR D 534 -20.80 -22.95 24.76
C TYR D 534 -21.67 -21.72 24.49
N PHE D 535 -22.19 -21.12 25.56
CA PHE D 535 -23.12 -20.00 25.49
C PHE D 535 -22.36 -18.66 25.47
N ARG D 536 -22.85 -17.73 24.66
CA ARG D 536 -22.48 -16.33 24.75
C ARG D 536 -23.78 -15.55 24.89
N ILE D 537 -23.80 -14.61 25.84
CA ILE D 537 -24.95 -13.78 26.15
C ILE D 537 -24.72 -12.41 25.54
N GLN D 538 -25.56 -11.99 24.59
CA GLN D 538 -25.37 -10.71 23.91
C GLN D 538 -25.75 -9.55 24.82
N GLY D 539 -26.93 -9.63 25.42
CA GLY D 539 -27.46 -8.52 26.18
C GLY D 539 -28.95 -8.65 26.33
N ARG D 540 -29.54 -7.62 26.95
CA ARG D 540 -30.96 -7.61 27.28
C ARG D 540 -31.77 -7.38 26.01
N VAL D 541 -33.06 -7.75 26.07
CA VAL D 541 -33.97 -7.58 24.95
C VAL D 541 -35.15 -6.73 25.40
N ASP D 542 -34.99 -6.01 26.52
CA ASP D 542 -36.09 -5.25 27.08
C ASP D 542 -35.57 -3.85 27.43
N ASP D 543 -36.13 -3.26 28.49
CA ASP D 543 -35.91 -1.88 28.86
C ASP D 543 -34.78 -1.77 29.90
N VAL D 544 -33.95 -2.80 29.99
CA VAL D 544 -32.99 -2.89 31.08
C VAL D 544 -31.62 -2.44 30.58
N ILE D 545 -30.99 -1.55 31.35
CA ILE D 545 -29.73 -0.94 31.01
C ILE D 545 -28.74 -1.29 32.13
N LYS D 546 -27.49 -1.58 31.78
CA LYS D 546 -26.44 -1.74 32.76
C LYS D 546 -25.37 -0.66 32.58
N VAL D 547 -25.27 0.21 33.59
CA VAL D 547 -24.29 1.27 33.63
C VAL D 547 -23.31 0.96 34.74
N SER D 548 -22.03 0.85 34.38
CA SER D 548 -20.98 0.59 35.35
C SER D 548 -21.31 -0.65 36.18
N GLY D 549 -21.94 -1.65 35.56
CA GLY D 549 -22.24 -2.91 36.22
C GLY D 549 -23.55 -2.91 37.02
N HIS D 550 -24.21 -1.75 37.15
CA HIS D 550 -25.46 -1.61 37.91
C HIS D 550 -26.67 -1.69 36.99
N ARG D 551 -27.70 -2.43 37.42
CA ARG D 551 -28.90 -2.63 36.64
C ARG D 551 -29.89 -1.51 36.92
N LEU D 552 -30.35 -0.85 35.86
CA LEU D 552 -31.29 0.26 35.92
C LEU D 552 -32.44 -0.02 35.00
N GLY D 553 -33.57 0.64 35.27
CA GLY D 553 -34.76 0.52 34.46
C GLY D 553 -35.03 1.81 33.70
N SER D 554 -35.31 1.68 32.40
CA SER D 554 -35.68 2.83 31.62
C SER D 554 -36.84 3.55 32.29
N MET D 555 -37.85 2.83 32.76
CA MET D 555 -39.04 3.53 33.23
C MET D 555 -38.82 4.13 34.62
N GLU D 556 -37.90 3.59 35.42
CA GLU D 556 -37.57 4.25 36.68
C GLU D 556 -36.91 5.62 36.43
N ILE D 557 -35.96 5.71 35.47
CA ILE D 557 -35.21 6.93 35.16
C ILE D 557 -36.17 8.00 34.61
N GLU D 558 -37.06 7.55 33.71
CA GLU D 558 -38.11 8.38 33.13
C GLU D 558 -39.02 9.01 34.20
N SER D 559 -39.36 8.24 35.24
CA SER D 559 -40.21 8.70 36.34
C SER D 559 -39.57 9.82 37.14
N SER D 560 -38.27 9.66 37.42
CA SER D 560 -37.52 10.62 38.20
C SER D 560 -37.39 11.94 37.44
N LEU D 561 -37.39 11.90 36.10
CA LEU D 561 -37.40 13.10 35.31
C LEU D 561 -38.79 13.70 35.21
N VAL D 562 -39.83 12.86 35.05
CA VAL D 562 -41.18 13.37 34.84
C VAL D 562 -41.70 14.07 36.10
N SER D 563 -41.17 13.70 37.28
CA SER D 563 -41.53 14.36 38.54
C SER D 563 -41.04 15.81 38.58
N HIS D 564 -40.09 16.19 37.73
CA HIS D 564 -39.60 17.56 37.68
C HIS D 564 -40.65 18.45 37.00
N PRO D 565 -40.85 19.70 37.50
CA PRO D 565 -41.80 20.64 36.90
C PRO D 565 -41.65 21.02 35.42
N ALA D 566 -40.44 20.86 34.87
CA ALA D 566 -40.15 21.29 33.50
C ALA D 566 -40.59 20.26 32.47
N VAL D 567 -40.67 18.99 32.93
CA VAL D 567 -40.75 17.83 32.05
C VAL D 567 -42.20 17.33 31.95
N ALA D 568 -42.68 17.10 30.72
CA ALA D 568 -43.95 16.46 30.43
C ALA D 568 -43.77 14.95 30.21
N GLU D 569 -42.81 14.53 29.37
CA GLU D 569 -42.54 13.13 29.14
C GLU D 569 -41.04 12.86 28.94
N ALA D 570 -40.66 11.58 28.95
CA ALA D 570 -39.27 11.19 28.84
C ALA D 570 -39.14 9.78 28.28
N ALA D 571 -38.00 9.48 27.65
CA ALA D 571 -37.67 8.15 27.16
C ALA D 571 -36.18 7.90 27.34
N ALA D 572 -35.81 6.87 28.10
CA ALA D 572 -34.43 6.57 28.39
C ALA D 572 -33.97 5.38 27.56
N ILE D 573 -32.77 5.47 27.00
CA ILE D 573 -32.16 4.37 26.26
C ILE D 573 -30.73 4.19 26.78
N GLY D 574 -30.20 2.98 26.63
CA GLY D 574 -28.76 2.75 26.77
C GLY D 574 -28.05 2.93 25.44
N LYS D 575 -26.86 3.54 25.47
CA LYS D 575 -25.96 3.61 24.32
C LYS D 575 -24.61 3.04 24.73
N PRO D 576 -23.92 2.23 23.89
CA PRO D 576 -22.65 1.63 24.31
C PRO D 576 -21.60 2.66 24.71
N ASP D 577 -20.74 2.29 25.67
CA ASP D 577 -19.75 3.18 26.25
C ASP D 577 -18.52 2.35 26.62
N GLU D 578 -17.34 2.76 26.11
CA GLU D 578 -16.06 2.08 26.34
C GLU D 578 -15.90 1.70 27.81
N VAL D 579 -16.03 2.70 28.69
CA VAL D 579 -15.67 2.57 30.09
C VAL D 579 -16.78 1.88 30.89
N LYS D 580 -18.01 2.38 30.75
CA LYS D 580 -19.10 2.01 31.65
C LYS D 580 -19.97 0.90 31.07
N GLY D 581 -19.64 0.38 29.89
CA GLY D 581 -20.47 -0.66 29.29
C GLY D 581 -21.57 -0.04 28.44
N GLU D 582 -22.57 0.54 29.12
CA GLU D 582 -23.56 1.40 28.50
C GLU D 582 -23.63 2.69 29.31
N HIS D 583 -24.17 3.74 28.71
CA HIS D 583 -24.55 4.92 29.46
C HIS D 583 -25.97 5.29 29.02
N VAL D 584 -26.62 6.09 29.87
CA VAL D 584 -27.99 6.48 29.62
C VAL D 584 -28.02 7.78 28.84
N LYS D 585 -28.88 7.79 27.83
CA LYS D 585 -29.31 9.03 27.22
C LYS D 585 -30.82 9.12 27.34
N VAL D 586 -31.33 10.30 27.68
CA VAL D 586 -32.77 10.47 27.84
CA VAL D 586 -32.76 10.47 27.85
C VAL D 586 -33.26 11.53 26.87
N PHE D 587 -34.34 11.22 26.18
CA PHE D 587 -35.03 12.18 25.34
C PHE D 587 -36.22 12.75 26.12
N VAL D 588 -36.24 14.07 26.27
CA VAL D 588 -37.16 14.74 27.17
C VAL D 588 -38.05 15.68 26.37
N ILE D 589 -39.38 15.56 26.59
CA ILE D 589 -40.33 16.57 26.17
C ILE D 589 -40.61 17.50 27.35
N LEU D 590 -40.38 18.80 27.16
CA LEU D 590 -40.60 19.84 28.15
C LEU D 590 -42.02 20.35 28.01
N ARG D 591 -42.56 20.93 29.09
CA ARG D 591 -43.86 21.59 29.02
C ARG D 591 -43.82 22.76 28.04
N ASN D 592 -44.94 23.07 27.38
CA ASN D 592 -44.98 24.19 26.48
C ASN D 592 -44.46 25.45 27.17
N GLY D 593 -43.60 26.19 26.45
CA GLY D 593 -43.07 27.49 26.85
C GLY D 593 -41.80 27.44 27.70
N VAL D 594 -41.30 26.25 28.06
CA VAL D 594 -40.09 26.13 28.84
C VAL D 594 -38.90 26.27 27.90
N GLU D 595 -37.93 27.09 28.29
CA GLU D 595 -36.81 27.41 27.41
C GLU D 595 -35.78 26.29 27.53
N PRO D 596 -35.36 25.64 26.40
CA PRO D 596 -34.48 24.48 26.45
C PRO D 596 -32.96 24.72 26.45
N THR D 597 -32.40 25.00 27.65
CA THR D 597 -31.05 25.51 27.82
C THR D 597 -30.14 24.44 28.41
N GLU D 598 -28.84 24.71 28.34
CA GLU D 598 -27.82 23.90 29.00
C GLU D 598 -28.01 23.95 30.53
N SER D 599 -28.29 25.13 31.10
CA SER D 599 -28.66 25.28 32.50
C SER D 599 -29.66 24.19 32.89
N LEU D 600 -30.73 24.10 32.09
CA LEU D 600 -31.82 23.19 32.43
C LEU D 600 -31.35 21.75 32.36
N ALA D 601 -30.56 21.43 31.32
CA ALA D 601 -29.95 20.13 31.21
C ALA D 601 -29.22 19.78 32.48
N VAL D 602 -28.39 20.69 33.00
CA VAL D 602 -27.65 20.45 34.24
C VAL D 602 -28.60 20.33 35.42
N GLU D 603 -29.67 21.15 35.44
CA GLU D 603 -30.65 21.11 36.52
C GLU D 603 -31.34 19.74 36.57
N LEU D 604 -31.70 19.19 35.40
CA LEU D 604 -32.40 17.91 35.38
C LEU D 604 -31.47 16.76 35.82
N LYS D 605 -30.21 16.82 35.44
CA LYS D 605 -29.27 15.80 35.88
C LYS D 605 -29.10 15.85 37.38
N ARG D 606 -29.09 17.06 37.95
CA ARG D 606 -28.94 17.22 39.39
C ARG D 606 -30.18 16.62 40.06
N HIS D 607 -31.35 16.84 39.47
CA HIS D 607 -32.60 16.36 40.03
C HIS D 607 -32.58 14.83 40.14
N VAL D 608 -32.05 14.14 39.13
CA VAL D 608 -31.96 12.70 39.16
C VAL D 608 -30.88 12.29 40.17
N ARG D 609 -29.76 13.03 40.23
CA ARG D 609 -28.65 12.68 41.09
C ARG D 609 -29.06 12.73 42.56
N THR D 610 -29.81 13.76 42.96
CA THR D 610 -30.11 13.95 44.38
C THR D 610 -31.27 13.07 44.85
N LEU D 611 -32.18 12.69 43.94
CA LEU D 611 -33.31 11.86 44.26
C LEU D 611 -33.02 10.37 44.07
N VAL D 612 -32.56 9.95 42.88
CA VAL D 612 -32.38 8.54 42.56
C VAL D 612 -30.98 8.10 43.00
N GLY D 613 -29.96 8.83 42.55
CA GLY D 613 -28.59 8.56 42.96
C GLY D 613 -27.63 8.69 41.79
N PRO D 614 -26.31 8.88 42.07
CA PRO D 614 -25.32 9.10 41.01
C PRO D 614 -25.30 8.02 39.94
N LEU D 615 -25.56 6.77 40.35
CA LEU D 615 -25.45 5.60 39.49
C LEU D 615 -26.45 5.64 38.32
N ALA D 616 -27.57 6.36 38.50
CA ALA D 616 -28.66 6.44 37.55
C ALA D 616 -28.73 7.80 36.85
N THR D 617 -27.69 8.63 37.02
CA THR D 617 -27.70 9.97 36.46
C THR D 617 -27.42 9.87 34.96
N PRO D 618 -28.33 10.36 34.10
CA PRO D 618 -28.09 10.37 32.67
C PRO D 618 -26.81 11.10 32.33
N ASP D 619 -26.06 10.50 31.41
CA ASP D 619 -24.87 11.11 30.86
C ASP D 619 -25.24 12.08 29.75
N GLU D 620 -26.34 11.83 29.03
CA GLU D 620 -26.74 12.71 27.92
C GLU D 620 -28.26 12.97 28.04
N LEU D 621 -28.67 14.15 27.61
CA LEU D 621 -30.05 14.58 27.63
CA LEU D 621 -30.05 14.58 27.62
C LEU D 621 -30.31 15.38 26.35
N GLU D 622 -31.44 15.15 25.69
CA GLU D 622 -31.76 15.88 24.49
C GLU D 622 -33.23 16.27 24.59
N PHE D 623 -33.52 17.52 24.26
CA PHE D 623 -34.87 18.04 24.32
C PHE D 623 -35.49 17.85 22.93
N VAL D 624 -36.68 17.25 22.89
CA VAL D 624 -37.40 16.95 21.66
C VAL D 624 -38.85 17.38 21.87
N THR D 625 -39.62 17.46 20.78
CA THR D 625 -40.98 17.97 20.82
C THR D 625 -42.01 16.83 20.69
N SER D 626 -41.58 15.61 20.36
CA SER D 626 -42.47 14.44 20.32
C SER D 626 -41.69 13.14 20.52
N LEU D 627 -42.44 12.09 20.86
CA LEU D 627 -41.90 10.76 21.06
C LEU D 627 -42.82 9.74 20.39
N PRO D 628 -42.31 8.56 19.97
CA PRO D 628 -43.14 7.47 19.43
C PRO D 628 -43.90 6.64 20.48
N LYS D 629 -45.19 6.43 20.21
CA LYS D 629 -46.11 5.81 21.15
C LYS D 629 -46.96 4.76 20.46
N THR D 630 -47.34 3.69 21.21
CA THR D 630 -48.43 2.83 20.78
C THR D 630 -49.69 3.69 20.70
N ARG D 631 -50.74 3.16 20.07
CA ARG D 631 -51.98 3.91 19.92
C ARG D 631 -52.74 3.98 21.25
N SER D 632 -52.36 3.14 22.23
CA SER D 632 -52.87 3.31 23.59
C SER D 632 -52.18 4.49 24.30
N GLY D 633 -50.86 4.62 24.13
CA GLY D 633 -50.12 5.80 24.58
C GLY D 633 -48.82 5.48 25.32
N LYS D 634 -48.39 4.22 25.27
CA LYS D 634 -47.14 3.79 25.88
C LYS D 634 -45.98 4.19 24.95
N ILE D 635 -44.89 4.73 25.54
CA ILE D 635 -43.72 5.15 24.79
C ILE D 635 -43.01 3.91 24.22
N MET D 636 -42.65 3.94 22.92
CA MET D 636 -41.95 2.82 22.29
C MET D 636 -40.45 3.06 22.29
N ARG D 637 -39.75 2.51 23.28
CA ARG D 637 -38.34 2.78 23.48
C ARG D 637 -37.50 2.17 22.38
N ARG D 638 -37.91 0.99 21.87
CA ARG D 638 -37.15 0.31 20.82
C ARG D 638 -37.08 1.17 19.55
N VAL D 639 -38.15 1.92 19.23
CA VAL D 639 -38.15 2.84 18.11
C VAL D 639 -37.26 4.05 18.38
N VAL D 640 -37.29 4.61 19.60
CA VAL D 640 -36.44 5.73 19.97
C VAL D 640 -34.98 5.36 19.72
N ARG D 641 -34.58 4.17 20.19
CA ARG D 641 -33.20 3.68 20.09
C ARG D 641 -32.80 3.47 18.63
N ALA D 642 -33.74 2.95 17.83
CA ALA D 642 -33.49 2.63 16.44
C ALA D 642 -33.25 3.92 15.64
N ARG D 643 -34.01 4.98 15.95
CA ARG D 643 -33.80 6.27 15.31
C ARG D 643 -32.39 6.77 15.60
N GLU D 644 -31.88 6.54 16.81
CA GLU D 644 -30.55 7.04 17.16
C GLU D 644 -29.48 6.19 16.49
N LEU D 645 -29.57 4.87 16.72
CA LEU D 645 -28.44 3.98 16.57
C LEU D 645 -28.66 2.97 15.45
N GLY D 646 -29.89 2.90 14.92
CA GLY D 646 -30.26 1.85 13.98
C GLY D 646 -30.53 0.56 14.74
N GLU D 647 -31.49 -0.22 14.24
CA GLU D 647 -31.83 -1.53 14.76
C GLU D 647 -31.27 -2.62 13.84
N PRO D 648 -30.52 -3.63 14.35
CA PRO D 648 -29.97 -4.70 13.51
C PRO D 648 -31.09 -5.60 13.02
N VAL D 649 -30.97 -6.08 11.79
CA VAL D 649 -32.09 -6.54 10.99
C VAL D 649 -33.17 -7.23 11.89
C01 6R9 E . 40.72 21.23 -28.99
C02 6R9 E . 40.35 22.63 -28.65
C09 6R9 E . 42.16 25.73 -29.17
C10 6R9 E . 42.95 26.54 -28.19
C11 6R9 E . 44.46 26.42 -28.28
C12 6R9 E . 44.88 26.81 -26.86
C13 6R9 E . 43.81 26.10 -26.04
C16 6R9 E . 43.70 23.57 -26.16
C18 6R9 E . 44.95 23.00 -24.55
C19 6R9 E . 44.96 24.38 -24.57
C21 6R9 E . 46.34 24.47 -22.85
C23 6R9 E . 45.73 22.35 -23.58
N15 6R9 E . 44.15 24.74 -25.61
N17 6R9 E . 44.14 22.49 -25.56
N20 6R9 E . 45.64 25.18 -23.72
N22 6R9 E . 46.46 23.13 -22.74
N24 6R9 E . 45.79 21.01 -23.48
O03 6R9 E . 40.29 23.05 -27.55
O04 6R9 E . 40.09 23.47 -29.76
O06 6R9 E . 38.35 25.29 -29.32
O07 6R9 E . 39.82 25.47 -31.31
O08 6R9 E . 40.75 25.88 -28.91
O14 6R9 E . 42.66 26.03 -26.88
O25 6R9 E . 44.75 28.18 -26.51
O26 6R9 E . 45.00 27.28 -29.28
P05 6R9 E . 39.67 25.02 -29.91
H1 6R9 E . 40.71 21.11 -29.95
H2 6R9 E . 40.08 20.62 -28.59
H3 6R9 E . 41.61 21.04 -28.65
H4 6R9 E . 42.36 26.05 -30.09
H5 6R9 E . 42.40 24.78 -29.10
H6 6R9 E . 42.66 27.49 -28.24
H7 6R9 E . 44.71 25.48 -28.46
H8 6R9 E . 45.78 26.47 -26.64
H9 6R9 E . 43.58 26.66 -25.22
H10 6R9 E . 43.10 23.55 -26.89
H11 6R9 E . 46.86 24.97 -22.23
H12 6R9 E . 45.22 20.51 -23.93
H13 6R9 E . 46.39 20.63 -22.96
H15 6R9 E . 44.45 28.59 -27.17
H16 6R9 E . 44.35 27.71 -29.64
N1 EPE F . 26.83 48.37 -13.88
C2 EPE F . 27.03 49.19 -12.65
C3 EPE F . 26.26 50.49 -12.70
N4 EPE F . 26.61 51.23 -13.92
C5 EPE F . 26.23 50.41 -15.08
C6 EPE F . 27.07 49.16 -15.10
C7 EPE F . 26.06 52.59 -13.99
C8 EPE F . 26.67 53.44 -15.10
O8 EPE F . 27.62 54.38 -14.62
C9 EPE F . 27.62 47.12 -13.89
C10 EPE F . 27.10 46.13 -14.92
S EPE F . 27.56 44.43 -14.68
O1S EPE F . 27.40 43.79 -15.95
O2S EPE F . 26.78 43.95 -13.57
O3S EPE F . 29.06 44.45 -14.31
H21 EPE F . 26.75 48.67 -11.87
H22 EPE F . 27.98 49.38 -12.55
H31 EPE F . 26.47 51.03 -11.91
H32 EPE F . 25.30 50.30 -12.70
H51 EPE F . 26.38 50.92 -15.92
H52 EPE F . 25.28 50.18 -15.03
H61 EPE F . 26.85 48.63 -15.89
H62 EPE F . 28.02 49.40 -15.14
H71 EPE F . 26.20 53.04 -13.13
H72 EPE F . 25.10 52.54 -14.14
H81 EPE F . 25.97 53.93 -15.55
H82 EPE F . 27.11 52.87 -15.75
HO8 EPE F . 28.10 54.81 -14.71
H91 EPE F . 27.59 46.70 -12.99
H92 EPE F . 28.55 47.32 -14.09
H101 EPE F . 27.40 46.41 -15.80
H102 EPE F . 26.12 46.19 -14.93
HOS3 EPE F . 29.10 44.16 -13.52
MG MG G . 24.40 50.32 -32.69
C01 6R9 H . 12.81 -24.87 1.35
C02 6R9 H . 12.62 -24.78 2.83
C09 6R9 H . 10.35 -26.56 5.24
C10 6R9 H . 9.14 -25.86 5.79
C11 6R9 H . 7.81 -26.31 5.18
C12 6R9 H . 6.92 -25.14 5.59
C13 6R9 H . 7.86 -23.97 5.34
C16 6R9 H . 8.53 -23.44 2.94
C18 6R9 H . 6.96 -22.15 2.34
C19 6R9 H . 6.66 -22.52 3.64
C21 6R9 H . 4.79 -21.35 3.62
C23 6R9 H . 6.06 -21.29 1.68
N15 6R9 H . 7.68 -23.36 4.02
N17 6R9 H . 8.15 -22.74 1.92
N20 6R9 H . 5.58 -22.15 4.36
N22 6R9 H . 4.94 -20.91 2.37
N24 6R9 H . 6.24 -20.83 0.44
O03 6R9 H . 12.15 -23.83 3.38
O04 6R9 H . 12.99 -25.92 3.55
O06 6R9 H . 13.95 -25.52 5.90
O07 6R9 H . 13.14 -27.81 5.29
O08 6R9 H . 11.54 -25.95 5.75
O14 6R9 H . 9.20 -24.46 5.46
O25 6R9 H . 6.48 -25.15 6.93
O26 6R9 H . 7.41 -27.59 5.65
P05 6R9 H . 13.00 -26.35 5.13
H1 6R9 H . 13.19 -25.74 1.13
H2 6R9 H . 13.42 -24.18 1.06
H3 6R9 H . 11.96 -24.76 0.90
H4 6R9 H . 10.32 -27.52 5.50
H5 6R9 H . 10.34 -26.52 4.25
H6 6R9 H . 9.13 -25.97 6.78
H7 6R9 H . 7.91 -26.34 4.19
H8 6R9 H . 6.14 -25.09 4.98
H9 6R9 H . 7.70 -23.27 6.06
H10 6R9 H . 9.32 -23.95 2.96
H11 6R9 H . 4.01 -21.05 4.07
H12 6R9 H . 7.00 -20.99 0.03
H13 6R9 H . 5.60 -20.37 0.04
H15 6R9 H . 6.82 -25.79 7.33
H16 6R9 H . 7.99 -27.87 6.20
N1 EPE I . 12.59 -14.01 33.01
C2 EPE I . 11.23 -13.64 33.48
C3 EPE I . 11.29 -13.24 34.94
N4 EPE I . 11.81 -14.34 35.77
C5 EPE I . 13.14 -14.72 35.29
C6 EPE I . 13.09 -15.12 33.83
C7 EPE I . 11.85 -13.99 37.19
C8 EPE I . 10.50 -13.72 37.83
O8 EPE I . 10.33 -12.34 38.10
C9 EPE I . 12.62 -14.32 31.57
C10 EPE I . 13.44 -13.34 30.75
S EPE I . 13.23 -13.57 29.00
O1S EPE I . 14.49 -14.03 28.50
O2S EPE I . 12.61 -12.38 28.48
O3S EPE I . 12.15 -14.65 28.83
H21 EPE I . 10.89 -12.91 32.95
H22 EPE I . 10.63 -14.41 33.37
H31 EPE I . 10.40 -12.98 35.23
H32 EPE I . 11.87 -12.46 35.03
H51 EPE I . 13.49 -15.47 35.81
H52 EPE I . 13.76 -13.97 35.39
H61 EPE I . 13.98 -15.36 33.53
H62 EPE I . 12.51 -15.90 33.72
H71 EPE I . 12.41 -13.20 37.30
H72 EPE I . 12.28 -14.72 37.68
H81 EPE I . 10.43 -14.22 38.66
H82 EPE I . 9.79 -14.01 37.23
HO8 EPE I . 9.72 -12.03 38.37
H91 EPE I . 11.70 -14.33 31.23
H92 EPE I . 12.98 -15.21 31.45
H101 EPE I . 14.38 -13.45 30.97
H102 EPE I . 13.18 -12.43 30.98
HOS3 EPE I . 11.64 -14.68 28.58
MG MG J . 21.03 -30.94 33.35
C01 6R9 K . -27.54 10.72 -11.72
C02 6R9 K . -26.19 10.23 -12.15
C09 6R9 K . -24.80 7.10 -13.52
C10 6R9 K . -23.97 6.15 -12.70
C11 6R9 K . -24.67 4.84 -12.37
C12 6R9 K . -23.88 4.38 -11.16
C13 6R9 K . -23.64 5.70 -10.42
C16 6R9 K . -25.67 6.90 -9.50
C18 6R9 K . -25.84 6.07 -7.55
C19 6R9 K . -24.76 5.44 -8.15
C21 6R9 K . -24.39 4.24 -6.33
C23 6R9 K . -26.19 5.71 -6.24
N15 6R9 K . -24.64 6.00 -9.40
N17 6R9 K . -26.42 6.98 -8.41
N20 6R9 K . -23.97 4.53 -7.57
N22 6R9 K . -25.43 4.75 -5.65
N24 6R9 K . -27.23 6.22 -5.60
O03 6R9 K . -25.31 9.95 -11.42
O04 6R9 K . -26.05 10.12 -13.54
O06 6R9 K . -23.72 10.65 -14.42
O07 6R9 K . -25.24 9.24 -15.81
O08 6R9 K . -24.13 8.34 -13.70
O14 6R9 K . -23.67 6.73 -11.39
O25 6R9 K . -22.63 3.84 -11.52
O26 6R9 K . -24.62 3.95 -13.47
P05 6R9 K . -24.81 9.65 -14.48
H1 6R9 K . -28.09 10.88 -12.51
H2 6R9 K . -27.43 11.53 -11.22
H3 6R9 K . -27.96 10.04 -11.17
H4 6R9 K . -24.99 6.68 -14.40
H5 6R9 K . -25.67 7.25 -13.06
H6 6R9 K . -23.12 5.98 -13.17
H7 6R9 K . -25.62 5.01 -12.12
H8 6R9 K . -24.39 3.75 -10.59
H9 6R9 K . -22.72 5.68 -9.99
H10 6R9 K . -25.83 7.42 -10.27
H11 6R9 K . -23.88 3.58 -5.88
H12 6R9 K . -27.60 6.95 -5.91
H13 6R9 K . -27.52 5.85 -4.86
H15 6R9 K . -22.55 3.88 -12.36
H16 6R9 K . -24.19 4.34 -14.10
N1 EPE L . 6.01 10.20 -13.27
C2 EPE L . 6.78 9.39 -12.31
C3 EPE L . 8.25 9.39 -12.67
N4 EPE L . 8.46 8.90 -14.04
C5 EPE L . 7.68 9.72 -14.99
C6 EPE L . 6.21 9.70 -14.64
C7 EPE L . 9.89 8.83 -14.37
C8 EPE L . 10.27 8.65 -15.84
O8 EPE L . 9.85 7.45 -16.46
C9 EPE L . 4.60 10.24 -12.91
C10 EPE L . 4.07 11.66 -12.70
S EPE L . 2.34 11.63 -12.34
O1S EPE L . 2.17 11.04 -11.04
O2S EPE L . 1.71 10.99 -13.46
O3S EPE L . 1.98 13.13 -12.39
H21 EPE L . 6.67 9.75 -11.40
H22 EPE L . 6.44 8.47 -12.31
H31 EPE L . 8.74 8.83 -12.04
H32 EPE L . 8.60 10.31 -12.59
H51 EPE L . 7.79 9.37 -15.90
H52 EPE L . 8.01 10.64 -14.98
H61 EPE L . 5.71 10.26 -15.27
H62 EPE L . 5.87 8.79 -14.69
H71 EPE L . 10.28 8.08 -13.87
H72 EPE L . 10.32 9.64 -14.03
H81 EPE L . 11.24 8.71 -15.92
H82 EPE L . 9.90 9.41 -16.35
HO8 EPE L . 10.13 7.64 -17.16
H91 EPE L . 4.45 9.73 -12.09
H92 EPE L . 4.08 9.82 -13.62
H101 EPE L . 4.23 12.19 -13.50
H102 EPE L . 4.56 12.08 -11.96
HOS3 EPE L . 1.56 13.41 -13.00
MG MG M . -0.33 11.12 -31.31
C01 6R9 N . -25.91 -11.39 38.68
C02 6R9 N . -26.28 -10.13 37.97
C09 6R9 N . -28.50 -9.64 35.33
C10 6R9 N . -28.14 -9.40 33.88
C11 6R9 N . -28.31 -10.59 32.94
C12 6R9 N . -27.41 -10.18 31.78
C13 6R9 N . -26.24 -9.54 32.52
C16 6R9 N . -24.89 -11.14 33.98
C18 6R9 N . -23.48 -11.88 32.57
C19 6R9 N . -24.28 -10.97 31.87
C21 6R9 N . -23.18 -11.29 29.99
C23 6R9 N . -22.45 -12.51 31.83
N15 6R9 N . -25.19 -10.51 32.80
N17 6R9 N . -23.87 -11.96 33.90
N20 6R9 N . -24.18 -10.63 30.58
N22 6R9 N . -22.34 -12.19 30.51
N24 6R9 N . -21.60 -13.40 32.35
O03 6R9 N . -25.56 -9.53 37.23
O04 6R9 N . -27.57 -9.74 38.28
O06 6R9 N . -28.17 -7.23 38.37
O07 6R9 N . -29.95 -8.86 38.08
O08 6R9 N . -28.37 -8.43 36.13
O14 6R9 N . -26.74 -9.08 33.77
O25 6R9 N . -28.05 -9.24 30.94
O26 6R9 N . -29.64 -10.65 32.45
P05 6R9 N . -28.55 -8.53 37.80
H1 6R9 N . -26.66 -11.69 39.22
H2 6R9 N . -25.15 -11.22 39.26
H3 6R9 N . -25.68 -12.08 38.04
H4 6R9 N . -29.43 -9.97 35.38
H5 6R9 N . -27.91 -10.35 35.70
H6 6R9 N . -28.67 -8.63 33.56
H7 6R9 N . -28.01 -11.44 33.34
H8 6R9 N . -27.11 -10.97 31.26
H9 6R9 N . -25.86 -8.77 31.98
H10 6R9 N . -25.37 -10.99 34.79
H11 6R9 N . -23.06 -11.11 29.07
H12 6R9 N . -21.63 -13.58 33.21
H13 6R9 N . -21.01 -13.80 31.84
H15 6R9 N . -28.81 -9.05 31.24
H16 6R9 N . -30.09 -10.02 32.80
N1 EPE O . -27.91 19.76 25.78
C2 EPE O . -29.05 20.54 26.29
C3 EPE O . -29.70 21.34 25.20
N4 EPE O . -28.73 22.24 24.56
C5 EPE O . -27.63 21.44 24.00
C6 EPE O . -26.95 20.64 25.08
C7 EPE O . -29.35 23.09 23.53
C8 EPE O . -29.62 22.38 22.23
O8 EPE O . -30.76 22.89 21.58
C9 EPE O . -27.23 19.05 26.88
C10 EPE O . -26.52 17.81 26.41
S EPE O . -25.94 16.87 27.79
O1S EPE O . -27.07 16.57 28.62
O2S EPE O . -24.89 17.62 28.40
O3S EPE O . -25.48 15.62 27.01
H21 EPE O . -29.71 19.92 26.67
H22 EPE O . -28.74 21.14 26.99
H31 EPE O . -30.43 21.87 25.57
H32 EPE O . -30.08 20.74 24.52
H51 EPE O . -26.98 22.04 23.57
H52 EPE O . -27.98 20.83 23.31
H61 EPE O . -26.24 20.10 24.68
H62 EPE O . -26.54 21.25 25.72
H71 EPE O . -28.77 23.85 23.36
H72 EPE O . -30.19 23.44 23.89
H81 EPE O . -29.76 21.42 22.40
H82 EPE O . -28.84 22.47 21.64
HO8 EPE O . -31.03 23.10 21.23
H91 EPE O . -27.89 18.82 27.56
H92 EPE O . -26.58 19.66 27.29
H101 EPE O . -25.77 18.06 25.85
H102 EPE O . -27.13 17.27 25.89
HOS3 EPE O . -24.81 15.45 26.78
NA NA P . -43.71 16.96 35.38
#